data_7YSJ
#
_entry.id   7YSJ
#
_cell.length_a   1.00
_cell.length_b   1.00
_cell.length_c   1.00
_cell.angle_alpha   90.00
_cell.angle_beta   90.00
_cell.angle_gamma   90.00
#
_symmetry.space_group_name_H-M   'P 1'
#
_entity_poly.entity_id   1
_entity_poly.type   'polypeptide(L)'
_entity_poly.pdbx_seq_one_letter_code
;QVLRIGGIFETVENEPVNVEELAFKFAVTSINRNRTLMPNTTLTYDIQRINLFDSFEASRRACDQLALGVAALFGPSHSS
SVSAVQSICNALEVPHIQTRWKHPSVDSRDLFYINLYPDYAAISRAVLDLVLYYNWKTVTVVYEDSTGLIRLQELIKAPS
RYNIKIKIRQLPPANKDAKPLLKEMKKSKEFYVIFDCSHETAAEILKQILFMGMMTEYYHYFFTTLDLFALDLELYRYSG
VNMTGFRLLNIDNPHVSSIIEKWSMERLQAPPRPETGLLDGMMTTEAALMYDAVYMVAIASHRASQLTVSSLQCHRHKPW
RLGPRFMNLIKEARWDGLTGRITFNKTDGLRKDFDLDIISLKEEGTEKASGEVSKHLYKVWKKIGIWNSNSGLNMTDGNR
DRSNNITDSLANRTLIVTTILEEPYVMYRKSDKPLYGNDRFEGYCLDLLKELSNILGFLYDVKLVPDGKYGAQNDKGEWN
GMVKELIDHRADLAVAPLTITYVREKVIDFSKPFMTLGISILYRKPNGTNPGVFSFLNPLSPDIWMYVLLAYLGVSVVLF
VIARFTPYEWYNPHPCNPDSDVVENNFTLLNSFWFGVGALMQQGSELMPKALSTRIVGGIWWFFTLIIISSYTANLAAFL
TVERMESPIDSADDLAKQTKIEYGAVRDGSTMTFFKKSKISTYEKMWAFMSSRQQSALVKNSDEGIQRVLTTDYALLMES
TSIEYVTQRNCNLTQIGGLIDSKGYGVGTPIGSPYRDKITIAILQLQEEGKLHMMKEKWWRGNGCPEEDSKEASALGVEN
IGGIFIVLAAGLVLSVFVAIGEFLYKSRKNNDVEQHYLVPRGSAAAAVSKGEELFTGVVPILVELDGDVNGHKFSVSGEG
EGDATYGKLTLKFICTTGKLPVPWPTLVTTLTYGVQCFSRYPDHMKQHDFFKSAMPEGYVQERTIFFKDDGNYKTRAEVK
FEGDTLVNRIELKGIDFKEDGNILGHKLEYNYNSHNVYIMADKQKNGIKVNFKIRHNIEDGSVQLADHYQQNTPIGDGPV
LLPDNHYLSTQSKLSKDPNEKRDHMVLLEFVTAAGITLGMDELYKSGLRSHHHHHHHH
;
_entity_poly.pdbx_strand_id   A,B,C,D
#
# COMPACT_ATOMS: atom_id res chain seq x y z
N GLN A 1 -45.35 -70.05 -16.89
CA GLN A 1 -45.57 -68.68 -17.32
C GLN A 1 -44.35 -68.13 -18.05
N VAL A 2 -44.59 -67.10 -18.87
CA VAL A 2 -43.53 -66.42 -19.61
C VAL A 2 -43.57 -64.94 -19.25
N LEU A 3 -42.44 -64.28 -19.47
CA LEU A 3 -42.29 -62.86 -19.18
C LEU A 3 -42.26 -62.08 -20.49
N ARG A 4 -42.94 -60.94 -20.50
CA ARG A 4 -42.93 -60.04 -21.63
C ARG A 4 -42.05 -58.84 -21.29
N ILE A 5 -41.08 -58.57 -22.17
CA ILE A 5 -40.16 -57.45 -21.99
C ILE A 5 -40.10 -56.68 -23.29
N GLY A 6 -40.11 -55.35 -23.18
CA GLY A 6 -40.20 -54.49 -24.36
C GLY A 6 -38.98 -53.68 -24.67
N GLY A 7 -38.64 -53.58 -25.96
CA GLY A 7 -37.51 -52.77 -26.40
C GLY A 7 -37.79 -51.97 -27.65
N ILE A 8 -37.58 -50.66 -27.59
CA ILE A 8 -37.67 -49.79 -28.75
C ILE A 8 -36.33 -49.07 -28.93
N PHE A 9 -35.83 -49.04 -30.16
CA PHE A 9 -34.52 -48.48 -30.46
C PHE A 9 -34.60 -47.54 -31.64
N GLU A 10 -34.05 -46.34 -31.48
CA GLU A 10 -34.00 -45.34 -32.55
C GLU A 10 -32.56 -45.24 -33.05
N THR A 11 -32.30 -45.82 -34.21
CA THR A 11 -30.97 -45.80 -34.82
C THR A 11 -31.15 -45.67 -36.32
N VAL A 12 -30.08 -45.22 -37.00
CA VAL A 12 -30.13 -45.04 -38.44
C VAL A 12 -30.40 -46.37 -39.13
N GLU A 13 -31.16 -46.32 -40.23
CA GLU A 13 -31.51 -47.52 -40.99
C GLU A 13 -30.98 -47.49 -42.42
N ASN A 14 -30.16 -46.49 -42.77
CA ASN A 14 -29.46 -46.48 -44.04
C ASN A 14 -28.18 -47.32 -44.00
N GLU A 15 -27.85 -47.87 -42.84
CA GLU A 15 -26.66 -48.67 -42.61
C GLU A 15 -27.07 -49.90 -41.81
N PRO A 16 -26.24 -50.94 -41.77
CA PRO A 16 -26.56 -52.10 -40.92
C PRO A 16 -26.75 -51.72 -39.47
N VAL A 17 -27.67 -52.43 -38.82
CA VAL A 17 -28.25 -51.95 -37.57
C VAL A 17 -27.26 -51.98 -36.42
N ASN A 18 -27.71 -51.42 -35.30
CA ASN A 18 -26.95 -51.43 -34.05
C ASN A 18 -26.75 -52.86 -33.53
N VAL A 19 -25.66 -53.04 -32.77
CA VAL A 19 -25.24 -54.37 -32.34
C VAL A 19 -25.75 -54.75 -30.95
N GLU A 20 -26.14 -53.78 -30.13
CA GLU A 20 -26.65 -54.13 -28.80
C GLU A 20 -28.02 -54.79 -28.88
N GLU A 21 -28.77 -54.62 -29.97
CA GLU A 21 -29.90 -55.51 -30.20
C GLU A 21 -29.45 -56.96 -30.27
N LEU A 22 -28.38 -57.22 -31.01
CA LEU A 22 -27.82 -58.56 -31.07
C LEU A 22 -27.41 -59.04 -29.69
N ALA A 23 -26.78 -58.16 -28.91
CA ALA A 23 -26.36 -58.53 -27.55
C ALA A 23 -27.57 -58.87 -26.68
N PHE A 24 -28.64 -58.09 -26.79
CA PHE A 24 -29.86 -58.38 -26.04
C PHE A 24 -30.43 -59.75 -26.43
N LYS A 25 -30.47 -60.05 -27.72
CA LYS A 25 -30.94 -61.36 -28.14
C LYS A 25 -30.06 -62.47 -27.61
N PHE A 26 -28.73 -62.29 -27.65
CA PHE A 26 -27.85 -63.32 -27.10
C PHE A 26 -28.08 -63.52 -25.61
N ALA A 27 -28.25 -62.43 -24.86
CA ALA A 27 -28.46 -62.54 -23.41
C ALA A 27 -29.77 -63.25 -23.09
N VAL A 28 -30.85 -62.88 -23.80
CA VAL A 28 -32.14 -63.49 -23.50
C VAL A 28 -32.14 -64.96 -23.90
N THR A 29 -31.49 -65.30 -25.02
CA THR A 29 -31.35 -66.70 -25.38
C THR A 29 -30.53 -67.44 -24.33
N SER A 30 -29.47 -66.81 -23.82
CA SER A 30 -28.62 -67.46 -22.81
C SER A 30 -29.40 -67.78 -21.56
N ILE A 31 -30.21 -66.83 -21.07
CA ILE A 31 -31.02 -67.13 -19.89
C ILE A 31 -32.10 -68.17 -20.21
N ASN A 32 -32.60 -68.18 -21.46
CA ASN A 32 -33.56 -69.22 -21.82
C ASN A 32 -32.91 -70.60 -21.83
N ARG A 33 -31.60 -70.68 -22.11
CA ARG A 33 -30.92 -71.97 -22.06
C ARG A 33 -30.78 -72.47 -20.63
N ASN A 34 -30.31 -71.61 -19.73
CA ASN A 34 -30.04 -72.04 -18.35
C ASN A 34 -31.33 -72.09 -17.55
N ARG A 35 -31.53 -73.19 -16.83
CA ARG A 35 -32.70 -73.35 -15.96
C ARG A 35 -32.35 -73.15 -14.49
N THR A 36 -31.15 -72.65 -14.20
CA THR A 36 -30.75 -72.33 -12.84
C THR A 36 -31.29 -70.99 -12.38
N LEU A 37 -31.87 -70.20 -13.28
CA LEU A 37 -32.46 -68.92 -12.93
C LEU A 37 -33.94 -69.09 -12.61
N MET A 38 -34.70 -69.63 -13.57
CA MET A 38 -36.11 -69.94 -13.38
C MET A 38 -36.51 -71.14 -14.23
N PRO A 39 -36.61 -72.33 -13.64
CA PRO A 39 -37.02 -73.51 -14.42
C PRO A 39 -38.46 -73.47 -14.91
N ASN A 40 -39.31 -72.61 -14.33
CA ASN A 40 -40.71 -72.52 -14.71
C ASN A 40 -41.05 -71.23 -15.45
N THR A 41 -40.04 -70.42 -15.76
CA THR A 41 -40.26 -69.15 -16.45
C THR A 41 -39.27 -69.03 -17.60
N THR A 42 -39.78 -68.73 -18.79
CA THR A 42 -38.97 -68.47 -19.97
C THR A 42 -39.25 -67.07 -20.47
N LEU A 43 -38.20 -66.27 -20.61
CA LEU A 43 -38.36 -64.88 -21.00
C LEU A 43 -38.65 -64.78 -22.49
N THR A 44 -39.68 -64.01 -22.83
CA THR A 44 -40.05 -63.74 -24.22
C THR A 44 -40.04 -62.24 -24.45
N TYR A 45 -39.93 -61.85 -25.72
CA TYR A 45 -39.89 -60.44 -26.07
C TYR A 45 -40.46 -60.24 -27.47
N ASP A 46 -40.96 -59.03 -27.70
CA ASP A 46 -41.28 -58.54 -29.03
C ASP A 46 -40.39 -57.34 -29.30
N ILE A 47 -39.66 -57.38 -30.41
CA ILE A 47 -38.70 -56.34 -30.75
C ILE A 47 -39.29 -55.48 -31.84
N GLN A 48 -39.20 -54.16 -31.66
CA GLN A 48 -39.75 -53.20 -32.60
C GLN A 48 -38.64 -52.27 -33.06
N ARG A 49 -38.53 -52.11 -34.38
CA ARG A 49 -37.50 -51.29 -34.98
C ARG A 49 -38.14 -50.04 -35.57
N ILE A 50 -37.51 -48.90 -35.32
CA ILE A 50 -38.03 -47.62 -35.79
C ILE A 50 -36.86 -46.73 -36.18
N ASN A 51 -37.09 -45.90 -37.19
CA ASN A 51 -36.11 -44.88 -37.55
C ASN A 51 -36.02 -43.85 -36.44
N LEU A 52 -34.83 -43.26 -36.29
CA LEU A 52 -34.62 -42.28 -35.23
C LEU A 52 -35.45 -41.03 -35.48
N PHE A 53 -35.51 -40.17 -34.46
CA PHE A 53 -36.30 -38.94 -34.46
C PHE A 53 -37.80 -39.22 -34.52
N ASP A 54 -38.58 -38.15 -34.67
CA ASP A 54 -40.04 -38.21 -34.71
C ASP A 54 -40.57 -38.82 -33.41
N SER A 55 -40.41 -38.10 -32.30
CA SER A 55 -40.81 -38.62 -30.99
C SER A 55 -42.30 -38.94 -30.93
N PHE A 56 -43.11 -38.36 -31.82
CA PHE A 56 -44.50 -38.77 -31.90
C PHE A 56 -44.61 -40.24 -32.28
N GLU A 57 -43.76 -40.70 -33.20
CA GLU A 57 -43.74 -42.12 -33.54
C GLU A 57 -43.28 -42.96 -32.34
N ALA A 58 -42.33 -42.45 -31.56
CA ALA A 58 -41.92 -43.16 -30.35
C ALA A 58 -43.09 -43.30 -29.38
N SER A 59 -43.87 -42.23 -29.21
CA SER A 59 -45.05 -42.31 -28.35
C SER A 59 -46.07 -43.28 -28.91
N ARG A 60 -46.25 -43.30 -30.24
CA ARG A 60 -47.19 -44.24 -30.86
C ARG A 60 -46.77 -45.68 -30.62
N ARG A 61 -45.47 -45.96 -30.75
CA ARG A 61 -44.97 -47.31 -30.48
C ARG A 61 -45.12 -47.64 -29.00
N ALA A 62 -44.94 -46.65 -28.13
CA ALA A 62 -45.19 -46.87 -26.70
C ALA A 62 -46.64 -47.23 -26.44
N CYS A 63 -47.58 -46.57 -27.13
CA CYS A 63 -48.98 -46.92 -27.02
C CYS A 63 -49.23 -48.34 -27.51
N ASP A 64 -48.60 -48.71 -28.64
CA ASP A 64 -48.75 -50.06 -29.18
C ASP A 64 -48.27 -51.10 -28.18
N GLN A 65 -47.13 -50.82 -27.53
CA GLN A 65 -46.59 -51.79 -26.58
C GLN A 65 -47.37 -51.81 -25.28
N LEU A 66 -47.92 -50.66 -24.87
CA LEU A 66 -48.75 -50.61 -23.67
C LEU A 66 -50.07 -51.33 -23.89
N ALA A 67 -50.55 -51.38 -25.14
CA ALA A 67 -51.72 -52.19 -25.45
C ALA A 67 -51.50 -53.64 -25.02
N LEU A 68 -50.29 -54.17 -25.24
CA LEU A 68 -49.95 -55.49 -24.74
C LEU A 68 -49.52 -55.43 -23.27
N GLY A 69 -48.44 -54.69 -22.98
CA GLY A 69 -47.98 -54.52 -21.63
C GLY A 69 -46.82 -55.41 -21.25
N VAL A 70 -45.78 -54.82 -20.66
CA VAL A 70 -44.58 -55.54 -20.22
C VAL A 70 -44.17 -55.05 -18.84
N ALA A 71 -43.04 -55.57 -18.35
CA ALA A 71 -42.52 -55.23 -17.04
C ALA A 71 -41.48 -54.13 -17.08
N ALA A 72 -40.80 -53.93 -18.20
CA ALA A 72 -39.80 -52.89 -18.33
C ALA A 72 -39.66 -52.51 -19.80
N LEU A 73 -39.06 -51.35 -20.04
CA LEU A 73 -38.90 -50.84 -21.39
C LEU A 73 -37.44 -50.48 -21.64
N PHE A 74 -36.96 -50.80 -22.83
CA PHE A 74 -35.62 -50.43 -23.28
C PHE A 74 -35.73 -49.38 -24.38
N GLY A 75 -34.91 -48.33 -24.27
CA GLY A 75 -34.94 -47.24 -25.20
C GLY A 75 -36.05 -46.25 -24.88
N PRO A 76 -36.18 -45.18 -25.68
CA PRO A 76 -35.33 -44.81 -26.83
C PRO A 76 -33.92 -44.39 -26.45
N SER A 77 -33.04 -44.26 -27.45
CA SER A 77 -31.64 -43.94 -27.23
C SER A 77 -31.35 -42.45 -27.38
N HIS A 78 -32.37 -41.61 -27.49
CA HIS A 78 -32.19 -40.17 -27.65
C HIS A 78 -32.98 -39.44 -26.59
N SER A 79 -32.47 -38.27 -26.18
CA SER A 79 -33.03 -37.57 -25.03
C SER A 79 -34.44 -37.04 -25.30
N SER A 80 -34.76 -36.78 -26.57
CA SER A 80 -36.03 -36.15 -26.89
C SER A 80 -37.22 -37.05 -26.53
N SER A 81 -37.18 -38.31 -26.96
CA SER A 81 -38.32 -39.20 -26.75
C SER A 81 -38.42 -39.62 -25.28
N VAL A 82 -37.27 -39.82 -24.62
CA VAL A 82 -37.29 -40.38 -23.27
C VAL A 82 -37.98 -39.45 -22.29
N SER A 83 -38.06 -38.15 -22.58
CA SER A 83 -38.79 -37.25 -21.70
C SER A 83 -40.26 -37.65 -21.62
N ALA A 84 -40.92 -37.78 -22.78
CA ALA A 84 -42.31 -38.21 -22.79
C ALA A 84 -42.46 -39.65 -22.32
N VAL A 85 -41.48 -40.50 -22.64
CA VAL A 85 -41.56 -41.89 -22.20
C VAL A 85 -41.56 -41.98 -20.68
N GLN A 86 -40.65 -41.25 -20.02
CA GLN A 86 -40.62 -41.25 -18.56
C GLN A 86 -41.85 -40.57 -17.99
N SER A 87 -42.38 -39.53 -18.66
CA SER A 87 -43.60 -38.91 -18.17
C SER A 87 -44.74 -39.93 -18.13
N ILE A 88 -44.95 -40.65 -19.24
CA ILE A 88 -46.05 -41.60 -19.28
C ILE A 88 -45.80 -42.79 -18.36
N CYS A 89 -44.53 -43.21 -18.21
CA CYS A 89 -44.22 -44.30 -17.28
C CYS A 89 -44.50 -43.90 -15.84
N ASN A 90 -44.12 -42.68 -15.45
CA ASN A 90 -44.39 -42.19 -14.10
C ASN A 90 -45.90 -42.06 -13.88
N ALA A 91 -46.62 -41.61 -14.90
CA ALA A 91 -48.08 -41.54 -14.80
C ALA A 91 -48.68 -42.94 -14.61
N LEU A 92 -48.07 -43.95 -15.23
CA LEU A 92 -48.54 -45.33 -15.14
C LEU A 92 -47.73 -46.14 -14.14
N GLU A 93 -46.91 -45.48 -13.33
CA GLU A 93 -46.01 -46.10 -12.35
C GLU A 93 -45.30 -47.33 -12.94
N VAL A 94 -44.75 -47.15 -14.14
CA VAL A 94 -44.03 -48.20 -14.84
C VAL A 94 -42.54 -47.92 -14.76
N PRO A 95 -41.76 -48.76 -14.06
CA PRO A 95 -40.31 -48.54 -14.04
C PRO A 95 -39.72 -48.66 -15.43
N HIS A 96 -38.73 -47.81 -15.71
CA HIS A 96 -38.07 -47.78 -17.00
C HIS A 96 -36.58 -47.99 -16.84
N ILE A 97 -36.04 -48.96 -17.56
CA ILE A 97 -34.62 -49.31 -17.56
C ILE A 97 -34.00 -48.67 -18.80
N GLN A 98 -32.92 -47.93 -18.60
CA GLN A 98 -32.19 -47.32 -19.71
C GLN A 98 -30.71 -47.65 -19.61
N THR A 99 -30.06 -47.67 -20.78
CA THR A 99 -28.70 -48.19 -20.89
C THR A 99 -27.72 -47.16 -21.45
N ARG A 100 -27.99 -45.87 -21.26
CA ARG A 100 -27.01 -44.85 -21.60
C ARG A 100 -27.26 -43.61 -20.75
N TRP A 101 -26.22 -42.78 -20.64
CA TRP A 101 -26.31 -41.57 -19.84
C TRP A 101 -27.22 -40.57 -20.53
N LYS A 102 -27.99 -39.84 -19.72
CA LYS A 102 -28.78 -38.73 -20.22
C LYS A 102 -28.67 -37.59 -19.22
N HIS A 103 -29.10 -36.40 -19.64
CA HIS A 103 -29.02 -35.25 -18.75
C HIS A 103 -29.87 -35.51 -17.52
N PRO A 104 -29.30 -35.37 -16.32
CA PRO A 104 -30.03 -35.79 -15.11
C PRO A 104 -31.14 -34.82 -14.74
N SER A 105 -32.22 -35.38 -14.20
CA SER A 105 -33.40 -34.60 -13.85
C SER A 105 -33.22 -34.02 -12.45
N VAL A 106 -32.76 -32.77 -12.39
CA VAL A 106 -32.55 -32.10 -11.12
C VAL A 106 -33.79 -31.36 -10.66
N ASP A 107 -34.78 -31.17 -11.53
CA ASP A 107 -36.05 -30.59 -11.11
C ASP A 107 -36.80 -31.52 -10.17
N SER A 108 -36.86 -32.81 -10.50
CA SER A 108 -37.49 -33.81 -9.66
C SER A 108 -37.04 -35.20 -10.07
N ARG A 109 -36.52 -35.98 -9.13
CA ARG A 109 -35.99 -37.30 -9.47
C ARG A 109 -37.12 -38.28 -9.77
N ASP A 110 -37.13 -38.82 -10.98
CA ASP A 110 -38.09 -39.86 -11.32
C ASP A 110 -37.70 -41.16 -10.63
N LEU A 111 -38.64 -41.75 -9.91
CA LEU A 111 -38.39 -42.98 -9.17
C LEU A 111 -38.55 -44.23 -10.03
N PHE A 112 -38.92 -44.06 -11.30
CA PHE A 112 -39.08 -45.17 -12.22
C PHE A 112 -38.04 -45.12 -13.34
N TYR A 113 -36.99 -44.35 -13.14
CA TYR A 113 -35.95 -44.10 -14.13
C TYR A 113 -34.64 -44.70 -13.62
N ILE A 114 -34.23 -45.84 -14.16
CA ILE A 114 -33.10 -46.60 -13.63
C ILE A 114 -32.06 -46.79 -14.72
N ASN A 115 -30.84 -46.34 -14.44
CA ASN A 115 -29.74 -46.33 -15.41
C ASN A 115 -28.55 -47.09 -14.86
N LEU A 116 -27.89 -47.87 -15.71
CA LEU A 116 -26.66 -48.58 -15.36
C LEU A 116 -25.51 -48.02 -16.18
N TYR A 117 -24.84 -46.99 -15.66
CA TYR A 117 -23.63 -46.51 -16.32
C TYR A 117 -22.87 -45.67 -15.30
N PRO A 118 -21.56 -45.82 -15.18
CA PRO A 118 -20.81 -45.00 -14.23
C PRO A 118 -20.92 -43.51 -14.50
N ASP A 119 -20.91 -42.73 -13.42
CA ASP A 119 -21.27 -41.32 -13.48
C ASP A 119 -20.10 -40.47 -13.96
N TYR A 120 -20.42 -39.33 -14.59
CA TYR A 120 -19.38 -38.36 -14.96
C TYR A 120 -18.64 -37.81 -13.76
N ALA A 121 -19.35 -37.44 -12.69
CA ALA A 121 -18.71 -36.77 -11.57
C ALA A 121 -17.80 -37.73 -10.80
N ALA A 122 -18.18 -39.00 -10.75
CA ALA A 122 -17.28 -40.01 -10.21
C ALA A 122 -16.01 -40.10 -11.04
N ILE A 123 -16.13 -40.07 -12.36
CA ILE A 123 -14.95 -40.03 -13.22
C ILE A 123 -14.14 -38.77 -12.97
N SER A 124 -14.82 -37.68 -12.61
CA SER A 124 -14.11 -36.44 -12.31
C SER A 124 -13.27 -36.57 -11.05
N ARG A 125 -13.84 -37.17 -9.99
CA ARG A 125 -13.02 -37.50 -8.82
C ARG A 125 -11.87 -38.42 -9.20
N ALA A 126 -12.12 -39.39 -10.09
CA ALA A 126 -11.07 -40.32 -10.49
C ALA A 126 -9.92 -39.60 -11.18
N VAL A 127 -10.23 -38.68 -12.09
CA VAL A 127 -9.17 -37.96 -12.80
C VAL A 127 -8.45 -37.02 -11.85
N LEU A 128 -9.19 -36.42 -10.90
CA LEU A 128 -8.53 -35.67 -9.83
C LEU A 128 -7.49 -36.54 -9.13
N ASP A 129 -7.89 -37.73 -8.71
CA ASP A 129 -6.98 -38.60 -7.96
C ASP A 129 -5.76 -38.96 -8.79
N LEU A 130 -5.97 -39.32 -10.06
CA LEU A 130 -4.84 -39.73 -10.89
C LEU A 130 -3.90 -38.56 -11.18
N VAL A 131 -4.44 -37.37 -11.42
CA VAL A 131 -3.57 -36.24 -11.71
C VAL A 131 -2.82 -35.79 -10.46
N LEU A 132 -3.47 -35.86 -9.28
CA LEU A 132 -2.74 -35.56 -8.05
C LEU A 132 -1.66 -36.58 -7.77
N TYR A 133 -1.92 -37.85 -8.08
CA TYR A 133 -0.88 -38.87 -7.91
C TYR A 133 0.33 -38.56 -8.78
N TYR A 134 0.11 -38.17 -10.03
CA TYR A 134 1.23 -37.82 -10.91
C TYR A 134 1.79 -36.45 -10.61
N ASN A 135 1.21 -35.72 -9.66
CA ASN A 135 1.71 -34.45 -9.14
C ASN A 135 2.17 -33.51 -10.27
N TRP A 136 1.19 -33.11 -11.08
CA TRP A 136 1.43 -32.17 -12.16
C TRP A 136 0.57 -30.93 -11.93
N LYS A 137 1.21 -29.76 -11.95
CA LYS A 137 0.55 -28.51 -11.66
C LYS A 137 0.22 -27.72 -12.93
N THR A 138 0.43 -28.30 -14.10
CA THR A 138 0.13 -27.65 -15.37
C THR A 138 -0.37 -28.71 -16.35
N VAL A 139 -1.67 -28.66 -16.65
CA VAL A 139 -2.29 -29.60 -17.58
C VAL A 139 -3.25 -28.83 -18.48
N THR A 140 -3.42 -29.32 -19.70
CA THR A 140 -4.33 -28.71 -20.67
C THR A 140 -5.38 -29.73 -21.06
N VAL A 141 -6.65 -29.39 -20.91
CA VAL A 141 -7.76 -30.30 -21.18
C VAL A 141 -8.61 -29.74 -22.31
N VAL A 142 -8.99 -30.59 -23.25
CA VAL A 142 -9.80 -30.17 -24.40
C VAL A 142 -10.96 -31.14 -24.61
N TYR A 143 -12.12 -30.57 -24.91
CA TYR A 143 -13.36 -31.30 -25.16
C TYR A 143 -13.97 -30.82 -26.47
N GLU A 144 -15.03 -31.48 -26.92
CA GLU A 144 -15.68 -31.13 -28.17
C GLU A 144 -17.17 -30.82 -28.02
N ASP A 145 -17.71 -30.88 -26.81
CA ASP A 145 -19.15 -30.75 -26.67
C ASP A 145 -19.47 -30.17 -25.30
N SER A 146 -20.63 -29.50 -25.22
CA SER A 146 -21.04 -28.85 -23.98
C SER A 146 -21.17 -29.83 -22.83
N THR A 147 -21.60 -31.06 -23.11
CA THR A 147 -21.70 -32.08 -22.06
C THR A 147 -20.34 -32.41 -21.46
N GLY A 148 -19.27 -32.31 -22.24
CA GLY A 148 -17.97 -32.76 -21.77
C GLY A 148 -17.49 -32.04 -20.52
N LEU A 149 -17.80 -30.74 -20.41
CA LEU A 149 -17.35 -29.99 -19.24
C LEU A 149 -17.97 -30.55 -17.96
N ILE A 150 -19.16 -31.14 -18.04
CA ILE A 150 -19.75 -31.76 -16.87
C ILE A 150 -18.90 -32.92 -16.39
N ARG A 151 -18.28 -33.65 -17.31
CA ARG A 151 -17.35 -34.71 -16.90
C ARG A 151 -16.09 -34.18 -16.25
N LEU A 152 -15.85 -32.86 -16.32
CA LEU A 152 -14.61 -32.27 -15.84
C LEU A 152 -14.86 -31.18 -14.80
N GLN A 153 -16.00 -31.23 -14.10
CA GLN A 153 -16.36 -30.18 -13.16
C GLN A 153 -15.30 -29.97 -12.09
N GLU A 154 -14.90 -31.04 -11.41
CA GLU A 154 -14.01 -30.89 -10.26
C GLU A 154 -12.65 -30.34 -10.68
N LEU A 155 -12.17 -30.71 -11.87
CA LEU A 155 -10.97 -30.08 -12.40
C LEU A 155 -11.17 -28.58 -12.62
N ILE A 156 -12.33 -28.19 -13.15
CA ILE A 156 -12.61 -26.78 -13.39
C ILE A 156 -12.55 -26.00 -12.08
N LYS A 157 -13.12 -26.55 -11.01
CA LYS A 157 -13.04 -25.95 -9.69
C LYS A 157 -11.79 -26.37 -8.93
N ALA A 158 -10.91 -27.15 -9.55
CA ALA A 158 -9.68 -27.54 -8.88
C ALA A 158 -8.79 -26.36 -8.49
N PRO A 159 -8.58 -25.33 -9.32
CA PRO A 159 -7.76 -24.19 -8.86
C PRO A 159 -8.33 -23.45 -7.67
N SER A 160 -9.62 -23.62 -7.37
CA SER A 160 -10.23 -22.96 -6.22
C SER A 160 -9.65 -23.43 -4.89
N ARG A 161 -8.99 -24.59 -4.87
CA ARG A 161 -8.44 -25.11 -3.63
C ARG A 161 -7.04 -25.67 -3.81
N TYR A 162 -6.48 -25.63 -5.02
CA TYR A 162 -5.13 -26.12 -5.31
C TYR A 162 -4.38 -25.04 -6.06
N ASN A 163 -3.11 -25.33 -6.35
CA ASN A 163 -2.26 -24.43 -7.13
C ASN A 163 -2.30 -24.77 -8.62
N ILE A 164 -3.18 -25.69 -9.02
CA ILE A 164 -3.24 -26.15 -10.39
C ILE A 164 -3.67 -25.01 -11.32
N LYS A 165 -3.04 -24.95 -12.49
CA LYS A 165 -3.43 -24.05 -13.57
C LYS A 165 -3.98 -24.89 -14.71
N ILE A 166 -5.11 -24.46 -15.27
CA ILE A 166 -5.84 -25.23 -16.27
C ILE A 166 -5.90 -24.44 -17.58
N LYS A 167 -5.73 -25.14 -18.69
CA LYS A 167 -5.91 -24.60 -20.03
C LYS A 167 -7.06 -25.33 -20.68
N ILE A 168 -8.22 -24.68 -20.77
CA ILE A 168 -9.41 -25.29 -21.35
C ILE A 168 -9.46 -24.97 -22.84
N ARG A 169 -9.56 -26.02 -23.66
CA ARG A 169 -9.64 -25.90 -25.11
C ARG A 169 -10.92 -26.59 -25.58
N GLN A 170 -11.46 -26.10 -26.70
CA GLN A 170 -12.70 -26.63 -27.25
C GLN A 170 -12.47 -27.11 -28.67
N LEU A 171 -13.12 -28.20 -29.03
CA LEU A 171 -13.07 -28.78 -30.38
C LEU A 171 -14.38 -28.53 -31.11
N PRO A 172 -14.38 -27.73 -32.18
CA PRO A 172 -15.60 -27.54 -32.97
C PRO A 172 -16.01 -28.84 -33.63
N PRO A 173 -17.31 -29.06 -33.87
CA PRO A 173 -17.75 -30.31 -34.49
C PRO A 173 -17.15 -30.52 -35.88
N ALA A 174 -16.75 -31.77 -36.15
CA ALA A 174 -16.07 -32.31 -37.33
C ALA A 174 -14.63 -32.61 -36.98
N ASN A 175 -14.02 -33.59 -37.64
CA ASN A 175 -12.67 -34.04 -37.32
C ASN A 175 -11.61 -33.30 -38.11
N LYS A 176 -11.98 -32.31 -38.91
CA LYS A 176 -11.04 -31.47 -39.62
C LYS A 176 -10.60 -30.26 -38.82
N ASP A 177 -11.17 -30.07 -37.62
CA ASP A 177 -10.91 -28.90 -36.79
C ASP A 177 -9.75 -29.09 -35.82
N ALA A 178 -9.27 -30.32 -35.63
CA ALA A 178 -8.14 -30.54 -34.73
C ALA A 178 -6.82 -30.14 -35.37
N LYS A 179 -6.78 -30.07 -36.70
CA LYS A 179 -5.55 -29.69 -37.38
C LYS A 179 -5.04 -28.31 -36.97
N PRO A 180 -5.87 -27.27 -36.82
CA PRO A 180 -5.36 -26.03 -36.21
C PRO A 180 -4.86 -26.21 -34.78
N LEU A 181 -5.74 -26.67 -33.91
CA LEU A 181 -5.44 -26.71 -32.48
C LEU A 181 -4.14 -27.47 -32.19
N LEU A 182 -3.86 -28.53 -32.96
CA LEU A 182 -2.57 -29.18 -32.80
C LEU A 182 -1.42 -28.25 -33.17
N LYS A 183 -1.60 -27.40 -34.19
CA LYS A 183 -0.55 -26.46 -34.52
C LYS A 183 -0.35 -25.42 -33.41
N GLU A 184 -1.43 -24.91 -32.81
CA GLU A 184 -1.21 -24.08 -31.62
C GLU A 184 -0.57 -24.86 -30.48
N MET A 185 -0.80 -26.17 -30.40
CA MET A 185 -0.04 -26.99 -29.46
C MET A 185 1.45 -26.99 -29.80
N LYS A 186 1.77 -26.94 -31.10
CA LYS A 186 3.17 -26.67 -31.49
C LYS A 186 3.64 -25.32 -30.96
N LYS A 187 2.85 -24.27 -31.18
CA LYS A 187 3.34 -22.91 -30.88
C LYS A 187 3.63 -22.73 -29.41
N SER A 188 2.74 -23.16 -28.53
CA SER A 188 2.95 -23.09 -27.09
C SER A 188 3.35 -24.48 -26.61
N LYS A 189 4.56 -24.58 -26.06
CA LYS A 189 5.08 -25.89 -25.68
C LYS A 189 4.28 -26.49 -24.54
N GLU A 190 3.62 -27.61 -24.82
CA GLU A 190 2.89 -28.37 -23.82
C GLU A 190 3.13 -29.85 -24.03
N PHE A 191 3.15 -30.60 -22.94
CA PHE A 191 3.36 -32.03 -22.97
C PHE A 191 2.27 -32.81 -22.24
N TYR A 192 1.38 -32.13 -21.52
CA TYR A 192 0.52 -32.75 -20.53
C TYR A 192 -0.93 -32.40 -20.88
N VAL A 193 -1.58 -33.24 -21.68
CA VAL A 193 -2.85 -32.91 -22.30
C VAL A 193 -3.85 -34.03 -22.05
N ILE A 194 -5.11 -33.64 -21.87
CA ILE A 194 -6.22 -34.56 -21.66
C ILE A 194 -7.23 -34.33 -22.79
N PHE A 195 -7.65 -35.42 -23.43
CA PHE A 195 -8.69 -35.37 -24.45
C PHE A 195 -9.97 -35.95 -23.84
N ASP A 196 -10.92 -35.08 -23.52
CA ASP A 196 -12.24 -35.50 -23.03
C ASP A 196 -13.15 -35.61 -24.24
N CYS A 197 -13.38 -36.83 -24.70
CA CYS A 197 -14.13 -37.05 -25.93
C CYS A 197 -14.69 -38.47 -25.91
N SER A 198 -15.66 -38.71 -26.79
CA SER A 198 -16.22 -40.03 -26.96
C SER A 198 -15.22 -40.95 -27.64
N HIS A 199 -15.37 -42.26 -27.40
CA HIS A 199 -14.47 -43.22 -28.01
C HIS A 199 -14.65 -43.29 -29.53
N GLU A 200 -15.73 -42.71 -30.04
CA GLU A 200 -15.94 -42.67 -31.49
C GLU A 200 -14.83 -41.89 -32.19
N THR A 201 -14.39 -40.79 -31.59
CA THR A 201 -13.41 -39.91 -32.22
C THR A 201 -11.97 -40.29 -31.90
N ALA A 202 -11.74 -41.00 -30.80
CA ALA A 202 -10.37 -41.20 -30.31
C ALA A 202 -9.51 -41.93 -31.33
N ALA A 203 -10.11 -42.82 -32.11
CA ALA A 203 -9.34 -43.60 -33.09
C ALA A 203 -8.68 -42.69 -34.12
N GLU A 204 -9.47 -41.83 -34.77
CA GLU A 204 -8.87 -40.95 -35.77
C GLU A 204 -8.14 -39.79 -35.13
N ILE A 205 -8.42 -39.45 -33.87
CA ILE A 205 -7.56 -38.50 -33.16
C ILE A 205 -6.14 -39.07 -33.03
N LEU A 206 -6.03 -40.32 -32.59
CA LEU A 206 -4.72 -40.97 -32.51
C LEU A 206 -4.10 -41.08 -33.89
N LYS A 207 -4.90 -41.41 -34.91
CA LYS A 207 -4.37 -41.50 -36.26
C LYS A 207 -3.77 -40.17 -36.71
N GLN A 208 -4.48 -39.07 -36.46
CA GLN A 208 -3.97 -37.75 -36.83
C GLN A 208 -2.70 -37.40 -36.05
N ILE A 209 -2.68 -37.73 -34.76
CA ILE A 209 -1.49 -37.40 -33.95
C ILE A 209 -0.28 -38.17 -34.44
N LEU A 210 -0.45 -39.46 -34.76
CA LEU A 210 0.69 -40.23 -35.24
C LEU A 210 1.08 -39.80 -36.65
N PHE A 211 0.11 -39.35 -37.45
CA PHE A 211 0.42 -38.81 -38.76
C PHE A 211 1.30 -37.57 -38.65
N MET A 212 0.95 -36.66 -37.75
CA MET A 212 1.77 -35.47 -37.56
C MET A 212 3.08 -35.81 -36.85
N GLY A 213 3.03 -36.74 -35.89
CA GLY A 213 4.21 -37.23 -35.22
C GLY A 213 4.50 -36.62 -33.86
N MET A 214 3.46 -36.16 -33.17
CA MET A 214 3.65 -35.55 -31.85
C MET A 214 3.86 -36.57 -30.75
N MET A 215 3.29 -37.78 -30.84
CA MET A 215 3.47 -38.75 -29.77
C MET A 215 4.93 -39.21 -29.72
N THR A 216 5.61 -38.83 -28.65
CA THR A 216 6.95 -39.31 -28.34
C THR A 216 6.97 -39.59 -26.83
N GLU A 217 8.14 -39.96 -26.31
CA GLU A 217 8.28 -40.14 -24.87
C GLU A 217 8.32 -38.80 -24.14
N TYR A 218 8.39 -37.69 -24.87
CA TYR A 218 8.29 -36.37 -24.27
C TYR A 218 6.88 -36.12 -23.75
N TYR A 219 5.88 -36.72 -24.40
CA TYR A 219 4.48 -36.41 -24.14
C TYR A 219 3.85 -37.45 -23.21
N HIS A 220 2.92 -36.99 -22.38
CA HIS A 220 2.10 -37.87 -21.56
C HIS A 220 0.65 -37.72 -22.01
N TYR A 221 0.07 -38.80 -22.53
CA TYR A 221 -1.28 -38.79 -23.07
C TYR A 221 -2.23 -39.58 -22.18
N PHE A 222 -3.40 -39.00 -21.94
CA PHE A 222 -4.47 -39.66 -21.20
C PHE A 222 -5.81 -39.32 -21.82
N PHE A 223 -6.69 -40.31 -21.90
CA PHE A 223 -8.02 -40.14 -22.45
C PHE A 223 -9.07 -40.42 -21.38
N THR A 224 -10.19 -39.69 -21.46
CA THR A 224 -11.33 -39.93 -20.58
C THR A 224 -12.11 -41.18 -20.98
N THR A 225 -11.81 -41.78 -22.13
CA THR A 225 -12.49 -42.99 -22.54
C THR A 225 -12.26 -44.10 -21.52
N LEU A 226 -13.27 -44.95 -21.37
CA LEU A 226 -13.27 -45.96 -20.32
C LEU A 226 -12.83 -47.33 -20.83
N ASP A 227 -12.44 -47.44 -22.09
CA ASP A 227 -11.99 -48.71 -22.65
C ASP A 227 -10.91 -48.43 -23.68
N LEU A 228 -9.70 -48.92 -23.44
CA LEU A 228 -8.61 -48.80 -24.39
C LEU A 228 -8.47 -50.01 -25.29
N PHE A 229 -9.00 -51.16 -24.88
CA PHE A 229 -8.94 -52.36 -25.72
C PHE A 229 -9.72 -52.21 -27.02
N ALA A 230 -10.93 -51.65 -26.95
CA ALA A 230 -11.74 -51.50 -28.16
C ALA A 230 -11.10 -50.56 -29.16
N LEU A 231 -10.33 -49.58 -28.69
CA LEU A 231 -9.73 -48.60 -29.58
C LEU A 231 -8.73 -49.26 -30.53
N ASP A 232 -8.49 -48.61 -31.66
CA ASP A 232 -7.52 -49.10 -32.62
C ASP A 232 -6.15 -49.23 -31.96
N LEU A 233 -5.53 -50.39 -32.12
CA LEU A 233 -4.25 -50.69 -31.46
C LEU A 233 -3.17 -50.79 -32.53
N GLU A 234 -2.65 -49.64 -32.93
CA GLU A 234 -1.44 -49.57 -33.75
C GLU A 234 -0.24 -49.18 -32.88
N LEU A 235 -0.47 -48.96 -31.58
CA LEU A 235 0.54 -48.47 -30.67
C LEU A 235 1.50 -49.61 -30.33
N TYR A 236 2.56 -49.74 -31.12
CA TYR A 236 3.67 -50.64 -30.79
C TYR A 236 4.99 -49.91 -30.98
N ARG A 237 5.03 -48.65 -30.56
CA ARG A 237 6.16 -47.78 -30.86
C ARG A 237 7.43 -48.27 -30.17
N TYR A 238 8.51 -48.32 -30.94
CA TYR A 238 9.86 -48.38 -30.40
C TYR A 238 10.45 -46.98 -30.23
N SER A 239 9.62 -45.95 -30.45
CA SER A 239 10.01 -44.57 -30.20
C SER A 239 9.69 -44.12 -28.79
N GLY A 240 8.85 -44.86 -28.07
CA GLY A 240 8.50 -44.52 -26.70
C GLY A 240 7.33 -43.56 -26.66
N VAL A 241 6.21 -44.01 -26.10
CA VAL A 241 5.01 -43.19 -25.98
C VAL A 241 4.30 -43.58 -24.69
N ASN A 242 3.82 -42.58 -23.95
CA ASN A 242 3.13 -42.80 -22.69
C ASN A 242 1.63 -42.70 -22.94
N MET A 243 0.95 -43.84 -22.82
CA MET A 243 -0.49 -43.92 -23.02
C MET A 243 -1.14 -44.45 -21.74
N THR A 244 -2.17 -43.77 -21.27
CA THR A 244 -2.85 -44.11 -20.04
C THR A 244 -4.36 -44.02 -20.24
N GLY A 245 -5.10 -44.79 -19.45
CA GLY A 245 -6.55 -44.72 -19.52
C GLY A 245 -7.20 -45.61 -18.48
N PHE A 246 -8.53 -45.70 -18.59
CA PHE A 246 -9.33 -46.54 -17.71
C PHE A 246 -9.70 -47.84 -18.39
N ARG A 247 -10.12 -48.79 -17.56
CA ARG A 247 -10.65 -50.08 -18.00
C ARG A 247 -11.74 -50.48 -17.03
N LEU A 248 -12.89 -50.91 -17.56
CA LEU A 248 -13.99 -51.38 -16.75
C LEU A 248 -14.40 -52.81 -17.06
N LEU A 249 -14.15 -53.27 -18.28
CA LEU A 249 -14.50 -54.64 -18.67
C LEU A 249 -13.55 -55.61 -17.99
N ASN A 250 -14.08 -56.41 -17.06
CA ASN A 250 -13.28 -57.44 -16.40
C ASN A 250 -12.87 -58.50 -17.40
N ILE A 251 -11.60 -58.89 -17.36
CA ILE A 251 -11.05 -59.82 -18.34
C ILE A 251 -10.49 -61.08 -17.69
N ASP A 252 -10.39 -61.12 -16.37
CA ASP A 252 -10.01 -62.32 -15.66
C ASP A 252 -11.26 -63.19 -15.42
N ASN A 253 -11.11 -64.17 -14.52
CA ASN A 253 -12.21 -65.08 -14.20
C ASN A 253 -12.66 -65.82 -15.45
N PRO A 254 -11.91 -66.84 -15.88
CA PRO A 254 -12.12 -67.45 -17.22
C PRO A 254 -13.57 -67.70 -17.60
N HIS A 255 -14.52 -67.69 -16.66
CA HIS A 255 -15.93 -67.66 -17.04
C HIS A 255 -16.25 -66.39 -17.83
N VAL A 256 -15.76 -65.24 -17.36
CA VAL A 256 -15.96 -63.98 -18.08
C VAL A 256 -15.27 -64.05 -19.43
N SER A 257 -14.06 -64.62 -19.47
CA SER A 257 -13.36 -64.80 -20.73
C SER A 257 -14.16 -65.69 -21.67
N SER A 258 -14.78 -66.75 -21.14
CA SER A 258 -15.60 -67.64 -21.96
C SER A 258 -16.79 -66.90 -22.55
N ILE A 259 -17.46 -66.08 -21.73
CA ILE A 259 -18.61 -65.31 -22.22
C ILE A 259 -18.18 -64.39 -23.35
N ILE A 260 -17.10 -63.63 -23.13
CA ILE A 260 -16.67 -62.68 -24.15
C ILE A 260 -16.19 -63.40 -25.41
N GLU A 261 -15.57 -64.57 -25.28
CA GLU A 261 -15.10 -65.26 -26.49
C GLU A 261 -16.24 -65.98 -27.20
N LYS A 262 -17.32 -66.33 -26.51
CA LYS A 262 -18.53 -66.72 -27.22
C LYS A 262 -19.04 -65.56 -28.08
N TRP A 263 -19.02 -64.33 -27.55
CA TRP A 263 -19.48 -63.22 -28.37
C TRP A 263 -18.47 -62.93 -29.48
N SER A 264 -17.19 -63.18 -29.20
CA SER A 264 -16.12 -62.96 -30.17
C SER A 264 -16.06 -64.06 -31.22
N MET A 265 -16.69 -65.21 -30.94
CA MET A 265 -16.89 -66.17 -32.02
C MET A 265 -18.17 -65.86 -32.80
N GLU A 266 -19.17 -65.26 -32.15
CA GLU A 266 -20.41 -65.02 -32.88
C GLU A 266 -20.30 -63.86 -33.87
N ARG A 267 -19.48 -62.84 -33.56
CA ARG A 267 -19.53 -61.66 -34.43
C ARG A 267 -19.04 -62.04 -35.83
N LEU A 268 -18.02 -62.90 -35.89
CA LEU A 268 -17.29 -63.19 -37.13
C LEU A 268 -18.01 -64.24 -37.98
N GLN A 269 -18.80 -65.11 -37.34
CA GLN A 269 -19.55 -66.10 -38.09
C GLN A 269 -20.54 -65.48 -39.06
N ALA A 270 -20.89 -64.20 -38.85
CA ALA A 270 -21.67 -63.39 -39.76
C ALA A 270 -20.75 -62.53 -40.63
N PRO A 271 -21.16 -62.23 -41.90
CA PRO A 271 -20.22 -61.50 -42.77
C PRO A 271 -19.60 -60.23 -42.21
N PRO A 272 -18.50 -59.78 -42.83
CA PRO A 272 -17.80 -58.61 -42.30
C PRO A 272 -18.57 -57.29 -42.28
N ARG A 273 -18.39 -56.51 -41.22
CA ARG A 273 -19.05 -55.21 -41.12
C ARG A 273 -18.00 -54.08 -41.21
N PRO A 274 -18.19 -53.07 -42.10
CA PRO A 274 -17.14 -52.06 -42.23
C PRO A 274 -17.20 -51.06 -41.08
N GLU A 275 -16.04 -50.68 -40.58
CA GLU A 275 -15.92 -49.86 -39.38
C GLU A 275 -15.17 -48.56 -39.69
N THR A 276 -14.97 -47.75 -38.65
CA THR A 276 -14.24 -46.50 -38.73
C THR A 276 -12.78 -46.65 -38.33
N GLY A 277 -12.43 -47.77 -37.70
CA GLY A 277 -11.10 -47.99 -37.18
C GLY A 277 -11.14 -48.77 -35.87
N LEU A 278 -12.31 -48.77 -35.23
CA LEU A 278 -12.51 -49.60 -34.07
C LEU A 278 -12.43 -51.07 -34.46
N LEU A 279 -11.68 -51.85 -33.69
CA LEU A 279 -11.55 -53.27 -33.96
C LEU A 279 -12.84 -54.00 -33.60
N ASP A 280 -13.40 -54.71 -34.56
CA ASP A 280 -14.64 -55.45 -34.37
C ASP A 280 -14.33 -56.80 -33.74
N GLY A 281 -14.93 -57.07 -32.59
CA GLY A 281 -14.74 -58.35 -31.92
C GLY A 281 -14.37 -58.28 -30.46
N MET A 282 -14.20 -57.06 -29.93
CA MET A 282 -13.93 -56.85 -28.51
C MET A 282 -15.02 -55.97 -27.92
N MET A 283 -15.39 -56.24 -26.68
CA MET A 283 -16.70 -55.84 -26.18
C MET A 283 -16.80 -54.33 -26.03
N THR A 284 -17.98 -53.79 -26.32
CA THR A 284 -18.24 -52.36 -26.14
C THR A 284 -19.03 -52.13 -24.86
N THR A 285 -18.78 -50.97 -24.24
CA THR A 285 -19.28 -50.71 -22.90
C THR A 285 -20.81 -50.67 -22.86
N GLU A 286 -21.43 -49.99 -23.82
CA GLU A 286 -22.88 -49.83 -23.79
C GLU A 286 -23.58 -51.18 -23.92
N ALA A 287 -23.15 -52.01 -24.87
CA ALA A 287 -23.78 -53.32 -25.03
C ALA A 287 -23.44 -54.24 -23.86
N ALA A 288 -22.28 -54.05 -23.24
CA ALA A 288 -21.94 -54.85 -22.06
C ALA A 288 -22.87 -54.52 -20.90
N LEU A 289 -23.14 -53.24 -20.67
CA LEU A 289 -24.06 -52.89 -19.59
C LEU A 289 -25.50 -53.20 -19.99
N MET A 290 -25.78 -53.28 -21.30
CA MET A 290 -27.04 -53.87 -21.75
C MET A 290 -27.14 -55.33 -21.34
N TYR A 291 -26.07 -56.09 -21.54
CA TYR A 291 -26.01 -57.48 -21.13
C TYR A 291 -26.22 -57.61 -19.62
N ASP A 292 -25.66 -56.68 -18.86
CA ASP A 292 -25.85 -56.69 -17.41
C ASP A 292 -27.27 -56.29 -17.01
N ALA A 293 -27.88 -55.36 -17.75
CA ALA A 293 -29.25 -54.97 -17.45
C ALA A 293 -30.24 -56.08 -17.75
N VAL A 294 -29.96 -56.90 -18.76
CA VAL A 294 -30.79 -58.07 -18.99
C VAL A 294 -30.82 -58.96 -17.75
N TYR A 295 -29.67 -59.13 -17.10
CA TYR A 295 -29.60 -59.98 -15.93
C TYR A 295 -30.18 -59.26 -14.72
N MET A 296 -30.13 -57.93 -14.71
CA MET A 296 -30.93 -57.15 -13.76
C MET A 296 -32.39 -57.57 -13.85
N VAL A 297 -32.94 -57.57 -15.07
CA VAL A 297 -34.35 -57.91 -15.26
C VAL A 297 -34.60 -59.35 -14.83
N ALA A 298 -33.67 -60.24 -15.18
CA ALA A 298 -33.85 -61.65 -14.83
C ALA A 298 -33.92 -61.86 -13.32
N ILE A 299 -32.94 -61.31 -12.59
CA ILE A 299 -32.93 -61.49 -11.15
C ILE A 299 -34.10 -60.79 -10.49
N ALA A 300 -34.53 -59.65 -11.06
CA ALA A 300 -35.73 -58.98 -10.55
C ALA A 300 -36.96 -59.87 -10.71
N SER A 301 -37.10 -60.52 -11.86
CA SER A 301 -38.23 -61.41 -12.11
C SER A 301 -38.17 -62.69 -11.30
N HIS A 302 -36.99 -63.10 -10.85
CA HIS A 302 -36.87 -64.33 -10.06
C HIS A 302 -37.55 -64.23 -8.70
N ARG A 303 -37.85 -63.02 -8.22
CA ARG A 303 -38.66 -62.79 -7.03
C ARG A 303 -40.15 -62.59 -7.31
N ALA A 304 -40.52 -62.12 -8.49
CA ALA A 304 -41.89 -61.72 -8.75
C ALA A 304 -42.78 -62.92 -9.04
N SER A 305 -44.09 -62.69 -8.98
CA SER A 305 -45.09 -63.70 -9.29
C SER A 305 -45.30 -63.79 -10.80
N GLN A 306 -46.20 -64.68 -11.21
CA GLN A 306 -46.47 -64.88 -12.62
C GLN A 306 -47.03 -63.61 -13.25
N LEU A 307 -46.64 -63.35 -14.50
CA LEU A 307 -46.99 -62.09 -15.15
C LEU A 307 -48.50 -61.99 -15.38
N THR A 308 -49.02 -60.78 -15.23
CA THR A 308 -50.44 -60.48 -15.45
C THR A 308 -50.52 -59.43 -16.56
N VAL A 309 -51.03 -59.85 -17.73
CA VAL A 309 -51.16 -58.92 -18.85
C VAL A 309 -52.26 -57.90 -18.55
N SER A 310 -52.07 -56.68 -19.04
CA SER A 310 -53.02 -55.60 -18.83
C SER A 310 -53.24 -54.85 -20.14
N SER A 311 -54.43 -54.29 -20.28
CA SER A 311 -54.81 -53.49 -21.43
C SER A 311 -55.14 -52.08 -20.95
N LEU A 312 -54.39 -51.09 -21.41
CA LEU A 312 -54.59 -49.72 -21.00
C LEU A 312 -54.37 -48.79 -22.19
N GLN A 313 -54.58 -47.51 -21.94
CA GLN A 313 -54.39 -46.46 -22.95
C GLN A 313 -53.24 -45.56 -22.51
N CYS A 314 -52.52 -45.02 -23.49
CA CYS A 314 -51.43 -44.10 -23.23
C CYS A 314 -51.94 -42.69 -22.93
N HIS A 315 -53.24 -42.45 -23.10
CA HIS A 315 -53.87 -41.21 -22.69
C HIS A 315 -54.67 -41.38 -21.40
N ARG A 316 -54.66 -42.58 -20.82
CA ARG A 316 -55.32 -42.85 -19.55
C ARG A 316 -54.32 -42.69 -18.41
N HIS A 317 -54.81 -42.73 -17.17
CA HIS A 317 -53.96 -42.49 -16.02
C HIS A 317 -54.24 -43.44 -14.86
N LYS A 318 -54.61 -44.69 -15.16
CA LYS A 318 -54.87 -45.67 -14.12
C LYS A 318 -53.64 -46.55 -13.92
N PRO A 319 -52.97 -46.48 -12.78
CA PRO A 319 -51.74 -47.26 -12.58
C PRO A 319 -52.01 -48.76 -12.53
N TRP A 320 -50.95 -49.52 -12.80
CA TRP A 320 -51.03 -50.98 -12.87
C TRP A 320 -50.36 -51.58 -11.63
N ARG A 321 -50.96 -52.63 -11.09
CA ARG A 321 -50.75 -53.00 -9.69
C ARG A 321 -49.31 -53.44 -9.42
N LEU A 322 -48.74 -54.25 -10.31
CA LEU A 322 -47.43 -54.84 -10.01
C LEU A 322 -46.26 -53.91 -10.32
N GLY A 323 -46.52 -52.71 -10.83
CA GLY A 323 -45.48 -51.75 -11.11
C GLY A 323 -44.67 -51.34 -9.90
N PRO A 324 -45.35 -50.90 -8.82
CA PRO A 324 -44.60 -50.58 -7.59
C PRO A 324 -43.82 -51.75 -7.04
N ARG A 325 -44.41 -52.95 -7.05
CA ARG A 325 -43.71 -54.12 -6.55
C ARG A 325 -42.46 -54.41 -7.37
N PHE A 326 -42.56 -54.31 -8.70
CA PHE A 326 -41.41 -54.57 -9.54
C PHE A 326 -40.34 -53.52 -9.37
N MET A 327 -40.72 -52.25 -9.24
CA MET A 327 -39.70 -51.20 -9.09
C MET A 327 -39.01 -51.32 -7.72
N ASN A 328 -39.76 -51.70 -6.68
CA ASN A 328 -39.11 -51.98 -5.40
C ASN A 328 -38.13 -53.15 -5.54
N LEU A 329 -38.55 -54.25 -6.15
CA LEU A 329 -37.66 -55.40 -6.27
C LEU A 329 -36.42 -55.06 -7.08
N ILE A 330 -36.55 -54.19 -8.08
CA ILE A 330 -35.37 -53.68 -8.76
C ILE A 330 -34.52 -52.83 -7.81
N LYS A 331 -35.18 -52.09 -6.92
CA LYS A 331 -34.47 -51.11 -6.11
C LYS A 331 -33.42 -51.76 -5.21
N GLU A 332 -33.76 -52.87 -4.56
CA GLU A 332 -32.82 -53.57 -3.69
C GLU A 332 -32.04 -54.67 -4.41
N ALA A 333 -31.81 -54.54 -5.72
CA ALA A 333 -31.10 -55.53 -6.50
C ALA A 333 -29.62 -55.20 -6.58
N ARG A 334 -28.78 -56.23 -6.42
CA ARG A 334 -27.33 -56.10 -6.45
C ARG A 334 -26.77 -57.34 -7.13
N TRP A 335 -25.81 -57.16 -8.05
CA TRP A 335 -25.35 -58.29 -8.84
C TRP A 335 -23.87 -58.09 -9.14
N ASP A 336 -23.25 -59.09 -9.78
CA ASP A 336 -21.89 -59.02 -10.29
C ASP A 336 -21.93 -59.31 -11.79
N GLY A 337 -21.72 -58.28 -12.61
CA GLY A 337 -21.70 -58.43 -14.06
C GLY A 337 -20.38 -58.03 -14.68
N LEU A 338 -20.38 -57.80 -16.00
CA LEU A 338 -19.13 -57.52 -16.71
C LEU A 338 -18.48 -56.24 -16.19
N THR A 339 -19.27 -55.20 -15.95
CA THR A 339 -18.73 -53.96 -15.42
C THR A 339 -18.30 -54.07 -13.96
N GLY A 340 -18.60 -55.19 -13.31
CA GLY A 340 -18.24 -55.37 -11.91
C GLY A 340 -19.49 -55.54 -11.06
N ARG A 341 -19.41 -55.20 -9.78
CA ARG A 341 -20.58 -55.30 -8.91
C ARG A 341 -21.43 -54.04 -8.94
N ILE A 342 -22.73 -54.25 -9.22
CA ILE A 342 -23.72 -53.19 -9.39
C ILE A 342 -24.66 -53.20 -8.20
N THR A 343 -24.92 -52.01 -7.65
CA THR A 343 -25.94 -51.79 -6.65
C THR A 343 -26.45 -50.36 -6.81
N PHE A 344 -27.56 -50.06 -6.15
CA PHE A 344 -28.21 -48.77 -6.33
C PHE A 344 -28.46 -48.12 -4.98
N ASN A 345 -28.18 -46.82 -4.91
CA ASN A 345 -28.41 -46.05 -3.70
C ASN A 345 -29.90 -45.85 -3.47
N LYS A 346 -30.27 -45.57 -2.22
CA LYS A 346 -31.67 -45.54 -1.80
C LYS A 346 -32.31 -44.19 -2.02
N THR A 347 -31.76 -43.36 -2.91
CA THR A 347 -32.35 -42.07 -3.25
C THR A 347 -32.50 -41.85 -4.75
N ASP A 348 -31.98 -42.73 -5.59
CA ASP A 348 -32.02 -42.55 -7.03
C ASP A 348 -31.88 -43.89 -7.74
N GLY A 349 -32.27 -43.91 -9.01
CA GLY A 349 -32.06 -45.05 -9.86
C GLY A 349 -30.72 -44.95 -10.57
N LEU A 350 -29.92 -43.96 -10.18
CA LEU A 350 -28.58 -43.81 -10.74
C LEU A 350 -27.65 -44.89 -10.23
N ARG A 351 -26.75 -45.35 -11.09
CA ARG A 351 -25.77 -46.37 -10.73
C ARG A 351 -24.78 -45.81 -9.71
N LYS A 352 -24.19 -46.72 -8.92
CA LYS A 352 -23.20 -46.36 -7.92
C LYS A 352 -22.02 -47.33 -8.01
N ASP A 353 -21.11 -47.23 -7.04
CA ASP A 353 -19.95 -48.10 -6.79
C ASP A 353 -19.30 -48.64 -8.07
N PHE A 354 -18.79 -47.73 -8.90
CA PHE A 354 -18.22 -48.08 -10.19
C PHE A 354 -16.80 -48.60 -10.03
N ASP A 355 -16.37 -49.44 -10.96
CA ASP A 355 -14.99 -49.92 -11.01
C ASP A 355 -14.23 -49.21 -12.11
N LEU A 356 -13.03 -48.71 -11.79
CA LEU A 356 -12.22 -47.94 -12.73
C LEU A 356 -10.76 -48.37 -12.55
N ASP A 357 -10.30 -49.26 -13.44
CA ASP A 357 -8.97 -49.83 -13.33
C ASP A 357 -8.00 -49.06 -14.23
N ILE A 358 -6.96 -48.49 -13.64
CA ILE A 358 -6.01 -47.68 -14.41
C ILE A 358 -5.09 -48.62 -15.20
N ILE A 359 -4.97 -48.37 -16.50
CA ILE A 359 -4.17 -49.21 -17.39
C ILE A 359 -3.31 -48.33 -18.29
N SER A 360 -2.05 -48.75 -18.45
CA SER A 360 -1.08 -48.03 -19.26
C SER A 360 -0.35 -48.99 -20.19
N LEU A 361 0.08 -48.47 -21.33
CA LEU A 361 0.76 -49.27 -22.35
C LEU A 361 2.27 -49.26 -22.11
N LYS A 362 2.83 -50.44 -21.85
CA LYS A 362 4.28 -50.57 -21.79
C LYS A 362 4.80 -51.86 -22.42
N GLU A 363 3.96 -52.61 -23.14
CA GLU A 363 4.37 -53.85 -23.79
C GLU A 363 4.49 -53.69 -25.30
N GLU A 364 4.99 -52.56 -25.76
CA GLU A 364 5.14 -52.29 -27.20
C GLU A 364 6.16 -53.22 -27.84
N TRP A 381 -2.74 -53.82 -19.79
CA TRP A 381 -1.39 -54.35 -19.69
C TRP A 381 -0.99 -54.66 -18.25
N LYS A 382 -0.54 -53.65 -17.51
CA LYS A 382 -0.04 -53.81 -16.15
C LYS A 382 -1.00 -53.16 -15.16
N LYS A 383 -1.20 -53.81 -14.02
CA LYS A 383 -2.01 -53.24 -12.94
C LYS A 383 -1.27 -52.07 -12.29
N ILE A 384 -1.99 -50.96 -12.09
CA ILE A 384 -1.44 -49.80 -11.40
C ILE A 384 -2.25 -49.51 -10.15
N GLY A 385 -3.51 -49.15 -10.32
CA GLY A 385 -4.37 -48.79 -9.20
C GLY A 385 -5.82 -48.79 -9.63
N ILE A 386 -6.70 -48.72 -8.64
CA ILE A 386 -8.14 -48.74 -8.89
C ILE A 386 -8.78 -47.59 -8.13
N TRP A 387 -9.99 -47.22 -8.53
CA TRP A 387 -10.78 -46.25 -7.79
C TRP A 387 -12.17 -46.81 -7.56
N ASN A 388 -12.75 -46.48 -6.41
CA ASN A 388 -14.12 -46.82 -6.09
C ASN A 388 -14.77 -45.66 -5.34
N SER A 389 -16.09 -45.56 -5.46
CA SER A 389 -16.84 -44.49 -4.80
C SER A 389 -16.92 -44.67 -3.30
N ASN A 390 -16.66 -45.87 -2.78
CA ASN A 390 -16.67 -46.15 -1.35
C ASN A 390 -15.34 -45.84 -0.68
N SER A 391 -14.33 -45.46 -1.45
CA SER A 391 -13.02 -45.12 -0.90
C SER A 391 -12.37 -44.09 -1.82
N GLY A 392 -11.06 -43.94 -1.73
CA GLY A 392 -10.33 -43.06 -2.61
C GLY A 392 -9.64 -43.82 -3.73
N LEU A 393 -8.46 -43.35 -4.14
CA LEU A 393 -7.69 -44.04 -5.16
C LEU A 393 -6.81 -45.10 -4.49
N ASN A 394 -7.21 -46.36 -4.62
CA ASN A 394 -6.54 -47.47 -3.95
C ASN A 394 -5.36 -47.91 -4.81
N MET A 395 -4.15 -47.69 -4.30
CA MET A 395 -2.92 -48.11 -4.95
C MET A 395 -2.69 -49.58 -4.63
N THR A 396 -2.97 -50.46 -5.60
CA THR A 396 -2.81 -51.89 -5.38
C THR A 396 -1.37 -52.35 -5.60
N ASP A 397 -0.77 -51.95 -6.71
CA ASP A 397 0.59 -52.35 -7.04
C ASP A 397 1.57 -51.21 -6.77
N GLY A 398 2.71 -51.56 -6.18
CA GLY A 398 3.77 -50.60 -5.96
C GLY A 398 4.73 -50.56 -7.14
N ASN A 399 4.48 -51.43 -8.12
CA ASN A 399 5.23 -51.53 -9.36
C ASN A 399 6.63 -52.11 -9.12
N ARG A 400 7.13 -52.87 -10.08
CA ARG A 400 8.42 -53.54 -9.93
C ARG A 400 9.59 -52.64 -10.28
N ASP A 401 9.34 -51.57 -11.04
CA ASP A 401 10.28 -50.45 -11.20
C ASP A 401 11.63 -50.91 -11.79
N ARG A 402 11.57 -51.36 -13.04
CA ARG A 402 12.77 -51.85 -13.71
C ARG A 402 13.77 -50.73 -13.99
N SER A 403 15.05 -51.09 -13.91
CA SER A 403 16.16 -50.28 -14.38
C SER A 403 17.12 -51.21 -15.11
N ASN A 404 17.56 -50.78 -16.29
CA ASN A 404 18.32 -51.64 -17.19
C ASN A 404 19.77 -51.18 -17.27
N ASN A 405 20.64 -52.13 -17.65
CA ASN A 405 22.05 -51.80 -17.86
C ASN A 405 22.22 -50.81 -19.00
N ILE A 406 21.49 -51.00 -20.09
CA ILE A 406 21.44 -50.08 -21.21
C ILE A 406 20.00 -49.63 -21.38
N THR A 407 19.78 -48.31 -21.36
CA THR A 407 18.44 -47.75 -21.36
C THR A 407 18.11 -47.23 -22.76
N ASP A 408 17.51 -48.08 -23.58
CA ASP A 408 16.99 -47.67 -24.87
C ASP A 408 15.99 -48.72 -25.36
N SER A 409 15.09 -48.28 -26.23
CA SER A 409 14.08 -49.14 -26.85
C SER A 409 14.52 -49.65 -28.21
N LEU A 410 15.61 -50.42 -28.26
CA LEU A 410 16.17 -51.03 -29.47
C LEU A 410 16.71 -50.02 -30.48
N ALA A 411 17.01 -48.79 -30.05
CA ALA A 411 17.75 -47.82 -30.87
C ALA A 411 17.03 -47.55 -32.20
N ASN A 412 15.78 -47.12 -32.12
CA ASN A 412 14.95 -46.95 -33.30
C ASN A 412 14.56 -45.49 -33.50
N ARG A 413 15.50 -44.58 -33.25
CA ARG A 413 15.29 -43.15 -33.49
C ARG A 413 16.54 -42.58 -34.14
N THR A 414 16.34 -41.68 -35.10
CA THR A 414 17.44 -40.97 -35.75
C THR A 414 17.67 -39.68 -34.97
N LEU A 415 18.72 -39.65 -34.16
CA LEU A 415 18.95 -38.53 -33.24
C LEU A 415 19.33 -37.29 -34.04
N ILE A 416 18.70 -36.17 -33.70
CA ILE A 416 18.96 -34.90 -34.35
C ILE A 416 20.13 -34.21 -33.65
N VAL A 417 21.24 -34.03 -34.37
CA VAL A 417 22.44 -33.41 -33.83
C VAL A 417 22.77 -32.18 -34.69
N THR A 418 23.00 -31.05 -34.03
CA THR A 418 23.43 -29.84 -34.69
C THR A 418 24.86 -29.50 -34.28
N THR A 419 25.69 -29.14 -35.25
CA THR A 419 27.10 -28.89 -35.02
C THR A 419 27.53 -27.69 -35.86
N ILE A 420 28.70 -27.16 -35.53
CA ILE A 420 29.26 -25.99 -36.20
C ILE A 420 30.69 -26.30 -36.61
N LEU A 421 31.16 -25.58 -37.62
CA LEU A 421 32.52 -25.78 -38.14
C LEU A 421 33.52 -25.15 -37.19
N GLU A 422 34.30 -25.99 -36.51
CA GLU A 422 35.37 -25.50 -35.65
C GLU A 422 36.45 -26.55 -35.48
N GLU A 423 37.67 -26.21 -35.89
CA GLU A 423 38.79 -27.12 -35.72
C GLU A 423 39.09 -27.28 -34.22
N PRO A 424 39.47 -28.49 -33.77
CA PRO A 424 39.51 -29.77 -34.47
C PRO A 424 38.19 -30.54 -34.37
N TYR A 425 37.17 -29.91 -33.80
CA TYR A 425 35.92 -30.64 -33.54
C TYR A 425 35.23 -31.07 -34.83
N VAL A 426 35.21 -30.21 -35.84
CA VAL A 426 34.56 -30.51 -37.11
C VAL A 426 35.43 -29.99 -38.26
N MET A 427 35.64 -30.84 -39.27
CA MET A 427 36.26 -30.39 -40.51
C MET A 427 35.84 -31.35 -41.62
N TYR A 428 35.86 -30.84 -42.85
CA TYR A 428 35.58 -31.67 -44.02
C TYR A 428 36.66 -32.72 -44.19
N ARG A 429 36.26 -33.89 -44.69
CA ARG A 429 37.22 -34.92 -45.03
C ARG A 429 38.13 -34.45 -46.16
N LYS A 430 39.39 -34.87 -46.11
CA LYS A 430 40.37 -34.51 -47.13
C LYS A 430 40.19 -35.43 -48.33
N SER A 431 39.54 -34.92 -49.37
CA SER A 431 39.27 -35.72 -50.57
C SER A 431 39.00 -34.79 -51.74
N ASP A 432 38.99 -35.37 -52.93
CA ASP A 432 38.65 -34.63 -54.14
C ASP A 432 37.36 -35.15 -54.78
N LYS A 433 36.65 -36.05 -54.12
CA LYS A 433 35.40 -36.61 -54.59
C LYS A 433 34.26 -36.03 -53.77
N PRO A 434 33.13 -35.67 -54.39
CA PRO A 434 32.01 -35.09 -53.62
C PRO A 434 31.58 -36.00 -52.48
N LEU A 435 31.30 -35.39 -51.34
CA LEU A 435 30.94 -36.09 -50.11
C LEU A 435 29.43 -36.11 -49.95
N TYR A 436 28.92 -37.21 -49.42
CA TYR A 436 27.47 -37.41 -49.29
C TYR A 436 27.17 -37.97 -47.92
N GLY A 437 25.90 -37.96 -47.55
CA GLY A 437 25.45 -38.58 -46.33
C GLY A 437 26.05 -37.97 -45.07
N ASN A 438 26.21 -38.82 -44.06
CA ASN A 438 26.72 -38.42 -42.76
C ASN A 438 28.23 -38.61 -42.62
N ASP A 439 28.94 -38.82 -43.71
CA ASP A 439 30.39 -38.94 -43.63
C ASP A 439 31.06 -37.92 -44.53
N ARG A 440 30.59 -36.66 -44.47
CA ARG A 440 31.26 -35.55 -45.12
C ARG A 440 32.22 -34.82 -44.19
N PHE A 441 32.40 -35.32 -42.96
CA PHE A 441 33.10 -34.57 -41.92
C PHE A 441 33.89 -35.54 -41.05
N GLU A 442 34.77 -34.95 -40.23
CA GLU A 442 35.54 -35.68 -39.23
C GLU A 442 35.68 -34.78 -38.01
N GLY A 443 36.20 -35.35 -36.94
CA GLY A 443 36.51 -34.56 -35.76
C GLY A 443 36.26 -35.34 -34.49
N TYR A 444 36.49 -34.65 -33.37
CA TYR A 444 36.28 -35.26 -32.05
C TYR A 444 34.81 -35.59 -31.83
N CYS A 445 33.91 -34.69 -32.28
CA CYS A 445 32.48 -34.88 -32.04
C CYS A 445 31.97 -36.15 -32.72
N LEU A 446 32.38 -36.38 -33.97
CA LEU A 446 31.94 -37.58 -34.68
C LEU A 446 32.41 -38.84 -33.97
N ASP A 447 33.63 -38.82 -33.45
CA ASP A 447 34.08 -39.94 -32.61
C ASP A 447 33.16 -40.11 -31.42
N LEU A 448 32.97 -39.04 -30.63
CA LEU A 448 32.16 -39.16 -29.43
C LEU A 448 30.81 -39.79 -29.75
N LEU A 449 30.22 -39.38 -30.88
CA LEU A 449 29.00 -40.03 -31.35
C LEU A 449 29.22 -41.52 -31.63
N LYS A 450 30.33 -41.89 -32.27
CA LYS A 450 30.45 -43.29 -32.66
C LYS A 450 30.64 -44.20 -31.44
N GLU A 451 31.48 -43.81 -30.47
CA GLU A 451 31.58 -44.61 -29.25
C GLU A 451 30.28 -44.59 -28.44
N LEU A 452 29.59 -43.44 -28.35
CA LEU A 452 28.31 -43.45 -27.65
C LEU A 452 27.31 -44.39 -28.31
N SER A 453 27.29 -44.43 -29.65
CA SER A 453 26.39 -45.33 -30.35
C SER A 453 26.69 -46.79 -30.03
N ASN A 454 27.97 -47.15 -30.00
CA ASN A 454 28.34 -48.53 -29.69
C ASN A 454 27.92 -48.89 -28.27
N ILE A 455 28.29 -48.05 -27.29
CA ILE A 455 27.96 -48.37 -25.89
C ILE A 455 26.46 -48.31 -25.66
N LEU A 456 25.82 -47.24 -26.12
CA LEU A 456 24.37 -47.12 -26.01
C LEU A 456 23.80 -46.93 -27.41
N GLY A 457 23.03 -47.91 -27.87
CA GLY A 457 22.54 -47.88 -29.24
C GLY A 457 21.62 -46.69 -29.49
N PHE A 458 21.93 -45.92 -30.54
CA PHE A 458 21.04 -44.89 -31.04
C PHE A 458 21.49 -44.52 -32.45
N LEU A 459 20.55 -44.03 -33.26
CA LEU A 459 20.81 -43.61 -34.63
C LEU A 459 20.76 -42.09 -34.71
N TYR A 460 21.49 -41.53 -35.68
CA TYR A 460 21.58 -40.08 -35.81
C TYR A 460 22.04 -39.72 -37.21
N ASP A 461 21.76 -38.48 -37.60
CA ASP A 461 22.28 -37.90 -38.83
C ASP A 461 22.70 -36.47 -38.56
N VAL A 462 23.67 -35.99 -39.34
CA VAL A 462 24.30 -34.69 -39.10
C VAL A 462 23.50 -33.59 -39.80
N LYS A 463 23.27 -32.49 -39.10
CA LYS A 463 22.60 -31.32 -39.65
C LYS A 463 23.41 -30.08 -39.28
N LEU A 464 23.57 -29.18 -40.24
CA LEU A 464 24.33 -27.95 -40.01
C LEU A 464 23.43 -26.84 -39.49
N VAL A 465 24.02 -25.95 -38.69
CA VAL A 465 23.26 -24.84 -38.12
C VAL A 465 22.89 -23.85 -39.23
N PRO A 466 21.66 -23.35 -39.27
CA PRO A 466 21.31 -22.30 -40.25
C PRO A 466 21.64 -20.89 -39.79
N ASP A 467 21.86 -20.68 -38.49
CA ASP A 467 22.19 -19.35 -37.99
C ASP A 467 23.69 -19.07 -38.01
N GLY A 468 24.51 -20.08 -37.73
CA GLY A 468 25.95 -19.90 -37.78
C GLY A 468 26.56 -19.27 -36.55
N LYS A 469 26.10 -19.67 -35.36
CA LYS A 469 26.66 -19.13 -34.12
C LYS A 469 26.25 -20.04 -32.98
N TYR A 470 26.90 -19.84 -31.83
CA TYR A 470 26.59 -20.60 -30.62
C TYR A 470 25.29 -20.18 -29.96
N GLY A 471 24.94 -18.90 -30.02
CA GLY A 471 23.73 -18.40 -29.43
C GLY A 471 23.99 -17.33 -28.39
N ALA A 472 23.22 -16.25 -28.47
CA ALA A 472 23.34 -15.13 -27.55
C ALA A 472 22.07 -14.29 -27.62
N GLN A 473 21.89 -13.45 -26.60
CA GLN A 473 20.76 -12.54 -26.56
C GLN A 473 20.97 -11.34 -27.50
N ASN A 474 19.88 -10.62 -27.76
CA ASN A 474 19.91 -9.38 -28.53
C ASN A 474 19.21 -8.22 -27.83
N ASP A 475 19.05 -8.28 -26.51
CA ASP A 475 18.32 -7.33 -25.66
C ASP A 475 16.81 -7.39 -25.91
N LYS A 476 16.35 -8.21 -26.86
CA LYS A 476 14.92 -8.42 -27.10
C LYS A 476 14.37 -9.61 -26.32
N GLY A 477 15.22 -10.31 -25.56
CA GLY A 477 14.78 -11.44 -24.77
C GLY A 477 14.69 -12.75 -25.53
N GLU A 478 15.04 -12.79 -26.81
CA GLU A 478 15.08 -14.03 -27.56
C GLU A 478 16.51 -14.41 -27.90
N TRP A 479 16.80 -15.71 -27.78
CA TRP A 479 18.14 -16.24 -27.89
C TRP A 479 18.43 -16.54 -29.36
N ASN A 480 19.72 -16.72 -29.67
CA ASN A 480 20.09 -17.14 -31.02
C ASN A 480 20.80 -18.48 -30.99
N GLY A 481 21.39 -18.87 -32.12
CA GLY A 481 22.22 -20.05 -32.15
C GLY A 481 21.45 -21.33 -31.93
N MET A 482 22.18 -22.34 -31.44
CA MET A 482 21.61 -23.67 -31.24
C MET A 482 20.50 -23.67 -30.21
N VAL A 483 20.40 -22.61 -29.39
CA VAL A 483 19.42 -22.57 -28.31
C VAL A 483 18.00 -22.61 -28.87
N LYS A 484 17.76 -21.92 -29.98
CA LYS A 484 16.44 -21.95 -30.61
C LYS A 484 16.05 -23.36 -31.02
N GLU A 485 16.95 -24.07 -31.69
CA GLU A 485 16.64 -25.44 -32.09
C GLU A 485 16.46 -26.35 -30.88
N LEU A 486 17.23 -26.13 -29.81
CA LEU A 486 17.07 -26.98 -28.62
C LEU A 486 15.73 -26.72 -27.92
N ILE A 487 15.39 -25.46 -27.67
CA ILE A 487 14.18 -25.16 -26.92
C ILE A 487 12.93 -25.41 -27.76
N ASP A 488 12.98 -25.11 -29.06
CA ASP A 488 11.87 -25.43 -29.95
C ASP A 488 11.74 -26.92 -30.18
N HIS A 489 12.72 -27.71 -29.72
CA HIS A 489 12.68 -29.17 -29.78
C HIS A 489 12.60 -29.66 -31.22
N ARG A 490 13.36 -29.02 -32.11
CA ARG A 490 13.63 -29.58 -33.42
C ARG A 490 15.05 -30.12 -33.55
N ALA A 491 16.00 -29.64 -32.74
CA ALA A 491 17.27 -30.32 -32.54
C ALA A 491 17.25 -31.03 -31.19
N ASP A 492 17.55 -32.33 -31.21
CA ASP A 492 17.36 -33.17 -30.04
C ASP A 492 18.54 -33.14 -29.07
N LEU A 493 19.75 -32.80 -29.52
CA LEU A 493 20.90 -32.75 -28.62
C LEU A 493 22.08 -32.08 -29.32
N ALA A 494 22.97 -31.45 -28.55
CA ALA A 494 24.12 -30.74 -29.10
C ALA A 494 25.39 -31.34 -28.51
N VAL A 495 26.29 -31.77 -29.39
CA VAL A 495 27.54 -32.42 -28.97
C VAL A 495 28.73 -31.47 -29.02
N ALA A 496 28.52 -30.21 -29.39
CA ALA A 496 29.58 -29.22 -29.40
C ALA A 496 30.00 -28.89 -27.96
N PRO A 497 31.20 -28.31 -27.78
CA PRO A 497 31.52 -27.79 -26.44
C PRO A 497 30.76 -26.51 -26.15
N LEU A 498 29.74 -26.61 -25.31
CA LEU A 498 28.92 -25.46 -24.91
C LEU A 498 29.37 -24.99 -23.54
N THR A 499 29.72 -23.71 -23.44
CA THR A 499 30.17 -23.15 -22.17
C THR A 499 29.02 -23.11 -21.18
N ILE A 500 29.30 -23.51 -19.94
CA ILE A 500 28.29 -23.62 -18.89
C ILE A 500 28.43 -22.39 -17.98
N THR A 501 27.38 -21.58 -17.92
CA THR A 501 27.40 -20.34 -17.15
C THR A 501 25.99 -20.04 -16.67
N TYR A 502 25.89 -19.14 -15.68
CA TYR A 502 24.66 -18.97 -14.92
C TYR A 502 23.49 -18.54 -15.80
N VAL A 503 23.70 -17.54 -16.66
CA VAL A 503 22.56 -16.96 -17.39
C VAL A 503 21.95 -17.99 -18.35
N ARG A 504 22.75 -18.73 -19.10
CA ARG A 504 22.20 -19.73 -20.00
C ARG A 504 21.96 -21.06 -19.30
N GLU A 505 22.39 -21.18 -18.04
CA GLU A 505 22.06 -22.38 -17.26
C GLU A 505 20.54 -22.51 -17.07
N LYS A 506 19.86 -21.39 -16.83
CA LYS A 506 18.44 -21.41 -16.51
C LYS A 506 17.55 -21.74 -17.70
N VAL A 507 18.06 -21.60 -18.93
CA VAL A 507 17.23 -21.80 -20.11
C VAL A 507 17.51 -23.12 -20.82
N ILE A 508 18.55 -23.85 -20.45
CA ILE A 508 18.86 -25.11 -21.10
C ILE A 508 19.48 -26.05 -20.06
N ASP A 509 19.24 -27.35 -20.23
CA ASP A 509 19.70 -28.32 -19.24
C ASP A 509 21.10 -28.82 -19.57
N PHE A 510 21.83 -29.22 -18.53
CA PHE A 510 23.17 -29.76 -18.68
C PHE A 510 23.38 -30.88 -17.67
N SER A 511 24.37 -31.72 -17.94
CA SER A 511 24.71 -32.82 -17.04
C SER A 511 26.12 -33.30 -17.29
N LYS A 512 26.89 -33.43 -16.20
CA LYS A 512 28.23 -34.03 -16.15
C LYS A 512 29.13 -33.45 -17.24
N PRO A 513 29.60 -32.21 -17.08
CA PRO A 513 30.48 -31.60 -18.09
C PRO A 513 31.64 -32.53 -18.44
N PHE A 514 31.69 -32.93 -19.72
CA PHE A 514 32.67 -33.92 -20.16
C PHE A 514 34.10 -33.43 -20.03
N MET A 515 34.38 -32.16 -20.34
CA MET A 515 35.71 -31.60 -20.18
C MET A 515 35.61 -30.19 -19.64
N THR A 516 36.62 -29.80 -18.86
CA THR A 516 36.73 -28.45 -18.34
C THR A 516 38.10 -27.91 -18.75
N LEU A 517 38.11 -26.73 -19.37
CA LEU A 517 39.34 -26.20 -19.93
C LEU A 517 39.35 -24.69 -19.72
N GLY A 518 40.57 -24.13 -19.70
CA GLY A 518 40.75 -22.73 -19.40
C GLY A 518 40.68 -21.84 -20.63
N ILE A 519 40.96 -20.56 -20.39
CA ILE A 519 40.98 -19.54 -21.43
C ILE A 519 42.37 -18.89 -21.42
N SER A 520 42.97 -18.75 -22.61
CA SER A 520 44.30 -18.18 -22.74
C SER A 520 44.24 -16.97 -23.67
N ILE A 521 45.40 -16.34 -23.85
CA ILE A 521 45.56 -15.18 -24.73
C ILE A 521 46.54 -15.57 -25.82
N LEU A 522 46.17 -15.30 -27.08
CA LEU A 522 46.89 -15.84 -28.22
C LEU A 522 47.36 -14.72 -29.15
N TYR A 523 48.65 -14.72 -29.45
CA TYR A 523 49.24 -13.82 -30.45
C TYR A 523 50.46 -14.49 -31.06
N ARG A 524 50.72 -14.22 -32.33
CA ARG A 524 51.82 -14.81 -33.09
C ARG A 524 53.18 -14.51 -32.46
N LYS A 525 54.12 -15.44 -32.63
CA LYS A 525 55.45 -15.29 -32.04
C LYS A 525 56.13 -14.04 -32.58
N PRO A 526 56.73 -13.21 -31.72
CA PRO A 526 57.38 -11.97 -32.18
C PRO A 526 58.54 -12.21 -33.15
N ASN A 527 59.29 -13.28 -32.96
CA ASN A 527 60.44 -13.57 -33.82
C ASN A 527 60.19 -14.79 -34.71
N ILE A 627 79.10 15.61 -25.53
CA ILE A 627 77.80 16.28 -25.57
C ILE A 627 76.80 15.43 -26.33
N ILE A 628 77.17 15.05 -27.56
CA ILE A 628 76.31 14.18 -28.36
C ILE A 628 76.18 12.81 -27.70
N ILE A 629 77.30 12.29 -27.18
CA ILE A 629 77.26 10.98 -26.53
C ILE A 629 76.38 11.00 -25.29
N SER A 630 76.41 12.09 -24.53
CA SER A 630 75.57 12.18 -23.33
C SER A 630 74.09 12.14 -23.70
N SER A 631 73.70 12.92 -24.71
CA SER A 631 72.30 12.92 -25.15
C SER A 631 71.89 11.57 -25.68
N TYR A 632 72.76 10.93 -26.47
CA TYR A 632 72.46 9.61 -27.03
C TYR A 632 72.27 8.58 -25.91
N THR A 633 73.17 8.59 -24.93
CA THR A 633 73.07 7.63 -23.83
C THR A 633 71.83 7.87 -22.99
N ALA A 634 71.51 9.14 -22.71
CA ALA A 634 70.31 9.43 -21.93
C ALA A 634 69.05 9.01 -22.68
N ASN A 635 69.02 9.26 -24.00
CA ASN A 635 67.87 8.87 -24.80
C ASN A 635 67.69 7.36 -24.84
N LEU A 636 68.79 6.62 -25.00
CA LEU A 636 68.71 5.16 -25.00
C LEU A 636 68.27 4.64 -23.64
N ALA A 637 68.78 5.24 -22.56
CA ALA A 637 68.37 4.83 -21.23
C ALA A 637 66.88 5.08 -21.01
N ALA A 638 66.38 6.21 -21.50
CA ALA A 638 64.95 6.50 -21.38
C ALA A 638 64.11 5.51 -22.17
N PHE A 639 64.55 5.17 -23.39
CA PHE A 639 63.86 4.16 -24.17
C PHE A 639 63.81 2.84 -23.42
N LEU A 640 64.94 2.42 -22.87
CA LEU A 640 65.00 1.17 -22.10
C LEU A 640 64.08 1.23 -20.89
N THR A 641 64.06 2.37 -20.20
CA THR A 641 63.22 2.53 -19.03
C THR A 641 61.75 2.39 -19.38
N VAL A 642 61.29 3.08 -20.42
CA VAL A 642 59.88 3.03 -20.78
C VAL A 642 59.50 1.64 -21.30
N GLU A 643 60.40 1.01 -22.05
CA GLU A 643 60.06 -0.31 -22.59
C GLU A 643 60.03 -1.38 -21.51
N ARG A 644 60.82 -1.25 -20.44
CA ARG A 644 60.63 -2.16 -19.31
C ARG A 644 59.51 -1.71 -18.37
N MET A 645 59.06 -0.45 -18.48
CA MET A 645 57.77 -0.10 -17.89
C MET A 645 56.64 -0.86 -18.57
N GLU A 646 56.69 -0.97 -19.90
CA GLU A 646 55.60 -1.63 -20.62
C GLU A 646 55.77 -3.15 -20.64
N SER A 647 56.96 -3.63 -20.98
CA SER A 647 57.25 -5.05 -21.13
C SER A 647 57.83 -5.61 -19.84
N PRO A 648 57.80 -6.94 -19.67
CA PRO A 648 57.21 -7.99 -20.51
C PRO A 648 55.69 -8.09 -20.38
N ILE A 649 55.09 -8.96 -21.20
CA ILE A 649 53.65 -9.19 -21.19
C ILE A 649 53.40 -10.68 -20.99
N ASP A 650 52.64 -11.03 -19.95
CA ASP A 650 52.29 -12.41 -19.68
C ASP A 650 50.85 -12.55 -19.19
N SER A 651 50.09 -11.48 -19.28
CA SER A 651 48.70 -11.48 -18.84
C SER A 651 47.98 -10.31 -19.47
N ALA A 652 46.65 -10.36 -19.44
CA ALA A 652 45.85 -9.24 -19.90
C ALA A 652 46.07 -7.99 -19.06
N ASP A 653 46.53 -8.14 -17.81
CA ASP A 653 46.90 -6.99 -16.99
C ASP A 653 48.15 -6.29 -17.53
N ASP A 654 49.02 -6.99 -18.24
CA ASP A 654 50.13 -6.36 -18.93
C ASP A 654 49.70 -5.67 -20.21
N LEU A 655 48.53 -6.03 -20.75
CA LEU A 655 47.88 -5.26 -21.80
C LEU A 655 46.85 -4.29 -21.20
N ALA A 656 46.78 -4.24 -19.87
CA ALA A 656 46.03 -3.22 -19.17
C ALA A 656 46.93 -2.13 -18.62
N LYS A 657 48.24 -2.36 -18.55
CA LYS A 657 49.17 -1.29 -18.21
C LYS A 657 49.19 -0.20 -19.26
N GLN A 658 48.94 -0.56 -20.52
CA GLN A 658 48.87 0.39 -21.61
C GLN A 658 47.78 -0.07 -22.57
N THR A 659 47.27 0.89 -23.36
CA THR A 659 46.24 0.60 -24.34
C THR A 659 46.56 1.32 -25.64
N LYS A 660 47.30 0.64 -26.52
CA LYS A 660 47.49 1.09 -27.89
C LYS A 660 47.58 -0.13 -28.79
N ILE A 661 47.25 -1.29 -28.23
CA ILE A 661 47.22 -2.57 -28.94
C ILE A 661 45.78 -3.04 -29.00
N GLU A 662 45.31 -3.37 -30.20
CA GLU A 662 43.95 -3.86 -30.39
C GLU A 662 43.82 -5.27 -29.85
N TYR A 663 42.71 -5.53 -29.16
CA TYR A 663 42.44 -6.84 -28.59
C TYR A 663 40.95 -7.13 -28.63
N GLY A 664 40.62 -8.41 -28.75
CA GLY A 664 39.23 -8.82 -28.84
C GLY A 664 39.10 -10.32 -28.95
N ALA A 665 37.93 -10.74 -29.42
CA ALA A 665 37.61 -12.16 -29.56
C ALA A 665 36.69 -12.33 -30.76
N VAL A 666 36.04 -13.49 -30.86
CA VAL A 666 35.14 -13.83 -31.95
C VAL A 666 33.72 -13.57 -31.49
N ARG A 667 32.87 -13.11 -32.41
CA ARG A 667 31.48 -12.81 -32.05
C ARG A 667 30.76 -14.07 -31.60
N ASP A 668 29.75 -13.87 -30.75
CA ASP A 668 29.07 -14.95 -30.01
C ASP A 668 30.09 -15.81 -29.28
N GLY A 669 31.06 -15.15 -28.65
CA GLY A 669 32.08 -15.83 -27.88
C GLY A 669 31.73 -15.86 -26.40
N SER A 670 32.13 -16.96 -25.75
CA SER A 670 31.91 -17.09 -24.32
C SER A 670 32.74 -16.08 -23.54
N THR A 671 33.91 -15.73 -24.07
CA THR A 671 34.83 -14.85 -23.34
C THR A 671 34.20 -13.49 -23.07
N MET A 672 33.62 -12.86 -24.09
CA MET A 672 33.03 -11.55 -23.85
C MET A 672 31.76 -11.65 -23.02
N THR A 673 31.06 -12.78 -23.10
CA THR A 673 29.91 -12.98 -22.24
C THR A 673 30.33 -12.96 -20.77
N PHE A 674 31.41 -13.68 -20.44
CA PHE A 674 32.00 -13.56 -19.11
C PHE A 674 32.42 -12.14 -18.81
N PHE A 675 33.06 -11.48 -19.79
CA PHE A 675 33.63 -10.16 -19.55
C PHE A 675 32.53 -9.15 -19.21
N LYS A 676 31.47 -9.13 -20.02
CA LYS A 676 30.33 -8.23 -19.81
C LYS A 676 29.59 -8.57 -18.52
N LYS A 677 29.37 -9.86 -18.26
CA LYS A 677 28.63 -10.26 -17.07
C LYS A 677 29.49 -10.25 -15.81
N SER A 678 30.80 -10.02 -15.94
CA SER A 678 31.67 -9.89 -14.78
C SER A 678 31.58 -8.49 -14.19
N LYS A 679 31.76 -8.42 -12.87
CA LYS A 679 31.77 -7.16 -12.15
C LYS A 679 33.18 -6.66 -11.83
N ILE A 680 34.21 -7.34 -12.34
CA ILE A 680 35.58 -6.88 -12.13
C ILE A 680 35.88 -5.73 -13.08
N SER A 681 36.57 -4.72 -12.57
CA SER A 681 36.79 -3.49 -13.32
C SER A 681 37.66 -3.73 -14.57
N THR A 682 38.67 -4.59 -14.45
CA THR A 682 39.62 -4.77 -15.53
C THR A 682 38.95 -5.33 -16.79
N TYR A 683 38.23 -6.44 -16.66
CA TYR A 683 37.55 -7.01 -17.81
C TYR A 683 36.41 -6.14 -18.27
N GLU A 684 35.82 -5.33 -17.38
CA GLU A 684 34.85 -4.34 -17.83
C GLU A 684 35.48 -3.28 -18.71
N LYS A 685 36.73 -2.88 -18.43
CA LYS A 685 37.34 -1.87 -19.29
C LYS A 685 37.81 -2.48 -20.60
N MET A 686 38.24 -3.75 -20.61
CA MET A 686 38.44 -4.40 -21.91
C MET A 686 37.14 -4.48 -22.71
N TRP A 687 36.02 -4.75 -22.02
CA TRP A 687 34.72 -4.73 -22.67
C TRP A 687 34.40 -3.36 -23.25
N ALA A 688 34.70 -2.30 -22.49
CA ALA A 688 34.45 -0.95 -22.97
C ALA A 688 35.30 -0.64 -24.19
N PHE A 689 36.56 -1.08 -24.20
CA PHE A 689 37.41 -0.93 -25.38
C PHE A 689 36.83 -1.67 -26.58
N MET A 690 36.39 -2.91 -26.37
CA MET A 690 35.93 -3.73 -27.48
C MET A 690 34.63 -3.21 -28.07
N SER A 691 33.75 -2.66 -27.24
CA SER A 691 32.47 -2.15 -27.75
C SER A 691 32.68 -1.01 -28.74
N SER A 692 33.70 -0.19 -28.51
CA SER A 692 33.93 1.06 -29.23
C SER A 692 34.07 0.88 -30.74
N ARG A 693 34.12 2.00 -31.46
CA ARG A 693 34.17 2.07 -32.92
C ARG A 693 33.27 1.02 -33.59
N GLN A 694 32.01 0.95 -33.14
CA GLN A 694 30.98 0.06 -33.67
C GLN A 694 31.34 -1.41 -33.52
N GLN A 695 32.15 -1.75 -32.52
CA GLN A 695 32.55 -3.12 -32.25
C GLN A 695 33.26 -3.73 -33.47
N SER A 696 34.44 -3.21 -33.80
CA SER A 696 35.31 -3.82 -34.79
C SER A 696 36.29 -4.81 -34.14
N ALA A 697 36.14 -5.04 -32.84
CA ALA A 697 37.01 -5.96 -32.10
C ALA A 697 36.46 -7.38 -32.09
N LEU A 698 35.38 -7.62 -32.83
CA LEU A 698 34.85 -8.96 -33.01
C LEU A 698 34.97 -9.35 -34.48
N VAL A 699 35.10 -10.66 -34.71
CA VAL A 699 35.34 -11.20 -36.04
C VAL A 699 34.29 -12.26 -36.31
N LYS A 700 34.05 -12.49 -37.60
CA LYS A 700 32.99 -13.41 -38.01
C LYS A 700 33.30 -14.85 -37.62
N ASN A 701 34.58 -15.23 -37.62
CA ASN A 701 34.97 -16.58 -37.26
C ASN A 701 36.40 -16.53 -36.74
N SER A 702 36.79 -17.59 -36.00
CA SER A 702 38.14 -17.66 -35.46
C SER A 702 39.19 -17.65 -36.56
N ASP A 703 38.84 -18.11 -37.76
CA ASP A 703 39.79 -18.10 -38.86
C ASP A 703 40.19 -16.67 -39.24
N GLU A 704 39.22 -15.76 -39.31
CA GLU A 704 39.55 -14.37 -39.60
C GLU A 704 40.40 -13.78 -38.50
N GLY A 705 40.10 -14.12 -37.24
CA GLY A 705 40.91 -13.62 -36.14
C GLY A 705 42.35 -14.12 -36.20
N ILE A 706 42.56 -15.40 -36.49
CA ILE A 706 43.91 -15.95 -36.49
C ILE A 706 44.70 -15.41 -37.69
N GLN A 707 44.04 -15.23 -38.84
CA GLN A 707 44.76 -14.62 -39.96
C GLN A 707 45.04 -13.14 -39.72
N ARG A 708 44.17 -12.47 -38.95
CA ARG A 708 44.44 -11.08 -38.57
C ARG A 708 45.60 -10.98 -37.59
N VAL A 709 45.74 -11.98 -36.71
CA VAL A 709 46.81 -11.96 -35.73
C VAL A 709 48.18 -12.07 -36.41
N LEU A 710 48.26 -12.82 -37.51
CA LEU A 710 49.55 -13.10 -38.14
C LEU A 710 50.25 -11.82 -38.59
N THR A 711 49.49 -10.78 -38.93
CA THR A 711 50.06 -9.54 -39.44
C THR A 711 49.87 -8.39 -38.46
N THR A 712 48.63 -8.11 -38.06
CA THR A 712 48.37 -7.01 -37.15
C THR A 712 48.65 -7.42 -35.71
N ASP A 713 48.90 -6.42 -34.86
CA ASP A 713 49.14 -6.65 -33.44
C ASP A 713 47.79 -6.77 -32.75
N TYR A 714 47.13 -7.90 -32.97
CA TYR A 714 45.78 -8.15 -32.48
C TYR A 714 45.82 -9.25 -31.43
N ALA A 715 45.48 -8.90 -30.19
CA ALA A 715 45.45 -9.85 -29.09
C ALA A 715 44.10 -10.56 -29.07
N LEU A 716 44.08 -11.81 -29.48
CA LEU A 716 42.86 -12.57 -29.68
C LEU A 716 42.63 -13.53 -28.51
N LEU A 717 41.40 -13.55 -28.00
CA LEU A 717 41.03 -14.38 -26.86
C LEU A 717 40.18 -15.55 -27.34
N MET A 718 40.65 -16.77 -27.07
CA MET A 718 39.89 -17.98 -27.38
C MET A 718 40.12 -18.98 -26.26
N GLU A 719 39.51 -20.16 -26.42
CA GLU A 719 39.71 -21.24 -25.47
C GLU A 719 41.06 -21.91 -25.69
N SER A 720 41.47 -22.72 -24.72
CA SER A 720 42.84 -23.22 -24.69
C SER A 720 43.12 -24.22 -25.79
N THR A 721 42.22 -25.18 -26.01
CA THR A 721 42.54 -26.34 -26.86
C THR A 721 42.82 -25.93 -28.30
N SER A 722 42.07 -24.96 -28.83
CA SER A 722 42.35 -24.47 -30.18
C SER A 722 43.75 -23.86 -30.26
N ILE A 723 44.14 -23.10 -29.23
CA ILE A 723 45.47 -22.54 -29.18
C ILE A 723 46.52 -23.65 -29.17
N GLU A 724 46.31 -24.68 -28.36
CA GLU A 724 47.27 -25.77 -28.30
C GLU A 724 47.40 -26.45 -29.66
N TYR A 725 46.27 -26.70 -30.32
CA TYR A 725 46.32 -27.39 -31.61
C TYR A 725 47.02 -26.54 -32.66
N VAL A 726 46.72 -25.24 -32.71
CA VAL A 726 47.33 -24.41 -33.74
C VAL A 726 48.83 -24.25 -33.49
N THR A 727 49.24 -24.20 -32.22
CA THR A 727 50.67 -24.17 -31.92
C THR A 727 51.34 -25.48 -32.31
N GLN A 728 50.66 -26.62 -32.08
CA GLN A 728 51.24 -27.90 -32.47
C GLN A 728 51.39 -28.04 -33.98
N ARG A 729 50.66 -27.24 -34.76
CA ARG A 729 50.76 -27.24 -36.21
C ARG A 729 51.54 -26.06 -36.77
N ASN A 730 51.91 -25.07 -35.95
CA ASN A 730 52.64 -23.92 -36.44
C ASN A 730 53.59 -23.43 -35.36
N CYS A 731 54.88 -23.36 -35.69
CA CYS A 731 55.90 -22.88 -34.77
C CYS A 731 56.34 -21.46 -35.09
N ASN A 732 55.68 -20.80 -36.03
CA ASN A 732 55.82 -19.37 -36.22
C ASN A 732 55.00 -18.58 -35.23
N LEU A 733 54.17 -19.27 -34.44
CA LEU A 733 53.21 -18.67 -33.54
C LEU A 733 53.31 -19.32 -32.17
N THR A 734 53.34 -18.49 -31.12
CA THR A 734 53.46 -18.98 -29.75
C THR A 734 52.56 -18.16 -28.83
N GLN A 735 51.84 -18.85 -27.95
CA GLN A 735 50.85 -18.23 -27.08
C GLN A 735 51.48 -17.21 -26.13
N ILE A 736 50.64 -16.32 -25.61
CA ILE A 736 51.05 -15.27 -24.70
C ILE A 736 50.26 -15.41 -23.41
N GLY A 737 50.98 -15.63 -22.30
CA GLY A 737 50.34 -15.71 -21.01
C GLY A 737 49.66 -17.05 -20.77
N GLY A 738 49.44 -17.35 -19.49
CA GLY A 738 48.85 -18.61 -19.09
C GLY A 738 47.34 -18.65 -19.21
N LEU A 739 46.69 -19.20 -18.19
CA LEU A 739 45.24 -19.39 -18.18
C LEU A 739 44.61 -18.31 -17.31
N ILE A 740 43.81 -17.43 -17.94
CA ILE A 740 43.16 -16.35 -17.22
C ILE A 740 41.86 -16.78 -16.55
N ASP A 741 41.24 -17.86 -17.01
CA ASP A 741 39.98 -18.34 -16.46
C ASP A 741 39.66 -19.73 -16.95
N SER A 742 39.07 -20.56 -16.10
CA SER A 742 38.72 -21.93 -16.43
C SER A 742 37.22 -22.13 -16.32
N LYS A 743 36.62 -22.67 -17.38
CA LYS A 743 35.18 -22.88 -17.45
C LYS A 743 34.90 -24.27 -18.00
N GLY A 744 33.95 -24.96 -17.40
CA GLY A 744 33.61 -26.30 -17.84
C GLY A 744 32.74 -26.28 -19.08
N TYR A 745 32.95 -27.28 -19.94
CA TYR A 745 32.15 -27.45 -21.15
C TYR A 745 31.35 -28.74 -21.01
N GLY A 746 30.04 -28.65 -21.22
CA GLY A 746 29.19 -29.81 -21.08
C GLY A 746 28.47 -30.19 -22.36
N VAL A 747 27.63 -31.22 -22.29
CA VAL A 747 26.86 -31.68 -23.43
C VAL A 747 25.55 -30.91 -23.47
N GLY A 748 25.29 -30.23 -24.58
CA GLY A 748 24.03 -29.52 -24.74
C GLY A 748 22.86 -30.47 -24.74
N THR A 749 21.92 -30.25 -23.81
CA THR A 749 20.78 -31.13 -23.66
C THR A 749 19.52 -30.27 -23.53
N PRO A 750 18.47 -30.57 -24.30
CA PRO A 750 17.25 -29.78 -24.20
C PRO A 750 16.65 -29.84 -22.80
N ILE A 751 16.05 -28.72 -22.40
CA ILE A 751 15.40 -28.63 -21.10
C ILE A 751 14.09 -29.41 -21.17
N GLY A 752 13.91 -30.35 -20.26
CA GLY A 752 12.76 -31.24 -20.30
C GLY A 752 13.02 -32.57 -20.99
N SER A 753 14.22 -32.79 -21.53
CA SER A 753 14.52 -34.01 -22.27
C SER A 753 14.56 -35.21 -21.33
N PRO A 754 13.87 -36.30 -21.68
CA PRO A 754 13.92 -37.51 -20.85
C PRO A 754 15.18 -38.33 -21.11
N TYR A 755 16.03 -37.85 -22.03
CA TYR A 755 17.22 -38.58 -22.46
C TYR A 755 18.41 -38.35 -21.54
N ARG A 756 18.27 -37.51 -20.51
CA ARG A 756 19.41 -37.10 -19.71
C ARG A 756 20.05 -38.28 -18.99
N ASP A 757 19.23 -39.17 -18.42
CA ASP A 757 19.76 -40.29 -17.66
C ASP A 757 20.53 -41.26 -18.54
N LYS A 758 20.03 -41.50 -19.76
CA LYS A 758 20.70 -42.44 -20.66
C LYS A 758 22.09 -41.95 -21.05
N ILE A 759 22.18 -40.70 -21.52
CA ILE A 759 23.48 -40.15 -21.87
C ILE A 759 24.36 -40.02 -20.63
N THR A 760 23.75 -39.78 -19.47
CA THR A 760 24.52 -39.67 -18.23
C THR A 760 25.21 -40.99 -17.90
N ILE A 761 24.45 -42.09 -17.90
CA ILE A 761 25.07 -43.38 -17.60
C ILE A 761 26.06 -43.77 -18.70
N ALA A 762 25.79 -43.40 -19.95
CA ALA A 762 26.73 -43.69 -21.02
C ALA A 762 28.06 -43.00 -20.79
N ILE A 763 28.04 -41.70 -20.51
CA ILE A 763 29.29 -40.96 -20.32
C ILE A 763 29.95 -41.34 -18.99
N LEU A 764 29.15 -41.83 -18.03
CA LEU A 764 29.76 -42.45 -16.86
C LEU A 764 30.58 -43.68 -17.25
N GLN A 765 30.04 -44.50 -18.16
CA GLN A 765 30.81 -45.62 -18.68
C GLN A 765 32.09 -45.13 -19.37
N LEU A 766 31.96 -44.08 -20.17
CA LEU A 766 33.13 -43.52 -20.85
C LEU A 766 34.19 -43.04 -19.85
N GLN A 767 33.77 -42.34 -18.80
CA GLN A 767 34.74 -41.77 -17.87
C GLN A 767 35.38 -42.85 -17.01
N GLU A 768 34.62 -43.90 -16.65
CA GLU A 768 35.24 -44.98 -15.88
C GLU A 768 36.19 -45.80 -16.74
N GLU A 769 35.91 -45.93 -18.04
CA GLU A 769 36.85 -46.61 -18.93
C GLU A 769 37.92 -45.68 -19.46
N GLY A 770 37.68 -44.37 -19.47
CA GLY A 770 38.69 -43.40 -19.85
C GLY A 770 39.12 -43.42 -21.30
N LYS A 771 38.19 -43.69 -22.22
CA LYS A 771 38.52 -43.60 -23.64
C LYS A 771 38.76 -42.16 -24.07
N LEU A 772 38.15 -41.20 -23.34
CA LEU A 772 38.33 -39.79 -23.67
C LEU A 772 39.80 -39.40 -23.66
N HIS A 773 40.62 -40.06 -22.82
CA HIS A 773 42.05 -39.79 -22.84
C HIS A 773 42.66 -40.15 -24.19
N MET A 774 42.29 -41.30 -24.74
CA MET A 774 42.83 -41.69 -26.05
C MET A 774 42.30 -40.79 -27.17
N MET A 775 41.01 -40.41 -27.12
CA MET A 775 40.55 -39.44 -28.12
C MET A 775 41.29 -38.11 -28.00
N LYS A 776 41.55 -37.66 -26.77
CA LYS A 776 42.31 -36.43 -26.57
C LYS A 776 43.72 -36.55 -27.13
N GLU A 777 44.34 -37.71 -26.93
CA GLU A 777 45.70 -37.90 -27.44
C GLU A 777 45.72 -38.00 -28.96
N LYS A 778 44.65 -38.53 -29.57
CA LYS A 778 44.70 -38.86 -31.00
C LYS A 778 44.73 -37.61 -31.87
N TRP A 779 43.95 -36.58 -31.53
CA TRP A 779 43.84 -35.41 -32.39
C TRP A 779 44.68 -34.23 -31.92
N TRP A 780 44.82 -34.05 -30.60
CA TRP A 780 45.71 -33.03 -30.07
C TRP A 780 47.17 -33.47 -30.01
N ARG A 781 47.54 -34.53 -30.75
CA ARG A 781 48.95 -34.85 -30.92
C ARG A 781 49.65 -33.79 -31.75
N GLY A 782 50.91 -33.52 -31.40
CA GLY A 782 51.72 -32.61 -32.17
C GLY A 782 53.15 -33.12 -32.35
N ASN A 783 54.06 -32.23 -32.76
CA ASN A 783 55.47 -32.59 -32.85
C ASN A 783 56.33 -31.58 -32.10
N GLY A 784 55.73 -30.80 -31.21
CA GLY A 784 56.46 -29.79 -30.48
C GLY A 784 56.90 -28.66 -31.41
N CYS A 785 57.82 -27.85 -30.89
CA CYS A 785 58.37 -26.73 -31.65
C CYS A 785 59.81 -26.51 -31.19
N PRO A 786 60.73 -26.27 -32.12
CA PRO A 786 62.16 -26.07 -31.79
C PRO A 786 62.43 -24.69 -31.21
N GLN B 1 -64.37 -11.12 -38.84
CA GLN B 1 -63.35 -12.02 -38.32
C GLN B 1 -63.05 -11.75 -36.85
N VAL B 2 -63.20 -12.79 -36.03
CA VAL B 2 -62.83 -12.74 -34.63
C VAL B 2 -61.71 -13.76 -34.40
N LEU B 3 -60.66 -13.33 -33.72
CA LEU B 3 -59.44 -14.13 -33.58
C LEU B 3 -59.44 -14.85 -32.25
N ARG B 4 -59.20 -16.15 -32.28
CA ARG B 4 -59.12 -16.99 -31.10
C ARG B 4 -57.65 -17.26 -30.78
N ILE B 5 -57.23 -16.86 -29.59
CA ILE B 5 -55.86 -17.10 -29.12
C ILE B 5 -55.95 -17.70 -27.72
N GLY B 6 -54.94 -18.49 -27.39
CA GLY B 6 -54.92 -19.18 -26.11
C GLY B 6 -53.53 -19.13 -25.49
N GLY B 7 -53.52 -19.14 -24.16
CA GLY B 7 -52.27 -19.16 -23.42
C GLY B 7 -52.30 -20.10 -22.25
N ILE B 8 -51.37 -21.04 -22.20
CA ILE B 8 -51.21 -21.94 -21.06
C ILE B 8 -50.16 -21.35 -20.13
N PHE B 9 -50.61 -20.89 -18.96
CA PHE B 9 -49.74 -20.21 -18.00
C PHE B 9 -49.69 -21.01 -16.71
N GLU B 10 -48.57 -21.67 -16.47
CA GLU B 10 -48.30 -22.26 -15.17
C GLU B 10 -47.81 -21.17 -14.23
N THR B 11 -48.42 -21.08 -13.06
CA THR B 11 -48.08 -20.03 -12.10
C THR B 11 -48.44 -20.50 -10.70
N VAL B 12 -47.83 -19.87 -9.71
CA VAL B 12 -48.15 -20.17 -8.32
C VAL B 12 -49.57 -19.66 -8.02
N GLU B 13 -50.39 -20.54 -7.45
CA GLU B 13 -51.77 -20.19 -7.14
C GLU B 13 -52.03 -20.07 -5.65
N ASN B 14 -51.08 -20.46 -4.81
CA ASN B 14 -51.12 -20.14 -3.39
C ASN B 14 -50.51 -18.78 -3.10
N GLU B 15 -50.00 -18.11 -4.11
CA GLU B 15 -49.41 -16.78 -4.05
C GLU B 15 -49.97 -15.95 -5.18
N PRO B 16 -49.84 -14.62 -5.13
CA PRO B 16 -50.38 -13.79 -6.22
C PRO B 16 -49.81 -14.18 -7.57
N VAL B 17 -50.66 -14.10 -8.60
CA VAL B 17 -50.30 -14.56 -9.93
C VAL B 17 -49.20 -13.71 -10.52
N ASN B 18 -48.38 -14.31 -11.39
CA ASN B 18 -47.31 -13.59 -12.05
C ASN B 18 -47.89 -12.56 -13.02
N VAL B 19 -47.06 -11.56 -13.35
CA VAL B 19 -47.53 -10.39 -14.10
C VAL B 19 -47.77 -10.66 -15.58
N GLU B 20 -47.29 -11.79 -16.11
CA GLU B 20 -47.39 -12.02 -17.55
C GLU B 20 -48.84 -12.16 -17.99
N GLU B 21 -49.68 -12.82 -17.18
CA GLU B 21 -51.08 -13.01 -17.56
C GLU B 21 -51.82 -11.69 -17.60
N LEU B 22 -51.62 -10.83 -16.60
CA LEU B 22 -52.21 -9.50 -16.63
C LEU B 22 -51.67 -8.69 -17.80
N ALA B 23 -50.38 -8.87 -18.11
CA ALA B 23 -49.82 -8.21 -19.29
C ALA B 23 -50.54 -8.63 -20.56
N PHE B 24 -50.80 -9.92 -20.71
CA PHE B 24 -51.53 -10.43 -21.88
C PHE B 24 -52.93 -9.83 -21.93
N LYS B 25 -53.64 -9.83 -20.81
CA LYS B 25 -54.97 -9.25 -20.78
C LYS B 25 -54.95 -7.77 -21.14
N PHE B 26 -53.96 -7.05 -20.63
CA PHE B 26 -53.89 -5.61 -20.85
C PHE B 26 -53.58 -5.30 -22.30
N ALA B 27 -52.70 -6.10 -22.91
CA ALA B 27 -52.44 -5.95 -24.34
C ALA B 27 -53.69 -6.23 -25.16
N VAL B 28 -54.44 -7.27 -24.79
CA VAL B 28 -55.69 -7.57 -25.51
C VAL B 28 -56.67 -6.41 -25.37
N THR B 29 -56.78 -5.85 -24.17
CA THR B 29 -57.68 -4.72 -23.95
C THR B 29 -57.26 -3.50 -24.76
N SER B 30 -55.95 -3.23 -24.81
CA SER B 30 -55.47 -2.11 -25.60
C SER B 30 -55.76 -2.30 -27.08
N ILE B 31 -55.58 -3.53 -27.57
CA ILE B 31 -55.90 -3.81 -28.97
C ILE B 31 -57.39 -3.63 -29.24
N ASN B 32 -58.23 -4.11 -28.31
CA ASN B 32 -59.67 -3.99 -28.49
C ASN B 32 -60.13 -2.53 -28.45
N ARG B 33 -59.46 -1.70 -27.66
CA ARG B 33 -59.84 -0.30 -27.55
C ARG B 33 -59.48 0.49 -28.80
N ASN B 34 -58.43 0.10 -29.52
CA ASN B 34 -57.98 0.79 -30.71
C ASN B 34 -58.63 0.19 -31.95
N ARG B 35 -59.51 0.95 -32.59
CA ARG B 35 -60.03 0.61 -33.91
C ARG B 35 -59.40 1.49 -34.98
N THR B 36 -58.36 2.23 -34.61
CA THR B 36 -57.49 2.84 -35.62
C THR B 36 -56.78 1.78 -36.43
N LEU B 37 -56.64 0.58 -35.88
CA LEU B 37 -56.20 -0.61 -36.60
C LEU B 37 -57.40 -1.26 -37.27
N MET B 38 -57.18 -2.47 -37.80
CA MET B 38 -58.16 -3.22 -38.58
C MET B 38 -59.49 -3.28 -37.84
N PRO B 39 -60.53 -2.61 -38.33
CA PRO B 39 -61.81 -2.54 -37.59
C PRO B 39 -62.69 -3.77 -37.70
N ASN B 40 -62.37 -4.74 -38.56
CA ASN B 40 -63.16 -5.96 -38.66
C ASN B 40 -62.52 -7.15 -37.97
N THR B 41 -61.49 -6.93 -37.16
CA THR B 41 -60.80 -7.99 -36.43
C THR B 41 -60.89 -7.69 -34.94
N THR B 42 -61.55 -8.58 -34.19
CA THR B 42 -61.68 -8.45 -32.74
C THR B 42 -60.97 -9.61 -32.07
N LEU B 43 -60.13 -9.30 -31.09
CA LEU B 43 -59.32 -10.31 -30.42
C LEU B 43 -60.05 -10.86 -29.21
N THR B 44 -60.11 -12.18 -29.11
CA THR B 44 -60.67 -12.88 -27.96
C THR B 44 -59.67 -13.94 -27.51
N TYR B 45 -59.65 -14.22 -26.20
CA TYR B 45 -58.64 -15.08 -25.64
C TYR B 45 -59.24 -15.93 -24.53
N ASP B 46 -58.57 -17.06 -24.27
CA ASP B 46 -58.88 -17.92 -23.14
C ASP B 46 -57.63 -18.08 -22.29
N ILE B 47 -57.81 -18.01 -20.97
CA ILE B 47 -56.72 -18.12 -20.01
C ILE B 47 -56.89 -19.43 -19.25
N GLN B 48 -55.90 -20.31 -19.38
CA GLN B 48 -55.89 -21.59 -18.70
C GLN B 48 -54.73 -21.58 -17.70
N ARG B 49 -55.05 -21.87 -16.44
CA ARG B 49 -54.11 -21.72 -15.35
C ARG B 49 -53.96 -23.03 -14.59
N ILE B 50 -52.80 -23.17 -13.92
CA ILE B 50 -52.50 -24.35 -13.14
C ILE B 50 -51.39 -23.99 -12.16
N ASN B 51 -51.38 -24.66 -11.01
CA ASN B 51 -50.36 -24.41 -10.00
C ASN B 51 -49.02 -24.98 -10.46
N LEU B 52 -47.96 -24.58 -9.75
CA LEU B 52 -46.62 -25.02 -10.10
C LEU B 52 -46.50 -26.54 -9.94
N PHE B 53 -46.30 -27.23 -11.06
CA PHE B 53 -46.15 -28.68 -11.06
C PHE B 53 -45.20 -29.09 -12.17
N ASP B 54 -44.56 -30.24 -11.98
CA ASP B 54 -43.56 -30.73 -12.91
C ASP B 54 -43.96 -32.04 -13.58
N SER B 55 -45.25 -32.30 -13.74
CA SER B 55 -45.73 -33.60 -14.18
C SER B 55 -46.63 -33.49 -15.41
N PHE B 56 -47.24 -34.64 -15.73
CA PHE B 56 -48.10 -34.85 -16.89
C PHE B 56 -49.38 -34.02 -16.79
N GLU B 57 -50.23 -34.11 -17.82
CA GLU B 57 -51.55 -33.49 -17.94
C GLU B 57 -51.43 -32.05 -18.45
N ALA B 58 -50.20 -31.59 -18.69
CA ALA B 58 -50.04 -30.43 -19.57
C ALA B 58 -50.48 -30.76 -20.98
N SER B 59 -50.18 -31.98 -21.44
CA SER B 59 -50.66 -32.43 -22.75
C SER B 59 -52.19 -32.48 -22.79
N ARG B 60 -52.84 -32.78 -21.65
CA ARG B 60 -54.29 -32.72 -21.60
C ARG B 60 -54.80 -31.30 -21.80
N ARG B 61 -54.13 -30.31 -21.19
CA ARG B 61 -54.47 -28.92 -21.46
C ARG B 61 -54.31 -28.60 -22.94
N ALA B 62 -53.22 -29.08 -23.54
CA ALA B 62 -53.00 -28.86 -24.97
C ALA B 62 -54.11 -29.48 -25.79
N CYS B 63 -54.54 -30.68 -25.43
CA CYS B 63 -55.66 -31.33 -26.13
C CYS B 63 -56.93 -30.51 -25.99
N ASP B 64 -57.20 -29.98 -24.80
CA ASP B 64 -58.40 -29.18 -24.59
C ASP B 64 -58.39 -27.93 -25.46
N GLN B 65 -57.26 -27.20 -25.47
CA GLN B 65 -57.18 -25.99 -26.29
C GLN B 65 -57.26 -26.33 -27.78
N LEU B 66 -56.64 -27.44 -28.19
CA LEU B 66 -56.71 -27.85 -29.59
C LEU B 66 -58.14 -28.17 -30.00
N ALA B 67 -58.87 -28.88 -29.14
CA ALA B 67 -60.27 -29.16 -29.43
C ALA B 67 -61.09 -27.87 -29.49
N LEU B 68 -60.83 -26.94 -28.58
CA LEU B 68 -61.53 -25.66 -28.62
C LEU B 68 -61.16 -24.87 -29.87
N GLY B 69 -59.87 -24.72 -30.13
CA GLY B 69 -59.42 -24.07 -31.36
C GLY B 69 -58.97 -22.63 -31.19
N VAL B 70 -57.66 -22.41 -31.28
CA VAL B 70 -57.07 -21.08 -31.23
C VAL B 70 -56.04 -20.97 -32.35
N ALA B 71 -55.39 -19.82 -32.42
CA ALA B 71 -54.38 -19.57 -33.44
C ALA B 71 -52.96 -19.91 -32.99
N ALA B 72 -52.70 -19.91 -31.68
CA ALA B 72 -51.38 -20.21 -31.15
C ALA B 72 -51.52 -20.39 -29.64
N LEU B 73 -50.45 -20.87 -29.02
CA LEU B 73 -50.40 -21.11 -27.58
C LEU B 73 -49.28 -20.30 -26.96
N PHE B 74 -49.55 -19.76 -25.77
CA PHE B 74 -48.56 -19.02 -24.99
C PHE B 74 -48.20 -19.82 -23.75
N GLY B 75 -46.91 -19.82 -23.41
CA GLY B 75 -46.43 -20.60 -22.29
C GLY B 75 -46.27 -22.06 -22.63
N PRO B 76 -46.04 -22.91 -21.62
CA PRO B 76 -45.95 -22.59 -20.19
C PRO B 76 -44.62 -21.92 -19.81
N SER B 77 -44.54 -21.40 -18.58
CA SER B 77 -43.35 -20.71 -18.14
C SER B 77 -42.14 -21.64 -18.09
N HIS B 78 -42.30 -22.84 -17.56
CA HIS B 78 -41.20 -23.78 -17.39
C HIS B 78 -41.02 -24.62 -18.65
N SER B 79 -39.75 -24.87 -19.00
CA SER B 79 -39.43 -25.57 -20.24
C SER B 79 -39.72 -27.06 -20.17
N SER B 80 -39.97 -27.61 -18.97
CA SER B 80 -40.22 -29.04 -18.85
C SER B 80 -41.46 -29.45 -19.63
N SER B 81 -42.57 -28.75 -19.42
CA SER B 81 -43.79 -29.02 -20.19
C SER B 81 -43.72 -28.46 -21.60
N VAL B 82 -42.78 -27.53 -21.86
CA VAL B 82 -42.65 -26.94 -23.19
C VAL B 82 -42.28 -28.00 -24.21
N SER B 83 -41.51 -29.02 -23.82
CA SER B 83 -41.17 -30.09 -24.74
C SER B 83 -42.41 -30.83 -25.21
N ALA B 84 -43.30 -31.19 -24.28
CA ALA B 84 -44.55 -31.82 -24.68
C ALA B 84 -45.40 -30.88 -25.53
N VAL B 85 -45.47 -29.61 -25.12
CA VAL B 85 -46.31 -28.66 -25.87
C VAL B 85 -45.83 -28.54 -27.31
N GLN B 86 -44.51 -28.46 -27.51
CA GLN B 86 -44.00 -28.37 -28.87
C GLN B 86 -44.18 -29.69 -29.61
N SER B 87 -44.12 -30.81 -28.90
CA SER B 87 -44.40 -32.10 -29.53
C SER B 87 -45.79 -32.11 -30.16
N ILE B 88 -46.81 -31.73 -29.38
CA ILE B 88 -48.16 -31.67 -29.95
C ILE B 88 -48.25 -30.60 -31.05
N CYS B 89 -47.66 -29.41 -30.84
CA CYS B 89 -47.89 -28.35 -31.81
C CYS B 89 -47.30 -28.70 -33.16
N ASN B 90 -46.06 -29.21 -33.20
CA ASN B 90 -45.47 -29.57 -34.48
C ASN B 90 -45.95 -30.94 -34.96
N ALA B 91 -46.64 -31.71 -34.11
CA ALA B 91 -47.31 -32.91 -34.61
C ALA B 91 -48.27 -32.56 -35.73
N LEU B 92 -49.04 -31.49 -35.56
CA LEU B 92 -49.86 -30.93 -36.63
C LEU B 92 -49.31 -29.61 -37.16
N GLU B 93 -48.03 -29.33 -36.90
CA GLU B 93 -47.30 -28.17 -37.41
C GLU B 93 -48.10 -26.86 -37.29
N VAL B 94 -48.32 -26.46 -36.04
CA VAL B 94 -48.89 -25.15 -35.74
C VAL B 94 -47.86 -24.34 -34.96
N PRO B 95 -47.65 -23.07 -35.27
CA PRO B 95 -46.71 -22.24 -34.52
C PRO B 95 -47.06 -22.18 -33.04
N HIS B 96 -46.03 -22.16 -32.20
CA HIS B 96 -46.17 -21.88 -30.77
C HIS B 96 -45.12 -20.86 -30.37
N ILE B 97 -45.49 -19.97 -29.45
CA ILE B 97 -44.61 -18.89 -28.99
C ILE B 97 -44.13 -19.20 -27.58
N GLN B 98 -42.82 -19.19 -27.40
CA GLN B 98 -42.19 -19.45 -26.10
C GLN B 98 -41.90 -18.14 -25.39
N THR B 99 -41.93 -18.18 -24.06
CA THR B 99 -41.78 -16.99 -23.25
C THR B 99 -40.33 -16.65 -22.94
N ARG B 100 -39.50 -17.65 -22.66
CA ARG B 100 -38.12 -17.41 -22.27
C ARG B 100 -37.26 -18.58 -22.75
N TRP B 101 -36.05 -18.70 -22.20
CA TRP B 101 -35.06 -19.62 -22.73
C TRP B 101 -35.50 -21.07 -22.64
N LYS B 102 -35.26 -21.80 -23.72
CA LYS B 102 -35.47 -23.24 -23.81
C LYS B 102 -34.22 -23.85 -24.41
N HIS B 103 -33.85 -25.05 -23.95
CA HIS B 103 -32.66 -25.70 -24.47
C HIS B 103 -32.85 -26.00 -25.95
N PRO B 104 -31.92 -25.59 -26.82
CA PRO B 104 -32.12 -25.79 -28.25
C PRO B 104 -32.14 -27.26 -28.61
N SER B 105 -32.87 -27.57 -29.67
CA SER B 105 -32.79 -28.90 -30.27
C SER B 105 -31.46 -29.00 -31.00
N VAL B 106 -30.53 -29.78 -30.44
CA VAL B 106 -29.14 -29.75 -30.87
C VAL B 106 -28.81 -31.00 -31.66
N ASP B 107 -29.84 -31.78 -32.00
CA ASP B 107 -29.67 -32.98 -32.79
C ASP B 107 -30.60 -33.01 -34.00
N SER B 108 -31.80 -32.46 -33.89
CA SER B 108 -32.73 -32.33 -35.01
C SER B 108 -33.20 -30.88 -35.04
N ARG B 109 -33.80 -30.50 -36.17
CA ARG B 109 -34.07 -29.10 -36.46
C ARG B 109 -35.55 -28.79 -36.34
N ASP B 110 -35.85 -27.63 -35.76
CA ASP B 110 -37.20 -27.11 -35.67
C ASP B 110 -37.22 -25.70 -36.26
N LEU B 111 -38.21 -25.44 -37.11
CA LEU B 111 -38.44 -24.11 -37.65
C LEU B 111 -39.50 -23.36 -36.85
N PHE B 112 -40.05 -23.97 -35.81
CA PHE B 112 -41.23 -23.47 -35.11
C PHE B 112 -40.85 -22.81 -33.79
N TYR B 113 -39.59 -22.39 -33.67
CA TYR B 113 -39.01 -22.00 -32.39
C TYR B 113 -39.04 -20.47 -32.31
N ILE B 114 -39.98 -19.93 -31.56
CA ILE B 114 -40.15 -18.49 -31.40
C ILE B 114 -39.83 -18.17 -29.95
N ASN B 115 -38.58 -17.80 -29.67
CA ASN B 115 -38.15 -17.38 -28.34
C ASN B 115 -37.70 -15.93 -28.45
N LEU B 116 -38.32 -15.06 -27.66
CA LEU B 116 -38.06 -13.63 -27.74
C LEU B 116 -37.07 -13.14 -26.70
N TYR B 117 -36.41 -14.06 -25.98
CA TYR B 117 -35.35 -14.01 -24.99
C TYR B 117 -34.00 -13.75 -25.68
N PRO B 118 -33.19 -12.85 -25.11
CA PRO B 118 -31.88 -12.57 -25.70
C PRO B 118 -30.98 -13.80 -25.72
N ASP B 119 -30.15 -13.89 -26.75
CA ASP B 119 -29.29 -15.05 -26.94
C ASP B 119 -28.15 -15.05 -25.93
N TYR B 120 -27.74 -16.24 -25.51
CA TYR B 120 -26.58 -16.36 -24.64
C TYR B 120 -25.33 -15.80 -25.31
N ALA B 121 -25.17 -16.08 -26.60
CA ALA B 121 -24.00 -15.60 -27.34
C ALA B 121 -23.93 -14.08 -27.35
N ALA B 122 -25.08 -13.41 -27.51
CA ALA B 122 -25.09 -11.96 -27.57
C ALA B 122 -24.59 -11.34 -26.26
N ILE B 123 -25.15 -11.77 -25.13
CA ILE B 123 -24.73 -11.22 -23.84
C ILE B 123 -23.30 -11.62 -23.52
N SER B 124 -22.88 -12.82 -23.92
CA SER B 124 -21.50 -13.24 -23.69
C SER B 124 -20.52 -12.38 -24.47
N ARG B 125 -20.81 -12.10 -25.74
CA ARG B 125 -19.95 -11.19 -26.48
C ARG B 125 -19.99 -9.79 -25.91
N ALA B 126 -21.15 -9.35 -25.41
CA ALA B 126 -21.23 -8.03 -24.79
C ALA B 126 -20.31 -7.96 -23.57
N VAL B 127 -20.32 -9.00 -22.72
CA VAL B 127 -19.50 -8.96 -21.52
C VAL B 127 -18.01 -9.08 -21.88
N LEU B 128 -17.68 -9.90 -22.90
CA LEU B 128 -16.27 -9.95 -23.29
C LEU B 128 -15.81 -8.60 -23.81
N ASP B 129 -16.66 -7.94 -24.62
CA ASP B 129 -16.35 -6.59 -25.08
C ASP B 129 -16.09 -5.65 -23.92
N LEU B 130 -16.98 -5.65 -22.92
CA LEU B 130 -16.82 -4.74 -21.80
C LEU B 130 -15.55 -5.04 -21.01
N VAL B 131 -15.28 -6.31 -20.72
CA VAL B 131 -14.12 -6.65 -19.90
C VAL B 131 -12.83 -6.34 -20.62
N LEU B 132 -12.79 -6.56 -21.95
CA LEU B 132 -11.59 -6.19 -22.68
C LEU B 132 -11.46 -4.68 -22.84
N TYR B 133 -12.59 -3.97 -22.93
CA TYR B 133 -12.52 -2.52 -23.09
C TYR B 133 -11.99 -1.85 -21.83
N TYR B 134 -12.39 -2.33 -20.66
CA TYR B 134 -11.85 -1.74 -19.44
C TYR B 134 -10.53 -2.38 -19.00
N ASN B 135 -10.06 -3.40 -19.71
CA ASN B 135 -8.66 -3.82 -19.68
C ASN B 135 -8.18 -4.34 -18.34
N TRP B 136 -9.04 -4.89 -17.47
CA TRP B 136 -8.50 -5.50 -16.26
C TRP B 136 -7.89 -6.84 -16.65
N LYS B 137 -6.67 -7.09 -16.20
CA LYS B 137 -5.96 -8.31 -16.54
C LYS B 137 -6.02 -9.36 -15.43
N THR B 138 -6.73 -9.06 -14.34
CA THR B 138 -6.84 -9.96 -13.20
C THR B 138 -8.28 -9.93 -12.72
N VAL B 139 -9.02 -11.02 -12.95
CA VAL B 139 -10.48 -11.01 -12.75
C VAL B 139 -10.91 -12.37 -12.20
N THR B 140 -12.01 -12.36 -11.45
CA THR B 140 -12.65 -13.58 -10.99
C THR B 140 -14.12 -13.54 -11.40
N VAL B 141 -14.73 -14.71 -11.53
CA VAL B 141 -16.13 -14.84 -11.90
C VAL B 141 -16.80 -15.82 -10.94
N VAL B 142 -18.01 -15.49 -10.50
CA VAL B 142 -18.79 -16.34 -9.61
C VAL B 142 -20.08 -16.71 -10.32
N TYR B 143 -20.42 -17.99 -10.28
CA TYR B 143 -21.53 -18.53 -11.04
C TYR B 143 -22.31 -19.55 -10.21
N GLU B 144 -23.61 -19.63 -10.48
CA GLU B 144 -24.51 -20.41 -9.65
C GLU B 144 -24.19 -21.89 -9.67
N ASP B 145 -23.99 -22.45 -10.86
CA ASP B 145 -23.82 -23.89 -11.02
C ASP B 145 -23.22 -24.16 -12.39
N SER B 146 -23.08 -25.44 -12.72
CA SER B 146 -22.65 -25.82 -14.07
C SER B 146 -23.62 -25.30 -15.11
N THR B 147 -24.92 -25.26 -14.78
CA THR B 147 -25.89 -24.61 -15.66
C THR B 147 -25.53 -23.15 -15.88
N GLY B 148 -24.94 -22.50 -14.88
CA GLY B 148 -24.53 -21.12 -15.04
C GLY B 148 -23.47 -20.93 -16.10
N LEU B 149 -22.50 -21.84 -16.14
CA LEU B 149 -21.29 -21.65 -16.94
C LEU B 149 -21.60 -21.64 -18.45
N ILE B 150 -22.77 -22.11 -18.86
CA ILE B 150 -23.04 -22.26 -20.29
C ILE B 150 -23.13 -20.90 -20.98
N ARG B 151 -23.60 -19.87 -20.26
CA ARG B 151 -23.66 -18.54 -20.87
C ARG B 151 -22.28 -17.95 -21.08
N LEU B 152 -21.32 -18.23 -20.20
CA LEU B 152 -19.99 -17.63 -20.26
C LEU B 152 -18.91 -18.66 -20.59
N GLN B 153 -19.30 -19.74 -21.28
CA GLN B 153 -18.33 -20.67 -21.88
C GLN B 153 -17.10 -19.96 -22.44
N GLU B 154 -17.30 -19.07 -23.42
CA GLU B 154 -16.17 -18.44 -24.08
C GLU B 154 -15.42 -17.47 -23.17
N LEU B 155 -15.99 -17.07 -22.05
CA LEU B 155 -15.25 -16.22 -21.12
C LEU B 155 -13.99 -16.90 -20.60
N ILE B 156 -14.07 -18.18 -20.24
CA ILE B 156 -12.87 -18.90 -19.84
C ILE B 156 -12.02 -19.28 -21.05
N LYS B 157 -12.60 -19.29 -22.25
CA LYS B 157 -11.84 -19.57 -23.46
C LYS B 157 -11.00 -18.36 -23.89
N ALA B 158 -11.43 -17.16 -23.52
CA ALA B 158 -10.76 -15.93 -23.97
C ALA B 158 -9.26 -15.90 -23.70
N PRO B 159 -8.75 -16.31 -22.54
CA PRO B 159 -7.29 -16.26 -22.32
C PRO B 159 -6.48 -17.15 -23.26
N SER B 160 -7.11 -17.80 -24.24
CA SER B 160 -6.34 -18.42 -25.31
C SER B 160 -5.71 -17.35 -26.20
N ARG B 161 -6.49 -16.37 -26.63
CA ARG B 161 -5.99 -15.28 -27.45
C ARG B 161 -5.27 -14.21 -26.64
N TYR B 162 -5.42 -14.24 -25.32
CA TYR B 162 -4.93 -13.18 -24.46
C TYR B 162 -4.29 -13.79 -23.22
N ASN B 163 -4.08 -12.99 -22.17
CA ASN B 163 -3.50 -13.54 -20.94
C ASN B 163 -4.22 -13.05 -19.68
N ILE B 164 -5.55 -13.04 -19.71
CA ILE B 164 -6.31 -12.69 -18.52
C ILE B 164 -6.13 -13.77 -17.46
N LYS B 165 -5.82 -13.36 -16.24
CA LYS B 165 -5.79 -14.27 -15.09
C LYS B 165 -7.20 -14.34 -14.53
N ILE B 166 -7.91 -15.40 -14.86
CA ILE B 166 -9.30 -15.59 -14.47
C ILE B 166 -9.37 -16.61 -13.33
N LYS B 167 -10.18 -16.31 -12.33
CA LYS B 167 -10.46 -17.22 -11.23
C LYS B 167 -11.92 -17.66 -11.28
N ILE B 168 -12.16 -18.91 -10.90
CA ILE B 168 -13.44 -19.58 -11.09
C ILE B 168 -13.88 -20.14 -9.74
N ARG B 169 -15.11 -19.81 -9.33
CA ARG B 169 -15.61 -20.30 -8.05
C ARG B 169 -17.08 -20.65 -8.18
N GLN B 170 -17.52 -21.64 -7.41
CA GLN B 170 -18.84 -22.25 -7.52
C GLN B 170 -19.68 -21.91 -6.30
N LEU B 171 -20.92 -21.50 -6.52
CA LEU B 171 -21.86 -21.22 -5.44
C LEU B 171 -22.58 -22.49 -4.97
N PRO B 172 -22.97 -22.54 -3.70
CA PRO B 172 -23.81 -23.64 -3.23
C PRO B 172 -25.28 -23.36 -3.53
N PRO B 173 -26.18 -24.34 -3.31
CA PRO B 173 -27.61 -24.03 -3.44
C PRO B 173 -28.13 -23.20 -2.28
N ALA B 174 -27.27 -22.98 -1.29
CA ALA B 174 -27.60 -22.14 -0.14
C ALA B 174 -26.92 -20.78 -0.34
N ASN B 175 -27.71 -19.78 -0.73
CA ASN B 175 -27.17 -18.45 -0.98
C ASN B 175 -27.44 -17.47 0.15
N LYS B 176 -28.31 -17.80 1.11
CA LYS B 176 -28.54 -16.90 2.22
C LYS B 176 -27.34 -16.84 3.16
N ASP B 177 -26.45 -17.82 3.10
CA ASP B 177 -25.29 -17.91 3.99
C ASP B 177 -24.01 -18.04 3.16
N ALA B 178 -23.87 -17.17 2.16
CA ALA B 178 -22.74 -17.16 1.26
C ALA B 178 -21.54 -16.40 1.82
N LYS B 179 -21.61 -16.00 3.08
CA LYS B 179 -20.48 -15.30 3.70
C LYS B 179 -19.15 -16.02 3.58
N PRO B 180 -19.04 -17.34 3.75
CA PRO B 180 -17.70 -17.97 3.67
C PRO B 180 -16.99 -17.75 2.35
N LEU B 181 -17.60 -18.12 1.21
CA LEU B 181 -16.89 -18.05 -0.07
C LEU B 181 -16.39 -16.64 -0.33
N LEU B 182 -17.22 -15.65 -0.07
CA LEU B 182 -16.83 -14.26 -0.29
C LEU B 182 -15.77 -13.83 0.71
N LYS B 183 -15.78 -14.40 1.91
CA LYS B 183 -14.75 -13.98 2.87
C LYS B 183 -13.38 -14.52 2.47
N GLU B 184 -13.29 -15.70 1.84
CA GLU B 184 -11.97 -16.04 1.31
C GLU B 184 -11.65 -15.27 0.03
N MET B 185 -12.67 -14.97 -0.79
CA MET B 185 -12.38 -14.15 -1.97
C MET B 185 -11.86 -12.76 -1.60
N LYS B 186 -12.37 -12.17 -0.52
CA LYS B 186 -11.79 -10.92 -0.04
C LYS B 186 -10.44 -11.16 0.64
N LYS B 187 -10.27 -12.30 1.31
CA LYS B 187 -8.96 -12.62 1.88
C LYS B 187 -7.90 -12.80 0.81
N SER B 188 -8.24 -13.42 -0.32
CA SER B 188 -7.28 -13.60 -1.39
C SER B 188 -7.06 -12.32 -2.19
N LYS B 189 -7.74 -11.23 -1.83
CA LYS B 189 -7.54 -9.91 -2.42
C LYS B 189 -7.87 -9.88 -3.91
N GLU B 190 -9.09 -10.28 -4.24
CA GLU B 190 -9.67 -10.03 -5.56
C GLU B 190 -10.77 -9.00 -5.40
N PHE B 191 -10.87 -8.10 -6.38
CA PHE B 191 -11.79 -6.97 -6.27
C PHE B 191 -12.79 -6.98 -7.42
N TYR B 192 -12.43 -7.63 -8.52
CA TYR B 192 -13.24 -7.58 -9.74
C TYR B 192 -13.92 -8.94 -9.90
N VAL B 193 -15.24 -8.95 -9.76
CA VAL B 193 -16.02 -10.18 -9.82
C VAL B 193 -17.23 -9.96 -10.72
N ILE B 194 -17.65 -11.01 -11.42
CA ILE B 194 -18.85 -10.99 -12.23
C ILE B 194 -19.83 -11.97 -11.60
N PHE B 195 -21.01 -11.46 -11.23
CA PHE B 195 -22.04 -12.27 -10.56
C PHE B 195 -22.94 -12.87 -11.61
N ASP B 196 -22.72 -14.15 -11.93
CA ASP B 196 -23.67 -14.91 -12.74
C ASP B 196 -24.81 -15.33 -11.82
N CYS B 197 -25.97 -14.71 -11.99
CA CYS B 197 -27.05 -14.86 -11.02
C CYS B 197 -28.40 -14.70 -11.68
N SER B 198 -29.42 -15.25 -11.04
CA SER B 198 -30.80 -15.10 -11.45
C SER B 198 -31.43 -13.95 -10.68
N HIS B 199 -32.61 -13.51 -11.15
CA HIS B 199 -33.32 -12.43 -10.47
C HIS B 199 -33.64 -12.81 -9.02
N GLU B 200 -33.90 -14.09 -8.76
CA GLU B 200 -34.14 -14.53 -7.39
C GLU B 200 -32.91 -14.31 -6.52
N THR B 201 -31.73 -14.69 -7.03
CA THR B 201 -30.50 -14.62 -6.26
C THR B 201 -30.04 -13.19 -6.01
N ALA B 202 -30.29 -12.28 -6.97
CA ALA B 202 -29.91 -10.89 -6.78
C ALA B 202 -30.52 -10.31 -5.52
N ALA B 203 -31.75 -10.72 -5.20
CA ALA B 203 -32.46 -10.18 -4.05
C ALA B 203 -31.67 -10.36 -2.77
N GLU B 204 -31.13 -11.56 -2.54
CA GLU B 204 -30.39 -11.77 -1.29
C GLU B 204 -28.94 -11.32 -1.41
N ILE B 205 -28.35 -11.42 -2.60
CA ILE B 205 -26.95 -11.01 -2.67
C ILE B 205 -26.80 -9.51 -2.43
N LEU B 206 -27.77 -8.71 -2.89
CA LEU B 206 -27.68 -7.27 -2.71
C LEU B 206 -27.74 -6.89 -1.23
N LYS B 207 -28.26 -7.78 -0.39
CA LYS B 207 -28.27 -7.51 1.04
C LYS B 207 -27.11 -8.18 1.79
N GLN B 208 -26.67 -9.38 1.38
CA GLN B 208 -25.42 -9.88 1.97
C GLN B 208 -24.26 -8.94 1.72
N ILE B 209 -24.20 -8.31 0.54
CA ILE B 209 -23.11 -7.39 0.27
C ILE B 209 -23.11 -6.26 1.31
N LEU B 210 -24.28 -5.92 1.85
CA LEU B 210 -24.34 -5.01 2.98
C LEU B 210 -23.92 -5.69 4.27
N PHE B 211 -24.36 -6.93 4.50
CA PHE B 211 -24.12 -7.57 5.79
C PHE B 211 -22.64 -7.82 6.07
N MET B 212 -21.87 -8.36 5.11
CA MET B 212 -20.55 -8.84 5.54
C MET B 212 -19.64 -7.70 5.97
N GLY B 213 -19.91 -6.49 5.50
CA GLY B 213 -19.12 -5.34 5.90
C GLY B 213 -18.09 -4.86 4.90
N MET B 214 -18.02 -5.46 3.72
CA MET B 214 -17.20 -4.94 2.64
C MET B 214 -18.07 -4.24 1.60
N MET B 215 -17.94 -2.91 1.56
CA MET B 215 -18.65 -2.05 0.63
C MET B 215 -17.73 -0.96 0.08
N THR B 216 -16.42 -1.17 0.18
CA THR B 216 -15.49 -0.15 -0.27
C THR B 216 -15.54 0.00 -1.79
N GLU B 217 -15.11 1.18 -2.26
CA GLU B 217 -15.15 1.49 -3.67
C GLU B 217 -14.19 0.63 -4.49
N TYR B 218 -13.25 -0.04 -3.84
CA TYR B 218 -12.25 -0.82 -4.57
C TYR B 218 -12.89 -1.97 -5.34
N TYR B 219 -14.05 -2.45 -4.88
CA TYR B 219 -14.72 -3.55 -5.56
C TYR B 219 -15.43 -3.08 -6.83
N HIS B 220 -15.61 -4.02 -7.75
CA HIS B 220 -16.29 -3.79 -9.01
C HIS B 220 -17.27 -4.94 -9.24
N TYR B 221 -18.53 -4.61 -9.50
CA TYR B 221 -19.61 -5.59 -9.48
C TYR B 221 -20.39 -5.55 -10.79
N PHE B 222 -21.00 -6.68 -11.13
CA PHE B 222 -21.78 -6.78 -12.35
C PHE B 222 -22.90 -7.80 -12.16
N PHE B 223 -24.11 -7.43 -12.54
CA PHE B 223 -25.25 -8.33 -12.53
C PHE B 223 -25.56 -8.80 -13.95
N THR B 224 -25.75 -10.11 -14.10
CA THR B 224 -26.10 -10.68 -15.40
C THR B 224 -27.57 -10.48 -15.76
N THR B 225 -28.44 -10.31 -14.76
CA THR B 225 -29.85 -10.09 -15.03
C THR B 225 -30.06 -8.77 -15.77
N LEU B 226 -31.16 -8.70 -16.51
CA LEU B 226 -31.51 -7.51 -17.28
C LEU B 226 -32.35 -6.52 -16.48
N ASP B 227 -32.57 -6.79 -15.21
CA ASP B 227 -33.50 -6.00 -14.40
C ASP B 227 -32.74 -5.30 -13.27
N LEU B 228 -32.80 -3.98 -13.28
CA LEU B 228 -32.21 -3.20 -12.19
C LEU B 228 -33.13 -2.06 -11.77
N PHE B 229 -34.26 -1.93 -12.47
CA PHE B 229 -35.27 -0.94 -12.11
C PHE B 229 -36.40 -1.52 -11.27
N ALA B 230 -36.42 -2.84 -11.09
CA ALA B 230 -37.37 -3.49 -10.19
C ALA B 230 -36.78 -3.76 -8.82
N LEU B 231 -35.48 -3.60 -8.64
CA LEU B 231 -34.79 -3.87 -7.39
C LEU B 231 -34.21 -2.58 -6.82
N ASP B 232 -34.17 -2.51 -5.50
CA ASP B 232 -33.84 -1.27 -4.81
C ASP B 232 -32.43 -0.80 -5.12
N LEU B 233 -32.31 0.49 -5.43
CA LEU B 233 -31.02 1.18 -5.52
C LEU B 233 -31.13 2.45 -4.71
N GLU B 234 -30.12 2.71 -3.87
CA GLU B 234 -30.07 3.93 -3.07
C GLU B 234 -28.73 4.60 -3.30
N LEU B 235 -28.77 5.89 -3.65
CA LEU B 235 -27.57 6.59 -4.09
C LEU B 235 -26.53 6.68 -2.99
N TYR B 236 -26.94 7.08 -1.79
CA TYR B 236 -26.01 7.21 -0.67
C TYR B 236 -25.78 5.91 0.08
N ARG B 237 -26.52 4.85 -0.24
CA ARG B 237 -26.25 3.55 0.39
C ARG B 237 -24.85 3.06 0.05
N TYR B 238 -24.38 3.34 -1.17
CA TYR B 238 -23.03 2.96 -1.58
C TYR B 238 -22.11 4.18 -1.54
N SER B 239 -20.83 3.91 -1.34
CA SER B 239 -19.82 4.95 -1.14
C SER B 239 -18.89 5.09 -2.34
N GLY B 240 -19.44 4.98 -3.54
CA GLY B 240 -18.65 5.08 -4.75
C GLY B 240 -18.24 3.76 -5.38
N VAL B 241 -18.90 2.66 -5.04
CA VAL B 241 -18.58 1.39 -5.67
C VAL B 241 -18.88 1.46 -7.16
N ASN B 242 -18.15 0.66 -7.94
CA ASN B 242 -18.35 0.58 -9.38
C ASN B 242 -19.40 -0.50 -9.66
N MET B 243 -20.61 -0.08 -9.98
CA MET B 243 -21.73 -0.99 -10.21
C MET B 243 -22.19 -0.82 -11.64
N THR B 244 -22.05 -1.88 -12.44
CA THR B 244 -22.33 -1.81 -13.87
C THR B 244 -23.19 -3.00 -14.29
N GLY B 245 -24.00 -2.78 -15.32
CA GLY B 245 -24.92 -3.82 -15.77
C GLY B 245 -25.52 -3.48 -17.12
N PHE B 246 -26.37 -4.38 -17.58
CA PHE B 246 -27.04 -4.28 -18.87
C PHE B 246 -28.52 -4.04 -18.68
N ARG B 247 -29.16 -3.44 -19.68
CA ARG B 247 -30.61 -3.36 -19.68
C ARG B 247 -31.13 -3.42 -21.11
N LEU B 248 -32.28 -4.07 -21.29
CA LEU B 248 -32.86 -4.25 -22.62
C LEU B 248 -33.90 -3.20 -22.98
N LEU B 249 -34.68 -2.71 -22.01
CA LEU B 249 -35.71 -1.73 -22.29
C LEU B 249 -35.06 -0.34 -22.36
N ASN B 250 -35.84 0.66 -22.78
CA ASN B 250 -35.30 2.00 -22.99
C ASN B 250 -36.23 3.07 -22.44
N ILE B 251 -35.65 4.22 -22.12
CA ILE B 251 -36.38 5.40 -21.67
C ILE B 251 -36.25 6.57 -22.63
N ASP B 252 -35.22 6.55 -23.49
CA ASP B 252 -34.92 7.68 -24.36
C ASP B 252 -36.08 8.06 -25.28
N ASN B 253 -36.88 7.08 -25.71
CA ASN B 253 -38.06 7.36 -26.52
C ASN B 253 -39.29 7.54 -25.65
N PRO B 254 -40.04 8.63 -25.83
CA PRO B 254 -41.14 8.94 -24.92
C PRO B 254 -42.28 7.93 -24.94
N HIS B 255 -42.51 7.23 -26.06
CA HIS B 255 -43.66 6.34 -26.17
C HIS B 255 -43.54 5.18 -25.20
N VAL B 256 -42.38 4.52 -25.18
CA VAL B 256 -42.16 3.40 -24.28
C VAL B 256 -42.27 3.85 -22.84
N SER B 257 -41.68 5.01 -22.52
CA SER B 257 -41.76 5.53 -21.16
C SER B 257 -43.19 5.80 -20.74
N SER B 258 -44.01 6.33 -21.65
CA SER B 258 -45.42 6.58 -21.35
C SER B 258 -46.15 5.29 -21.05
N ILE B 259 -45.89 4.26 -21.87
CA ILE B 259 -46.42 2.94 -21.57
C ILE B 259 -45.99 2.50 -20.18
N ILE B 260 -44.76 2.83 -19.80
CA ILE B 260 -44.24 2.40 -18.49
C ILE B 260 -44.99 3.07 -17.35
N GLU B 261 -45.27 4.39 -17.46
CA GLU B 261 -45.98 4.99 -16.33
C GLU B 261 -47.43 4.54 -16.27
N LYS B 262 -48.09 4.32 -17.41
CA LYS B 262 -49.40 3.67 -17.36
C LYS B 262 -49.32 2.33 -16.63
N TRP B 263 -48.31 1.53 -16.99
CA TRP B 263 -48.11 0.19 -16.45
C TRP B 263 -47.91 0.20 -14.93
N SER B 264 -47.01 1.06 -14.47
CA SER B 264 -46.85 1.32 -13.03
C SER B 264 -48.16 1.77 -12.42
N MET B 265 -48.91 2.58 -13.15
CA MET B 265 -50.10 3.16 -12.57
C MET B 265 -51.10 2.12 -12.43
N GLU B 266 -51.18 1.32 -13.46
CA GLU B 266 -52.21 0.36 -13.45
C GLU B 266 -51.91 -0.49 -12.27
N ARG B 267 -50.65 -0.76 -12.07
CA ARG B 267 -50.32 -1.51 -10.91
C ARG B 267 -50.56 -0.80 -9.63
N LEU B 268 -50.31 0.49 -9.61
CA LEU B 268 -50.56 1.23 -8.40
C LEU B 268 -51.90 0.78 -7.90
N GLN B 269 -52.81 0.55 -8.83
CA GLN B 269 -54.17 0.14 -8.49
C GLN B 269 -54.20 -1.27 -7.91
N ALA B 270 -53.31 -2.16 -8.37
CA ALA B 270 -53.37 -3.56 -7.98
C ALA B 270 -52.78 -3.79 -6.59
N PRO B 271 -53.24 -4.83 -5.90
CA PRO B 271 -52.65 -5.16 -4.60
C PRO B 271 -51.19 -5.52 -4.75
N PRO B 272 -50.34 -5.09 -3.81
CA PRO B 272 -48.91 -5.42 -3.89
C PRO B 272 -48.65 -6.85 -3.43
N ARG B 273 -47.71 -7.52 -4.11
CA ARG B 273 -47.24 -8.84 -3.68
C ARG B 273 -46.10 -8.68 -2.67
N PRO B 274 -45.80 -9.73 -1.88
CA PRO B 274 -44.71 -9.62 -0.89
C PRO B 274 -43.39 -9.14 -1.50
N GLU B 275 -42.73 -8.22 -0.81
CA GLU B 275 -41.53 -7.57 -1.33
C GLU B 275 -40.29 -8.09 -0.62
N THR B 276 -39.21 -8.25 -1.41
CA THR B 276 -37.90 -8.59 -0.88
C THR B 276 -36.84 -7.64 -1.41
N GLY B 277 -37.22 -6.43 -1.76
CA GLY B 277 -36.36 -5.49 -2.46
C GLY B 277 -37.00 -5.05 -3.75
N LEU B 278 -38.15 -5.66 -4.06
CA LEU B 278 -38.87 -5.35 -5.28
C LEU B 278 -39.44 -3.94 -5.23
N LEU B 279 -39.18 -3.16 -6.28
CA LEU B 279 -39.70 -1.81 -6.38
C LEU B 279 -41.11 -1.83 -6.97
N ASP B 280 -42.02 -1.15 -6.30
CA ASP B 280 -43.43 -1.15 -6.70
C ASP B 280 -43.62 -0.22 -7.89
N GLY B 281 -44.31 -0.72 -8.91
CA GLY B 281 -44.63 0.05 -10.09
C GLY B 281 -43.82 -0.35 -11.31
N MET B 282 -42.52 -0.55 -11.12
CA MET B 282 -41.63 -0.97 -12.19
C MET B 282 -41.10 -2.35 -11.87
N MET B 283 -41.39 -3.33 -12.73
CA MET B 283 -40.94 -4.70 -12.53
C MET B 283 -40.42 -5.29 -13.83
N THR B 284 -39.93 -6.53 -13.70
CA THR B 284 -39.19 -7.29 -14.72
C THR B 284 -39.84 -7.34 -16.10
N THR B 285 -39.01 -7.65 -17.11
CA THR B 285 -39.30 -7.31 -18.50
C THR B 285 -40.13 -8.35 -19.25
N GLU B 286 -40.29 -9.58 -18.73
CA GLU B 286 -40.97 -10.60 -19.53
C GLU B 286 -42.40 -10.17 -19.86
N ALA B 287 -42.99 -9.31 -19.02
CA ALA B 287 -44.29 -8.75 -19.35
C ALA B 287 -44.24 -7.89 -20.61
N ALA B 288 -43.17 -7.11 -20.77
CA ALA B 288 -43.02 -6.29 -21.97
C ALA B 288 -42.89 -7.17 -23.21
N LEU B 289 -42.19 -8.29 -23.11
CA LEU B 289 -42.05 -9.15 -24.28
C LEU B 289 -43.30 -9.96 -24.55
N MET B 290 -44.09 -10.29 -23.52
CA MET B 290 -45.47 -10.73 -23.75
C MET B 290 -46.28 -9.67 -24.49
N TYR B 291 -46.14 -8.40 -24.08
CA TYR B 291 -46.82 -7.28 -24.72
C TYR B 291 -46.49 -7.26 -26.22
N ASP B 292 -45.19 -7.29 -26.53
CA ASP B 292 -44.74 -7.27 -27.91
C ASP B 292 -45.18 -8.52 -28.65
N ALA B 293 -45.16 -9.69 -28.00
CA ALA B 293 -45.56 -10.92 -28.65
C ALA B 293 -47.04 -10.93 -29.00
N VAL B 294 -47.88 -10.36 -28.12
CA VAL B 294 -49.30 -10.22 -28.43
C VAL B 294 -49.49 -9.34 -29.66
N TYR B 295 -48.81 -8.19 -29.70
CA TYR B 295 -48.90 -7.39 -30.93
C TYR B 295 -48.27 -8.09 -32.14
N MET B 296 -47.36 -9.05 -31.93
CA MET B 296 -46.87 -9.85 -33.06
C MET B 296 -48.00 -10.57 -33.79
N VAL B 297 -48.81 -11.34 -33.06
CA VAL B 297 -49.92 -12.01 -33.72
C VAL B 297 -50.96 -10.99 -34.16
N ALA B 298 -51.13 -9.90 -33.39
CA ALA B 298 -52.16 -8.93 -33.70
C ALA B 298 -51.93 -8.28 -35.06
N ILE B 299 -50.69 -7.88 -35.36
CA ILE B 299 -50.44 -7.24 -36.65
C ILE B 299 -50.33 -8.26 -37.78
N ALA B 300 -49.93 -9.50 -37.48
CA ALA B 300 -49.78 -10.50 -38.52
C ALA B 300 -51.13 -11.01 -39.02
N SER B 301 -52.10 -11.16 -38.11
CA SER B 301 -53.43 -11.59 -38.53
C SER B 301 -54.08 -10.57 -39.48
N HIS B 302 -53.59 -9.33 -39.47
CA HIS B 302 -54.10 -8.31 -40.38
C HIS B 302 -53.82 -8.66 -41.84
N ARG B 303 -52.62 -9.14 -42.14
CA ARG B 303 -52.16 -9.19 -43.53
C ARG B 303 -52.81 -10.34 -44.30
N ALA B 304 -53.16 -11.42 -43.62
CA ALA B 304 -53.75 -12.57 -44.29
C ALA B 304 -55.26 -12.45 -44.38
N SER B 305 -55.86 -13.42 -45.08
CA SER B 305 -57.31 -13.50 -45.16
C SER B 305 -57.87 -14.14 -43.89
N GLN B 306 -59.20 -14.23 -43.84
CA GLN B 306 -59.89 -14.80 -42.68
C GLN B 306 -59.57 -16.28 -42.51
N LEU B 307 -59.79 -16.81 -41.31
CA LEU B 307 -59.46 -18.19 -41.01
C LEU B 307 -60.42 -18.72 -39.95
N THR B 308 -60.42 -20.04 -39.80
CA THR B 308 -61.25 -20.73 -38.82
C THR B 308 -60.39 -21.34 -37.73
N VAL B 309 -61.04 -21.77 -36.65
CA VAL B 309 -60.36 -22.36 -35.50
C VAL B 309 -60.42 -23.88 -35.61
N SER B 310 -59.50 -24.55 -34.94
CA SER B 310 -59.40 -25.99 -35.03
C SER B 310 -60.42 -26.68 -34.12
N SER B 311 -60.73 -27.93 -34.44
CA SER B 311 -61.56 -28.78 -33.60
C SER B 311 -60.98 -30.18 -33.57
N LEU B 312 -59.67 -30.29 -33.70
CA LEU B 312 -59.01 -31.57 -33.93
C LEU B 312 -58.63 -32.24 -32.61
N GLN B 313 -58.59 -33.57 -32.65
CA GLN B 313 -58.14 -34.37 -31.52
C GLN B 313 -56.61 -34.32 -31.42
N CYS B 314 -56.10 -34.88 -30.32
CA CYS B 314 -54.67 -34.96 -30.09
C CYS B 314 -54.12 -36.38 -30.13
N HIS B 315 -54.97 -37.40 -30.13
CA HIS B 315 -54.49 -38.77 -30.22
C HIS B 315 -53.82 -39.03 -31.57
N ARG B 316 -54.42 -38.53 -32.64
CA ARG B 316 -53.81 -38.56 -33.97
C ARG B 316 -53.93 -37.18 -34.58
N HIS B 317 -52.90 -36.79 -35.34
CA HIS B 317 -52.80 -35.45 -35.88
C HIS B 317 -53.28 -35.40 -37.32
N LYS B 318 -53.88 -34.26 -37.68
CA LYS B 318 -54.22 -33.92 -39.05
C LYS B 318 -53.51 -32.62 -39.41
N PRO B 319 -53.00 -32.50 -40.64
CA PRO B 319 -52.24 -31.30 -41.00
C PRO B 319 -53.12 -30.06 -41.01
N TRP B 320 -52.53 -28.93 -40.63
CA TRP B 320 -53.19 -27.63 -40.67
C TRP B 320 -52.48 -26.77 -41.71
N ARG B 321 -53.23 -26.35 -42.73
CA ARG B 321 -52.64 -25.70 -43.89
C ARG B 321 -52.26 -24.24 -43.65
N LEU B 322 -52.99 -23.53 -42.78
CA LEU B 322 -52.74 -22.11 -42.56
C LEU B 322 -51.56 -21.84 -41.64
N GLY B 323 -51.03 -22.86 -40.98
CA GLY B 323 -49.88 -22.70 -40.11
C GLY B 323 -48.66 -22.14 -40.81
N PRO B 324 -48.25 -22.76 -41.93
CA PRO B 324 -47.12 -22.20 -42.68
C PRO B 324 -47.34 -20.77 -43.15
N ARG B 325 -48.55 -20.41 -43.60
CA ARG B 325 -48.80 -19.03 -43.99
C ARG B 325 -48.67 -18.09 -42.79
N PHE B 326 -49.21 -18.50 -41.64
CA PHE B 326 -49.10 -17.67 -40.44
C PHE B 326 -47.65 -17.46 -40.03
N MET B 327 -46.84 -18.54 -40.06
CA MET B 327 -45.46 -18.41 -39.64
C MET B 327 -44.65 -17.59 -40.65
N ASN B 328 -44.98 -17.71 -41.94
CA ASN B 328 -44.37 -16.83 -42.93
C ASN B 328 -44.68 -15.38 -42.62
N LEU B 329 -45.93 -15.08 -42.23
CA LEU B 329 -46.26 -13.72 -41.82
C LEU B 329 -45.45 -13.30 -40.60
N ILE B 330 -45.30 -14.20 -39.63
CA ILE B 330 -44.60 -13.86 -38.39
C ILE B 330 -43.15 -13.53 -38.65
N LYS B 331 -42.44 -14.42 -39.36
CA LYS B 331 -40.99 -14.27 -39.46
C LYS B 331 -40.56 -13.19 -40.45
N GLU B 332 -41.44 -12.77 -41.34
CA GLU B 332 -41.11 -11.78 -42.36
C GLU B 332 -41.49 -10.35 -41.95
N ALA B 333 -42.03 -10.15 -40.75
CA ALA B 333 -42.50 -8.84 -40.33
C ALA B 333 -41.45 -8.14 -39.48
N ARG B 334 -41.16 -6.89 -39.84
CA ARG B 334 -40.29 -6.03 -39.05
C ARG B 334 -41.13 -4.95 -38.39
N TRP B 335 -40.84 -4.67 -37.12
CA TRP B 335 -41.72 -3.80 -36.35
C TRP B 335 -40.92 -3.12 -35.25
N ASP B 336 -41.41 -1.96 -34.82
CA ASP B 336 -40.73 -1.11 -33.85
C ASP B 336 -41.52 -1.15 -32.55
N GLY B 337 -40.84 -1.53 -31.46
CA GLY B 337 -41.50 -1.74 -30.19
C GLY B 337 -40.66 -1.34 -29.00
N LEU B 338 -40.97 -1.99 -27.87
CA LEU B 338 -40.39 -1.63 -26.58
C LEU B 338 -38.88 -1.82 -26.54
N THR B 339 -38.37 -2.92 -27.10
CA THR B 339 -36.94 -3.21 -27.11
C THR B 339 -36.25 -2.67 -28.36
N GLY B 340 -36.79 -1.63 -28.98
CA GLY B 340 -36.20 -1.12 -30.20
C GLY B 340 -36.64 -1.95 -31.39
N ARG B 341 -35.67 -2.31 -32.24
CA ARG B 341 -35.97 -3.11 -33.41
C ARG B 341 -36.19 -4.57 -33.01
N ILE B 342 -37.06 -5.26 -33.74
CA ILE B 342 -37.23 -6.70 -33.60
C ILE B 342 -37.19 -7.32 -34.99
N THR B 343 -36.39 -8.38 -35.13
CA THR B 343 -36.25 -9.08 -36.40
C THR B 343 -36.32 -10.58 -36.17
N PHE B 344 -36.88 -11.29 -37.14
CA PHE B 344 -37.06 -12.73 -37.07
C PHE B 344 -36.34 -13.39 -38.24
N ASN B 345 -35.59 -14.46 -37.94
CA ASN B 345 -34.74 -15.10 -38.92
C ASN B 345 -35.48 -16.18 -39.69
N LYS B 346 -34.78 -16.77 -40.66
CA LYS B 346 -35.25 -17.96 -41.36
C LYS B 346 -34.44 -19.20 -40.99
N THR B 347 -33.55 -19.09 -40.00
CA THR B 347 -32.76 -20.22 -39.56
C THR B 347 -33.54 -21.15 -38.64
N ASP B 348 -33.98 -20.64 -37.49
CA ASP B 348 -34.86 -21.40 -36.60
C ASP B 348 -35.89 -20.47 -35.96
N GLY B 349 -35.83 -19.19 -36.30
CA GLY B 349 -36.76 -18.21 -35.79
C GLY B 349 -36.30 -17.44 -34.56
N LEU B 350 -35.07 -17.65 -34.10
CA LEU B 350 -34.57 -16.86 -32.98
C LEU B 350 -34.35 -15.42 -33.42
N ARG B 351 -34.66 -14.48 -32.52
CA ARG B 351 -34.57 -13.08 -32.88
C ARG B 351 -33.13 -12.60 -32.93
N LYS B 352 -32.90 -11.54 -33.70
CA LYS B 352 -31.64 -10.82 -33.71
C LYS B 352 -31.92 -9.32 -33.60
N ASP B 353 -30.86 -8.54 -33.73
CA ASP B 353 -30.93 -7.08 -33.77
C ASP B 353 -31.59 -6.51 -32.52
N PHE B 354 -31.00 -6.82 -31.35
CA PHE B 354 -31.40 -6.18 -30.10
C PHE B 354 -30.16 -5.62 -29.42
N ASP B 355 -30.28 -4.41 -28.90
CA ASP B 355 -29.16 -3.70 -28.30
C ASP B 355 -29.37 -3.56 -26.80
N LEU B 356 -28.27 -3.72 -26.06
CA LEU B 356 -28.28 -3.67 -24.60
C LEU B 356 -27.60 -2.38 -24.18
N ASP B 357 -28.31 -1.55 -23.41
CA ASP B 357 -27.70 -0.30 -22.97
C ASP B 357 -26.98 -0.51 -21.64
N ILE B 358 -25.94 0.29 -21.44
CA ILE B 358 -25.01 0.17 -20.32
C ILE B 358 -25.53 1.01 -19.16
N ILE B 359 -25.57 0.43 -17.97
CA ILE B 359 -26.02 1.13 -16.76
C ILE B 359 -24.86 1.14 -15.78
N SER B 360 -24.51 2.34 -15.30
CA SER B 360 -23.44 2.50 -14.33
C SER B 360 -23.95 3.35 -13.18
N LEU B 361 -23.73 2.88 -11.96
CA LEU B 361 -24.22 3.58 -10.77
C LEU B 361 -23.25 4.70 -10.41
N LYS B 362 -23.80 5.89 -10.23
CA LYS B 362 -23.04 7.07 -9.84
C LYS B 362 -23.97 8.01 -9.09
N GLU B 363 -23.40 9.06 -8.53
CA GLU B 363 -24.15 9.98 -7.67
C GLU B 363 -24.91 11.00 -8.52
N GLU B 364 -26.14 11.27 -8.14
CA GLU B 364 -26.98 12.24 -8.84
C GLU B 364 -27.05 13.55 -8.05
N TRP B 381 -27.98 6.24 -11.76
CA TRP B 381 -27.50 5.52 -12.94
C TRP B 381 -27.93 6.23 -14.22
N LYS B 382 -27.02 6.31 -15.19
CA LYS B 382 -27.30 7.00 -16.44
C LYS B 382 -26.78 6.20 -17.62
N LYS B 383 -27.31 6.52 -18.80
CA LYS B 383 -26.83 5.99 -20.06
C LYS B 383 -25.44 6.53 -20.38
N ILE B 384 -24.50 5.63 -20.62
CA ILE B 384 -23.12 6.04 -20.91
C ILE B 384 -22.67 5.53 -22.27
N GLY B 385 -23.21 4.39 -22.70
CA GLY B 385 -22.81 3.80 -23.97
C GLY B 385 -23.71 2.63 -24.31
N ILE B 386 -23.53 2.10 -25.53
CA ILE B 386 -24.42 1.07 -26.04
C ILE B 386 -23.58 -0.05 -26.66
N TRP B 387 -24.24 -1.16 -26.97
CA TRP B 387 -23.59 -2.29 -27.62
C TRP B 387 -24.53 -2.78 -28.72
N ASN B 388 -24.21 -2.43 -29.97
CA ASN B 388 -25.03 -2.88 -31.09
C ASN B 388 -24.80 -4.36 -31.35
N SER B 389 -25.89 -5.07 -31.64
CA SER B 389 -25.81 -6.51 -31.86
C SER B 389 -25.04 -6.87 -33.12
N ASN B 390 -25.13 -6.04 -34.16
CA ASN B 390 -24.49 -6.34 -35.44
C ASN B 390 -23.13 -5.67 -35.58
N SER B 391 -22.74 -4.79 -34.67
CA SER B 391 -21.49 -4.07 -34.83
C SER B 391 -20.70 -3.93 -33.53
N GLY B 392 -21.04 -4.74 -32.52
CA GLY B 392 -20.27 -4.75 -31.29
C GLY B 392 -20.46 -3.49 -30.46
N LEU B 393 -19.50 -3.23 -29.59
CA LEU B 393 -19.62 -2.16 -28.62
C LEU B 393 -19.56 -0.79 -29.30
N ASN B 394 -20.17 0.20 -28.64
CA ASN B 394 -20.00 1.60 -29.00
C ASN B 394 -20.04 2.37 -27.68
N MET B 395 -18.84 2.60 -27.12
CA MET B 395 -18.70 3.40 -25.90
C MET B 395 -17.45 4.26 -25.93
N THR B 396 -16.72 4.30 -27.04
CA THR B 396 -15.41 4.93 -27.07
C THR B 396 -15.52 6.44 -26.89
N ASP B 397 -14.65 6.98 -26.05
CA ASP B 397 -14.53 8.41 -25.84
C ASP B 397 -13.26 8.87 -26.53
N GLY B 398 -13.41 9.53 -27.68
CA GLY B 398 -12.25 10.00 -28.40
C GLY B 398 -12.11 11.51 -28.35
N ASN B 399 -11.21 11.99 -27.49
CA ASN B 399 -10.94 13.42 -27.39
C ASN B 399 -9.46 13.71 -27.21
N ARG B 400 -8.58 12.74 -27.46
CA ARG B 400 -7.16 12.89 -27.18
C ARG B 400 -6.47 13.57 -28.36
N ASP B 401 -5.47 14.39 -28.03
CA ASP B 401 -4.68 15.07 -29.04
C ASP B 401 -3.31 15.37 -28.48
N ARG B 402 -2.30 15.28 -29.34
CA ARG B 402 -0.92 15.57 -28.96
C ARG B 402 -0.27 16.44 -30.03
N SER B 403 -0.97 16.62 -31.15
CA SER B 403 -0.44 17.43 -32.24
C SER B 403 -0.38 18.90 -31.83
N ASN B 404 0.68 19.57 -32.27
CA ASN B 404 0.87 20.99 -31.99
C ASN B 404 0.50 21.87 -33.18
N ASN B 405 -0.01 21.28 -34.26
CA ASN B 405 -0.39 22.04 -35.45
C ASN B 405 -1.28 21.22 -36.36
N ILE B 406 -2.42 21.80 -36.77
CA ILE B 406 -3.34 21.17 -37.70
C ILE B 406 -3.75 22.20 -38.74
N THR B 407 -4.39 21.73 -39.80
CA THR B 407 -4.76 22.58 -40.94
C THR B 407 -6.21 23.03 -40.76
N ASP B 408 -6.39 24.26 -40.26
CA ASP B 408 -7.71 24.86 -40.17
C ASP B 408 -7.68 26.31 -40.61
N SER B 409 -6.50 26.81 -40.97
CA SER B 409 -6.31 28.19 -41.42
C SER B 409 -5.52 28.19 -42.72
N LEU B 410 -5.95 29.01 -43.66
CA LEU B 410 -5.33 29.12 -44.99
C LEU B 410 -5.27 27.73 -45.62
N ALA B 411 -4.36 27.55 -46.59
CA ALA B 411 -4.10 26.20 -47.09
C ALA B 411 -3.23 25.43 -46.10
N ASN B 412 -2.27 26.12 -45.47
CA ASN B 412 -1.42 25.52 -44.45
C ASN B 412 -1.32 26.48 -43.27
N ARG B 413 -1.18 25.93 -42.08
CA ARG B 413 -0.99 26.71 -40.87
C ARG B 413 0.39 27.36 -40.86
N THR B 414 0.41 28.65 -40.52
CA THR B 414 1.65 29.38 -40.28
C THR B 414 2.27 28.84 -39.01
N LEU B 415 3.39 28.14 -39.13
CA LEU B 415 4.02 27.45 -38.02
C LEU B 415 5.14 28.29 -37.44
N ILE B 416 5.11 28.49 -36.12
CA ILE B 416 6.18 29.20 -35.43
C ILE B 416 7.38 28.27 -35.35
N VAL B 417 8.48 28.67 -35.97
CA VAL B 417 9.70 27.87 -36.02
C VAL B 417 10.65 28.38 -34.94
N THR B 418 10.82 27.59 -33.89
CA THR B 418 11.72 27.94 -32.81
C THR B 418 13.13 27.52 -33.19
N THR B 419 14.10 28.37 -32.87
CA THR B 419 15.48 28.11 -33.27
C THR B 419 16.41 28.42 -32.12
N ILE B 420 17.59 27.81 -32.17
CA ILE B 420 18.66 28.09 -31.21
C ILE B 420 19.91 28.45 -32.01
N LEU B 421 20.65 29.45 -31.52
CA LEU B 421 21.80 29.97 -32.23
C LEU B 421 23.04 29.12 -31.97
N GLU B 422 23.46 28.35 -32.99
CA GLU B 422 24.75 27.68 -32.97
C GLU B 422 25.21 27.38 -34.39
N GLU B 423 26.49 27.65 -34.67
CA GLU B 423 27.06 27.40 -35.98
C GLU B 423 27.46 25.93 -36.10
N PRO B 424 27.48 25.38 -37.33
CA PRO B 424 27.07 26.03 -38.58
C PRO B 424 25.59 25.83 -38.88
N TYR B 425 24.86 25.33 -37.88
CA TYR B 425 23.43 25.12 -38.07
C TYR B 425 22.68 26.44 -38.20
N VAL B 426 22.95 27.40 -37.32
CA VAL B 426 22.27 28.70 -37.34
C VAL B 426 23.31 29.79 -37.11
N MET B 427 23.25 30.84 -37.93
CA MET B 427 24.10 32.01 -37.73
C MET B 427 23.40 33.23 -38.34
N TYR B 428 23.88 34.41 -37.95
CA TYR B 428 23.24 35.67 -38.30
C TYR B 428 23.45 36.04 -39.76
N ARG B 429 22.55 36.88 -40.26
CA ARG B 429 22.76 37.68 -41.46
C ARG B 429 22.93 39.13 -41.06
N LYS B 430 24.13 39.68 -41.31
CA LYS B 430 24.42 41.05 -40.96
C LYS B 430 23.72 41.99 -41.94
N SER B 431 23.05 43.01 -41.40
CA SER B 431 22.29 43.94 -42.20
C SER B 431 22.46 45.35 -41.64
N ASP B 432 22.17 46.34 -42.48
CA ASP B 432 22.22 47.74 -42.10
C ASP B 432 20.88 48.24 -41.55
N LYS B 433 19.92 47.33 -41.39
CA LYS B 433 18.62 47.65 -40.81
C LYS B 433 18.36 46.66 -39.68
N PRO B 434 17.49 47.02 -38.72
CA PRO B 434 17.23 46.12 -37.59
C PRO B 434 16.77 44.73 -38.01
N LEU B 435 17.20 43.71 -37.28
CA LEU B 435 16.98 42.32 -37.66
C LEU B 435 15.55 41.93 -37.29
N TYR B 436 14.74 41.62 -38.30
CA TYR B 436 13.39 41.11 -38.10
C TYR B 436 13.07 40.11 -39.20
N GLY B 437 12.06 39.28 -38.94
CA GLY B 437 11.62 38.31 -39.92
C GLY B 437 12.50 37.08 -39.98
N ASN B 438 12.38 36.35 -41.10
CA ASN B 438 13.11 35.12 -41.31
C ASN B 438 14.44 35.32 -42.03
N ASP B 439 14.79 36.57 -42.35
CA ASP B 439 16.07 36.90 -42.96
C ASP B 439 17.15 37.20 -41.91
N ARG B 440 16.81 37.09 -40.64
CA ARG B 440 17.79 37.32 -39.58
C ARG B 440 18.89 36.28 -39.62
N PHE B 441 18.54 35.04 -39.93
CA PHE B 441 19.47 33.92 -39.87
C PHE B 441 19.66 33.29 -41.25
N GLU B 442 20.73 32.51 -41.38
CA GLU B 442 21.01 31.74 -42.57
C GLU B 442 21.56 30.38 -42.15
N GLY B 443 22.10 29.66 -43.11
CA GLY B 443 22.85 28.44 -42.83
C GLY B 443 22.08 27.20 -43.21
N TYR B 444 22.55 26.06 -42.69
CA TYR B 444 21.94 24.77 -42.97
C TYR B 444 20.46 24.76 -42.62
N CYS B 445 20.13 25.15 -41.38
CA CYS B 445 18.74 25.08 -40.93
C CYS B 445 17.85 26.01 -41.75
N LEU B 446 18.29 27.23 -42.00
CA LEU B 446 17.42 28.23 -42.62
C LEU B 446 17.16 27.90 -44.10
N ASP B 447 18.22 27.62 -44.86
CA ASP B 447 17.98 27.31 -46.26
C ASP B 447 17.32 25.95 -46.44
N LEU B 448 17.60 25.00 -45.54
CA LEU B 448 16.85 23.75 -45.57
C LEU B 448 15.38 23.99 -45.30
N LEU B 449 15.05 24.87 -44.35
CA LEU B 449 13.65 25.18 -44.06
C LEU B 449 13.00 25.87 -45.25
N LYS B 450 13.73 26.75 -45.94
CA LYS B 450 13.18 27.37 -47.15
C LYS B 450 12.90 26.33 -48.22
N GLU B 451 13.82 25.38 -48.41
CA GLU B 451 13.60 24.33 -49.40
C GLU B 451 12.40 23.46 -49.03
N LEU B 452 12.24 23.16 -47.73
CA LEU B 452 11.06 22.44 -47.27
C LEU B 452 9.79 23.22 -47.52
N SER B 453 9.82 24.54 -47.30
CA SER B 453 8.64 25.37 -47.56
C SER B 453 8.30 25.39 -49.03
N ASN B 454 9.31 25.32 -49.90
CA ASN B 454 9.03 25.22 -51.33
C ASN B 454 8.28 23.94 -51.67
N ILE B 455 8.50 22.87 -50.90
CA ILE B 455 7.83 21.59 -51.18
C ILE B 455 6.44 21.56 -50.57
N LEU B 456 6.34 21.88 -49.28
CA LEU B 456 5.07 21.76 -48.57
C LEU B 456 4.18 22.97 -48.82
N GLY B 457 4.74 24.18 -48.74
CA GLY B 457 3.99 25.40 -48.91
C GLY B 457 3.60 26.11 -47.63
N PHE B 458 4.07 25.65 -46.47
CA PHE B 458 3.71 26.28 -45.21
C PHE B 458 4.39 27.63 -45.06
N LEU B 459 3.83 28.46 -44.18
CA LEU B 459 4.42 29.73 -43.80
C LEU B 459 5.03 29.59 -42.41
N TYR B 460 6.13 30.31 -42.17
CA TYR B 460 6.86 30.14 -40.94
C TYR B 460 7.44 31.47 -40.47
N ASP B 461 7.60 31.58 -39.15
CA ASP B 461 8.26 32.73 -38.54
C ASP B 461 9.32 32.19 -37.58
N VAL B 462 10.55 32.66 -37.73
CA VAL B 462 11.67 32.19 -36.91
C VAL B 462 11.65 32.92 -35.57
N LYS B 463 11.65 32.16 -34.48
CA LYS B 463 11.71 32.72 -33.13
C LYS B 463 12.91 32.09 -32.41
N LEU B 464 13.84 32.95 -31.99
CA LEU B 464 15.06 32.48 -31.35
C LEU B 464 14.76 31.92 -29.95
N VAL B 465 15.61 31.00 -29.51
CA VAL B 465 15.45 30.42 -28.17
C VAL B 465 15.60 31.52 -27.12
N PRO B 466 14.75 31.54 -26.08
CA PRO B 466 14.85 32.62 -25.08
C PRO B 466 16.06 32.53 -24.16
N ASP B 467 16.62 31.34 -23.96
CA ASP B 467 17.67 31.18 -22.96
C ASP B 467 18.79 30.25 -23.41
N GLY B 468 18.83 29.93 -24.70
CA GLY B 468 19.90 29.09 -25.23
C GLY B 468 19.96 27.70 -24.64
N LYS B 469 18.81 27.05 -24.47
CA LYS B 469 18.75 25.75 -23.80
C LYS B 469 17.88 24.80 -24.60
N TYR B 470 18.18 23.51 -24.49
CA TYR B 470 17.35 22.45 -25.06
C TYR B 470 16.37 21.86 -24.05
N GLY B 471 16.33 22.38 -22.83
CA GLY B 471 15.52 21.82 -21.77
C GLY B 471 16.25 20.73 -21.01
N ALA B 472 15.89 20.59 -19.74
CA ALA B 472 16.54 19.64 -18.85
C ALA B 472 15.50 18.72 -18.25
N GLN B 473 15.73 17.41 -18.36
CA GLN B 473 14.82 16.43 -17.77
C GLN B 473 15.08 16.34 -16.28
N ASN B 474 14.03 16.60 -15.49
CA ASN B 474 14.12 16.58 -14.04
C ASN B 474 12.90 15.86 -13.48
N ASP B 475 12.87 15.70 -12.16
CA ASP B 475 11.75 15.12 -11.46
C ASP B 475 10.68 16.16 -11.12
N LYS B 476 10.91 17.42 -11.51
CA LYS B 476 9.93 18.48 -11.32
C LYS B 476 9.01 18.66 -12.52
N GLY B 477 9.26 17.94 -13.62
CA GLY B 477 8.47 18.08 -14.82
C GLY B 477 8.56 19.45 -15.43
N GLU B 478 9.77 20.03 -15.46
CA GLU B 478 9.97 21.38 -15.94
C GLU B 478 11.11 21.37 -16.94
N TRP B 479 10.92 22.10 -18.05
CA TRP B 479 11.91 22.20 -19.11
C TRP B 479 12.01 23.64 -19.59
N ASN B 480 13.06 23.91 -20.36
CA ASN B 480 13.39 25.26 -20.78
C ASN B 480 13.63 25.29 -22.28
N GLY B 481 13.59 26.50 -22.84
CA GLY B 481 14.08 26.71 -24.19
C GLY B 481 13.26 25.98 -25.25
N MET B 482 13.97 25.13 -26.00
CA MET B 482 13.41 24.56 -27.22
C MET B 482 12.16 23.74 -26.92
N VAL B 483 12.26 22.79 -25.99
CA VAL B 483 11.16 21.90 -25.69
C VAL B 483 10.04 22.63 -24.94
N LYS B 484 10.36 23.62 -24.12
CA LYS B 484 9.31 24.41 -23.49
C LYS B 484 8.53 25.24 -24.50
N GLU B 485 9.23 25.80 -25.50
CA GLU B 485 8.54 26.50 -26.57
C GLU B 485 7.64 25.54 -27.35
N LEU B 486 8.14 24.34 -27.65
CA LEU B 486 7.34 23.37 -28.39
C LEU B 486 6.11 22.93 -27.59
N ILE B 487 6.29 22.62 -26.30
CA ILE B 487 5.21 22.11 -25.47
C ILE B 487 4.12 23.16 -25.29
N ASP B 488 4.52 24.40 -25.02
CA ASP B 488 3.54 25.46 -24.78
C ASP B 488 2.75 25.84 -26.03
N HIS B 489 3.03 25.21 -27.16
CA HIS B 489 2.38 25.52 -28.43
C HIS B 489 2.61 26.98 -28.85
N ARG B 490 3.68 27.58 -28.30
CA ARG B 490 4.22 28.83 -28.81
C ARG B 490 5.32 28.56 -29.83
N ALA B 491 5.55 27.29 -30.17
CA ALA B 491 6.41 26.89 -31.28
C ALA B 491 5.78 25.65 -31.90
N ASP B 492 5.28 25.80 -33.13
CA ASP B 492 4.55 24.72 -33.79
C ASP B 492 5.45 23.80 -34.61
N LEU B 493 6.74 24.11 -34.75
CA LEU B 493 7.64 23.25 -35.48
C LEU B 493 9.05 23.45 -34.93
N ALA B 494 9.90 22.44 -35.12
CA ALA B 494 11.25 22.46 -34.59
C ALA B 494 12.22 22.22 -35.73
N VAL B 495 13.09 23.19 -36.01
CA VAL B 495 14.10 23.08 -37.04
C VAL B 495 15.44 23.22 -36.31
N ALA B 496 15.40 23.07 -34.99
CA ALA B 496 16.59 23.20 -34.16
C ALA B 496 17.09 21.81 -33.78
N PRO B 497 18.22 21.37 -34.31
CA PRO B 497 18.72 20.03 -34.02
C PRO B 497 19.23 19.88 -32.60
N LEU B 498 19.16 18.64 -32.12
CA LEU B 498 19.61 18.29 -30.77
C LEU B 498 19.78 16.78 -30.69
N THR B 499 20.46 16.33 -29.64
CA THR B 499 20.82 14.94 -29.50
C THR B 499 19.60 14.08 -29.19
N ILE B 500 19.60 12.86 -29.75
CA ILE B 500 18.49 11.94 -29.54
C ILE B 500 18.51 11.38 -28.14
N THR B 501 17.34 11.34 -27.50
CA THR B 501 17.15 10.71 -26.20
C THR B 501 15.79 10.03 -26.21
N TYR B 502 15.68 8.90 -25.50
CA TYR B 502 14.47 8.08 -25.54
C TYR B 502 13.33 8.65 -24.72
N VAL B 503 13.57 9.69 -23.91
CA VAL B 503 12.49 10.30 -23.13
C VAL B 503 11.93 11.56 -23.79
N ARG B 504 12.54 12.06 -24.86
CA ARG B 504 12.00 13.17 -25.62
C ARG B 504 11.36 12.79 -26.95
N GLU B 505 10.74 11.61 -27.04
CA GLU B 505 9.75 11.33 -28.08
C GLU B 505 8.33 11.43 -27.56
N LYS B 506 8.07 12.34 -26.62
CA LYS B 506 6.74 12.54 -26.08
C LYS B 506 6.03 13.76 -26.65
N VAL B 507 6.77 14.73 -27.21
CA VAL B 507 6.17 15.90 -27.84
C VAL B 507 6.73 16.08 -29.24
N ILE B 508 7.89 15.47 -29.49
CA ILE B 508 8.58 15.57 -30.78
C ILE B 508 9.09 14.19 -31.15
N ASP B 509 9.54 14.06 -32.40
CA ASP B 509 10.13 12.81 -32.89
C ASP B 509 11.46 13.11 -33.56
N PHE B 510 12.50 12.39 -33.14
CA PHE B 510 13.82 12.60 -33.70
C PHE B 510 13.95 11.90 -35.05
N SER B 511 14.89 12.38 -35.87
CA SER B 511 15.14 11.83 -37.19
C SER B 511 16.46 11.09 -37.22
N LYS B 512 16.67 10.35 -38.31
CA LYS B 512 17.91 9.61 -38.48
C LYS B 512 19.08 10.58 -38.70
N PRO B 513 20.29 10.20 -38.28
CA PRO B 513 21.45 11.06 -38.51
C PRO B 513 21.70 11.27 -40.01
N PHE B 514 22.11 12.49 -40.34
CA PHE B 514 22.43 12.84 -41.72
C PHE B 514 23.93 12.84 -42.00
N MET B 515 24.77 12.62 -40.99
CA MET B 515 26.20 12.71 -41.13
C MET B 515 26.85 11.96 -39.98
N THR B 516 28.17 11.78 -40.07
CA THR B 516 28.94 11.02 -39.09
C THR B 516 29.43 11.98 -38.01
N LEU B 517 28.92 11.81 -36.79
CA LEU B 517 29.27 12.70 -35.69
C LEU B 517 29.02 11.98 -34.38
N GLY B 518 29.57 12.55 -33.31
CA GLY B 518 29.43 11.97 -31.98
C GLY B 518 30.06 12.81 -30.90
N ILE B 519 29.85 12.43 -29.64
CA ILE B 519 30.41 13.19 -28.53
C ILE B 519 31.93 13.11 -28.55
N SER B 520 32.58 14.26 -28.40
CA SER B 520 34.03 14.34 -28.45
C SER B 520 34.49 15.51 -27.61
N ILE B 521 35.79 15.49 -27.27
CA ILE B 521 36.40 16.46 -26.38
C ILE B 521 37.40 17.31 -27.15
N LEU B 522 37.37 18.62 -26.91
CA LEU B 522 38.41 19.53 -27.36
C LEU B 522 39.03 20.20 -26.14
N TYR B 523 40.36 20.14 -26.07
CA TYR B 523 41.14 20.95 -25.15
C TYR B 523 42.43 21.29 -25.88
N ARG B 524 42.80 22.57 -25.90
CA ARG B 524 43.99 22.94 -26.65
C ARG B 524 45.24 22.38 -25.97
N LYS B 525 46.33 22.36 -26.73
CA LYS B 525 47.59 21.88 -26.18
C LYS B 525 48.03 22.79 -25.02
N PRO B 526 48.70 22.23 -24.01
CA PRO B 526 49.14 23.06 -22.89
C PRO B 526 50.40 23.84 -23.22
N ASN B 527 50.73 23.94 -24.51
CA ASN B 527 51.88 24.71 -25.01
C ASN B 527 53.20 24.15 -24.49
N ILE B 627 82.76 11.82 -12.45
CA ILE B 627 81.78 12.33 -11.50
C ILE B 627 80.86 13.35 -12.18
N ILE B 628 81.46 14.30 -12.90
CA ILE B 628 80.68 15.31 -13.60
C ILE B 628 79.85 14.67 -14.69
N ILE B 629 80.46 13.80 -15.49
CA ILE B 629 79.74 13.14 -16.58
C ILE B 629 78.62 12.28 -16.03
N SER B 630 78.90 11.51 -14.98
CA SER B 630 77.88 10.62 -14.41
C SER B 630 76.71 11.41 -13.85
N SER B 631 76.99 12.50 -13.12
CA SER B 631 75.92 13.30 -12.54
C SER B 631 75.10 14.01 -13.63
N TYR B 632 75.77 14.55 -14.65
CA TYR B 632 75.06 15.21 -15.73
C TYR B 632 74.16 14.22 -16.46
N THR B 633 74.68 13.04 -16.78
CA THR B 633 73.86 12.03 -17.43
C THR B 633 72.71 11.61 -16.53
N ALA B 634 72.96 11.48 -15.22
CA ALA B 634 71.93 11.03 -14.31
C ALA B 634 70.77 12.01 -14.24
N ASN B 635 71.07 13.30 -14.04
CA ASN B 635 69.98 14.26 -13.89
C ASN B 635 69.27 14.51 -15.23
N LEU B 636 70.04 14.59 -16.33
CA LEU B 636 69.44 14.78 -17.64
C LEU B 636 68.49 13.62 -17.97
N ALA B 637 68.93 12.38 -17.72
CA ALA B 637 68.07 11.23 -17.98
C ALA B 637 66.90 11.17 -17.02
N ALA B 638 67.09 11.57 -15.77
CA ALA B 638 66.00 11.57 -14.80
C ALA B 638 64.87 12.47 -15.26
N PHE B 639 65.20 13.67 -15.77
CA PHE B 639 64.16 14.53 -16.34
C PHE B 639 63.62 13.93 -17.63
N LEU B 640 64.53 13.54 -18.53
CA LEU B 640 64.18 13.20 -19.90
C LEU B 640 63.23 12.00 -19.95
N THR B 641 63.45 11.02 -19.07
CA THR B 641 62.49 9.93 -18.94
C THR B 641 61.14 10.45 -18.42
N VAL B 642 61.17 11.42 -17.51
CA VAL B 642 59.93 11.91 -16.91
C VAL B 642 59.00 12.51 -17.96
N GLU B 643 59.54 13.32 -18.89
CA GLU B 643 58.54 13.88 -19.82
C GLU B 643 58.01 12.87 -20.84
N ARG B 644 58.57 11.66 -20.91
CA ARG B 644 58.08 10.70 -21.90
C ARG B 644 56.73 10.10 -21.54
N MET B 645 56.39 9.98 -20.25
CA MET B 645 55.03 9.62 -19.90
C MET B 645 54.04 10.72 -20.26
N GLU B 646 54.51 11.95 -20.41
CA GLU B 646 53.69 13.03 -20.96
C GLU B 646 53.69 13.03 -22.49
N SER B 647 53.44 11.86 -23.08
CA SER B 647 53.31 11.70 -24.52
C SER B 647 51.89 11.23 -24.81
N PRO B 648 51.28 11.64 -25.93
CA PRO B 648 49.91 11.24 -26.22
C PRO B 648 49.66 9.75 -26.07
N ILE B 649 48.79 9.39 -25.12
CA ILE B 649 48.45 7.99 -24.86
C ILE B 649 46.94 7.87 -24.77
N ASP B 650 46.45 6.67 -24.44
CA ASP B 650 45.01 6.44 -24.37
C ASP B 650 44.36 7.28 -23.28
N SER B 651 45.08 7.50 -22.17
CA SER B 651 44.52 8.20 -21.02
C SER B 651 44.37 9.70 -21.28
N ALA B 652 44.72 10.15 -22.49
CA ALA B 652 44.56 11.55 -22.84
C ALA B 652 43.12 12.01 -22.69
N ASP B 653 42.17 11.13 -22.98
CA ASP B 653 40.76 11.45 -22.76
C ASP B 653 40.49 11.68 -21.27
N ASP B 654 41.06 10.85 -20.41
CA ASP B 654 40.93 11.07 -18.97
C ASP B 654 41.82 12.21 -18.48
N LEU B 655 42.96 12.43 -19.14
CA LEU B 655 43.79 13.57 -18.81
C LEU B 655 43.07 14.88 -19.10
N ALA B 656 42.34 14.95 -20.22
CA ALA B 656 41.55 16.14 -20.52
C ALA B 656 40.39 16.30 -19.55
N LYS B 657 39.86 15.21 -19.02
CA LYS B 657 38.77 15.25 -18.05
C LYS B 657 39.27 15.36 -16.61
N GLN B 658 40.49 15.89 -16.42
CA GLN B 658 41.03 16.12 -15.10
C GLN B 658 40.16 17.11 -14.33
N THR B 659 40.00 16.87 -13.04
CA THR B 659 39.22 17.75 -12.18
C THR B 659 39.86 19.11 -11.99
N LYS B 660 41.14 19.26 -12.33
CA LYS B 660 41.81 20.55 -12.35
C LYS B 660 41.63 21.30 -13.67
N ILE B 661 40.99 20.69 -14.66
CA ILE B 661 40.75 21.30 -15.95
C ILE B 661 39.25 21.38 -16.19
N GLU B 662 38.81 22.53 -16.72
CA GLU B 662 37.39 22.78 -16.91
C GLU B 662 36.94 22.24 -18.27
N TYR B 663 36.11 21.19 -18.24
CA TYR B 663 35.47 20.62 -19.41
C TYR B 663 33.97 20.81 -19.30
N GLY B 664 33.36 21.42 -20.32
CA GLY B 664 32.02 21.95 -20.23
C GLY B 664 31.03 21.35 -21.22
N ALA B 665 29.82 21.92 -21.18
CA ALA B 665 28.69 21.49 -22.01
C ALA B 665 27.67 22.62 -22.08
N VAL B 666 26.43 22.29 -22.47
CA VAL B 666 25.38 23.27 -22.68
C VAL B 666 24.49 23.34 -21.44
N ARG B 667 24.15 24.56 -21.01
CA ARG B 667 23.25 24.74 -19.88
C ARG B 667 21.85 24.23 -20.21
N ASP B 668 21.28 23.43 -19.30
CA ASP B 668 19.89 23.02 -19.37
C ASP B 668 19.54 22.42 -20.72
N GLY B 669 20.41 21.53 -21.20
CA GLY B 669 20.17 20.75 -22.38
C GLY B 669 19.95 19.30 -22.06
N SER B 670 19.88 18.47 -23.12
CA SER B 670 19.83 17.03 -22.94
C SER B 670 21.09 16.49 -22.29
N THR B 671 22.17 17.28 -22.28
CA THR B 671 23.47 16.77 -21.88
C THR B 671 23.49 16.34 -20.41
N MET B 672 22.84 17.11 -19.54
CA MET B 672 22.79 16.69 -18.13
C MET B 672 21.90 15.47 -17.96
N THR B 673 20.90 15.31 -18.82
CA THR B 673 20.11 14.08 -18.80
C THR B 673 20.97 12.87 -19.15
N PHE B 674 21.90 13.03 -20.11
CA PHE B 674 22.89 11.98 -20.33
C PHE B 674 23.79 11.82 -19.11
N PHE B 675 24.10 12.93 -18.44
CA PHE B 675 25.03 12.90 -17.32
C PHE B 675 24.49 12.06 -16.16
N LYS B 676 23.25 12.32 -15.75
CA LYS B 676 22.79 11.79 -14.46
C LYS B 676 22.02 10.48 -14.60
N LYS B 677 21.23 10.33 -15.67
CA LYS B 677 20.46 9.11 -15.86
C LYS B 677 21.30 7.92 -16.30
N SER B 678 22.59 8.12 -16.56
CA SER B 678 23.50 7.06 -16.96
C SER B 678 24.65 6.98 -15.97
N LYS B 679 24.93 5.78 -15.46
CA LYS B 679 25.90 5.58 -14.39
C LYS B 679 26.97 4.58 -14.83
N ILE B 680 28.04 5.10 -15.43
CA ILE B 680 29.30 4.38 -15.56
C ILE B 680 30.40 5.34 -15.13
N SER B 681 31.55 4.76 -14.74
CA SER B 681 32.58 5.50 -14.00
C SER B 681 32.76 6.93 -14.51
N THR B 682 32.95 7.08 -15.83
CA THR B 682 33.14 8.42 -16.40
C THR B 682 31.91 9.29 -16.17
N TYR B 683 30.71 8.71 -16.31
CA TYR B 683 29.50 9.51 -16.24
C TYR B 683 29.26 10.07 -14.84
N GLU B 684 29.30 9.23 -13.80
CA GLU B 684 29.11 9.76 -12.45
C GLU B 684 30.29 10.61 -12.02
N LYS B 685 31.50 10.29 -12.51
CA LYS B 685 32.65 11.14 -12.21
C LYS B 685 32.42 12.56 -12.71
N MET B 686 32.00 12.71 -13.97
CA MET B 686 31.82 14.04 -14.49
C MET B 686 30.54 14.68 -13.98
N TRP B 687 29.57 13.88 -13.55
CA TRP B 687 28.40 14.42 -12.86
C TRP B 687 28.80 15.05 -11.53
N ALA B 688 29.69 14.38 -10.79
CA ALA B 688 30.23 14.96 -9.57
C ALA B 688 31.01 16.23 -9.87
N PHE B 689 31.78 16.23 -10.97
CA PHE B 689 32.54 17.42 -11.33
C PHE B 689 31.62 18.59 -11.69
N MET B 690 30.56 18.32 -12.47
CA MET B 690 29.69 19.39 -12.94
C MET B 690 28.93 20.04 -11.77
N SER B 691 28.45 19.22 -10.83
CA SER B 691 27.68 19.72 -9.71
C SER B 691 28.52 20.50 -8.70
N SER B 692 29.79 20.73 -9.00
CA SER B 692 30.66 21.52 -8.15
C SER B 692 30.38 23.01 -8.36
N ARG B 693 30.53 23.78 -7.27
CA ARG B 693 30.32 25.22 -7.27
C ARG B 693 28.92 25.57 -7.76
N GLN B 694 27.92 25.01 -7.08
CA GLN B 694 26.50 25.23 -7.40
C GLN B 694 26.19 24.87 -8.85
N GLN B 695 26.59 23.64 -9.23
CA GLN B 695 26.33 23.06 -10.56
C GLN B 695 26.62 24.04 -11.69
N SER B 696 27.64 24.89 -11.49
CA SER B 696 28.01 25.91 -12.47
C SER B 696 29.51 25.94 -12.61
N ALA B 697 30.04 25.15 -13.56
CA ALA B 697 31.44 25.21 -13.95
C ALA B 697 31.56 25.04 -15.45
N LEU B 698 30.49 25.36 -16.18
CA LEU B 698 30.35 25.05 -17.59
C LEU B 698 29.88 26.31 -18.34
N VAL B 699 29.53 26.13 -19.62
CA VAL B 699 29.15 27.23 -20.50
C VAL B 699 27.72 27.03 -20.97
N LYS B 700 27.22 28.03 -21.71
CA LYS B 700 25.81 28.01 -22.09
C LYS B 700 25.58 27.57 -23.53
N ASN B 701 26.39 28.02 -24.49
CA ASN B 701 26.19 27.62 -25.88
C ASN B 701 27.49 27.81 -26.66
N SER B 702 27.35 27.76 -27.98
CA SER B 702 28.51 27.59 -28.86
C SER B 702 29.38 28.84 -28.93
N ASP B 703 28.78 30.01 -29.10
CA ASP B 703 29.58 31.21 -29.35
C ASP B 703 30.44 31.59 -28.15
N GLU B 704 29.82 31.70 -26.97
CA GLU B 704 30.60 32.04 -25.79
C GLU B 704 31.52 30.89 -25.39
N GLY B 705 31.15 29.66 -25.74
CA GLY B 705 32.06 28.54 -25.53
C GLY B 705 33.32 28.67 -26.37
N ILE B 706 33.16 29.07 -27.63
CA ILE B 706 34.32 29.32 -28.49
C ILE B 706 35.17 30.44 -27.91
N GLN B 707 34.52 31.51 -27.46
CA GLN B 707 35.25 32.62 -26.85
C GLN B 707 36.00 32.16 -25.60
N ARG B 708 35.38 31.32 -24.78
CA ARG B 708 36.00 30.79 -23.58
C ARG B 708 37.23 29.96 -23.91
N VAL B 709 37.09 29.01 -24.84
CA VAL B 709 38.23 28.16 -25.18
C VAL B 709 39.26 28.94 -25.99
N LEU B 710 38.91 30.14 -26.46
CA LEU B 710 39.89 30.99 -27.10
C LEU B 710 40.71 31.78 -26.06
N THR B 711 40.04 32.33 -25.05
CA THR B 711 40.71 33.18 -24.08
C THR B 711 41.42 32.36 -23.00
N THR B 712 40.67 31.57 -22.25
CA THR B 712 41.20 30.82 -21.12
C THR B 712 41.20 29.33 -21.46
N ASP B 713 42.27 28.63 -21.07
CA ASP B 713 42.39 27.20 -21.32
C ASP B 713 41.17 26.46 -20.78
N TYR B 714 40.39 25.86 -21.68
CA TYR B 714 39.09 25.33 -21.34
C TYR B 714 38.75 24.18 -22.28
N ALA B 715 37.89 23.28 -21.82
CA ALA B 715 37.54 22.09 -22.58
C ALA B 715 36.03 21.96 -22.69
N LEU B 716 35.57 21.23 -23.71
CA LEU B 716 34.15 21.13 -24.01
C LEU B 716 33.83 19.79 -24.64
N LEU B 717 32.63 19.30 -24.38
CA LEU B 717 32.11 18.08 -24.98
C LEU B 717 30.90 18.41 -25.85
N MET B 718 31.07 18.34 -27.17
CA MET B 718 29.96 18.45 -28.11
C MET B 718 30.21 17.53 -29.28
N GLU B 719 29.36 17.64 -30.30
CA GLU B 719 29.44 16.78 -31.46
C GLU B 719 30.71 17.07 -32.26
N SER B 720 31.23 16.03 -32.92
CA SER B 720 32.54 16.13 -33.56
C SER B 720 32.52 17.11 -34.73
N THR B 721 31.44 17.14 -35.51
CA THR B 721 31.42 17.96 -36.72
C THR B 721 31.52 19.44 -36.40
N SER B 722 30.79 19.91 -35.38
CA SER B 722 30.86 21.33 -35.02
C SER B 722 32.25 21.69 -34.50
N ILE B 723 32.88 20.77 -33.76
CA ILE B 723 34.24 20.99 -33.29
C ILE B 723 35.20 21.06 -34.46
N GLU B 724 35.01 20.20 -35.46
CA GLU B 724 35.84 20.26 -36.66
C GLU B 724 35.65 21.58 -37.39
N TYR B 725 34.41 22.06 -37.45
CA TYR B 725 34.15 23.37 -38.05
C TYR B 725 34.87 24.49 -37.30
N VAL B 726 34.78 24.50 -35.98
CA VAL B 726 35.37 25.61 -35.23
C VAL B 726 36.90 25.54 -35.29
N THR B 727 37.46 24.33 -35.36
CA THR B 727 38.91 24.20 -35.48
C THR B 727 39.45 24.79 -36.78
N GLN B 728 38.68 24.73 -37.88
CA GLN B 728 39.13 25.25 -39.16
C GLN B 728 39.35 26.76 -39.15
N ARG B 729 38.83 27.48 -38.16
CA ARG B 729 38.98 28.92 -38.09
C ARG B 729 39.91 29.36 -36.97
N ASN B 730 40.16 28.49 -35.99
CA ASN B 730 41.05 28.78 -34.87
C ASN B 730 42.10 27.69 -34.79
N CYS B 731 43.35 28.02 -35.09
CA CYS B 731 44.44 27.06 -35.00
C CYS B 731 45.37 27.30 -33.81
N ASN B 732 44.92 28.03 -32.80
CA ASN B 732 45.38 27.82 -31.45
C ASN B 732 44.52 26.79 -30.74
N LEU B 733 43.52 26.24 -31.44
CA LEU B 733 42.61 25.24 -30.91
C LEU B 733 42.80 23.93 -31.66
N THR B 734 42.82 22.82 -30.92
CA THR B 734 42.90 21.50 -31.55
C THR B 734 42.35 20.48 -30.56
N GLN B 735 41.99 19.31 -31.09
CA GLN B 735 41.43 18.25 -30.29
C GLN B 735 42.55 17.40 -29.70
N ILE B 736 42.75 17.50 -28.39
CA ILE B 736 43.61 16.59 -27.66
C ILE B 736 42.75 15.46 -27.13
N GLY B 737 42.93 14.27 -27.66
CA GLY B 737 42.06 13.15 -27.43
C GLY B 737 41.37 12.69 -28.70
N GLY B 738 40.12 12.30 -28.56
CA GLY B 738 39.35 11.87 -29.71
C GLY B 738 37.89 11.70 -29.37
N LEU B 739 37.17 11.04 -30.28
CA LEU B 739 35.76 10.77 -30.06
C LEU B 739 35.57 9.85 -28.86
N ILE B 740 34.60 10.18 -28.01
CA ILE B 740 34.26 9.32 -26.88
C ILE B 740 33.35 8.18 -27.32
N ASP B 741 32.25 8.51 -27.99
CA ASP B 741 31.36 7.50 -28.56
C ASP B 741 30.54 8.16 -29.65
N SER B 742 30.00 7.34 -30.54
CA SER B 742 29.17 7.83 -31.62
C SER B 742 27.80 8.24 -31.08
N LYS B 743 27.37 9.45 -31.44
CA LYS B 743 26.13 10.02 -30.95
C LYS B 743 25.28 10.48 -32.12
N GLY B 744 24.00 10.11 -32.09
CA GLY B 744 23.07 10.54 -33.11
C GLY B 744 22.76 12.02 -32.99
N TYR B 745 22.22 12.55 -34.09
CA TYR B 745 21.91 13.96 -34.17
C TYR B 745 20.68 14.21 -35.04
N GLY B 746 19.50 14.28 -34.43
CA GLY B 746 18.27 14.44 -35.16
C GLY B 746 17.64 15.80 -34.95
N VAL B 747 16.47 15.97 -35.58
CA VAL B 747 15.67 17.19 -35.48
C VAL B 747 14.26 16.80 -35.06
N GLY B 748 13.79 17.38 -33.97
CA GLY B 748 12.46 17.03 -33.47
C GLY B 748 11.36 17.49 -34.42
N THR B 749 10.29 16.70 -34.46
CA THR B 749 9.11 17.02 -35.25
C THR B 749 7.88 16.60 -34.46
N PRO B 750 6.81 17.42 -34.45
CA PRO B 750 5.62 17.09 -33.64
C PRO B 750 5.12 15.67 -33.81
N ILE B 751 5.08 14.92 -32.70
CA ILE B 751 4.63 13.54 -32.74
C ILE B 751 3.12 13.50 -33.00
N GLY B 752 2.71 12.59 -33.88
CA GLY B 752 1.30 12.46 -34.21
C GLY B 752 0.75 13.54 -35.10
N SER B 753 1.61 14.33 -35.74
CA SER B 753 1.19 15.43 -36.60
C SER B 753 1.09 14.96 -38.05
N PRO B 754 0.06 15.40 -38.77
CA PRO B 754 0.01 15.12 -40.21
C PRO B 754 1.18 15.73 -40.97
N TYR B 755 1.67 16.88 -40.52
CA TYR B 755 2.84 17.49 -41.14
C TYR B 755 4.11 16.68 -40.89
N ARG B 756 4.13 15.87 -39.83
CA ARG B 756 5.34 15.13 -39.48
C ARG B 756 5.72 14.16 -40.60
N ASP B 757 4.75 13.39 -41.10
CA ASP B 757 5.04 12.42 -42.15
C ASP B 757 5.50 13.12 -43.42
N LYS B 758 4.85 14.23 -43.78
CA LYS B 758 5.24 14.96 -44.98
C LYS B 758 6.67 15.49 -44.86
N ILE B 759 7.01 16.07 -43.70
CA ILE B 759 8.35 16.60 -43.50
C ILE B 759 9.38 15.48 -43.54
N THR B 760 9.09 14.35 -42.89
CA THR B 760 10.03 13.24 -42.90
C THR B 760 10.26 12.70 -44.31
N ILE B 761 9.18 12.56 -45.10
CA ILE B 761 9.33 12.07 -46.47
C ILE B 761 10.12 13.06 -47.31
N ALA B 762 9.87 14.36 -47.12
CA ALA B 762 10.61 15.37 -47.88
C ALA B 762 12.09 15.36 -47.53
N ILE B 763 12.41 15.21 -46.24
CA ILE B 763 13.81 15.10 -45.83
C ILE B 763 14.44 13.85 -46.43
N LEU B 764 13.68 12.75 -46.47
CA LEU B 764 14.19 11.53 -47.09
C LEU B 764 14.50 11.75 -48.56
N GLN B 765 13.61 12.45 -49.28
CA GLN B 765 13.85 12.74 -50.69
C GLN B 765 15.10 13.59 -50.86
N LEU B 766 15.25 14.63 -50.04
CA LEU B 766 16.39 15.52 -50.18
C LEU B 766 17.69 14.82 -49.85
N GLN B 767 17.68 13.92 -48.86
CA GLN B 767 18.86 13.14 -48.55
C GLN B 767 19.17 12.15 -49.67
N GLU B 768 18.13 11.60 -50.31
CA GLU B 768 18.34 10.73 -51.46
C GLU B 768 19.01 11.49 -52.60
N GLU B 769 18.57 12.73 -52.85
CA GLU B 769 19.19 13.53 -53.90
C GLU B 769 20.56 14.05 -53.50
N GLY B 770 20.94 13.91 -52.24
CA GLY B 770 22.26 14.36 -51.81
C GLY B 770 22.38 15.84 -51.53
N LYS B 771 21.26 16.56 -51.51
CA LYS B 771 21.29 18.01 -51.27
C LYS B 771 21.99 18.33 -49.96
N LEU B 772 21.78 17.48 -48.95
CA LEU B 772 22.44 17.68 -47.67
C LEU B 772 23.95 17.56 -47.78
N HIS B 773 24.44 16.70 -48.69
CA HIS B 773 25.90 16.61 -48.89
C HIS B 773 26.46 17.90 -49.46
N MET B 774 25.79 18.50 -50.45
CA MET B 774 26.26 19.78 -50.96
C MET B 774 26.18 20.87 -49.90
N MET B 775 25.14 20.85 -49.07
CA MET B 775 25.09 21.82 -47.97
C MET B 775 26.22 21.61 -46.96
N LYS B 776 26.54 20.34 -46.66
CA LYS B 776 27.65 20.02 -45.78
C LYS B 776 28.96 20.53 -46.34
N GLU B 777 29.17 20.37 -47.65
CA GLU B 777 30.36 20.92 -48.28
C GLU B 777 30.35 22.44 -48.29
N LYS B 778 29.17 23.05 -48.41
CA LYS B 778 29.07 24.50 -48.46
C LYS B 778 29.42 25.14 -47.12
N TRP B 779 28.88 24.61 -46.03
CA TRP B 779 28.99 25.26 -44.73
C TRP B 779 30.15 24.75 -43.90
N TRP B 780 30.20 23.44 -43.65
CA TRP B 780 31.18 22.90 -42.71
C TRP B 780 32.61 23.12 -43.17
N ARG B 781 32.87 22.96 -44.46
CA ARG B 781 34.24 22.94 -44.97
C ARG B 781 34.89 24.32 -44.86
N GLY B 782 36.19 24.31 -44.57
CA GLY B 782 36.99 25.52 -44.52
C GLY B 782 38.42 25.26 -44.98
N ASN B 783 39.33 26.19 -44.71
CA ASN B 783 40.71 26.03 -45.13
C ASN B 783 41.62 26.78 -44.17
N GLY B 784 42.89 26.38 -44.17
CA GLY B 784 43.89 26.97 -43.29
C GLY B 784 43.80 26.46 -41.88
N CYS B 785 44.96 26.22 -41.25
CA CYS B 785 45.07 25.71 -39.87
C CYS B 785 44.46 24.31 -39.75
N PRO B 786 44.69 23.60 -38.63
CA PRO B 786 44.02 22.31 -38.43
C PRO B 786 42.50 22.40 -38.36
N GLN C 1 -47.25 60.89 34.79
CA GLN C 1 -47.17 59.87 35.83
C GLN C 1 -45.76 59.79 36.42
N VAL C 2 -45.66 59.24 37.62
CA VAL C 2 -44.38 59.04 38.30
C VAL C 2 -44.16 57.55 38.44
N LEU C 3 -43.04 57.06 37.92
CA LEU C 3 -42.73 55.63 37.94
C LEU C 3 -41.64 55.34 38.96
N ARG C 4 -41.47 54.06 39.26
CA ARG C 4 -40.48 53.60 40.22
C ARG C 4 -39.75 52.40 39.65
N ILE C 5 -38.50 52.23 40.06
CA ILE C 5 -37.67 51.11 39.64
C ILE C 5 -37.08 50.43 40.86
N GLY C 6 -37.01 49.10 40.83
CA GLY C 6 -36.50 48.32 41.94
C GLY C 6 -35.10 47.81 41.65
N GLY C 7 -34.18 48.12 42.56
CA GLY C 7 -32.81 47.66 42.45
C GLY C 7 -32.47 46.54 43.41
N ILE C 8 -32.36 45.32 42.89
CA ILE C 8 -32.10 44.14 43.71
C ILE C 8 -30.61 43.83 43.60
N PHE C 9 -29.87 44.14 44.67
CA PHE C 9 -28.42 43.99 44.69
C PHE C 9 -28.04 43.02 45.79
N GLU C 10 -27.20 42.03 45.45
CA GLU C 10 -26.63 41.14 46.45
C GLU C 10 -25.47 41.85 47.14
N THR C 11 -25.59 42.04 48.45
CA THR C 11 -24.53 42.70 49.20
C THR C 11 -23.27 41.84 49.22
N VAL C 12 -22.15 42.42 48.80
CA VAL C 12 -20.87 41.74 48.75
C VAL C 12 -20.08 42.11 50.00
N GLU C 13 -19.61 41.11 50.73
CA GLU C 13 -18.88 41.33 51.97
C GLU C 13 -17.49 41.87 51.69
N ASN C 14 -16.84 42.33 52.75
CA ASN C 14 -15.49 42.89 52.71
C ASN C 14 -15.47 44.22 51.97
N GLU C 15 -16.65 44.77 51.65
CA GLU C 15 -16.74 46.07 51.03
C GLU C 15 -18.06 46.73 51.40
N PRO C 16 -18.04 47.79 52.22
CA PRO C 16 -19.26 48.56 52.46
C PRO C 16 -19.40 49.70 51.46
N VAL C 17 -18.35 49.92 50.66
CA VAL C 17 -18.39 50.95 49.63
C VAL C 17 -19.41 50.59 48.56
N ASN C 18 -19.32 49.38 48.02
CA ASN C 18 -20.31 48.82 47.10
C ASN C 18 -20.56 49.75 45.89
N VAL C 19 -19.59 49.77 44.98
CA VAL C 19 -19.52 50.75 43.90
C VAL C 19 -20.74 50.68 42.97
N GLU C 20 -21.43 49.54 42.95
CA GLU C 20 -22.49 49.35 41.95
C GLU C 20 -23.67 50.28 42.19
N GLU C 21 -24.19 50.33 43.42
CA GLU C 21 -25.28 51.27 43.65
C GLU C 21 -24.79 52.71 43.72
N LEU C 22 -23.50 52.92 43.98
CA LEU C 22 -22.91 54.24 43.79
C LEU C 22 -23.07 54.69 42.34
N ALA C 23 -22.68 53.84 41.40
CA ALA C 23 -22.85 54.18 39.99
C ALA C 23 -24.31 54.33 39.63
N PHE C 24 -25.18 53.52 40.24
CA PHE C 24 -26.61 53.66 40.02
C PHE C 24 -27.10 55.04 40.42
N LYS C 25 -26.69 55.51 41.60
CA LYS C 25 -27.15 56.81 42.07
C LYS C 25 -26.53 57.96 41.29
N PHE C 26 -25.26 57.83 40.84
CA PHE C 26 -24.76 58.87 39.93
C PHE C 26 -25.55 58.89 38.63
N ALA C 27 -25.88 57.71 38.09
CA ALA C 27 -26.63 57.68 36.83
C ALA C 27 -28.02 58.30 36.99
N VAL C 28 -28.72 57.95 38.07
CA VAL C 28 -30.07 58.47 38.27
C VAL C 28 -30.03 59.97 38.55
N THR C 29 -29.02 60.43 39.29
CA THR C 29 -28.88 61.86 39.51
C THR C 29 -28.58 62.59 38.21
N SER C 30 -27.67 62.06 37.39
CA SER C 30 -27.31 62.72 36.15
C SER C 30 -28.50 62.82 35.20
N ILE C 31 -29.29 61.74 35.09
CA ILE C 31 -30.48 61.84 34.25
C ILE C 31 -31.50 62.77 34.89
N ASN C 32 -31.53 62.85 36.22
CA ASN C 32 -32.45 63.78 36.89
C ASN C 32 -31.97 65.22 36.84
N ARG C 33 -30.68 65.46 36.61
CA ARG C 33 -30.18 66.83 36.46
C ARG C 33 -30.32 67.36 35.04
N ASN C 34 -30.77 66.53 34.11
CA ASN C 34 -30.95 66.93 32.72
C ASN C 34 -32.39 67.42 32.57
N ARG C 35 -32.55 68.62 32.00
CA ARG C 35 -33.86 69.25 31.86
C ARG C 35 -34.36 69.32 30.42
N THR C 36 -33.54 68.94 29.43
CA THR C 36 -33.97 69.03 28.05
C THR C 36 -34.90 67.90 27.64
N LEU C 37 -34.99 66.83 28.45
CA LEU C 37 -35.99 65.79 28.25
C LEU C 37 -36.76 65.56 29.54
N MET C 38 -38.09 65.62 29.42
CA MET C 38 -39.06 65.33 30.46
C MET C 38 -39.99 64.23 29.95
N PRO C 39 -40.04 63.07 30.63
CA PRO C 39 -41.04 62.07 30.23
C PRO C 39 -42.44 62.63 30.43
N ASN C 40 -42.77 62.95 31.69
CA ASN C 40 -43.72 64.00 32.00
C ASN C 40 -43.24 64.73 33.25
N THR C 41 -42.31 64.11 33.97
CA THR C 41 -41.83 64.58 35.27
C THR C 41 -40.70 63.70 35.77
N THR C 42 -40.15 64.01 36.94
CA THR C 42 -39.03 63.27 37.51
C THR C 42 -39.41 61.85 37.91
N LEU C 43 -38.41 60.99 38.07
CA LEU C 43 -38.61 59.59 38.48
C LEU C 43 -37.71 59.28 39.67
N THR C 44 -38.14 58.34 40.49
CA THR C 44 -37.42 57.99 41.71
C THR C 44 -37.23 56.48 41.77
N TYR C 45 -36.13 56.08 42.41
CA TYR C 45 -35.75 54.67 42.53
C TYR C 45 -36.31 54.06 43.81
N ASP C 46 -36.32 52.73 43.83
CA ASP C 46 -36.63 51.96 45.03
C ASP C 46 -35.52 50.92 45.22
N ILE C 47 -34.98 50.84 46.43
CA ILE C 47 -33.85 49.97 46.71
C ILE C 47 -34.15 49.16 47.97
N GLN C 48 -33.87 47.86 47.90
CA GLN C 48 -33.92 46.98 49.05
C GLN C 48 -32.64 46.16 49.07
N ARG C 49 -32.14 45.88 50.26
CA ARG C 49 -30.82 45.28 50.43
C ARG C 49 -30.94 43.77 50.59
N ILE C 50 -30.14 43.04 49.81
CA ILE C 50 -30.10 41.58 49.85
C ILE C 50 -28.63 41.17 49.95
N ASN C 51 -28.36 40.13 50.76
CA ASN C 51 -27.02 39.64 50.96
C ASN C 51 -26.72 38.50 49.99
N LEU C 52 -25.43 38.21 49.82
CA LEU C 52 -24.99 37.21 48.86
C LEU C 52 -25.29 35.80 49.36
N PHE C 53 -25.25 34.84 48.43
CA PHE C 53 -25.34 33.41 48.72
C PHE C 53 -26.72 33.00 49.21
N ASP C 54 -27.77 33.62 48.69
CA ASP C 54 -29.13 33.16 48.93
C ASP C 54 -30.08 33.74 47.89
N SER C 55 -30.80 32.87 47.18
CA SER C 55 -31.68 33.30 46.09
C SER C 55 -33.13 33.47 46.49
N PHE C 56 -33.60 32.70 47.47
CA PHE C 56 -35.01 32.80 47.87
C PHE C 56 -35.30 34.16 48.50
N GLU C 57 -34.36 34.69 49.29
CA GLU C 57 -34.54 36.01 49.85
C GLU C 57 -34.66 37.07 48.76
N ALA C 58 -33.88 36.94 47.70
CA ALA C 58 -34.00 37.86 46.57
C ALA C 58 -35.40 37.80 45.97
N SER C 59 -35.95 36.60 45.81
CA SER C 59 -37.28 36.47 45.23
C SER C 59 -38.35 37.08 46.12
N ARG C 60 -38.29 36.81 47.44
CA ARG C 60 -39.33 37.34 48.31
C ARG C 60 -39.24 38.86 48.41
N ARG C 61 -38.03 39.40 48.51
CA ARG C 61 -37.90 40.86 48.51
C ARG C 61 -38.36 41.44 47.18
N ALA C 62 -38.10 40.74 46.07
CA ALA C 62 -38.55 41.22 44.77
C ALA C 62 -40.07 41.32 44.72
N CYS C 63 -40.76 40.29 45.20
CA CYS C 63 -42.22 40.38 45.19
C CYS C 63 -42.74 41.37 46.21
N ASP C 64 -42.00 41.61 47.30
CA ASP C 64 -42.38 42.69 48.22
C ASP C 64 -42.32 44.04 47.53
N GLN C 65 -41.23 44.33 46.81
CA GLN C 65 -41.16 45.60 46.09
C GLN C 65 -42.17 45.66 44.94
N LEU C 66 -42.50 44.52 44.33
CA LEU C 66 -43.58 44.52 43.36
C LEU C 66 -44.91 44.89 44.02
N ALA C 67 -45.12 44.42 45.24
CA ALA C 67 -46.29 44.87 46.00
C ALA C 67 -46.24 46.37 46.25
N LEU C 68 -45.06 46.89 46.59
CA LEU C 68 -44.89 48.33 46.66
C LEU C 68 -45.11 48.97 45.30
N GLY C 69 -44.55 48.36 44.25
CA GLY C 69 -44.79 48.82 42.90
C GLY C 69 -43.59 49.45 42.23
N VAL C 70 -43.02 48.74 41.25
CA VAL C 70 -41.90 49.26 40.46
C VAL C 70 -42.18 48.95 39.00
N ALA C 71 -41.62 49.78 38.11
CA ALA C 71 -41.82 49.56 36.68
C ALA C 71 -41.20 48.25 36.23
N ALA C 72 -40.00 47.93 36.71
CA ALA C 72 -39.32 46.71 36.33
C ALA C 72 -38.36 46.33 37.45
N LEU C 73 -37.59 45.27 37.22
CA LEU C 73 -36.62 44.76 38.18
C LEU C 73 -35.23 44.99 37.63
N PHE C 74 -34.37 45.63 38.41
CA PHE C 74 -32.99 45.89 38.02
C PHE C 74 -32.08 44.94 38.80
N GLY C 75 -31.14 44.31 38.11
CA GLY C 75 -30.39 43.22 38.67
C GLY C 75 -31.03 41.89 38.34
N PRO C 76 -30.72 40.83 39.10
CA PRO C 76 -29.79 40.76 40.22
C PRO C 76 -28.32 40.73 39.80
N SER C 77 -27.41 40.94 40.75
CA SER C 77 -25.99 41.03 40.47
C SER C 77 -25.25 39.70 40.66
N HIS C 78 -25.96 38.62 40.99
CA HIS C 78 -25.34 37.32 41.18
C HIS C 78 -25.88 36.34 40.16
N SER C 79 -25.00 35.44 39.68
CA SER C 79 -25.36 34.55 38.59
C SER C 79 -26.46 33.57 38.98
N SER C 80 -26.33 32.95 40.16
CA SER C 80 -27.29 31.93 40.57
C SER C 80 -28.65 32.51 40.96
N SER C 81 -28.67 33.64 41.66
CA SER C 81 -29.92 34.28 42.06
C SER C 81 -30.76 34.70 40.87
N VAL C 82 -30.17 34.76 39.67
CA VAL C 82 -30.91 35.02 38.45
C VAL C 82 -31.97 33.95 38.24
N SER C 83 -31.66 32.69 38.56
CA SER C 83 -32.46 31.56 38.07
C SER C 83 -33.92 31.65 38.50
N ALA C 84 -34.16 31.97 39.77
CA ALA C 84 -35.52 31.85 40.31
C ALA C 84 -36.42 32.98 39.82
N VAL C 85 -35.89 34.20 39.73
CA VAL C 85 -36.74 35.38 39.63
C VAL C 85 -37.61 35.37 38.39
N GLN C 86 -37.10 34.89 37.25
CA GLN C 86 -37.91 34.88 36.03
C GLN C 86 -39.20 34.11 36.22
N SER C 87 -39.18 33.05 37.03
CA SER C 87 -40.42 32.33 37.32
C SER C 87 -41.49 33.29 37.81
N ILE C 88 -41.16 34.09 38.84
CA ILE C 88 -42.09 35.12 39.28
C ILE C 88 -42.37 36.08 38.12
N CYS C 89 -41.25 36.53 37.51
CA CYS C 89 -41.31 37.53 36.46
C CYS C 89 -42.18 37.15 35.33
N ASN C 90 -42.01 35.92 34.95
CA ASN C 90 -42.73 35.50 33.80
C ASN C 90 -44.15 35.79 34.13
N ALA C 91 -44.50 35.65 35.39
CA ALA C 91 -45.90 35.84 35.79
C ALA C 91 -46.17 37.29 35.90
N LEU C 92 -47.43 37.67 36.14
CA LEU C 92 -47.76 39.06 36.36
C LEU C 92 -47.25 39.96 35.29
N GLU C 93 -46.75 39.38 34.20
CA GLU C 93 -46.33 40.18 33.09
C GLU C 93 -45.16 40.99 33.62
N VAL C 94 -44.20 40.29 34.23
CA VAL C 94 -43.03 40.98 34.78
C VAL C 94 -41.77 41.15 33.88
N PRO C 95 -41.54 42.37 33.28
CA PRO C 95 -40.30 42.55 32.51
C PRO C 95 -39.10 42.70 33.43
N HIS C 96 -38.00 42.07 33.02
CA HIS C 96 -36.80 42.02 33.84
C HIS C 96 -35.58 42.31 32.98
N ILE C 97 -34.69 43.15 33.49
CA ILE C 97 -33.43 43.48 32.81
C ILE C 97 -32.27 42.90 33.62
N GLN C 98 -31.31 42.32 32.92
CA GLN C 98 -30.21 41.60 33.55
C GLN C 98 -28.92 42.39 33.46
N THR C 99 -28.21 42.47 34.57
CA THR C 99 -26.84 42.99 34.60
C THR C 99 -25.84 41.94 35.07
N ARG C 100 -26.22 40.67 35.02
CA ARG C 100 -25.34 39.56 35.39
C ARG C 100 -25.56 38.44 34.38
N TRP C 101 -24.46 37.90 33.85
CA TRP C 101 -24.56 36.98 32.73
C TRP C 101 -25.18 35.66 33.17
N LYS C 102 -25.92 35.03 32.26
CA LYS C 102 -26.54 33.73 32.52
C LYS C 102 -26.49 32.91 31.25
N HIS C 103 -26.38 31.59 31.41
CA HIS C 103 -26.32 30.71 30.26
C HIS C 103 -27.67 30.68 29.55
N PRO C 104 -27.72 31.01 28.26
CA PRO C 104 -29.00 31.03 27.55
C PRO C 104 -29.62 29.65 27.42
N SER C 105 -30.84 29.50 27.93
CA SER C 105 -31.56 28.23 27.86
C SER C 105 -32.75 28.33 26.91
N VAL C 106 -33.47 27.21 26.77
CA VAL C 106 -34.64 27.16 25.92
C VAL C 106 -35.94 27.29 26.71
N ASP C 107 -35.92 27.03 28.01
CA ASP C 107 -37.08 27.19 28.86
C ASP C 107 -37.39 28.64 29.18
N SER C 108 -36.47 29.55 28.89
CA SER C 108 -36.64 30.96 29.21
C SER C 108 -37.32 31.69 28.05
N ARG C 109 -38.00 32.78 28.38
CA ARG C 109 -38.64 33.63 27.40
C ARG C 109 -37.68 34.74 26.98
N ASP C 110 -37.65 35.02 25.68
CA ASP C 110 -36.83 36.10 25.14
C ASP C 110 -37.48 37.47 25.34
N LEU C 111 -38.70 37.51 25.88
CA LEU C 111 -39.40 38.75 26.14
C LEU C 111 -39.05 39.34 27.49
N PHE C 112 -38.82 38.50 28.50
CA PHE C 112 -38.45 38.94 29.83
C PHE C 112 -36.94 38.84 30.08
N TYR C 113 -36.18 38.37 29.09
CA TYR C 113 -34.73 38.25 29.19
C TYR C 113 -34.10 39.42 28.45
N ILE C 114 -33.60 40.39 29.20
CA ILE C 114 -32.89 41.53 28.64
C ILE C 114 -31.59 41.71 29.41
N ASN C 115 -30.46 41.55 28.71
CA ASN C 115 -29.15 41.67 29.34
C ASN C 115 -28.35 42.74 28.62
N LEU C 116 -27.54 43.48 29.40
CA LEU C 116 -26.68 44.52 28.87
C LEU C 116 -25.24 44.04 28.70
N TYR C 117 -25.02 42.74 28.42
CA TYR C 117 -23.66 42.25 28.23
C TYR C 117 -23.39 41.99 26.75
N PRO C 118 -22.17 42.18 26.28
CA PRO C 118 -21.87 41.94 24.86
C PRO C 118 -21.84 40.44 24.56
N ASP C 119 -21.98 40.12 23.28
CA ASP C 119 -21.90 38.73 22.85
C ASP C 119 -20.44 38.27 22.80
N TYR C 120 -20.14 37.20 23.54
CA TYR C 120 -18.78 36.67 23.56
C TYR C 120 -18.40 36.10 22.20
N ALA C 121 -19.38 35.56 21.47
CA ALA C 121 -19.13 35.03 20.14
C ALA C 121 -18.66 36.12 19.17
N ALA C 122 -19.20 37.34 19.30
CA ALA C 122 -18.69 38.45 18.52
C ALA C 122 -17.21 38.69 18.81
N ILE C 123 -16.83 38.59 20.09
CA ILE C 123 -15.42 38.70 20.45
C ILE C 123 -14.62 37.57 19.81
N SER C 124 -15.17 36.36 19.74
CA SER C 124 -14.43 35.27 19.12
C SER C 124 -14.15 35.54 17.65
N ARG C 125 -15.15 36.01 16.90
CA ARG C 125 -14.84 36.49 15.56
C ARG C 125 -13.81 37.62 15.58
N ALA C 126 -13.90 38.53 16.55
CA ALA C 126 -12.92 39.61 16.60
C ALA C 126 -11.50 39.07 16.79
N VAL C 127 -11.32 38.15 17.72
CA VAL C 127 -9.97 37.65 17.95
C VAL C 127 -9.49 36.84 16.75
N LEU C 128 -10.38 36.05 16.11
CA LEU C 128 -9.91 35.22 15.01
C LEU C 128 -9.57 36.07 13.78
N ASP C 129 -10.41 37.06 13.44
CA ASP C 129 -10.09 37.83 12.24
C ASP C 129 -8.98 38.83 12.52
N LEU C 130 -8.71 39.15 13.79
CA LEU C 130 -7.51 39.91 14.10
C LEU C 130 -6.26 39.05 13.97
N VAL C 131 -6.30 37.82 14.50
CA VAL C 131 -5.10 36.97 14.46
C VAL C 131 -4.79 36.55 13.04
N LEU C 132 -5.86 36.49 12.29
CA LEU C 132 -5.71 36.14 10.95
C LEU C 132 -4.80 37.14 10.40
N TYR C 133 -5.00 38.38 10.82
CA TYR C 133 -4.23 39.41 10.21
C TYR C 133 -2.78 39.23 10.35
N TYR C 134 -2.32 39.35 11.56
CA TYR C 134 -0.91 39.32 11.74
C TYR C 134 -0.48 37.97 11.41
N ASN C 135 -1.44 37.08 11.24
CA ASN C 135 -1.15 35.76 10.82
C ASN C 135 -0.10 35.12 11.61
N TRP C 136 -0.21 35.19 12.92
CA TRP C 136 0.74 34.47 13.73
C TRP C 136 0.43 33.03 13.51
N LYS C 137 1.30 32.27 12.86
CA LYS C 137 0.97 30.90 12.56
C LYS C 137 0.91 30.11 13.83
N THR C 138 1.22 30.79 14.91
CA THR C 138 1.25 30.08 16.20
C THR C 138 0.36 30.81 17.21
N VAL C 139 -0.50 30.04 17.89
CA VAL C 139 -1.44 30.57 18.87
C VAL C 139 -1.41 29.71 20.13
N THR C 140 -1.33 30.37 21.28
CA THR C 140 -1.48 29.73 22.59
C THR C 140 -2.49 30.52 23.40
N VAL C 141 -3.55 29.85 23.84
CA VAL C 141 -4.64 30.48 24.60
C VAL C 141 -4.53 30.05 26.06
N VAL C 142 -4.63 31.03 26.96
CA VAL C 142 -4.56 30.80 28.40
C VAL C 142 -5.94 31.02 28.99
N TYR C 143 -6.41 30.07 29.79
CA TYR C 143 -7.73 30.11 30.40
C TYR C 143 -7.66 29.56 31.81
N GLU C 144 -8.70 29.88 32.60
CA GLU C 144 -8.78 29.44 33.98
C GLU C 144 -9.88 28.43 34.24
N ASP C 145 -10.82 28.26 33.32
CA ASP C 145 -11.95 27.36 33.52
C ASP C 145 -12.38 26.81 32.17
N SER C 146 -13.08 25.68 32.21
CA SER C 146 -13.73 25.17 31.01
C SER C 146 -14.71 26.19 30.46
N THR C 147 -15.30 27.01 31.33
CA THR C 147 -16.16 28.10 30.88
C THR C 147 -15.41 29.05 29.95
N GLY C 148 -14.08 29.11 30.08
CA GLY C 148 -13.28 29.83 29.11
C GLY C 148 -13.36 29.25 27.71
N LEU C 149 -13.62 27.95 27.59
CA LEU C 149 -13.89 27.38 26.28
C LEU C 149 -15.27 27.80 25.78
N ILE C 150 -16.25 27.93 26.67
CA ILE C 150 -17.54 28.52 26.33
C ILE C 150 -17.38 30.00 25.95
N ARG C 151 -16.17 30.54 26.05
CA ARG C 151 -15.93 31.89 25.54
C ARG C 151 -15.45 31.90 24.09
N LEU C 152 -14.80 30.82 23.63
CA LEU C 152 -13.95 30.83 22.44
C LEU C 152 -14.23 29.62 21.54
N GLN C 153 -15.50 29.42 21.17
CA GLN C 153 -15.95 28.23 20.46
C GLN C 153 -15.22 27.95 19.16
N GLU C 154 -14.50 28.93 18.60
CA GLU C 154 -14.13 28.86 17.19
C GLU C 154 -12.64 28.73 16.93
N LEU C 155 -11.77 29.20 17.82
CA LEU C 155 -10.34 29.01 17.59
C LEU C 155 -9.95 27.53 17.66
N ILE C 156 -10.70 26.73 18.41
CA ILE C 156 -10.45 25.29 18.42
C ILE C 156 -10.79 24.67 17.06
N LYS C 157 -11.83 25.18 16.40
CA LYS C 157 -12.20 24.72 15.07
C LYS C 157 -11.49 25.48 13.96
N ALA C 158 -10.65 26.45 14.31
CA ALA C 158 -9.90 27.21 13.31
C ALA C 158 -9.02 26.34 12.41
N PRO C 159 -8.27 25.35 12.91
CA PRO C 159 -7.36 24.61 12.00
C PRO C 159 -8.05 23.95 10.82
N SER C 160 -9.31 23.52 10.96
CA SER C 160 -9.98 22.86 9.85
C SER C 160 -10.17 23.80 8.67
N ARG C 161 -10.75 24.97 8.91
CA ARG C 161 -11.02 25.92 7.83
C ARG C 161 -9.78 26.66 7.36
N TYR C 162 -8.85 26.98 8.26
CA TYR C 162 -7.63 27.68 7.89
C TYR C 162 -6.51 27.13 8.76
N ASN C 163 -5.43 26.68 8.12
CA ASN C 163 -4.38 25.98 8.84
C ASN C 163 -3.73 26.88 9.88
N ILE C 164 -3.69 26.41 11.12
CA ILE C 164 -3.18 27.17 12.26
C ILE C 164 -2.78 26.18 13.34
N LYS C 165 -1.86 26.61 14.21
CA LYS C 165 -1.43 25.82 15.35
C LYS C 165 -1.98 26.44 16.63
N ILE C 166 -2.72 25.66 17.40
CA ILE C 166 -3.37 26.15 18.62
C ILE C 166 -2.94 25.29 19.79
N LYS C 167 -2.60 25.94 20.90
CA LYS C 167 -2.20 25.26 22.12
C LYS C 167 -2.96 25.88 23.29
N ILE C 168 -3.11 25.09 24.36
CA ILE C 168 -3.93 25.49 25.49
C ILE C 168 -3.12 25.48 26.77
N ARG C 169 -3.38 26.47 27.63
CA ARG C 169 -2.80 26.58 28.96
C ARG C 169 -3.92 26.80 29.97
N GLN C 170 -3.89 26.06 31.06
CA GLN C 170 -4.85 26.20 32.15
C GLN C 170 -4.14 26.67 33.41
N LEU C 171 -4.74 27.61 34.11
CA LEU C 171 -4.19 28.14 35.35
C LEU C 171 -5.08 27.76 36.52
N PRO C 172 -4.53 27.30 37.64
CA PRO C 172 -5.35 26.92 38.79
C PRO C 172 -6.06 28.12 39.38
N PRO C 173 -7.11 27.90 40.19
CA PRO C 173 -7.82 29.06 40.78
C PRO C 173 -6.96 29.90 41.70
N ALA C 174 -5.84 29.38 42.20
CA ALA C 174 -4.91 30.15 42.99
C ALA C 174 -3.87 30.77 42.06
N ASN C 175 -3.64 32.07 42.22
CA ASN C 175 -2.74 32.82 41.36
C ASN C 175 -1.27 32.63 41.72
N LYS C 176 -0.98 31.96 42.82
CA LYS C 176 0.40 31.66 43.20
C LYS C 176 0.92 30.38 42.57
N ASP C 177 0.09 29.68 41.80
CA ASP C 177 0.53 28.53 41.03
C ASP C 177 0.97 28.93 39.63
N ALA C 178 1.17 30.22 39.38
CA ALA C 178 1.54 30.71 38.06
C ALA C 178 3.02 30.53 37.74
N LYS C 179 3.84 30.17 38.74
CA LYS C 179 5.26 29.97 38.48
C LYS C 179 5.52 28.79 37.54
N PRO C 180 4.96 27.60 37.75
CA PRO C 180 5.23 26.50 36.79
C PRO C 180 4.79 26.80 35.35
N LEU C 181 3.66 27.49 35.16
CA LEU C 181 3.18 27.71 33.81
C LEU C 181 4.12 28.58 33.01
N LEU C 182 4.64 29.65 33.62
CA LEU C 182 5.60 30.51 32.93
C LEU C 182 6.83 29.72 32.53
N LYS C 183 7.31 28.83 33.41
CA LYS C 183 8.50 28.08 33.04
C LYS C 183 8.25 27.06 31.94
N GLU C 184 7.06 26.43 31.87
CA GLU C 184 6.95 25.53 30.72
C GLU C 184 6.75 26.30 29.42
N MET C 185 6.18 27.52 29.47
CA MET C 185 6.25 28.33 28.24
C MET C 185 7.69 28.61 27.84
N LYS C 186 8.54 29.04 28.80
CA LYS C 186 9.89 29.44 28.39
C LYS C 186 10.69 28.24 27.90
N LYS C 187 10.55 27.07 28.53
CA LYS C 187 11.27 25.91 28.01
C LYS C 187 10.66 25.39 26.72
N SER C 188 9.36 25.62 26.50
CA SER C 188 8.70 25.16 25.28
C SER C 188 8.94 26.07 24.09
N LYS C 189 9.64 27.19 24.28
CA LYS C 189 9.85 28.19 23.24
C LYS C 189 8.52 28.74 22.73
N GLU C 190 7.52 28.74 23.62
CA GLU C 190 6.23 29.36 23.33
C GLU C 190 6.34 30.84 23.66
N PHE C 191 6.09 31.68 22.66
CA PHE C 191 6.35 33.11 22.80
C PHE C 191 5.10 33.96 22.61
N TYR C 192 3.99 33.37 22.17
CA TYR C 192 2.86 34.17 21.71
C TYR C 192 1.63 33.75 22.51
N VAL C 193 1.18 34.63 23.40
CA VAL C 193 0.19 34.28 24.41
C VAL C 193 -1.04 35.18 24.25
N ILE C 194 -2.22 34.58 24.42
CA ILE C 194 -3.49 35.30 24.43
C ILE C 194 -4.18 35.01 25.76
N PHE C 195 -4.57 36.07 26.46
CA PHE C 195 -5.15 35.95 27.79
C PHE C 195 -6.67 36.16 27.72
N ASP C 196 -7.41 35.18 28.20
CA ASP C 196 -8.87 35.28 28.33
C ASP C 196 -9.18 35.24 29.83
N CYS C 197 -9.28 36.43 30.42
CA CYS C 197 -9.52 36.53 31.86
C CYS C 197 -10.36 37.77 32.12
N SER C 198 -10.58 38.04 33.40
CA SER C 198 -11.32 39.23 33.83
C SER C 198 -10.36 40.25 34.41
N HIS C 199 -10.89 41.40 34.85
CA HIS C 199 -10.08 42.42 35.51
C HIS C 199 -9.66 42.02 36.91
N GLU C 200 -10.19 40.93 37.44
CA GLU C 200 -9.81 40.47 38.77
C GLU C 200 -8.38 39.90 38.79
N THR C 201 -7.85 39.49 37.65
CA THR C 201 -6.58 38.76 37.59
C THR C 201 -5.52 39.42 36.73
N ALA C 202 -5.82 40.53 36.05
CA ALA C 202 -4.89 41.10 35.10
C ALA C 202 -3.60 41.58 35.78
N ALA C 203 -3.74 42.30 36.90
CA ALA C 203 -2.57 42.88 37.56
C ALA C 203 -1.62 41.82 38.06
N GLU C 204 -2.14 40.73 38.62
CA GLU C 204 -1.30 39.65 39.11
C GLU C 204 -0.51 39.03 37.96
N ILE C 205 -1.18 38.80 36.83
CA ILE C 205 -0.49 38.22 35.67
C ILE C 205 0.61 39.17 35.19
N LEU C 206 0.32 40.47 35.15
CA LEU C 206 1.31 41.43 34.71
C LEU C 206 2.55 41.42 35.62
N LYS C 207 2.33 41.50 36.93
CA LYS C 207 3.48 41.53 37.84
C LYS C 207 4.23 40.20 37.84
N GLN C 208 3.52 39.09 37.63
CA GLN C 208 4.20 37.80 37.57
C GLN C 208 5.05 37.64 36.32
N ILE C 209 4.54 38.05 35.15
CA ILE C 209 5.36 37.98 33.94
C ILE C 209 6.50 38.98 34.03
N LEU C 210 6.32 40.09 34.75
CA LEU C 210 7.43 40.98 35.03
C LEU C 210 8.48 40.32 35.91
N PHE C 211 8.04 39.52 36.89
CA PHE C 211 8.95 38.99 37.89
C PHE C 211 9.87 37.92 37.32
N MET C 212 9.43 37.21 36.27
CA MET C 212 10.27 36.25 35.55
C MET C 212 11.05 36.90 34.42
N GLY C 213 10.98 38.22 34.26
CA GLY C 213 11.72 38.88 33.21
C GLY C 213 11.27 38.56 31.80
N MET C 214 9.97 38.41 31.58
CA MET C 214 9.42 38.10 30.28
C MET C 214 8.93 39.40 29.62
N MET C 215 9.87 40.27 29.26
CA MET C 215 9.55 41.51 28.56
C MET C 215 10.28 41.67 27.23
N THR C 216 11.01 40.66 26.76
CA THR C 216 11.71 40.80 25.50
C THR C 216 10.74 41.01 24.35
N GLU C 217 11.24 41.60 23.26
CA GLU C 217 10.41 41.92 22.11
C GLU C 217 9.85 40.68 21.43
N TYR C 218 10.38 39.50 21.76
CA TYR C 218 9.93 38.26 21.14
C TYR C 218 8.44 38.02 21.42
N TYR C 219 8.01 38.29 22.64
CA TYR C 219 6.66 37.95 23.07
C TYR C 219 5.61 38.86 22.43
N HIS C 220 4.37 38.37 22.42
CA HIS C 220 3.19 39.13 22.04
C HIS C 220 2.09 38.86 23.05
N TYR C 221 1.47 39.91 23.55
CA TYR C 221 0.40 39.81 24.55
C TYR C 221 -0.90 40.35 23.99
N PHE C 222 -1.99 39.65 24.30
CA PHE C 222 -3.34 40.12 24.02
C PHE C 222 -4.21 39.89 25.25
N PHE C 223 -5.18 40.79 25.46
CA PHE C 223 -6.09 40.70 26.59
C PHE C 223 -7.53 40.77 26.11
N THR C 224 -8.41 40.09 26.84
CA THR C 224 -9.84 40.14 26.57
C THR C 224 -10.59 41.08 27.51
N THR C 225 -9.95 41.55 28.58
CA THR C 225 -10.59 42.52 29.46
C THR C 225 -10.78 43.84 28.74
N LEU C 226 -11.73 44.63 29.23
CA LEU C 226 -12.08 45.90 28.59
C LEU C 226 -11.58 47.10 29.37
N ASP C 227 -10.79 46.90 30.43
CA ASP C 227 -10.30 47.98 31.28
C ASP C 227 -8.81 48.20 31.15
N LEU C 228 -8.27 48.13 29.93
CA LEU C 228 -6.85 48.39 29.72
C LEU C 228 -6.50 49.81 30.13
N PHE C 229 -7.32 50.78 29.75
CA PHE C 229 -7.06 52.17 30.12
C PHE C 229 -7.28 52.39 31.62
N ALA C 230 -8.22 51.66 32.22
CA ALA C 230 -8.49 51.79 33.65
C ALA C 230 -7.29 51.37 34.50
N LEU C 231 -6.51 50.40 34.06
CA LEU C 231 -5.34 49.94 34.77
C LEU C 231 -4.09 50.57 34.14
N ASP C 232 -2.99 50.56 34.89
CA ASP C 232 -1.75 51.17 34.46
C ASP C 232 -0.88 50.11 33.80
N LEU C 233 -0.50 50.37 32.55
CA LEU C 233 0.43 49.52 31.82
C LEU C 233 1.85 50.07 31.81
N GLU C 234 2.07 51.24 32.41
CA GLU C 234 3.38 51.90 32.39
C GLU C 234 4.29 51.22 33.41
N LEU C 235 4.66 49.97 33.10
CA LEU C 235 5.59 49.21 33.92
C LEU C 235 6.83 48.77 33.16
N TYR C 236 6.90 49.05 31.88
CA TYR C 236 8.05 48.70 31.05
C TYR C 236 8.92 49.94 30.81
N ARG C 237 10.23 49.73 30.80
CA ARG C 237 11.13 50.79 30.41
C ARG C 237 10.93 51.10 28.93
N TYR C 238 11.00 50.07 28.10
CA TYR C 238 10.76 50.22 26.68
C TYR C 238 9.41 49.61 26.30
N SER C 239 8.68 50.31 25.42
CA SER C 239 7.45 49.78 24.88
C SER C 239 7.69 49.13 23.52
N GLY C 240 8.62 48.16 23.48
CA GLY C 240 8.94 47.47 22.24
C GLY C 240 8.31 46.12 22.08
N VAL C 241 7.71 45.57 23.14
CA VAL C 241 7.00 44.31 23.06
C VAL C 241 5.56 44.60 22.65
N ASN C 242 5.04 43.81 21.72
CA ASN C 242 3.73 44.06 21.15
C ASN C 242 2.66 43.92 22.23
N MET C 243 1.95 45.02 22.49
CA MET C 243 0.87 45.07 23.47
C MET C 243 -0.40 45.53 22.76
N THR C 244 -1.35 44.61 22.59
CA THR C 244 -2.58 44.91 21.89
C THR C 244 -3.78 44.41 22.69
N GLY C 245 -4.89 45.11 22.55
CA GLY C 245 -6.11 44.73 23.25
C GLY C 245 -7.33 45.30 22.58
N PHE C 246 -8.50 44.98 23.14
CA PHE C 246 -9.78 45.46 22.64
C PHE C 246 -10.39 46.45 23.63
N ARG C 247 -11.09 47.45 23.09
CA ARG C 247 -11.82 48.43 23.88
C ARG C 247 -13.22 48.59 23.29
N LEU C 248 -14.22 48.56 24.17
CA LEU C 248 -15.58 48.90 23.76
C LEU C 248 -15.92 50.34 24.13
N LEU C 249 -15.18 50.90 25.09
CA LEU C 249 -15.40 52.27 25.54
C LEU C 249 -14.77 53.26 24.57
N ASN C 250 -15.07 54.54 24.78
CA ASN C 250 -14.47 55.60 23.98
C ASN C 250 -14.35 56.84 24.84
N ILE C 251 -13.42 57.73 24.46
CA ILE C 251 -13.18 58.97 25.17
C ILE C 251 -13.65 60.19 24.39
N ASP C 252 -14.37 59.97 23.30
CA ASP C 252 -15.01 61.05 22.55
C ASP C 252 -16.30 61.46 23.25
N ASN C 253 -17.09 62.31 22.55
CA ASN C 253 -18.37 62.76 23.07
C ASN C 253 -18.17 63.48 24.40
N PRO C 254 -17.70 64.73 24.38
CA PRO C 254 -17.24 65.40 25.63
C PRO C 254 -18.18 65.26 26.81
N HIS C 255 -19.45 64.85 26.60
CA HIS C 255 -20.26 64.41 27.73
C HIS C 255 -19.58 63.28 28.47
N VAL C 256 -18.90 62.39 27.75
CA VAL C 256 -18.14 61.31 28.38
C VAL C 256 -17.02 61.89 29.24
N SER C 257 -16.35 62.92 28.72
CA SER C 257 -15.29 63.57 29.50
C SER C 257 -15.85 64.18 30.78
N SER C 258 -17.01 64.83 30.67
CA SER C 258 -17.63 65.43 31.84
C SER C 258 -18.01 64.36 32.87
N ILE C 259 -18.61 63.26 32.41
CA ILE C 259 -19.04 62.24 33.36
C ILE C 259 -17.84 61.55 33.99
N ILE C 260 -16.75 61.35 33.24
CA ILE C 260 -15.60 60.70 33.86
C ILE C 260 -14.91 61.62 34.85
N GLU C 261 -14.84 62.94 34.58
CA GLU C 261 -14.21 63.81 35.57
C GLU C 261 -15.10 63.98 36.81
N LYS C 262 -16.43 63.99 36.65
CA LYS C 262 -17.31 63.89 37.81
C LYS C 262 -17.06 62.60 38.58
N TRP C 263 -16.92 61.48 37.86
CA TRP C 263 -16.66 60.21 38.53
C TRP C 263 -15.37 60.30 39.34
N SER C 264 -14.33 60.88 38.75
CA SER C 264 -13.06 61.02 39.44
C SER C 264 -13.20 61.89 40.69
N MET C 265 -14.02 62.95 40.61
CA MET C 265 -14.14 63.80 41.79
C MET C 265 -14.92 63.12 42.92
N GLU C 266 -15.99 62.37 42.60
CA GLU C 266 -16.64 61.66 43.70
C GLU C 266 -15.73 60.56 44.25
N ARG C 267 -14.94 59.91 43.40
CA ARG C 267 -13.96 58.97 43.92
C ARG C 267 -12.95 59.66 44.82
N LEU C 268 -12.60 60.90 44.50
CA LEU C 268 -11.73 61.68 45.39
C LEU C 268 -12.40 61.90 46.74
N GLN C 269 -13.68 62.27 46.74
CA GLN C 269 -14.39 62.46 48.00
C GLN C 269 -14.89 61.15 48.60
N ALA C 270 -14.77 60.03 47.87
CA ALA C 270 -15.23 58.75 48.37
C ALA C 270 -14.22 58.12 49.33
N PRO C 271 -14.64 57.15 50.13
CA PRO C 271 -13.69 56.37 50.93
C PRO C 271 -12.68 55.67 50.04
N PRO C 272 -11.58 55.16 50.62
CA PRO C 272 -10.53 54.56 49.79
C PRO C 272 -11.03 53.35 49.00
N ARG C 273 -10.40 53.15 47.85
CA ARG C 273 -10.80 52.10 46.93
C ARG C 273 -10.57 50.72 47.55
N PRO C 274 -11.40 49.72 47.21
CA PRO C 274 -11.12 48.34 47.61
C PRO C 274 -10.29 47.55 46.62
N GLU C 275 -9.93 48.13 45.48
CA GLU C 275 -9.18 47.43 44.43
C GLU C 275 -7.99 48.31 44.05
N THR C 276 -6.78 47.79 44.24
CA THR C 276 -5.57 48.57 44.01
C THR C 276 -5.33 48.89 42.54
N GLY C 277 -5.78 48.03 41.63
CA GLY C 277 -5.53 48.26 40.22
C GLY C 277 -6.36 49.39 39.63
N LEU C 278 -7.48 49.72 40.25
CA LEU C 278 -8.36 50.76 39.74
C LEU C 278 -7.76 52.12 40.00
N LEU C 279 -7.60 52.92 38.95
CA LEU C 279 -7.10 54.28 39.04
C LEU C 279 -8.21 55.26 38.66
N ASP C 280 -8.32 56.34 39.44
CA ASP C 280 -9.37 57.32 39.24
C ASP C 280 -9.24 58.01 37.89
N GLY C 281 -10.38 58.46 37.36
CA GLY C 281 -10.42 59.14 36.08
C GLY C 281 -10.74 58.28 34.89
N MET C 282 -10.75 56.96 35.03
CA MET C 282 -11.04 56.05 33.92
C MET C 282 -12.25 55.20 34.26
N MET C 283 -13.15 55.06 33.29
CA MET C 283 -14.48 54.52 33.49
C MET C 283 -14.47 53.00 33.35
N THR C 284 -15.09 52.31 34.30
CA THR C 284 -15.11 50.85 34.31
C THR C 284 -16.28 50.32 33.49
N THR C 285 -16.13 49.09 33.01
CA THR C 285 -17.07 48.54 32.03
C THR C 285 -18.43 48.23 32.66
N GLU C 286 -18.44 47.59 33.82
CA GLU C 286 -19.71 47.17 34.41
C GLU C 286 -20.58 48.36 34.78
N ALA C 287 -19.98 49.37 35.42
CA ALA C 287 -20.73 50.57 35.74
C ALA C 287 -21.21 51.27 34.49
N ALA C 288 -20.38 51.27 33.44
CA ALA C 288 -20.78 51.89 32.17
C ALA C 288 -21.99 51.19 31.56
N LEU C 289 -22.00 49.86 31.60
CA LEU C 289 -23.11 49.13 30.98
C LEU C 289 -24.39 49.26 31.80
N MET C 290 -24.29 49.25 33.13
CA MET C 290 -25.50 49.50 33.91
C MET C 290 -25.95 50.97 33.81
N TYR C 291 -25.00 51.87 33.56
CA TYR C 291 -25.32 53.25 33.23
C TYR C 291 -26.11 53.35 31.93
N ASP C 292 -25.69 52.58 30.93
CA ASP C 292 -26.47 52.51 29.69
C ASP C 292 -27.83 51.87 29.92
N ALA C 293 -27.92 50.91 30.85
CA ALA C 293 -29.21 50.36 31.23
C ALA C 293 -30.10 51.43 31.86
N VAL C 294 -29.52 52.31 32.68
CA VAL C 294 -30.27 53.42 33.23
C VAL C 294 -30.80 54.31 32.12
N TYR C 295 -29.98 54.59 31.11
CA TYR C 295 -30.50 55.30 29.95
C TYR C 295 -31.60 54.53 29.22
N MET C 296 -31.48 53.21 29.14
CA MET C 296 -32.56 52.42 28.52
C MET C 296 -33.87 52.67 29.25
N VAL C 297 -33.82 52.63 30.59
CA VAL C 297 -35.00 52.95 31.39
C VAL C 297 -35.44 54.40 31.13
N ALA C 298 -34.48 55.29 30.90
CA ALA C 298 -34.81 56.70 30.70
C ALA C 298 -35.62 56.91 29.42
N ILE C 299 -35.14 56.38 28.29
CA ILE C 299 -35.92 56.49 27.05
C ILE C 299 -37.22 55.71 27.17
N ALA C 300 -37.22 54.59 27.88
CA ALA C 300 -38.48 53.88 28.11
C ALA C 300 -39.50 54.77 28.81
N SER C 301 -39.05 55.52 29.82
CA SER C 301 -39.94 56.44 30.52
C SER C 301 -40.37 57.59 29.63
N HIS C 302 -39.45 58.14 28.83
CA HIS C 302 -39.78 59.26 27.96
C HIS C 302 -40.85 58.86 26.94
N ARG C 303 -40.72 57.67 26.37
CA ARG C 303 -41.73 57.19 25.44
C ARG C 303 -42.97 56.66 26.16
N ALA C 304 -42.88 56.47 27.48
CA ALA C 304 -44.01 55.96 28.24
C ALA C 304 -45.14 56.98 28.30
N SER C 305 -46.37 56.47 28.42
CA SER C 305 -47.55 57.31 28.53
C SER C 305 -48.71 56.48 29.08
N GLN C 306 -49.61 57.13 29.84
CA GLN C 306 -50.71 56.49 30.55
C GLN C 306 -50.30 55.16 31.20
N LEU C 307 -49.12 55.14 31.82
CA LEU C 307 -48.61 53.95 32.47
C LEU C 307 -48.37 54.27 33.94
N THR C 308 -48.71 53.31 34.82
CA THR C 308 -48.52 53.49 36.24
C THR C 308 -48.27 52.13 36.90
N VAL C 309 -47.71 52.19 38.11
CA VAL C 309 -47.40 50.99 38.87
C VAL C 309 -48.65 50.48 39.59
N SER C 310 -48.59 49.26 40.10
CA SER C 310 -49.73 48.67 40.79
C SER C 310 -49.20 47.70 41.85
N SER C 311 -50.07 47.38 42.80
CA SER C 311 -49.73 46.46 43.87
C SER C 311 -49.85 45.03 43.38
N LEU C 312 -48.75 44.26 43.48
CA LEU C 312 -48.68 42.92 42.94
C LEU C 312 -48.25 41.95 44.02
N GLN C 313 -48.84 40.75 44.01
CA GLN C 313 -48.67 39.79 45.08
C GLN C 313 -47.94 38.54 44.59
N CYS C 314 -47.07 38.01 45.44
CA CYS C 314 -46.41 36.73 45.19
C CYS C 314 -47.05 35.59 45.97
N HIS C 315 -48.08 35.86 46.77
CA HIS C 315 -48.92 34.84 47.37
C HIS C 315 -50.31 34.82 46.77
N ARG C 316 -50.58 35.74 45.84
CA ARG C 316 -51.80 35.75 45.03
C ARG C 316 -51.42 36.12 43.60
N HIS C 317 -51.51 35.15 42.70
CA HIS C 317 -50.85 35.26 41.42
C HIS C 317 -51.80 35.81 40.37
N LYS C 318 -51.41 36.92 39.74
CA LYS C 318 -52.23 37.60 38.74
C LYS C 318 -51.32 38.26 37.73
N PRO C 319 -51.75 38.37 36.47
CA PRO C 319 -50.96 39.10 35.47
C PRO C 319 -51.25 40.60 35.53
N TRP C 320 -50.20 41.41 35.47
CA TRP C 320 -50.35 42.85 35.58
C TRP C 320 -50.38 43.47 34.19
N ARG C 321 -51.30 44.43 34.00
CA ARG C 321 -51.80 44.74 32.67
C ARG C 321 -50.71 45.27 31.74
N LEU C 322 -49.84 46.15 32.22
CA LEU C 322 -48.99 46.95 31.36
C LEU C 322 -47.62 46.32 31.10
N GLY C 323 -47.53 44.99 31.16
CA GLY C 323 -46.29 44.30 30.86
C GLY C 323 -45.85 44.45 29.41
N PRO C 324 -46.72 44.02 28.49
CA PRO C 324 -46.37 44.13 27.06
C PRO C 324 -46.03 45.54 26.59
N ARG C 325 -46.76 46.55 27.06
CA ARG C 325 -46.45 47.92 26.65
C ARG C 325 -45.06 48.33 27.11
N PHE C 326 -44.71 48.07 28.36
CA PHE C 326 -43.41 48.50 28.88
C PHE C 326 -42.27 47.72 28.22
N MET C 327 -42.45 46.41 28.03
CA MET C 327 -41.39 45.64 27.40
C MET C 327 -41.21 46.04 25.94
N ASN C 328 -42.30 46.43 25.26
CA ASN C 328 -42.15 47.07 23.95
C ASN C 328 -41.38 48.37 24.06
N LEU C 329 -41.68 49.19 25.06
CA LEU C 329 -41.00 50.46 25.21
C LEU C 329 -39.50 50.27 25.37
N ILE C 330 -39.09 49.20 26.04
CA ILE C 330 -37.68 48.83 26.05
C ILE C 330 -37.25 48.33 24.68
N LYS C 331 -38.12 47.58 23.99
CA LYS C 331 -37.72 46.71 22.89
C LYS C 331 -37.65 47.44 21.55
N GLU C 332 -38.11 48.69 21.47
CA GLU C 332 -37.88 49.46 20.25
C GLU C 332 -37.30 50.84 20.51
N ALA C 333 -36.43 51.00 21.51
CA ALA C 333 -35.73 52.24 21.70
C ALA C 333 -34.46 52.28 20.85
N ARG C 334 -33.94 53.49 20.64
CA ARG C 334 -32.74 53.70 19.84
C ARG C 334 -31.76 54.51 20.67
N TRP C 335 -30.50 54.06 20.73
CA TRP C 335 -29.47 54.82 21.42
C TRP C 335 -28.09 54.38 20.95
N ASP C 336 -27.16 55.34 20.98
CA ASP C 336 -25.73 55.09 20.80
C ASP C 336 -25.04 55.48 22.10
N GLY C 337 -24.59 54.49 22.86
CA GLY C 337 -24.02 54.77 24.16
C GLY C 337 -22.53 54.53 24.23
N LEU C 338 -22.02 54.29 25.44
CA LEU C 338 -20.60 54.00 25.63
C LEU C 338 -20.19 52.71 24.95
N THR C 339 -21.09 51.73 24.85
CA THR C 339 -20.83 50.51 24.13
C THR C 339 -21.19 50.61 22.65
N GLY C 340 -21.81 51.70 22.23
CA GLY C 340 -22.18 51.89 20.85
C GLY C 340 -23.65 51.66 20.57
N ARG C 341 -23.93 51.25 19.34
CA ARG C 341 -25.31 51.04 18.90
C ARG C 341 -25.89 49.81 19.59
N ILE C 342 -27.20 49.88 19.88
CA ILE C 342 -27.93 48.78 20.46
C ILE C 342 -28.86 48.20 19.39
N THR C 343 -28.77 46.88 19.18
CA THR C 343 -29.58 46.19 18.19
C THR C 343 -30.23 44.98 18.84
N PHE C 344 -31.46 44.69 18.42
CA PHE C 344 -32.31 43.74 19.12
C PHE C 344 -32.61 42.53 18.24
N ASN C 345 -32.73 41.37 18.90
CA ASN C 345 -33.08 40.12 18.23
C ASN C 345 -34.01 39.33 19.14
N LYS C 346 -34.78 38.42 18.54
CA LYS C 346 -35.77 37.64 19.29
C LYS C 346 -35.32 36.21 19.53
N THR C 347 -34.03 35.91 19.32
CA THR C 347 -33.47 34.63 19.73
C THR C 347 -32.87 34.70 21.12
N ASP C 348 -32.58 35.90 21.62
CA ASP C 348 -32.05 36.10 22.97
C ASP C 348 -32.43 37.51 23.40
N GLY C 349 -31.83 37.98 24.49
CA GLY C 349 -32.02 39.34 24.93
C GLY C 349 -30.72 40.11 24.88
N LEU C 350 -29.65 39.41 24.52
CA LEU C 350 -28.33 40.01 24.49
C LEU C 350 -28.24 41.09 23.43
N ARG C 351 -27.49 42.15 23.77
CA ARG C 351 -27.14 43.22 22.85
C ARG C 351 -26.03 42.82 21.89
N LYS C 352 -26.14 43.33 20.65
CA LYS C 352 -25.29 42.91 19.54
C LYS C 352 -24.76 44.13 18.79
N ASP C 353 -24.13 43.85 17.64
CA ASP C 353 -23.70 44.85 16.66
C ASP C 353 -22.74 45.87 17.26
N PHE C 354 -21.53 45.44 17.58
CA PHE C 354 -20.58 46.31 18.26
C PHE C 354 -19.35 46.56 17.42
N ASP C 355 -18.63 47.60 17.82
CA ASP C 355 -17.34 47.96 17.26
C ASP C 355 -16.31 47.90 18.38
N LEU C 356 -15.21 47.22 18.13
CA LEU C 356 -14.14 47.07 19.11
C LEU C 356 -12.90 47.78 18.61
N ASP C 357 -12.49 48.82 19.31
CA ASP C 357 -11.26 49.53 18.95
C ASP C 357 -10.06 48.72 19.42
N ILE C 358 -9.12 48.49 18.53
CA ILE C 358 -7.90 47.78 18.87
C ILE C 358 -6.88 48.80 19.38
N ILE C 359 -6.29 48.50 20.53
CA ILE C 359 -5.53 49.46 21.31
C ILE C 359 -4.10 48.95 21.48
N SER C 360 -3.13 49.81 21.22
CA SER C 360 -1.71 49.51 21.37
C SER C 360 -1.11 50.40 22.45
N LEU C 361 -0.05 49.89 23.08
CA LEU C 361 0.56 50.57 24.21
C LEU C 361 1.24 51.87 23.79
N LYS C 362 1.13 52.89 24.63
CA LYS C 362 1.86 54.14 24.43
C LYS C 362 3.36 53.88 24.57
N GLU C 363 4.15 54.54 23.73
CA GLU C 363 5.58 54.28 23.63
C GLU C 363 6.30 54.81 24.87
N GLU C 364 7.23 54.01 25.39
CA GLU C 364 8.03 54.42 26.54
C GLU C 364 9.51 54.43 26.19
N TRP C 381 -5.15 54.14 25.27
CA TRP C 381 -3.72 54.33 25.02
C TRP C 381 -3.49 54.88 23.62
N LYS C 382 -3.55 53.99 22.64
CA LYS C 382 -3.38 54.36 21.24
C LYS C 382 -4.42 53.60 20.41
N LYS C 383 -4.73 54.16 19.24
CA LYS C 383 -5.69 53.56 18.32
C LYS C 383 -4.98 53.21 17.01
N ILE C 384 -5.20 51.99 16.53
CA ILE C 384 -4.63 51.54 15.27
C ILE C 384 -5.65 50.90 14.35
N GLY C 385 -6.90 50.75 14.76
CA GLY C 385 -7.91 50.20 13.88
C GLY C 385 -9.26 50.13 14.59
N ILE C 386 -10.24 49.60 13.88
CA ILE C 386 -11.59 49.46 14.42
C ILE C 386 -12.30 48.36 13.64
N TRP C 387 -13.03 47.50 14.36
CA TRP C 387 -13.73 46.37 13.78
C TRP C 387 -15.23 46.61 13.81
N ASN C 388 -15.84 46.72 12.64
CA ASN C 388 -17.29 46.82 12.54
C ASN C 388 -17.89 45.42 12.71
N SER C 389 -19.09 45.38 13.28
CA SER C 389 -19.71 44.09 13.61
C SER C 389 -19.94 43.25 12.37
N ASN C 390 -20.46 43.86 11.30
CA ASN C 390 -20.82 43.13 10.09
C ASN C 390 -19.98 43.51 8.88
N SER C 391 -18.93 44.31 9.06
CA SER C 391 -18.10 44.76 7.95
C SER C 391 -16.63 44.43 8.13
N GLY C 392 -16.28 43.53 9.04
CA GLY C 392 -14.90 43.18 9.25
C GLY C 392 -14.11 44.28 9.92
N LEU C 393 -12.79 44.16 9.84
CA LEU C 393 -11.89 45.10 10.48
C LEU C 393 -11.35 46.09 9.46
N ASN C 394 -11.22 47.36 9.88
CA ASN C 394 -10.61 48.41 9.08
C ASN C 394 -9.50 49.02 9.90
N MET C 395 -8.27 48.92 9.42
CA MET C 395 -7.10 49.40 10.13
C MET C 395 -6.73 50.80 9.68
N THR C 396 -5.99 51.51 10.53
CA THR C 396 -5.59 52.88 10.28
C THR C 396 -4.08 52.94 10.13
N ASP C 397 -3.61 53.51 9.03
CA ASP C 397 -2.19 53.62 8.76
C ASP C 397 -1.91 54.96 8.10
N GLY C 398 -1.13 55.80 8.79
CA GLY C 398 -0.66 57.05 8.24
C GLY C 398 0.81 57.02 7.91
N ASN C 399 1.38 58.20 7.73
CA ASN C 399 2.80 58.35 7.42
C ASN C 399 3.54 58.72 8.69
N ARG C 400 3.86 57.72 9.52
CA ARG C 400 4.77 57.95 10.63
C ARG C 400 5.78 56.80 10.69
N ASP C 401 5.66 55.85 9.77
CA ASP C 401 6.49 54.65 9.80
C ASP C 401 6.96 54.29 8.40
N ARG C 402 7.11 55.29 7.54
CA ARG C 402 7.41 55.07 6.12
C ARG C 402 8.93 55.13 5.91
N SER C 403 9.54 53.98 5.66
CA SER C 403 10.95 53.88 5.31
C SER C 403 11.84 54.62 6.31
N ASN C 404 11.68 54.23 7.57
CA ASN C 404 12.41 54.88 8.65
C ASN C 404 13.89 54.54 8.60
N ASN C 405 14.72 55.50 9.00
CA ASN C 405 16.13 55.27 9.22
C ASN C 405 16.34 54.71 10.63
N ILE C 406 17.32 53.83 10.76
CA ILE C 406 17.57 53.13 12.02
C ILE C 406 18.60 53.91 12.81
N THR C 407 18.16 54.50 13.92
CA THR C 407 19.03 55.14 14.90
C THR C 407 18.38 54.96 16.25
N ASP C 408 18.94 54.09 17.07
CA ASP C 408 18.25 53.61 18.26
C ASP C 408 19.24 53.32 19.36
N SER C 409 18.72 53.15 20.57
CA SER C 409 19.50 52.78 21.75
C SER C 409 18.92 51.52 22.36
N LEU C 410 19.77 50.52 22.58
CA LEU C 410 19.38 49.26 23.20
C LEU C 410 20.05 49.11 24.55
N ALA C 411 20.47 50.23 25.14
CA ALA C 411 21.15 50.22 26.42
C ALA C 411 20.22 49.75 27.53
N ASN C 412 20.82 49.36 28.65
CA ASN C 412 20.19 48.75 29.82
C ASN C 412 19.83 47.29 29.55
N ARG C 413 20.05 46.80 28.33
CA ARG C 413 19.82 45.41 27.98
C ARG C 413 21.16 44.75 27.70
N THR C 414 21.57 43.84 28.58
CA THR C 414 22.83 43.14 28.44
C THR C 414 22.63 41.88 27.61
N LEU C 415 23.33 41.80 26.48
CA LEU C 415 23.18 40.71 25.54
C LEU C 415 24.20 39.61 25.84
N ILE C 416 23.77 38.36 25.63
CA ILE C 416 24.60 37.19 25.89
C ILE C 416 25.29 36.79 24.60
N VAL C 417 26.62 36.77 24.63
CA VAL C 417 27.43 36.45 23.45
C VAL C 417 28.21 35.18 23.74
N THR C 418 28.11 34.20 22.84
CA THR C 418 28.84 32.95 22.94
C THR C 418 29.77 32.80 21.75
N THR C 419 30.93 32.20 21.99
CA THR C 419 31.96 32.07 20.96
C THR C 419 32.91 30.95 21.33
N ILE C 420 33.70 30.52 20.35
CA ILE C 420 34.72 29.51 20.55
C ILE C 420 36.07 30.07 20.11
N LEU C 421 37.10 29.71 20.86
CA LEU C 421 38.41 30.32 20.70
C LEU C 421 39.15 29.78 19.48
N GLU C 422 39.59 30.68 18.60
CA GLU C 422 40.49 30.32 17.51
C GLU C 422 41.11 31.58 16.91
N GLU C 423 42.41 31.51 16.60
CA GLU C 423 43.21 32.61 16.10
C GLU C 423 42.99 32.81 14.61
N PRO C 424 43.21 34.04 14.08
CA PRO C 424 43.51 35.31 14.74
C PRO C 424 42.26 36.12 15.05
N TYR C 425 41.09 35.50 14.97
CA TYR C 425 39.86 36.23 15.21
C TYR C 425 39.64 36.51 16.68
N VAL C 426 40.14 35.67 17.58
CA VAL C 426 40.01 35.87 19.02
C VAL C 426 41.37 35.63 19.69
N MET C 427 41.93 36.66 20.31
CA MET C 427 43.15 36.59 21.10
C MET C 427 42.85 36.80 22.57
N TYR C 428 43.57 36.08 23.43
CA TYR C 428 43.50 36.33 24.87
C TYR C 428 44.07 37.71 25.18
N ARG C 429 43.34 38.47 26.00
CA ARG C 429 43.76 39.82 26.38
C ARG C 429 44.93 39.70 27.34
N LYS C 430 46.08 40.24 26.94
CA LYS C 430 47.30 40.07 27.71
C LYS C 430 47.24 40.91 28.98
N SER C 431 47.28 40.24 30.12
CA SER C 431 47.29 40.90 31.42
C SER C 431 47.89 39.95 32.44
N ASP C 432 48.76 40.48 33.29
CA ASP C 432 49.44 39.68 34.30
C ASP C 432 48.64 39.70 35.60
N LYS C 433 48.25 38.52 36.07
CA LYS C 433 47.43 38.35 37.26
C LYS C 433 46.18 39.22 37.24
N PRO C 434 45.24 38.97 36.32
CA PRO C 434 44.00 39.74 36.29
C PRO C 434 43.15 39.48 37.52
N LEU C 435 42.36 40.50 37.89
CA LEU C 435 41.42 40.33 39.00
C LEU C 435 40.05 40.89 38.64
N TYR C 436 39.84 41.40 37.43
CA TYR C 436 38.60 42.01 37.01
C TYR C 436 37.94 41.16 35.94
N GLY C 437 36.62 40.99 36.05
CA GLY C 437 35.90 40.13 35.14
C GLY C 437 35.30 40.85 33.95
N ASN C 438 35.62 40.34 32.76
CA ASN C 438 35.15 40.87 31.49
C ASN C 438 35.19 39.78 30.43
N ASP C 439 35.11 40.17 29.15
CA ASP C 439 35.28 39.19 28.08
C ASP C 439 36.64 38.51 28.18
N ARG C 440 37.65 39.23 28.67
CA ARG C 440 38.97 38.69 28.99
C ARG C 440 39.66 38.25 27.69
N PHE C 441 39.17 38.73 26.56
CA PHE C 441 39.73 38.40 25.26
C PHE C 441 39.63 39.62 24.36
N GLU C 442 40.28 39.54 23.19
CA GLU C 442 40.21 40.57 22.18
C GLU C 442 40.28 39.92 20.80
N GLY C 443 40.21 40.73 19.76
CA GLY C 443 40.27 40.25 18.40
C GLY C 443 39.20 40.88 17.53
N TYR C 444 39.03 40.29 16.35
CA TYR C 444 38.11 40.82 15.36
C TYR C 444 36.67 40.84 15.87
N CYS C 445 36.24 39.76 16.53
CA CYS C 445 34.88 39.69 17.03
C CYS C 445 34.61 40.77 18.06
N LEU C 446 35.56 41.00 18.98
CA LEU C 446 35.38 42.04 19.98
C LEU C 446 35.36 43.42 19.34
N ASP C 447 36.19 43.65 18.31
CA ASP C 447 36.17 44.92 17.61
C ASP C 447 34.81 45.17 16.96
N LEU C 448 34.27 44.13 16.31
CA LEU C 448 32.94 44.26 15.70
C LEU C 448 31.89 44.54 16.76
N LEU C 449 31.95 43.84 17.90
CA LEU C 449 31.00 44.09 18.98
C LEU C 449 31.09 45.51 19.49
N LYS C 450 32.30 46.02 19.71
CA LYS C 450 32.44 47.39 20.18
C LYS C 450 31.89 48.37 19.17
N GLU C 451 32.18 48.15 17.89
CA GLU C 451 31.73 49.09 16.86
C GLU C 451 30.21 49.11 16.77
N LEU C 452 29.58 47.92 16.76
CA LEU C 452 28.12 47.89 16.68
C LEU C 452 27.47 48.40 17.97
N SER C 453 28.16 48.25 19.10
CA SER C 453 27.69 48.86 20.34
C SER C 453 27.73 50.38 20.24
N ASN C 454 28.77 50.92 19.62
CA ASN C 454 28.80 52.36 19.36
C ASN C 454 27.67 52.75 18.42
N ILE C 455 27.35 51.90 17.44
CA ILE C 455 26.32 52.23 16.47
C ILE C 455 24.94 52.27 17.12
N LEU C 456 24.46 51.13 17.63
CA LEU C 456 23.08 51.08 18.10
C LEU C 456 22.95 51.04 19.62
N GLY C 457 24.05 50.92 20.36
CA GLY C 457 24.04 51.29 21.77
C GLY C 457 23.39 50.32 22.73
N PHE C 458 23.98 49.14 22.95
CA PHE C 458 23.57 48.30 24.06
C PHE C 458 24.79 47.91 24.90
N LEU C 459 24.54 47.13 25.94
CA LEU C 459 25.58 46.55 26.78
C LEU C 459 25.61 45.04 26.57
N TYR C 460 26.78 44.44 26.80
CA TYR C 460 26.95 43.04 26.47
C TYR C 460 28.06 42.44 27.32
N ASP C 461 28.01 41.12 27.46
CA ASP C 461 29.07 40.34 28.07
C ASP C 461 29.27 39.07 27.25
N VAL C 462 30.53 38.66 27.12
CA VAL C 462 30.90 37.48 26.34
C VAL C 462 31.26 36.37 27.30
N LYS C 463 30.63 35.21 27.14
CA LYS C 463 30.89 34.05 27.98
C LYS C 463 31.42 32.93 27.09
N LEU C 464 32.58 32.39 27.46
CA LEU C 464 33.17 31.30 26.70
C LEU C 464 32.33 30.04 26.86
N VAL C 465 32.13 29.34 25.75
CA VAL C 465 31.42 28.06 25.79
C VAL C 465 32.38 27.00 26.31
N PRO C 466 32.01 26.26 27.37
CA PRO C 466 32.95 25.33 27.99
C PRO C 466 33.01 23.94 27.37
N ASP C 467 32.16 23.61 26.41
CA ASP C 467 32.15 22.27 25.84
C ASP C 467 33.18 22.08 24.73
N GLY C 468 33.64 23.15 24.11
CA GLY C 468 34.68 23.06 23.10
C GLY C 468 34.29 22.35 21.81
N LYS C 469 33.10 22.65 21.30
CA LYS C 469 32.68 22.21 19.97
C LYS C 469 32.24 23.40 19.14
N TYR C 470 32.64 23.41 17.86
CA TYR C 470 32.23 24.46 16.94
C TYR C 470 30.79 24.30 16.47
N GLY C 471 30.13 23.20 16.82
CA GLY C 471 28.79 22.92 16.35
C GLY C 471 28.78 21.84 15.29
N ALA C 472 28.15 20.71 15.58
CA ALA C 472 28.14 19.57 14.68
C ALA C 472 27.03 18.62 15.09
N GLN C 473 26.78 17.63 14.24
CA GLN C 473 25.77 16.60 14.49
C GLN C 473 26.43 15.30 14.91
N ASN C 474 25.64 14.46 15.58
CA ASN C 474 26.10 13.16 16.04
C ASN C 474 25.28 12.06 15.40
N ASP C 475 25.44 10.82 15.86
CA ASP C 475 24.58 9.72 15.46
C ASP C 475 23.15 9.90 15.95
N LYS C 476 22.93 10.84 16.87
CA LYS C 476 21.60 11.20 17.34
C LYS C 476 21.33 12.65 16.97
N GLY C 477 20.05 13.05 17.02
CA GLY C 477 19.64 14.28 16.36
C GLY C 477 20.19 15.56 16.98
N GLU C 478 20.58 15.52 18.26
CA GLU C 478 20.94 16.75 18.94
C GLU C 478 22.23 17.33 18.40
N TRP C 479 22.30 18.65 18.31
CA TRP C 479 23.54 19.32 17.94
C TRP C 479 24.40 19.55 19.17
N ASN C 480 25.56 20.17 18.95
CA ASN C 480 26.47 20.56 20.02
C ASN C 480 26.97 21.97 19.76
N GLY C 481 27.89 22.42 20.60
CA GLY C 481 28.46 23.75 20.44
C GLY C 481 27.43 24.84 20.61
N MET C 482 27.59 25.91 19.83
CA MET C 482 26.73 27.08 19.94
C MET C 482 25.33 26.83 19.38
N VAL C 483 25.09 25.73 18.69
CA VAL C 483 23.78 25.50 18.05
C VAL C 483 22.69 25.36 19.11
N LYS C 484 22.89 24.48 20.08
CA LYS C 484 21.90 24.32 21.14
C LYS C 484 21.82 25.58 22.00
N GLU C 485 22.96 26.23 22.25
CA GLU C 485 22.95 27.48 23.00
C GLU C 485 22.05 28.50 22.34
N LEU C 486 22.09 28.59 21.01
CA LEU C 486 21.25 29.53 20.28
C LEU C 486 19.78 29.09 20.27
N ILE C 487 19.51 27.80 20.03
CA ILE C 487 18.12 27.36 19.92
C ILE C 487 17.41 27.45 21.26
N ASP C 488 18.14 27.28 22.36
CA ASP C 488 17.53 27.35 23.68
C ASP C 488 17.27 28.77 24.15
N HIS C 489 17.52 29.78 23.30
CA HIS C 489 17.36 31.18 23.65
C HIS C 489 18.12 31.52 24.92
N ARG C 490 19.35 31.02 25.03
CA ARG C 490 20.22 31.35 26.16
C ARG C 490 21.32 32.32 25.78
N ALA C 491 21.58 32.51 24.48
CA ALA C 491 22.39 33.61 23.99
C ALA C 491 21.64 34.24 22.84
N ASP C 492 21.39 35.55 22.94
CA ASP C 492 20.49 36.20 21.98
C ASP C 492 21.26 36.68 20.76
N LEU C 493 22.23 37.57 20.95
CA LEU C 493 23.10 37.99 19.87
C LEU C 493 24.49 37.39 20.08
N ALA C 494 24.95 36.61 19.11
CA ALA C 494 26.22 35.94 19.21
C ALA C 494 27.02 36.12 17.93
N VAL C 495 28.30 36.44 18.09
CA VAL C 495 29.24 36.49 16.98
C VAL C 495 30.43 35.61 17.32
N ALA C 496 30.85 34.80 16.33
CA ALA C 496 31.93 33.85 16.50
C ALA C 496 32.38 33.35 15.13
N PRO C 497 33.61 32.85 15.00
CA PRO C 497 33.97 32.10 13.79
C PRO C 497 33.02 30.92 13.61
N LEU C 498 32.25 30.95 12.52
CA LEU C 498 31.38 29.82 12.19
C LEU C 498 31.16 29.80 10.69
N THR C 499 30.72 28.66 10.18
CA THR C 499 30.42 28.52 8.76
C THR C 499 28.91 28.35 8.57
N ILE C 500 28.48 28.49 7.32
CA ILE C 500 27.06 28.44 6.97
C ILE C 500 26.84 27.37 5.90
N THR C 501 25.91 26.45 6.16
CA THR C 501 25.44 25.54 5.13
C THR C 501 23.95 25.28 5.30
N TYR C 502 23.37 24.65 4.27
CA TYR C 502 21.91 24.57 4.14
C TYR C 502 21.23 24.03 5.40
N VAL C 503 21.78 22.96 5.97
CA VAL C 503 21.06 22.26 7.04
C VAL C 503 20.87 23.16 8.25
N ARG C 504 21.89 23.94 8.61
CA ARG C 504 21.87 24.73 9.83
C ARG C 504 21.48 26.20 9.68
N GLU C 505 21.02 26.67 8.51
CA GLU C 505 20.28 27.92 8.54
C GLU C 505 18.79 27.69 8.77
N LYS C 506 18.33 26.44 8.74
CA LYS C 506 16.92 26.16 8.99
C LYS C 506 16.60 25.96 10.46
N VAL C 507 17.60 25.96 11.33
CA VAL C 507 17.36 25.87 12.76
C VAL C 507 17.66 27.17 13.49
N ILE C 508 18.51 28.03 12.92
CA ILE C 508 18.84 29.33 13.50
C ILE C 508 18.98 30.33 12.36
N ASP C 509 18.88 31.61 12.70
CA ASP C 509 19.01 32.69 11.73
C ASP C 509 20.46 33.14 11.61
N PHE C 510 20.78 33.76 10.48
CA PHE C 510 22.11 34.30 10.23
C PHE C 510 22.02 35.68 9.61
N SER C 511 23.14 36.40 9.67
CA SER C 511 23.29 37.66 8.97
C SER C 511 23.81 37.41 7.56
N LYS C 512 23.92 38.47 6.78
CA LYS C 512 24.50 38.34 5.45
C LYS C 512 25.98 38.00 5.56
N PRO C 513 26.49 37.12 4.70
CA PRO C 513 27.92 36.78 4.75
C PRO C 513 28.80 38.00 4.53
N PHE C 514 29.92 38.05 5.25
CA PHE C 514 30.88 39.13 5.08
C PHE C 514 32.30 38.66 4.81
N MET C 515 32.64 37.41 5.09
CA MET C 515 33.94 36.85 4.73
C MET C 515 33.72 35.47 4.13
N THR C 516 34.49 35.15 3.10
CA THR C 516 34.30 33.90 2.36
C THR C 516 35.65 33.20 2.23
N LEU C 517 35.67 31.91 2.53
CA LEU C 517 36.88 31.10 2.43
C LEU C 517 36.47 29.64 2.23
N GLY C 518 37.44 28.74 2.37
CA GLY C 518 37.19 27.32 2.24
C GLY C 518 38.11 26.49 3.10
N ILE C 519 38.06 25.18 2.94
CA ILE C 519 38.89 24.25 3.72
C ILE C 519 40.03 23.78 2.82
N SER C 520 41.26 23.85 3.33
CA SER C 520 42.43 23.40 2.61
C SER C 520 43.32 22.59 3.56
N ILE C 521 44.18 21.76 2.97
CA ILE C 521 45.06 20.90 3.74
C ILE C 521 46.35 21.65 4.06
N LEU C 522 46.88 21.43 5.25
CA LEU C 522 48.08 22.09 5.74
C LEU C 522 49.20 21.08 5.84
N TYR C 523 50.39 21.47 5.35
CA TYR C 523 51.55 20.57 5.39
C TYR C 523 52.81 21.36 5.69
N ARG C 524 53.82 20.66 6.20
CA ARG C 524 55.11 21.28 6.49
C ARG C 524 55.77 21.79 5.21
N LYS C 525 56.63 22.80 5.38
CA LYS C 525 57.42 23.29 4.25
C LYS C 525 58.26 22.21 3.58
N PRO C 526 59.01 21.37 4.29
CA PRO C 526 59.70 20.26 3.62
C PRO C 526 58.74 19.14 3.24
N ASN C 527 59.18 18.32 2.29
CA ASN C 527 58.39 17.20 1.83
C ASN C 527 59.11 15.88 2.07
N ILE C 627 83.84 -3.66 -10.04
CA ILE C 627 82.46 -4.11 -10.13
C ILE C 627 81.66 -3.58 -8.94
N ILE C 628 82.24 -3.69 -7.75
CA ILE C 628 81.58 -3.16 -6.55
C ILE C 628 81.47 -1.64 -6.64
N ILE C 629 82.53 -0.98 -7.10
CA ILE C 629 82.45 0.47 -7.33
C ILE C 629 81.44 0.77 -8.42
N SER C 630 81.35 -0.09 -9.44
CA SER C 630 80.31 0.06 -10.45
C SER C 630 78.93 -0.09 -9.84
N SER C 631 78.76 -1.03 -8.90
CA SER C 631 77.49 -1.20 -8.22
C SER C 631 77.13 0.05 -7.41
N TYR C 632 78.11 0.63 -6.72
CA TYR C 632 77.86 1.86 -5.97
C TYR C 632 77.47 3.01 -6.89
N THR C 633 78.16 3.15 -8.02
CA THR C 633 77.82 4.20 -8.97
C THR C 633 76.42 3.99 -9.54
N ALA C 634 76.07 2.74 -9.84
CA ALA C 634 74.73 2.45 -10.35
C ALA C 634 73.66 2.74 -9.31
N ASN C 635 73.92 2.41 -8.05
CA ASN C 635 72.97 2.72 -6.99
C ASN C 635 72.78 4.24 -6.85
N LEU C 636 73.88 4.99 -6.91
CA LEU C 636 73.77 6.44 -6.83
C LEU C 636 72.99 7.00 -8.02
N ALA C 637 73.26 6.50 -9.22
CA ALA C 637 72.54 6.97 -10.41
C ALA C 637 71.06 6.62 -10.32
N ALA C 638 70.74 5.42 -9.83
CA ALA C 638 69.35 5.03 -9.66
C ALA C 638 68.65 5.94 -8.65
N PHE C 639 69.32 6.26 -7.54
CA PHE C 639 68.74 7.19 -6.59
C PHE C 639 68.50 8.56 -7.21
N LEU C 640 69.47 9.03 -8.00
CA LEU C 640 69.33 10.32 -8.68
C LEU C 640 68.15 10.32 -9.64
N THR C 641 67.93 9.21 -10.34
CA THR C 641 66.74 9.09 -11.17
C THR C 641 65.47 9.10 -10.32
N VAL C 642 65.48 8.38 -9.18
CA VAL C 642 64.21 8.11 -8.52
C VAL C 642 63.70 9.28 -7.70
N GLU C 643 64.58 10.14 -7.15
CA GLU C 643 64.00 11.18 -6.30
C GLU C 643 63.18 12.16 -7.14
N ARG C 644 63.48 12.24 -8.44
CA ARG C 644 62.66 12.94 -9.42
C ARG C 644 61.62 12.07 -10.09
N MET C 645 61.81 10.74 -10.09
CA MET C 645 60.77 9.83 -10.56
C MET C 645 59.55 9.85 -9.65
N GLU C 646 59.78 9.94 -8.33
CA GLU C 646 58.72 9.75 -7.36
C GLU C 646 58.44 10.97 -6.49
N SER C 647 59.32 11.97 -6.48
CA SER C 647 59.16 13.12 -5.59
C SER C 647 59.53 14.41 -6.32
N PRO C 648 59.08 15.58 -5.85
CA PRO C 648 58.11 15.77 -4.76
C PRO C 648 56.67 15.81 -5.25
N ILE C 649 55.83 14.92 -4.72
CA ILE C 649 54.40 14.94 -5.01
C ILE C 649 53.63 14.86 -3.71
N ASP C 650 52.65 15.75 -3.56
CA ASP C 650 51.87 15.83 -2.33
C ASP C 650 50.40 16.10 -2.62
N SER C 651 49.95 15.74 -3.82
CA SER C 651 48.57 15.98 -4.22
C SER C 651 47.59 15.34 -3.23
N ALA C 652 46.43 15.97 -3.09
CA ALA C 652 45.44 15.52 -2.11
C ALA C 652 44.98 14.10 -2.40
N ASP C 653 44.75 13.77 -3.68
CA ASP C 653 44.38 12.40 -4.03
C ASP C 653 45.49 11.42 -3.67
N ASP C 654 46.74 11.80 -3.93
CA ASP C 654 47.87 10.94 -3.56
C ASP C 654 47.94 10.72 -2.06
N LEU C 655 47.81 11.80 -1.28
CA LEU C 655 47.86 11.67 0.16
C LEU C 655 46.71 10.81 0.69
N ALA C 656 45.51 10.96 0.10
CA ALA C 656 44.38 10.15 0.50
C ALA C 656 44.61 8.68 0.17
N LYS C 657 45.16 8.39 -1.00
CA LYS C 657 45.29 7.01 -1.45
C LYS C 657 46.39 6.23 -0.75
N GLN C 658 47.30 6.90 -0.06
CA GLN C 658 48.38 6.23 0.64
C GLN C 658 48.20 6.33 2.16
N THR C 659 48.61 5.29 2.86
CA THR C 659 48.61 5.27 4.31
C THR C 659 49.94 5.67 4.92
N LYS C 660 50.93 6.03 4.09
CA LYS C 660 52.23 6.43 4.61
C LYS C 660 52.13 7.73 5.41
N ILE C 661 51.24 8.63 5.00
CA ILE C 661 51.04 9.91 5.65
C ILE C 661 49.63 9.94 6.22
N GLU C 662 49.50 10.32 7.48
CA GLU C 662 48.20 10.41 8.12
C GLU C 662 47.64 11.82 8.01
N TYR C 663 46.35 11.91 7.72
CA TYR C 663 45.68 13.18 7.57
C TYR C 663 44.33 13.13 8.25
N GLY C 664 43.96 14.25 8.87
CA GLY C 664 42.69 14.36 9.55
C GLY C 664 42.33 15.80 9.85
N ALA C 665 41.46 16.02 10.83
CA ALA C 665 41.07 17.37 11.22
C ALA C 665 40.66 17.34 12.70
N VAL C 666 40.04 18.44 13.15
CA VAL C 666 39.53 18.49 14.51
C VAL C 666 38.35 17.54 14.66
N ARG C 667 37.91 17.34 15.90
CA ARG C 667 36.73 16.54 16.17
C ARG C 667 35.51 17.45 16.34
N ASP C 668 34.36 16.95 15.90
CA ASP C 668 33.10 17.69 15.94
C ASP C 668 33.18 18.99 15.14
N GLY C 669 33.93 18.97 14.05
CA GLY C 669 34.05 20.11 13.17
C GLY C 669 33.08 20.07 12.00
N SER C 670 33.05 21.17 11.25
CA SER C 670 32.17 21.28 10.11
C SER C 670 32.56 20.36 8.96
N THR C 671 33.84 19.98 8.87
CA THR C 671 34.30 19.16 7.76
C THR C 671 33.62 17.80 7.74
N MET C 672 33.51 17.16 8.90
CA MET C 672 32.87 15.85 8.96
C MET C 672 31.38 15.95 8.63
N THR C 673 30.71 17.00 9.10
CA THR C 673 29.31 17.18 8.73
C THR C 673 29.15 17.37 7.24
N PHE C 674 30.04 18.16 6.63
CA PHE C 674 30.00 18.37 5.18
C PHE C 674 30.22 17.04 4.44
N PHE C 675 31.18 16.23 4.90
CA PHE C 675 31.47 14.98 4.21
C PHE C 675 30.33 13.98 4.37
N LYS C 676 29.77 13.88 5.58
CA LYS C 676 28.66 12.96 5.82
C LYS C 676 27.42 13.36 5.02
N LYS C 677 27.09 14.66 5.00
CA LYS C 677 25.93 15.13 4.27
C LYS C 677 26.12 15.03 2.76
N SER C 678 27.35 15.05 2.27
CA SER C 678 27.65 14.93 0.85
C SER C 678 27.82 13.47 0.46
N LYS C 679 27.79 13.22 -0.85
CA LYS C 679 27.94 11.88 -1.39
C LYS C 679 29.03 11.76 -2.45
N ILE C 680 29.86 12.79 -2.64
CA ILE C 680 30.93 12.71 -3.61
C ILE C 680 31.93 11.65 -3.18
N SER C 681 32.44 10.88 -4.15
CA SER C 681 33.30 9.74 -3.83
C SER C 681 34.56 10.17 -3.10
N THR C 682 35.12 11.33 -3.46
CA THR C 682 36.30 11.83 -2.77
C THR C 682 36.02 12.08 -1.30
N TYR C 683 34.93 12.81 -1.01
CA TYR C 683 34.55 13.04 0.37
C TYR C 683 34.31 11.73 1.10
N GLU C 684 33.69 10.76 0.42
CA GLU C 684 33.48 9.46 1.05
C GLU C 684 34.79 8.77 1.41
N LYS C 685 35.78 8.79 0.52
CA LYS C 685 37.01 8.07 0.81
C LYS C 685 37.83 8.76 1.90
N MET C 686 37.94 10.08 1.86
CA MET C 686 38.64 10.75 2.96
C MET C 686 37.90 10.58 4.29
N TRP C 687 36.56 10.70 4.28
CA TRP C 687 35.80 10.52 5.50
C TRP C 687 35.96 9.10 6.05
N ALA C 688 36.01 8.11 5.15
CA ALA C 688 36.28 6.74 5.58
C ALA C 688 37.67 6.64 6.19
N PHE C 689 38.65 7.34 5.62
CA PHE C 689 40.00 7.29 6.17
C PHE C 689 40.03 7.84 7.59
N MET C 690 39.46 9.03 7.81
CA MET C 690 39.44 9.57 9.17
C MET C 690 38.63 8.70 10.12
N SER C 691 37.45 8.25 9.68
CA SER C 691 36.62 7.42 10.54
C SER C 691 37.25 6.04 10.78
N SER C 692 38.20 5.65 9.94
CA SER C 692 38.91 4.40 10.15
C SER C 692 39.78 4.47 11.39
N ARG C 693 40.18 3.30 11.89
CA ARG C 693 41.03 3.19 13.08
C ARG C 693 40.34 3.78 14.30
N GLN C 694 39.00 3.72 14.32
CA GLN C 694 38.19 4.23 15.42
C GLN C 694 38.46 5.70 15.70
N GLN C 695 38.58 6.49 14.63
CA GLN C 695 38.78 7.94 14.71
C GLN C 695 40.00 8.29 15.54
N SER C 696 41.07 7.49 15.40
CA SER C 696 42.35 7.78 16.03
C SER C 696 43.27 8.55 15.11
N ALA C 697 42.80 8.90 13.91
CA ALA C 697 43.55 9.71 12.97
C ALA C 697 43.04 11.15 12.93
N LEU C 698 42.56 11.65 14.07
CA LEU C 698 42.04 13.00 14.16
C LEU C 698 42.64 13.67 15.39
N VAL C 699 42.25 14.91 15.62
CA VAL C 699 42.60 15.66 16.81
C VAL C 699 41.33 16.24 17.41
N LYS C 700 41.38 16.57 18.70
CA LYS C 700 40.17 17.08 19.36
C LYS C 700 39.92 18.54 18.98
N ASN C 701 40.87 19.42 19.29
CA ASN C 701 40.73 20.84 18.99
C ASN C 701 41.89 21.31 18.11
N SER C 702 41.81 22.58 17.72
CA SER C 702 42.76 23.14 16.75
C SER C 702 44.19 23.13 17.29
N ASP C 703 44.36 23.47 18.57
CA ASP C 703 45.71 23.55 19.13
C ASP C 703 46.40 22.20 19.11
N GLU C 704 45.69 21.14 19.50
CA GLU C 704 46.28 19.80 19.41
C GLU C 704 46.62 19.47 17.97
N GLY C 705 45.77 19.87 17.03
CA GLY C 705 46.06 19.60 15.62
C GLY C 705 47.32 20.29 15.13
N ILE C 706 47.50 21.56 15.50
CA ILE C 706 48.66 22.30 15.01
C ILE C 706 49.94 21.78 15.67
N GLN C 707 49.90 21.50 16.97
CA GLN C 707 51.08 20.89 17.58
C GLN C 707 51.37 19.51 17.01
N ARG C 708 50.34 18.73 16.69
CA ARG C 708 50.56 17.41 16.13
C ARG C 708 51.19 17.49 14.74
N VAL C 709 50.70 18.40 13.89
CA VAL C 709 51.31 18.53 12.57
C VAL C 709 52.72 19.08 12.68
N LEU C 710 52.98 19.90 13.70
CA LEU C 710 54.35 20.34 13.95
C LEU C 710 55.25 19.16 14.33
N THR C 711 54.77 18.26 15.19
CA THR C 711 55.60 17.20 15.73
C THR C 711 55.73 16.01 14.78
N THR C 712 54.62 15.36 14.45
CA THR C 712 54.63 14.12 13.70
C THR C 712 54.23 14.36 12.24
N ASP C 713 54.31 13.28 11.46
CA ASP C 713 53.91 13.28 10.05
C ASP C 713 52.39 13.23 10.00
N TYR C 714 51.75 14.38 10.23
CA TYR C 714 50.30 14.47 10.27
C TYR C 714 49.87 15.69 9.47
N ALA C 715 48.69 15.60 8.86
CA ALA C 715 48.11 16.68 8.08
C ALA C 715 46.78 17.10 8.68
N LEU C 716 46.50 18.40 8.62
CA LEU C 716 45.33 18.97 9.27
C LEU C 716 44.54 19.82 8.29
N LEU C 717 43.22 19.71 8.36
CA LEU C 717 42.32 20.54 7.56
C LEU C 717 41.82 21.69 8.43
N MET C 718 42.33 22.90 8.17
CA MET C 718 41.95 24.08 8.92
C MET C 718 41.70 25.21 7.93
N GLU C 719 40.88 26.17 8.34
CA GLU C 719 40.49 27.26 7.45
C GLU C 719 41.71 28.00 6.92
N SER C 720 41.59 28.48 5.68
CA SER C 720 42.75 29.04 4.98
C SER C 720 43.33 30.24 5.73
N THR C 721 42.47 31.18 6.13
CA THR C 721 42.93 32.40 6.78
C THR C 721 43.87 32.08 7.94
N SER C 722 43.48 31.13 8.78
CA SER C 722 44.37 30.67 9.84
C SER C 722 45.66 30.08 9.29
N ILE C 723 45.59 29.41 8.14
CA ILE C 723 46.80 28.80 7.57
C ILE C 723 47.82 29.87 7.21
N GLU C 724 47.40 30.89 6.45
CA GLU C 724 48.41 31.91 6.14
C GLU C 724 48.78 32.73 7.37
N TYR C 725 47.86 32.92 8.32
CA TYR C 725 48.22 33.66 9.52
C TYR C 725 49.31 32.96 10.32
N VAL C 726 49.20 31.63 10.46
CA VAL C 726 50.22 30.90 11.21
C VAL C 726 51.52 30.81 10.40
N THR C 727 51.42 30.69 9.07
CA THR C 727 52.64 30.65 8.27
C THR C 727 53.35 32.01 8.26
N GLN C 728 52.63 33.08 8.57
CA GLN C 728 53.26 34.39 8.66
C GLN C 728 54.36 34.43 9.71
N ARG C 729 54.08 33.87 10.89
CA ARG C 729 55.04 33.97 11.99
C ARG C 729 56.14 32.93 11.87
N ASN C 730 55.76 31.66 11.74
CA ASN C 730 56.70 30.54 11.74
C ASN C 730 56.90 30.11 10.29
N CYS C 731 58.15 30.15 9.82
CA CYS C 731 58.49 29.77 8.45
C CYS C 731 58.89 28.31 8.45
N ASN C 732 57.93 27.43 8.72
CA ASN C 732 58.19 26.00 8.71
C ASN C 732 57.02 25.28 8.02
N LEU C 733 55.99 26.03 7.63
CA LEU C 733 54.79 25.47 7.06
C LEU C 733 54.50 26.13 5.72
N THR C 734 53.80 25.39 4.86
CA THR C 734 53.32 25.91 3.58
C THR C 734 51.88 25.43 3.39
N GLN C 735 51.25 25.93 2.34
CA GLN C 735 49.87 25.59 2.02
C GLN C 735 49.85 24.68 0.79
N ILE C 736 49.00 23.66 0.85
CA ILE C 736 48.92 22.64 -0.19
C ILE C 736 47.48 22.56 -0.69
N GLY C 737 47.32 22.48 -2.01
CA GLY C 737 46.00 22.35 -2.59
C GLY C 737 45.22 23.66 -2.57
N GLY C 738 43.98 23.56 -3.05
CA GLY C 738 43.08 24.68 -3.12
C GLY C 738 41.93 24.58 -2.14
N LEU C 739 40.85 25.28 -2.46
CA LEU C 739 39.64 25.28 -1.65
C LEU C 739 38.57 24.42 -2.32
N ILE C 740 38.08 23.42 -1.59
CA ILE C 740 37.08 22.50 -2.10
C ILE C 740 35.66 22.90 -1.72
N ASP C 741 35.48 24.01 -1.01
CA ASP C 741 34.16 24.48 -0.65
C ASP C 741 34.22 25.97 -0.36
N SER C 742 33.04 26.59 -0.32
CA SER C 742 32.91 28.02 -0.03
C SER C 742 32.06 28.18 1.22
N LYS C 743 32.60 28.87 2.21
CA LYS C 743 31.93 29.02 3.51
C LYS C 743 31.88 30.49 3.90
N GLY C 744 30.71 30.96 4.30
CA GLY C 744 30.53 32.33 4.73
C GLY C 744 30.36 32.45 6.23
N TYR C 745 30.50 33.68 6.72
CA TYR C 745 30.34 33.99 8.12
C TYR C 745 28.99 34.66 8.37
N GLY C 746 28.40 34.36 9.53
CA GLY C 746 27.17 34.97 9.95
C GLY C 746 27.27 35.49 11.38
N VAL C 747 26.16 36.05 11.84
CA VAL C 747 26.01 36.51 13.23
C VAL C 747 24.96 35.62 13.87
N GLY C 748 25.38 34.81 14.83
CA GLY C 748 24.51 33.84 15.47
C GLY C 748 23.29 34.42 16.13
N THR C 749 22.12 34.14 15.58
CA THR C 749 20.85 34.57 16.14
C THR C 749 19.87 33.42 16.04
N PRO C 750 18.91 33.33 16.97
CA PRO C 750 17.93 32.25 16.91
C PRO C 750 17.00 32.39 15.71
N ILE C 751 16.40 31.26 15.34
CA ILE C 751 15.48 31.22 14.21
C ILE C 751 14.27 32.10 14.51
N GLY C 752 13.81 32.83 13.50
CA GLY C 752 12.67 33.71 13.67
C GLY C 752 12.95 34.96 14.47
N SER C 753 14.21 35.37 14.56
CA SER C 753 14.51 36.58 15.30
C SER C 753 14.10 37.82 14.49
N PRO C 754 13.59 38.86 15.16
CA PRO C 754 13.19 40.07 14.43
C PRO C 754 14.35 41.03 14.25
N TYR C 755 15.54 40.63 14.69
CA TYR C 755 16.70 41.51 14.58
C TYR C 755 17.25 41.58 13.16
N ARG C 756 16.91 40.61 12.32
CA ARG C 756 17.48 40.50 10.98
C ARG C 756 17.61 41.86 10.31
N ASP C 757 16.47 42.52 10.10
CA ASP C 757 16.46 43.77 9.35
C ASP C 757 17.48 44.76 9.92
N LYS C 758 17.42 45.01 11.23
CA LYS C 758 18.34 46.00 11.78
C LYS C 758 19.78 45.52 11.69
N ILE C 759 20.04 44.24 12.00
CA ILE C 759 21.41 43.78 11.88
C ILE C 759 21.80 43.69 10.41
N THR C 760 20.81 43.63 9.52
CA THR C 760 21.11 43.75 8.10
C THR C 760 21.60 45.15 7.77
N ILE C 761 20.96 46.17 8.33
CA ILE C 761 21.29 47.55 7.96
C ILE C 761 22.65 47.94 8.52
N ALA C 762 22.92 47.56 9.76
CA ALA C 762 24.16 47.99 10.41
C ALA C 762 25.39 47.46 9.70
N ILE C 763 25.44 46.14 9.47
CA ILE C 763 26.63 45.52 8.91
C ILE C 763 26.94 46.09 7.53
N LEU C 764 25.92 46.44 6.76
CA LEU C 764 26.14 47.05 5.46
C LEU C 764 26.95 48.32 5.59
N GLN C 765 26.62 49.17 6.56
CA GLN C 765 27.41 50.38 6.80
C GLN C 765 28.87 50.02 7.03
N LEU C 766 29.12 48.90 7.72
CA LEU C 766 30.49 48.47 7.95
C LEU C 766 31.24 48.26 6.63
N GLN C 767 30.59 47.63 5.65
CA GLN C 767 31.25 47.48 4.36
C GLN C 767 31.17 48.78 3.56
N GLU C 768 30.17 49.62 3.83
CA GLU C 768 30.12 50.93 3.20
C GLU C 768 31.27 51.81 3.66
N GLU C 769 31.59 51.78 4.96
CA GLU C 769 32.68 52.58 5.48
C GLU C 769 34.04 51.92 5.29
N GLY C 770 34.10 50.59 5.37
CA GLY C 770 35.30 49.87 4.98
C GLY C 770 36.47 49.92 5.94
N LYS C 771 36.25 50.40 7.18
CA LYS C 771 37.35 50.36 8.15
C LYS C 771 37.72 48.94 8.53
N LEU C 772 36.79 47.99 8.39
CA LEU C 772 37.06 46.61 8.81
C LEU C 772 38.27 46.04 8.10
N HIS C 773 38.57 46.52 6.89
CA HIS C 773 39.74 46.04 6.16
C HIS C 773 41.03 46.35 6.90
N MET C 774 41.14 47.56 7.46
CA MET C 774 42.36 47.93 8.17
C MET C 774 42.53 47.15 9.46
N MET C 775 41.44 46.94 10.21
CA MET C 775 41.56 46.07 11.38
C MET C 775 41.91 44.65 11.01
N LYS C 776 41.36 44.12 9.91
CA LYS C 776 41.73 42.78 9.47
C LYS C 776 43.21 42.72 9.11
N GLU C 777 43.72 43.76 8.45
CA GLU C 777 45.14 43.79 8.10
C GLU C 777 46.01 43.84 9.35
N LYS C 778 45.66 44.70 10.30
CA LYS C 778 46.55 44.92 11.44
C LYS C 778 46.50 43.75 12.43
N TRP C 779 45.33 43.14 12.63
CA TRP C 779 45.29 41.92 13.44
C TRP C 779 45.94 40.75 12.69
N TRP C 780 45.77 40.70 11.38
CA TRP C 780 46.23 39.59 10.55
C TRP C 780 47.72 39.63 10.24
N ARG C 781 48.35 40.79 10.32
CA ARG C 781 49.77 40.89 9.97
C ARG C 781 50.61 40.15 11.01
N GLY C 782 51.40 39.18 10.55
CA GLY C 782 52.31 38.46 11.40
C GLY C 782 53.75 38.90 11.19
N ASN C 783 54.70 38.00 11.45
CA ASN C 783 56.10 38.31 11.22
C ASN C 783 56.47 38.32 9.74
N GLY C 784 55.90 37.42 8.95
CA GLY C 784 56.20 37.37 7.53
C GLY C 784 57.36 36.47 7.20
N CYS C 785 57.27 35.75 6.09
CA CYS C 785 58.33 34.86 5.63
C CYS C 785 58.62 35.15 4.16
N PRO C 786 59.88 34.93 3.73
CA PRO C 786 60.29 35.14 2.34
C PRO C 786 59.46 34.34 1.34
N GLN D 1 -44.75 2.18 61.66
CA GLN D 1 -44.64 3.48 61.02
C GLN D 1 -44.92 3.39 59.52
N VAL D 2 -45.88 4.18 59.05
CA VAL D 2 -46.21 4.26 57.63
C VAL D 2 -45.88 5.67 57.16
N LEU D 3 -45.01 5.77 56.16
CA LEU D 3 -44.45 7.05 55.73
C LEU D 3 -44.71 7.27 54.25
N ARG D 4 -45.03 8.51 53.90
CA ARG D 4 -45.23 8.94 52.53
C ARG D 4 -43.98 9.68 52.05
N ILE D 5 -43.56 9.38 50.82
CA ILE D 5 -42.32 9.90 50.26
C ILE D 5 -42.64 10.60 48.95
N GLY D 6 -41.99 11.74 48.73
CA GLY D 6 -42.26 12.60 47.60
C GLY D 6 -41.56 12.13 46.34
N GLY D 7 -42.34 12.01 45.27
CA GLY D 7 -41.80 11.70 43.96
C GLY D 7 -42.32 12.65 42.91
N ILE D 8 -41.42 13.38 42.26
CA ILE D 8 -41.78 14.39 41.27
C ILE D 8 -41.33 13.87 39.91
N PHE D 9 -42.29 13.55 39.05
CA PHE D 9 -42.03 12.96 37.74
C PHE D 9 -42.43 13.96 36.67
N GLU D 10 -41.47 14.35 35.83
CA GLU D 10 -41.76 15.16 34.64
C GLU D 10 -42.09 14.19 33.52
N THR D 11 -43.28 13.61 33.59
CA THR D 11 -43.70 12.54 32.68
C THR D 11 -44.37 13.15 31.46
N VAL D 12 -44.07 12.60 30.29
CA VAL D 12 -44.64 13.06 29.02
C VAL D 12 -45.62 11.99 28.55
N GLU D 13 -46.80 12.44 28.09
CA GLU D 13 -47.89 11.52 27.78
C GLU D 13 -48.28 11.52 26.30
N ASN D 14 -47.61 12.32 25.46
CA ASN D 14 -47.73 12.14 24.02
C ASN D 14 -46.66 11.18 23.50
N GLU D 15 -45.84 10.65 24.38
CA GLU D 15 -44.81 9.66 24.11
C GLU D 15 -44.90 8.60 25.19
N PRO D 16 -44.30 7.43 24.98
CA PRO D 16 -44.33 6.39 26.01
C PRO D 16 -43.75 6.89 27.33
N VAL D 17 -44.35 6.44 28.42
CA VAL D 17 -43.99 6.96 29.74
C VAL D 17 -42.55 6.61 30.08
N ASN D 18 -41.94 7.44 30.93
CA ASN D 18 -40.58 7.19 31.36
C ASN D 18 -40.51 6.02 32.33
N VAL D 19 -39.33 5.39 32.39
CA VAL D 19 -39.21 4.09 33.05
C VAL D 19 -39.03 4.20 34.56
N GLU D 20 -38.61 5.35 35.08
CA GLU D 20 -38.25 5.42 36.49
C GLU D 20 -39.47 5.23 37.39
N GLU D 21 -40.65 5.65 36.94
CA GLU D 21 -41.84 5.42 37.75
C GLU D 21 -42.17 3.94 37.88
N LEU D 22 -42.07 3.20 36.76
CA LEU D 22 -42.28 1.75 36.82
C LEU D 22 -41.22 1.08 37.67
N ALA D 23 -39.97 1.52 37.56
CA ALA D 23 -38.92 0.98 38.41
C ALA D 23 -39.20 1.26 39.89
N PHE D 24 -39.72 2.44 40.20
CA PHE D 24 -40.04 2.79 41.58
C PHE D 24 -41.17 1.91 42.12
N LYS D 25 -42.22 1.70 41.31
CA LYS D 25 -43.30 0.82 41.72
C LYS D 25 -42.80 -0.60 41.95
N PHE D 26 -41.97 -1.11 41.03
CA PHE D 26 -41.42 -2.45 41.19
C PHE D 26 -40.57 -2.55 42.44
N ALA D 27 -39.77 -1.51 42.72
CA ALA D 27 -38.91 -1.53 43.89
C ALA D 27 -39.72 -1.53 45.18
N VAL D 28 -40.76 -0.71 45.25
CA VAL D 28 -41.57 -0.66 46.46
C VAL D 28 -42.32 -1.97 46.66
N THR D 29 -42.81 -2.56 45.56
CA THR D 29 -43.46 -3.86 45.68
C THR D 29 -42.47 -4.93 46.13
N SER D 30 -41.24 -4.87 45.62
CA SER D 30 -40.22 -5.85 46.01
C SER D 30 -39.87 -5.74 47.49
N ILE D 31 -39.65 -4.51 47.98
CA ILE D 31 -39.33 -4.35 49.40
C ILE D 31 -40.51 -4.74 50.27
N ASN D 32 -41.74 -4.56 49.76
CA ASN D 32 -42.88 -5.12 50.49
C ASN D 32 -42.81 -6.64 50.54
N ARG D 33 -42.42 -7.27 49.43
CA ARG D 33 -42.39 -8.74 49.40
C ARG D 33 -41.13 -9.32 50.03
N ASN D 34 -40.10 -8.50 50.22
CA ASN D 34 -38.79 -9.02 50.61
C ASN D 34 -38.80 -9.53 52.05
N ARG D 35 -37.90 -10.48 52.33
CA ARG D 35 -37.85 -11.15 53.63
C ARG D 35 -36.81 -10.55 54.56
N THR D 36 -36.04 -9.57 54.10
CA THR D 36 -35.15 -8.80 54.96
C THR D 36 -35.82 -7.50 55.39
N LEU D 37 -36.42 -6.77 54.44
CA LEU D 37 -37.18 -5.57 54.76
C LEU D 37 -38.59 -5.93 55.20
N MET D 38 -39.03 -5.31 56.28
CA MET D 38 -40.33 -5.60 56.88
C MET D 38 -41.20 -4.36 56.76
N PRO D 39 -42.52 -4.55 56.67
CA PRO D 39 -43.41 -3.38 56.75
C PRO D 39 -43.64 -2.95 58.19
N ASN D 40 -42.57 -2.90 58.98
CA ASN D 40 -42.53 -2.14 60.22
C ASN D 40 -42.23 -0.68 59.96
N THR D 41 -41.66 -0.38 58.79
CA THR D 41 -41.55 0.99 58.28
C THR D 41 -42.06 0.96 56.85
N THR D 42 -43.23 1.55 56.62
CA THR D 42 -43.94 1.42 55.36
C THR D 42 -43.75 2.69 54.54
N LEU D 43 -43.39 2.52 53.28
CA LEU D 43 -43.12 3.63 52.38
C LEU D 43 -44.30 3.81 51.44
N THR D 44 -44.89 5.00 51.44
CA THR D 44 -46.03 5.31 50.59
C THR D 44 -45.57 6.18 49.42
N TYR D 45 -46.26 6.04 48.29
CA TYR D 45 -45.85 6.66 47.04
C TYR D 45 -46.95 7.58 46.52
N ASP D 46 -46.57 8.40 45.54
CA ASP D 46 -47.49 9.24 44.80
C ASP D 46 -47.12 9.21 43.32
N ILE D 47 -48.08 9.57 42.48
CA ILE D 47 -47.87 9.65 41.03
C ILE D 47 -48.17 11.07 40.59
N GLN D 48 -47.21 11.71 39.92
CA GLN D 48 -47.30 13.10 39.54
C GLN D 48 -46.91 13.28 38.08
N ARG D 49 -47.76 14.00 37.33
CA ARG D 49 -47.46 14.36 35.95
C ARG D 49 -47.45 15.87 35.86
N ILE D 50 -46.35 16.42 35.37
CA ILE D 50 -46.16 17.87 35.27
C ILE D 50 -45.66 18.18 33.87
N ASN D 51 -46.14 19.29 33.30
CA ASN D 51 -45.70 19.72 31.98
C ASN D 51 -44.19 19.91 31.96
N LEU D 52 -43.56 19.40 30.91
CA LEU D 52 -42.10 19.43 30.81
C LEU D 52 -41.61 20.88 30.75
N PHE D 53 -40.51 21.13 31.46
CA PHE D 53 -39.91 22.46 31.54
C PHE D 53 -40.91 23.50 32.05
N ASP D 54 -41.43 23.28 33.25
CA ASP D 54 -42.34 24.22 33.91
C ASP D 54 -41.90 24.30 35.37
N SER D 55 -41.01 25.25 35.66
CA SER D 55 -40.41 25.35 36.97
C SER D 55 -41.37 25.90 38.03
N PHE D 56 -42.32 26.76 37.64
CA PHE D 56 -43.25 27.31 38.61
C PHE D 56 -44.17 26.22 39.15
N GLU D 57 -44.72 25.39 38.26
CA GLU D 57 -45.56 24.28 38.71
C GLU D 57 -44.75 23.27 39.52
N ALA D 58 -43.48 23.06 39.15
CA ALA D 58 -42.63 22.17 39.93
C ALA D 58 -42.43 22.71 41.34
N SER D 59 -42.19 24.02 41.47
CA SER D 59 -42.03 24.62 42.79
C SER D 59 -43.32 24.52 43.60
N ARG D 60 -44.47 24.74 42.95
CA ARG D 60 -45.74 24.61 43.66
C ARG D 60 -46.00 23.17 44.11
N ARG D 61 -45.64 22.19 43.28
CA ARG D 61 -45.86 20.81 43.68
C ARG D 61 -44.90 20.41 44.80
N ALA D 62 -43.69 20.95 44.77
CA ALA D 62 -42.76 20.77 45.90
C ALA D 62 -43.33 21.39 47.17
N CYS D 63 -43.98 22.56 47.03
CA CYS D 63 -44.66 23.16 48.17
C CYS D 63 -45.75 22.24 48.70
N ASP D 64 -46.53 21.63 47.80
CA ASP D 64 -47.56 20.67 48.23
C ASP D 64 -46.94 19.48 48.95
N GLN D 65 -45.84 18.94 48.41
CA GLN D 65 -45.20 17.80 49.05
C GLN D 65 -44.64 18.14 50.43
N LEU D 66 -43.99 19.29 50.56
CA LEU D 66 -43.48 19.68 51.88
C LEU D 66 -44.61 20.00 52.84
N ALA D 67 -45.76 20.44 52.33
CA ALA D 67 -46.96 20.53 53.16
C ALA D 67 -47.38 19.16 53.64
N LEU D 68 -47.34 18.17 52.75
CA LEU D 68 -47.61 16.79 53.15
C LEU D 68 -46.55 16.29 54.12
N GLY D 69 -45.28 16.51 53.82
CA GLY D 69 -44.20 16.08 54.68
C GLY D 69 -43.66 14.72 54.28
N VAL D 70 -42.42 14.68 53.79
CA VAL D 70 -41.80 13.44 53.33
C VAL D 70 -40.38 13.37 53.87
N ALA D 71 -39.81 12.16 53.86
CA ALA D 71 -38.45 11.96 54.31
C ALA D 71 -37.42 12.08 53.19
N ALA D 72 -37.85 12.00 51.93
CA ALA D 72 -36.95 12.13 50.80
C ALA D 72 -37.73 12.66 49.60
N LEU D 73 -37.06 13.48 48.79
CA LEU D 73 -37.66 14.05 47.60
C LEU D 73 -36.93 13.56 46.36
N PHE D 74 -37.70 13.13 45.36
CA PHE D 74 -37.17 12.55 44.13
C PHE D 74 -37.62 13.39 42.94
N GLY D 75 -36.69 13.61 42.01
CA GLY D 75 -36.96 14.43 40.84
C GLY D 75 -36.97 15.90 41.19
N PRO D 76 -37.23 16.76 40.19
CA PRO D 76 -37.47 16.46 38.76
C PRO D 76 -36.21 16.08 38.00
N SER D 77 -36.38 15.63 36.77
CA SER D 77 -35.27 15.17 35.93
C SER D 77 -34.68 16.28 35.06
N HIS D 78 -35.16 17.51 35.20
CA HIS D 78 -34.68 18.63 34.39
C HIS D 78 -33.73 19.50 35.19
N SER D 79 -32.54 19.75 34.63
CA SER D 79 -31.53 20.54 35.31
C SER D 79 -32.00 21.97 35.54
N SER D 80 -32.73 22.54 34.57
CA SER D 80 -33.29 23.87 34.76
C SER D 80 -34.30 23.89 35.90
N SER D 81 -35.13 22.85 35.99
CA SER D 81 -36.18 22.84 37.00
C SER D 81 -35.62 22.63 38.41
N VAL D 82 -34.55 21.84 38.53
CA VAL D 82 -34.11 21.42 39.86
C VAL D 82 -33.52 22.55 40.69
N SER D 83 -33.15 23.68 40.07
CA SER D 83 -32.54 24.77 40.83
C SER D 83 -33.51 25.32 41.88
N ALA D 84 -34.74 25.62 41.47
CA ALA D 84 -35.72 26.19 42.38
C ALA D 84 -36.07 25.21 43.49
N VAL D 85 -36.26 23.92 43.15
CA VAL D 85 -36.65 22.96 44.16
C VAL D 85 -35.49 22.69 45.12
N GLN D 86 -34.24 22.73 44.63
CA GLN D 86 -33.09 22.65 45.52
C GLN D 86 -33.03 23.83 46.46
N SER D 87 -33.30 25.04 45.96
CA SER D 87 -33.33 26.21 46.83
C SER D 87 -34.39 26.06 47.92
N ILE D 88 -35.58 25.59 47.52
CA ILE D 88 -36.66 25.39 48.48
C ILE D 88 -36.27 24.33 49.51
N CYS D 89 -35.69 23.23 49.05
CA CYS D 89 -35.30 22.16 49.96
C CYS D 89 -34.25 22.63 50.96
N ASN D 90 -33.25 23.39 50.48
CA ASN D 90 -32.22 23.86 51.40
C ASN D 90 -32.76 24.91 52.35
N ALA D 91 -33.70 25.75 51.91
CA ALA D 91 -34.36 26.68 52.81
C ALA D 91 -35.14 25.94 53.89
N LEU D 92 -35.83 24.86 53.51
CA LEU D 92 -36.53 24.00 54.45
C LEU D 92 -35.67 22.84 54.91
N GLU D 93 -34.40 22.80 54.50
CA GLU D 93 -33.38 21.85 54.98
C GLU D 93 -33.94 20.41 55.03
N VAL D 94 -34.64 20.08 53.96
CA VAL D 94 -35.26 18.76 53.79
C VAL D 94 -34.38 17.97 52.83
N PRO D 95 -34.24 16.65 53.01
CA PRO D 95 -33.38 15.87 52.10
C PRO D 95 -33.82 15.99 50.64
N HIS D 96 -32.83 16.10 49.76
CA HIS D 96 -33.07 16.20 48.32
C HIS D 96 -32.16 15.21 47.60
N ILE D 97 -32.79 14.30 46.87
CA ILE D 97 -32.09 13.22 46.15
C ILE D 97 -32.43 13.35 44.68
N GLN D 98 -31.40 13.25 43.84
CA GLN D 98 -31.51 13.46 42.41
C GLN D 98 -30.87 12.28 41.69
N THR D 99 -31.41 11.97 40.51
CA THR D 99 -31.01 10.81 39.74
C THR D 99 -30.14 11.16 38.53
N ARG D 100 -29.94 12.45 38.25
CA ARG D 100 -29.22 12.89 37.07
C ARG D 100 -28.15 13.90 37.45
N TRP D 101 -27.25 14.16 36.51
CA TRP D 101 -26.22 15.18 36.68
C TRP D 101 -26.83 16.56 36.54
N LYS D 102 -26.25 17.51 37.29
CA LYS D 102 -26.70 18.89 37.28
C LYS D 102 -25.49 19.78 37.08
N HIS D 103 -25.68 20.89 36.37
CA HIS D 103 -24.58 21.80 36.10
C HIS D 103 -23.98 22.30 37.41
N PRO D 104 -22.66 22.36 37.50
CA PRO D 104 -22.02 22.83 38.75
C PRO D 104 -22.43 24.25 39.05
N SER D 105 -23.19 24.43 40.13
CA SER D 105 -23.70 25.72 40.53
C SER D 105 -23.58 25.91 42.04
N VAL D 106 -22.55 25.32 42.64
CA VAL D 106 -22.35 25.36 44.08
C VAL D 106 -21.27 26.38 44.40
N ASP D 107 -21.59 27.31 45.30
CA ASP D 107 -20.62 28.30 45.77
C ASP D 107 -20.72 28.34 47.29
N SER D 108 -21.73 27.67 47.83
CA SER D 108 -21.91 27.52 49.27
C SER D 108 -22.04 26.03 49.55
N ARG D 109 -21.29 25.55 50.55
CA ARG D 109 -21.19 24.12 50.81
C ARG D 109 -22.56 23.57 51.18
N ASP D 110 -23.16 22.81 50.27
CA ASP D 110 -24.49 22.24 50.47
C ASP D 110 -24.37 20.72 50.50
N LEU D 111 -24.49 20.15 51.70
CA LEU D 111 -24.54 18.71 51.87
C LEU D 111 -25.96 18.17 51.77
N PHE D 112 -26.89 18.98 51.27
CA PHE D 112 -28.29 18.61 51.12
C PHE D 112 -28.56 17.96 49.77
N TYR D 113 -27.51 17.53 49.07
CA TYR D 113 -27.57 17.16 47.67
C TYR D 113 -27.09 15.72 47.52
N ILE D 114 -28.01 14.79 47.26
CA ILE D 114 -27.67 13.37 47.19
C ILE D 114 -27.84 12.87 45.77
N ASN D 115 -26.73 12.57 45.12
CA ASN D 115 -26.70 12.31 43.68
C ASN D 115 -26.29 10.86 43.44
N LEU D 116 -26.98 10.19 42.52
CA LEU D 116 -26.60 8.87 42.03
C LEU D 116 -26.45 8.95 40.51
N TYR D 117 -25.26 9.32 40.04
CA TYR D 117 -25.01 9.41 38.61
C TYR D 117 -23.50 9.36 38.39
N PRO D 118 -23.02 8.79 37.29
CA PRO D 118 -21.57 8.80 37.01
C PRO D 118 -21.09 10.21 36.71
N ASP D 119 -20.22 10.73 37.59
CA ASP D 119 -19.64 12.05 37.38
C ASP D 119 -18.68 12.03 36.20
N TYR D 120 -18.51 13.21 35.59
CA TYR D 120 -17.72 13.34 34.36
C TYR D 120 -16.22 13.23 34.58
N ALA D 121 -15.73 13.61 35.77
CA ALA D 121 -14.29 13.54 36.01
C ALA D 121 -13.79 12.10 35.96
N ALA D 122 -14.55 11.16 36.54
CA ALA D 122 -14.16 9.76 36.47
C ALA D 122 -14.21 9.25 35.03
N ILE D 123 -15.21 9.68 34.26
CA ILE D 123 -15.28 9.31 32.86
C ILE D 123 -14.03 9.78 32.12
N SER D 124 -13.61 11.02 32.39
CA SER D 124 -12.42 11.56 31.74
C SER D 124 -11.17 10.78 32.14
N ARG D 125 -11.03 10.46 33.42
CA ARG D 125 -9.86 9.67 33.84
C ARG D 125 -9.86 8.29 33.19
N ALA D 126 -11.04 7.67 33.09
CA ALA D 126 -11.15 6.36 32.46
C ALA D 126 -10.76 6.43 30.98
N VAL D 127 -11.24 7.45 30.26
CA VAL D 127 -10.85 7.52 28.86
C VAL D 127 -9.36 7.82 28.73
N LEU D 128 -8.80 8.63 29.65
CA LEU D 128 -7.37 8.88 29.64
C LEU D 128 -6.58 7.58 29.74
N ASP D 129 -6.75 6.85 30.85
CA ASP D 129 -5.90 5.68 31.04
C ASP D 129 -6.23 4.58 30.04
N LEU D 130 -7.46 4.57 29.51
CA LEU D 130 -7.82 3.62 28.47
C LEU D 130 -7.03 3.90 27.19
N VAL D 131 -7.04 5.15 26.72
CA VAL D 131 -6.32 5.47 25.50
C VAL D 131 -4.81 5.34 25.72
N LEU D 132 -4.34 5.64 26.93
CA LEU D 132 -2.91 5.50 27.22
C LEU D 132 -2.48 4.04 27.22
N TYR D 133 -3.33 3.14 27.71
CA TYR D 133 -2.96 1.72 27.72
C TYR D 133 -2.72 1.22 26.30
N TYR D 134 -3.77 1.18 25.48
CA TYR D 134 -3.67 0.68 24.12
C TYR D 134 -3.35 1.91 23.26
N ASN D 135 -2.09 2.35 23.37
CA ASN D 135 -1.71 3.69 22.98
C ASN D 135 -1.85 3.94 21.48
N TRP D 136 -2.05 5.21 21.13
CA TRP D 136 -1.97 5.67 19.75
C TRP D 136 -1.15 6.96 19.71
N LYS D 137 -0.89 7.43 18.49
CA LYS D 137 -0.24 8.71 18.29
C LYS D 137 -1.18 9.80 17.79
N THR D 138 -2.32 9.42 17.20
CA THR D 138 -3.28 10.40 16.69
C THR D 138 -4.69 9.92 17.02
N VAL D 139 -5.53 10.83 17.50
CA VAL D 139 -6.91 10.52 17.87
C VAL D 139 -7.80 11.69 17.47
N THR D 140 -9.07 11.37 17.22
CA THR D 140 -10.10 12.36 16.96
C THR D 140 -11.22 12.17 17.96
N VAL D 141 -11.80 13.26 18.43
CA VAL D 141 -12.95 13.22 19.33
C VAL D 141 -14.00 14.19 18.79
N VAL D 142 -15.26 13.75 18.78
CA VAL D 142 -16.36 14.60 18.35
C VAL D 142 -17.37 14.71 19.49
N TYR D 143 -17.84 15.92 19.74
CA TYR D 143 -18.72 16.20 20.86
C TYR D 143 -20.02 16.80 20.35
N GLU D 144 -21.03 16.83 21.22
CA GLU D 144 -22.31 17.45 20.91
C GLU D 144 -22.26 18.95 21.16
N ASP D 145 -21.99 19.33 22.41
CA ASP D 145 -22.04 20.74 22.82
C ASP D 145 -21.04 21.06 23.93
N SER D 146 -21.23 22.21 24.58
CA SER D 146 -20.33 22.61 25.66
C SER D 146 -20.33 21.59 26.80
N THR D 147 -21.48 20.95 27.04
CA THR D 147 -21.51 19.86 28.01
C THR D 147 -20.58 18.73 27.59
N GLY D 148 -20.51 18.45 26.29
CA GLY D 148 -19.53 17.49 25.80
C GLY D 148 -18.10 17.90 26.09
N LEU D 149 -17.80 19.21 25.95
CA LEU D 149 -16.47 19.69 26.31
C LEU D 149 -16.19 19.51 27.80
N ILE D 150 -17.18 19.80 28.65
CA ILE D 150 -17.05 19.54 30.08
C ILE D 150 -16.77 18.07 30.32
N ARG D 151 -17.41 17.19 29.55
CA ARG D 151 -17.23 15.76 29.73
C ARG D 151 -15.83 15.29 29.33
N LEU D 152 -15.01 16.15 28.72
CA LEU D 152 -13.74 15.70 28.14
C LEU D 152 -12.59 16.67 28.39
N GLN D 153 -12.57 17.37 29.53
CA GLN D 153 -11.48 18.31 29.78
C GLN D 153 -10.13 17.59 29.79
N GLU D 154 -10.09 16.37 30.31
CA GLU D 154 -8.83 15.65 30.44
C GLU D 154 -8.25 15.30 29.07
N LEU D 155 -9.10 14.79 28.17
CA LEU D 155 -8.62 14.56 26.80
C LEU D 155 -8.24 15.87 26.12
N ILE D 156 -8.92 16.97 26.47
CA ILE D 156 -8.53 18.27 25.91
C ILE D 156 -7.12 18.64 26.35
N LYS D 157 -6.81 18.45 27.63
CA LYS D 157 -5.52 18.84 28.19
C LYS D 157 -4.44 17.76 28.04
N ALA D 158 -4.78 16.62 27.44
CA ALA D 158 -3.79 15.56 27.24
C ALA D 158 -2.49 16.01 26.57
N PRO D 159 -2.49 16.84 25.52
CA PRO D 159 -1.22 17.10 24.82
C PRO D 159 -0.09 17.63 25.70
N SER D 160 -0.41 18.42 26.72
CA SER D 160 0.63 18.93 27.61
C SER D 160 1.33 17.79 28.35
N ARG D 161 0.55 16.81 28.83
CA ARG D 161 1.11 15.74 29.63
C ARG D 161 1.87 14.71 28.81
N TYR D 162 1.40 14.40 27.59
CA TYR D 162 1.97 13.31 26.82
C TYR D 162 1.96 13.66 25.34
N ASN D 163 2.87 13.03 24.60
CA ASN D 163 2.93 13.21 23.15
C ASN D 163 1.74 12.57 22.44
N ILE D 164 0.87 13.41 21.89
CA ILE D 164 -0.38 12.95 21.30
C ILE D 164 -0.97 14.08 20.47
N LYS D 165 -1.67 13.72 19.40
CA LYS D 165 -2.42 14.67 18.57
C LYS D 165 -3.90 14.38 18.70
N ILE D 166 -4.69 15.43 18.90
CA ILE D 166 -6.14 15.33 19.04
C ILE D 166 -6.79 16.25 18.03
N LYS D 167 -7.81 15.74 17.34
CA LYS D 167 -8.62 16.54 16.43
C LYS D 167 -10.02 16.66 17.01
N ILE D 168 -10.49 17.89 17.19
CA ILE D 168 -11.73 18.16 17.92
C ILE D 168 -12.80 18.55 16.91
N ARG D 169 -13.82 17.71 16.79
CA ARG D 169 -14.95 17.93 15.90
C ARG D 169 -16.25 18.01 16.71
N GLN D 170 -17.28 18.57 16.08
CA GLN D 170 -18.59 18.63 16.71
C GLN D 170 -19.66 18.39 15.64
N LEU D 171 -20.76 17.77 16.05
CA LEU D 171 -21.81 17.52 15.08
C LEU D 171 -22.78 18.70 15.06
N PRO D 172 -23.28 19.08 13.88
CA PRO D 172 -24.22 20.21 13.79
C PRO D 172 -25.44 19.96 14.65
N PRO D 173 -25.81 20.91 15.50
CA PRO D 173 -26.94 20.69 16.41
C PRO D 173 -28.28 20.87 15.73
N ALA D 174 -28.60 19.98 14.79
CA ALA D 174 -29.88 20.02 14.09
C ALA D 174 -30.41 18.60 13.87
N ASN D 175 -29.71 17.61 14.43
CA ASN D 175 -29.99 16.20 14.18
C ASN D 175 -29.88 15.89 12.70
N LYS D 176 -28.72 16.15 12.12
CA LYS D 176 -28.39 15.84 10.74
C LYS D 176 -27.24 14.85 10.68
N ASP D 177 -26.82 14.54 9.46
CA ASP D 177 -25.76 13.56 9.25
C ASP D 177 -24.40 14.23 9.24
N ALA D 178 -23.43 13.57 9.90
CA ALA D 178 -22.05 14.04 9.95
C ALA D 178 -21.17 13.34 8.91
N LYS D 179 -21.74 13.00 7.75
CA LYS D 179 -20.95 12.35 6.71
C LYS D 179 -19.73 13.17 6.25
N PRO D 180 -19.79 14.50 6.06
CA PRO D 180 -18.54 15.20 5.68
C PRO D 180 -17.47 15.08 6.74
N LEU D 181 -17.82 15.28 8.01
CA LEU D 181 -16.82 15.23 9.07
C LEU D 181 -16.01 13.94 9.02
N LEU D 182 -16.69 12.80 8.87
CA LEU D 182 -15.97 11.55 8.71
C LEU D 182 -15.26 11.47 7.35
N LYS D 183 -15.73 12.18 6.32
CA LYS D 183 -15.04 12.15 5.04
C LYS D 183 -13.67 12.83 5.14
N GLU D 184 -13.61 14.04 5.71
CA GLU D 184 -12.29 14.59 6.03
C GLU D 184 -11.53 13.74 7.04
N MET D 185 -12.22 13.16 8.03
CA MET D 185 -11.53 12.36 9.03
C MET D 185 -10.80 11.18 8.40
N LYS D 186 -11.43 10.51 7.43
CA LYS D 186 -10.75 9.44 6.72
C LYS D 186 -9.72 9.98 5.74
N LYS D 187 -9.97 11.15 5.13
CA LYS D 187 -8.98 11.73 4.24
C LYS D 187 -7.73 12.20 4.98
N SER D 188 -7.81 12.35 6.30
CA SER D 188 -6.69 12.82 7.11
C SER D 188 -5.79 11.70 7.59
N LYS D 189 -5.90 10.50 7.01
CA LYS D 189 -5.12 9.34 7.40
C LYS D 189 -5.29 9.05 8.89
N GLU D 190 -6.52 9.20 9.39
CA GLU D 190 -6.81 8.98 10.79
C GLU D 190 -8.05 8.09 10.87
N PHE D 191 -8.04 7.16 11.82
CA PHE D 191 -9.07 6.12 11.88
C PHE D 191 -9.72 5.98 13.25
N TYR D 192 -9.28 6.75 14.24
CA TYR D 192 -9.55 6.44 15.64
C TYR D 192 -10.31 7.60 16.28
N VAL D 193 -11.63 7.48 16.36
CA VAL D 193 -12.51 8.59 16.73
C VAL D 193 -13.36 8.19 17.93
N ILE D 194 -13.59 9.16 18.82
CA ILE D 194 -14.34 8.95 20.05
C ILE D 194 -15.64 9.73 19.94
N PHE D 195 -16.76 9.03 20.14
CA PHE D 195 -18.10 9.58 20.02
C PHE D 195 -18.63 9.85 21.43
N ASP D 196 -18.59 11.11 21.85
CA ASP D 196 -19.25 11.53 23.08
C ASP D 196 -20.66 11.98 22.75
N CYS D 197 -21.65 11.23 23.25
CA CYS D 197 -23.00 11.39 22.75
C CYS D 197 -23.98 10.75 23.71
N SER D 198 -25.26 11.13 23.55
CA SER D 198 -26.36 10.57 24.32
C SER D 198 -26.93 9.35 23.62
N HIS D 199 -27.88 8.69 24.30
CA HIS D 199 -28.45 7.45 23.77
C HIS D 199 -29.15 7.67 22.43
N GLU D 200 -29.96 8.73 22.33
CA GLU D 200 -30.61 9.06 21.07
C GLU D 200 -29.58 9.31 19.98
N THR D 201 -28.64 10.21 20.27
CA THR D 201 -27.59 10.52 19.32
C THR D 201 -26.73 9.31 19.01
N ALA D 202 -26.41 8.47 20.02
CA ALA D 202 -25.66 7.26 19.76
C ALA D 202 -26.39 6.35 18.78
N ALA D 203 -27.70 6.16 19.00
CA ALA D 203 -28.47 5.30 18.10
C ALA D 203 -28.47 5.85 16.68
N GLU D 204 -28.72 7.15 16.54
CA GLU D 204 -28.83 7.70 15.19
C GLU D 204 -27.48 7.71 14.48
N ILE D 205 -26.39 8.00 15.19
CA ILE D 205 -25.07 7.97 14.56
C ILE D 205 -24.71 6.55 14.17
N LEU D 206 -25.05 5.56 15.00
CA LEU D 206 -24.72 4.18 14.63
C LEU D 206 -25.51 3.74 13.40
N LYS D 207 -26.80 4.10 13.34
CA LYS D 207 -27.57 3.77 12.15
C LYS D 207 -27.00 4.45 10.92
N GLN D 208 -26.59 5.73 11.03
CA GLN D 208 -26.02 6.42 9.88
C GLN D 208 -24.70 5.80 9.44
N ILE D 209 -23.82 5.43 10.37
CA ILE D 209 -22.53 4.88 9.98
C ILE D 209 -22.71 3.49 9.36
N LEU D 210 -23.65 2.70 9.87
CA LEU D 210 -23.96 1.43 9.22
C LEU D 210 -24.55 1.65 7.83
N PHE D 211 -25.40 2.66 7.67
CA PHE D 211 -26.00 2.94 6.37
C PHE D 211 -24.94 3.34 5.35
N MET D 212 -24.00 4.20 5.74
CA MET D 212 -23.00 4.69 4.81
C MET D 212 -22.07 3.59 4.34
N GLY D 213 -21.73 2.65 5.22
CA GLY D 213 -20.86 1.55 4.84
C GLY D 213 -19.58 1.49 5.64
N MET D 214 -19.59 2.05 6.84
CA MET D 214 -18.42 2.06 7.72
C MET D 214 -18.44 0.77 8.54
N MET D 215 -18.02 -0.33 7.90
CA MET D 215 -18.09 -1.64 8.55
C MET D 215 -16.81 -2.44 8.36
N THR D 216 -15.70 -1.79 8.09
CA THR D 216 -14.45 -2.47 7.78
C THR D 216 -13.53 -2.45 8.99
N GLU D 217 -12.41 -3.16 8.86
CA GLU D 217 -11.40 -3.27 9.90
C GLU D 217 -10.38 -2.15 9.86
N TYR D 218 -10.74 -1.03 9.22
CA TYR D 218 -9.90 0.16 9.19
C TYR D 218 -10.49 1.28 10.05
N TYR D 219 -11.28 0.92 11.07
CA TYR D 219 -11.88 1.90 11.96
C TYR D 219 -11.98 1.30 13.37
N HIS D 220 -12.08 2.20 14.35
CA HIS D 220 -12.22 1.81 15.75
C HIS D 220 -13.02 2.90 16.46
N TYR D 221 -14.20 2.54 16.96
CA TYR D 221 -15.13 3.50 17.53
C TYR D 221 -15.41 3.17 18.99
N PHE D 222 -15.81 4.20 19.74
CA PHE D 222 -16.08 4.08 21.17
C PHE D 222 -17.21 5.02 21.55
N PHE D 223 -18.09 4.53 22.43
CA PHE D 223 -19.21 5.31 22.95
C PHE D 223 -19.00 5.59 24.43
N THR D 224 -19.23 6.84 24.82
CA THR D 224 -19.19 7.24 26.23
C THR D 224 -20.50 6.95 26.94
N THR D 225 -21.56 6.61 26.20
CA THR D 225 -22.83 6.24 26.81
C THR D 225 -22.71 4.90 27.49
N LEU D 226 -23.35 4.78 28.67
CA LEU D 226 -23.21 3.57 29.48
C LEU D 226 -24.16 2.45 29.07
N ASP D 227 -25.19 2.74 28.28
CA ASP D 227 -26.13 1.72 27.84
C ASP D 227 -25.81 1.30 26.40
N LEU D 228 -25.27 0.09 26.27
CA LEU D 228 -24.97 -0.49 24.97
C LEU D 228 -25.38 -1.96 24.98
N PHE D 229 -25.95 -2.40 26.09
CA PHE D 229 -26.51 -3.74 26.21
C PHE D 229 -28.03 -3.74 26.31
N ALA D 230 -28.65 -2.60 26.64
CA ALA D 230 -30.09 -2.45 26.58
C ALA D 230 -30.52 -1.69 25.32
N LEU D 231 -29.61 -1.44 24.40
CA LEU D 231 -29.90 -0.78 23.14
C LEU D 231 -29.70 -1.78 22.01
N ASP D 232 -30.26 -1.48 20.84
CA ASP D 232 -30.26 -2.39 19.72
C ASP D 232 -28.82 -2.50 19.20
N LEU D 233 -28.11 -3.51 19.69
CA LEU D 233 -26.78 -3.85 19.19
C LEU D 233 -26.79 -5.33 18.79
N GLU D 234 -26.29 -5.62 17.59
CA GLU D 234 -26.25 -6.97 17.06
C GLU D 234 -24.83 -7.33 16.68
N LEU D 235 -24.34 -8.45 17.23
CA LEU D 235 -22.98 -8.89 17.01
C LEU D 235 -22.75 -9.49 15.63
N TYR D 236 -23.81 -9.86 14.91
CA TYR D 236 -23.67 -10.42 13.58
C TYR D 236 -23.60 -9.37 12.49
N ARG D 237 -24.14 -8.17 12.72
CA ARG D 237 -23.89 -7.06 11.81
C ARG D 237 -22.40 -6.70 11.82
N TYR D 238 -21.77 -6.83 12.98
CA TYR D 238 -20.35 -6.53 13.12
C TYR D 238 -19.52 -7.71 12.61
N SER D 239 -18.81 -7.50 11.51
CA SER D 239 -17.93 -8.54 11.00
C SER D 239 -16.58 -7.96 10.61
N GLY D 240 -16.51 -6.65 10.42
CA GLY D 240 -15.24 -6.01 10.16
C GLY D 240 -14.90 -4.88 11.12
N VAL D 241 -15.93 -4.25 11.69
CA VAL D 241 -15.69 -3.06 12.51
C VAL D 241 -15.57 -3.47 13.97
N ASN D 242 -14.72 -2.74 14.71
CA ASN D 242 -14.48 -3.01 16.12
C ASN D 242 -15.17 -1.94 16.95
N MET D 243 -16.06 -2.37 17.85
CA MET D 243 -16.76 -1.48 18.77
C MET D 243 -16.43 -1.87 20.20
N THR D 244 -16.01 -0.90 21.00
CA THR D 244 -15.66 -1.11 22.40
C THR D 244 -16.34 -0.05 23.24
N GLY D 245 -16.61 -0.38 24.50
CA GLY D 245 -17.39 0.55 25.31
C GLY D 245 -17.22 0.33 26.79
N PHE D 246 -17.91 1.19 27.54
CA PHE D 246 -17.99 1.12 28.99
C PHE D 246 -19.33 0.50 29.40
N ARG D 247 -19.38 -0.01 30.62
CA ARG D 247 -20.59 -0.67 31.10
C ARG D 247 -20.65 -0.50 32.61
N LEU D 248 -21.55 0.38 33.06
CA LEU D 248 -21.68 0.68 34.48
C LEU D 248 -22.15 -0.52 35.29
N LEU D 249 -23.07 -1.29 34.74
CA LEU D 249 -23.69 -2.40 35.45
C LEU D 249 -22.64 -3.50 35.71
N ASN D 250 -22.95 -4.37 36.67
CA ASN D 250 -22.12 -5.52 36.97
C ASN D 250 -22.96 -6.78 36.80
N ILE D 251 -22.33 -7.83 36.27
CA ILE D 251 -23.03 -9.06 35.92
C ILE D 251 -22.28 -10.22 36.57
N ASP D 252 -22.75 -11.45 36.29
CA ASP D 252 -22.24 -12.69 36.87
C ASP D 252 -22.66 -12.81 38.33
N ASN D 253 -23.57 -11.94 38.76
CA ASN D 253 -24.17 -12.00 40.09
C ASN D 253 -25.53 -12.67 39.97
N PRO D 254 -25.77 -13.79 40.67
CA PRO D 254 -27.10 -14.42 40.60
C PRO D 254 -28.24 -13.49 41.02
N HIS D 255 -28.00 -12.59 41.97
CA HIS D 255 -29.04 -11.63 42.34
C HIS D 255 -29.35 -10.69 41.18
N VAL D 256 -28.31 -10.12 40.56
CA VAL D 256 -28.51 -9.24 39.41
C VAL D 256 -29.18 -10.00 38.29
N SER D 257 -28.81 -11.27 38.10
CA SER D 257 -29.51 -12.10 37.13
C SER D 257 -30.99 -12.16 37.44
N SER D 258 -31.36 -12.70 38.61
CA SER D 258 -32.78 -12.87 38.92
C SER D 258 -33.53 -11.56 38.73
N ILE D 259 -32.91 -10.44 39.08
CA ILE D 259 -33.52 -9.14 38.84
C ILE D 259 -33.70 -8.89 37.34
N ILE D 260 -32.75 -9.33 36.51
CA ILE D 260 -32.90 -9.04 35.08
C ILE D 260 -34.00 -9.91 34.47
N GLU D 261 -34.15 -11.16 34.91
CA GLU D 261 -35.32 -11.92 34.46
C GLU D 261 -36.62 -11.30 34.98
N LYS D 262 -36.62 -10.74 36.20
CA LYS D 262 -37.82 -10.05 36.67
C LYS D 262 -38.16 -8.86 35.77
N TRP D 263 -37.15 -8.07 35.39
CA TRP D 263 -37.39 -6.94 34.50
C TRP D 263 -37.92 -7.41 33.16
N SER D 264 -37.33 -8.47 32.60
CA SER D 264 -37.79 -8.95 31.30
C SER D 264 -39.24 -9.44 31.39
N MET D 265 -39.58 -10.17 32.45
CA MET D 265 -40.93 -10.74 32.54
C MET D 265 -41.96 -9.65 32.82
N GLU D 266 -41.56 -8.58 33.51
CA GLU D 266 -42.48 -7.46 33.70
C GLU D 266 -42.59 -6.57 32.47
N ARG D 267 -41.58 -6.61 31.58
CA ARG D 267 -41.67 -5.80 30.36
C ARG D 267 -42.44 -6.52 29.25
N LEU D 268 -42.28 -7.84 29.13
CA LEU D 268 -42.78 -8.53 27.94
C LEU D 268 -44.30 -8.44 27.81
N GLN D 269 -45.04 -8.60 28.91
CA GLN D 269 -46.50 -8.59 28.81
C GLN D 269 -47.03 -7.17 28.62
N ALA D 270 -46.22 -6.16 28.93
CA ALA D 270 -46.64 -4.78 28.80
C ALA D 270 -46.84 -4.43 27.32
N PRO D 271 -47.63 -3.39 27.04
CA PRO D 271 -47.82 -2.95 25.64
C PRO D 271 -46.49 -2.68 24.98
N PRO D 272 -46.33 -3.10 23.73
CA PRO D 272 -45.03 -2.91 23.05
C PRO D 272 -44.63 -1.44 22.98
N ARG D 273 -43.33 -1.20 23.08
CA ARG D 273 -42.77 0.13 22.99
C ARG D 273 -42.00 0.27 21.67
N PRO D 274 -41.98 1.47 21.08
CA PRO D 274 -41.29 1.65 19.80
C PRO D 274 -39.80 1.31 19.90
N GLU D 275 -39.28 0.70 18.84
CA GLU D 275 -37.88 0.35 18.74
C GLU D 275 -37.18 1.43 17.93
N THR D 276 -36.77 2.50 18.62
CA THR D 276 -36.07 3.62 17.99
C THR D 276 -34.61 3.69 18.42
N GLY D 277 -33.94 2.54 18.54
CA GLY D 277 -32.61 2.49 19.08
C GLY D 277 -32.64 2.30 20.58
N LEU D 278 -33.50 1.39 21.04
CA LEU D 278 -33.62 1.08 22.45
C LEU D 278 -34.33 -0.26 22.64
N LEU D 279 -33.68 -1.19 23.33
CA LEU D 279 -34.25 -2.50 23.61
C LEU D 279 -34.89 -2.52 24.99
N ASP D 280 -35.97 -3.28 25.11
CA ASP D 280 -36.72 -3.38 26.35
C ASP D 280 -36.60 -4.81 26.88
N GLY D 281 -36.55 -4.95 28.20
CA GLY D 281 -36.33 -6.24 28.82
C GLY D 281 -35.01 -6.31 29.54
N MET D 282 -34.16 -5.31 29.32
CA MET D 282 -32.86 -5.19 29.96
C MET D 282 -32.77 -3.87 30.72
N MET D 283 -32.02 -3.89 31.81
CA MET D 283 -31.85 -2.69 32.62
C MET D 283 -31.18 -1.56 31.85
N THR D 284 -31.68 -0.35 32.06
CA THR D 284 -31.03 0.88 31.65
C THR D 284 -30.46 1.59 32.87
N THR D 285 -29.54 2.53 32.62
CA THR D 285 -28.78 3.14 33.71
C THR D 285 -29.68 3.87 34.70
N GLU D 286 -30.55 4.75 34.20
CA GLU D 286 -31.34 5.57 35.11
C GLU D 286 -32.30 4.72 35.94
N ALA D 287 -32.91 3.71 35.32
CA ALA D 287 -33.78 2.80 36.09
C ALA D 287 -33.00 2.08 37.18
N ALA D 288 -31.80 1.60 36.88
CA ALA D 288 -31.01 0.88 37.87
C ALA D 288 -30.58 1.80 39.01
N LEU D 289 -30.19 3.03 38.70
CA LEU D 289 -29.72 3.92 39.76
C LEU D 289 -30.87 4.40 40.63
N MET D 290 -32.04 4.63 40.04
CA MET D 290 -33.25 4.87 40.84
C MET D 290 -33.57 3.65 41.70
N TYR D 291 -33.45 2.46 41.10
CA TYR D 291 -33.68 1.19 41.78
C TYR D 291 -32.77 1.03 42.99
N ASP D 292 -31.55 1.55 42.91
CA ASP D 292 -30.65 1.48 44.05
C ASP D 292 -30.90 2.60 45.05
N ALA D 293 -31.21 3.82 44.57
CA ALA D 293 -31.48 4.94 45.47
C ALA D 293 -32.65 4.64 46.38
N VAL D 294 -33.68 3.95 45.87
CA VAL D 294 -34.84 3.65 46.70
C VAL D 294 -34.44 2.73 47.86
N TYR D 295 -33.56 1.75 47.62
CA TYR D 295 -33.12 0.90 48.73
C TYR D 295 -32.12 1.59 49.65
N MET D 296 -31.30 2.54 49.17
CA MET D 296 -30.57 3.34 50.15
C MET D 296 -31.53 4.09 51.08
N VAL D 297 -32.58 4.68 50.50
CA VAL D 297 -33.57 5.36 51.33
C VAL D 297 -34.21 4.38 52.31
N ALA D 298 -34.52 3.17 51.83
CA ALA D 298 -35.20 2.19 52.68
C ALA D 298 -34.31 1.72 53.82
N ILE D 299 -33.03 1.47 53.55
CA ILE D 299 -32.14 1.02 54.63
C ILE D 299 -31.91 2.14 55.62
N ALA D 300 -31.82 3.39 55.15
CA ALA D 300 -31.73 4.51 56.07
C ALA D 300 -32.97 4.61 56.95
N SER D 301 -34.16 4.40 56.37
CA SER D 301 -35.40 4.47 57.13
C SER D 301 -35.48 3.34 58.16
N HIS D 302 -35.11 2.13 57.76
CA HIS D 302 -35.21 0.99 58.68
C HIS D 302 -34.16 1.07 59.79
N ARG D 303 -33.02 1.69 59.51
CA ARG D 303 -32.01 1.89 60.55
C ARG D 303 -32.46 2.92 61.57
N ALA D 304 -33.21 3.94 61.14
CA ALA D 304 -33.55 5.08 61.98
C ALA D 304 -34.63 4.73 63.00
N SER D 305 -34.75 5.57 64.02
CA SER D 305 -35.78 5.47 65.04
C SER D 305 -36.49 6.80 65.17
N GLN D 306 -37.68 6.78 65.80
CA GLN D 306 -38.50 7.99 65.96
C GLN D 306 -38.85 8.59 64.62
N LEU D 307 -39.15 7.72 63.64
CA LEU D 307 -39.42 8.14 62.26
C LEU D 307 -40.74 8.89 62.19
N THR D 308 -40.67 10.21 61.98
CA THR D 308 -41.86 11.04 61.86
C THR D 308 -41.51 12.29 61.04
N VAL D 309 -42.41 12.68 60.16
CA VAL D 309 -42.26 13.87 59.34
C VAL D 309 -43.43 14.81 59.60
N SER D 310 -43.15 16.10 59.67
CA SER D 310 -44.14 17.11 60.03
C SER D 310 -44.44 18.01 58.84
N SER D 311 -45.61 18.64 58.87
CA SER D 311 -46.03 19.52 57.79
C SER D 311 -45.23 20.81 57.79
N LEU D 312 -45.08 21.40 56.60
CA LEU D 312 -44.38 22.67 56.44
C LEU D 312 -45.13 23.51 55.42
N GLN D 313 -44.71 24.77 55.29
CA GLN D 313 -45.29 25.66 54.30
C GLN D 313 -44.16 26.43 53.63
N CYS D 314 -44.35 26.72 52.34
CA CYS D 314 -43.28 27.24 51.49
C CYS D 314 -43.25 28.77 51.42
N HIS D 315 -44.16 29.45 52.11
CA HIS D 315 -44.11 30.90 52.21
C HIS D 315 -43.96 31.40 53.64
N ARG D 316 -44.27 30.58 54.64
CA ARG D 316 -43.94 30.86 56.03
C ARG D 316 -43.08 29.71 56.53
N HIS D 317 -41.86 30.02 56.94
CA HIS D 317 -40.82 29.01 57.15
C HIS D 317 -40.88 28.46 58.57
N LYS D 318 -40.76 27.14 58.68
CA LYS D 318 -40.74 26.45 59.95
C LYS D 318 -39.48 25.60 60.09
N PRO D 319 -38.64 25.89 61.07
CA PRO D 319 -37.47 25.03 61.33
C PRO D 319 -37.86 23.59 61.57
N TRP D 320 -36.87 22.71 61.41
CA TRP D 320 -37.06 21.28 61.58
C TRP D 320 -35.69 20.66 61.82
N ARG D 321 -35.68 19.41 62.30
CA ARG D 321 -34.44 18.88 62.88
C ARG D 321 -33.98 17.53 62.33
N LEU D 322 -34.91 16.69 61.89
CA LEU D 322 -34.57 15.29 61.61
C LEU D 322 -33.87 15.08 60.26
N GLY D 323 -33.98 16.03 59.33
CA GLY D 323 -33.36 15.89 58.03
C GLY D 323 -31.87 15.69 58.08
N PRO D 324 -31.18 16.49 58.90
CA PRO D 324 -29.77 16.21 59.17
C PRO D 324 -29.52 14.81 59.68
N ARG D 325 -30.41 14.26 60.53
CA ARG D 325 -30.22 12.90 61.02
C ARG D 325 -30.33 11.90 59.87
N PHE D 326 -31.33 12.10 58.99
CA PHE D 326 -31.44 11.22 57.82
C PHE D 326 -30.20 11.30 56.96
N MET D 327 -29.65 12.49 56.76
CA MET D 327 -28.43 12.62 55.97
C MET D 327 -27.24 11.95 56.64
N ASN D 328 -27.12 12.09 57.97
CA ASN D 328 -26.09 11.35 58.69
C ASN D 328 -26.19 9.86 58.38
N LEU D 329 -27.39 9.30 58.53
CA LEU D 329 -27.57 7.87 58.29
C LEU D 329 -27.24 7.50 56.85
N ILE D 330 -27.68 8.31 55.88
CA ILE D 330 -27.43 7.98 54.49
C ILE D 330 -25.95 7.99 54.16
N LYS D 331 -25.21 9.03 54.59
CA LYS D 331 -23.79 9.05 54.27
C LYS D 331 -22.99 8.07 55.12
N GLU D 332 -23.57 7.59 56.23
CA GLU D 332 -22.98 6.49 56.97
C GLU D 332 -23.28 5.13 56.36
N ALA D 333 -24.17 5.06 55.38
CA ALA D 333 -24.54 3.78 54.79
C ALA D 333 -23.51 3.32 53.77
N ARG D 334 -23.33 2.01 53.69
CA ARG D 334 -22.56 1.38 52.62
C ARG D 334 -23.28 0.11 52.19
N TRP D 335 -23.79 0.11 50.96
CA TRP D 335 -24.52 -1.04 50.43
C TRP D 335 -24.12 -1.23 48.97
N ASP D 336 -24.38 -2.44 48.47
CA ASP D 336 -24.07 -2.81 47.10
C ASP D 336 -25.37 -3.05 46.35
N GLY D 337 -25.52 -2.39 45.19
CA GLY D 337 -26.66 -2.56 44.34
C GLY D 337 -26.28 -3.14 43.00
N LEU D 338 -27.13 -2.87 42.00
CA LEU D 338 -26.84 -3.30 40.63
C LEU D 338 -25.58 -2.67 40.06
N THR D 339 -25.35 -1.38 40.34
CA THR D 339 -24.14 -0.73 39.86
C THR D 339 -22.89 -1.17 40.62
N GLY D 340 -23.07 -1.79 41.79
CA GLY D 340 -21.94 -2.27 42.56
C GLY D 340 -21.70 -1.51 43.84
N ARG D 341 -20.45 -1.15 44.11
CA ARG D 341 -20.09 -0.45 45.33
C ARG D 341 -20.65 0.98 45.30
N ILE D 342 -21.29 1.39 46.38
CA ILE D 342 -21.84 2.73 46.53
C ILE D 342 -21.37 3.27 47.87
N THR D 343 -20.70 4.42 47.86
CA THR D 343 -20.21 5.04 49.07
C THR D 343 -20.20 6.55 48.90
N PHE D 344 -20.37 7.26 50.01
CA PHE D 344 -20.33 8.72 50.06
C PHE D 344 -19.14 9.18 50.88
N ASN D 345 -18.79 10.45 50.70
CA ASN D 345 -17.81 11.14 51.53
C ASN D 345 -18.45 12.38 52.14
N LYS D 346 -17.81 12.90 53.17
CA LYS D 346 -18.33 14.07 53.88
C LYS D 346 -17.88 15.38 53.25
N THR D 347 -17.08 15.33 52.19
CA THR D 347 -16.65 16.53 51.48
C THR D 347 -17.44 16.77 50.20
N ASP D 348 -18.42 15.92 49.88
CA ASP D 348 -19.19 16.06 48.66
C ASP D 348 -20.50 15.31 48.80
N GLY D 349 -21.44 15.62 47.91
CA GLY D 349 -22.68 14.87 47.83
C GLY D 349 -22.58 13.75 46.83
N LEU D 350 -21.58 13.82 45.94
CA LEU D 350 -21.38 12.80 44.92
C LEU D 350 -20.83 11.54 45.55
N ARG D 351 -21.19 10.39 44.98
CA ARG D 351 -20.58 9.15 45.44
C ARG D 351 -19.22 8.95 44.78
N LYS D 352 -18.55 7.86 45.14
CA LYS D 352 -17.23 7.56 44.60
C LYS D 352 -16.96 6.06 44.77
N ASP D 353 -15.71 5.66 44.49
CA ASP D 353 -15.27 4.28 44.59
C ASP D 353 -16.16 3.33 43.79
N PHE D 354 -16.25 3.57 42.48
CA PHE D 354 -17.08 2.75 41.61
C PHE D 354 -16.21 2.27 40.45
N ASP D 355 -16.61 1.15 39.85
CA ASP D 355 -15.84 0.57 38.76
C ASP D 355 -16.69 0.49 37.51
N LEU D 356 -16.13 0.95 36.40
CA LEU D 356 -16.77 0.87 35.09
C LEU D 356 -16.17 -0.31 34.34
N ASP D 357 -17.02 -1.26 33.96
CA ASP D 357 -16.53 -2.38 33.18
C ASP D 357 -16.12 -1.93 31.79
N ILE D 358 -15.03 -2.50 31.29
CA ILE D 358 -14.62 -2.31 29.89
C ILE D 358 -15.08 -3.52 29.10
N ILE D 359 -15.81 -3.27 28.02
CA ILE D 359 -16.49 -4.33 27.27
C ILE D 359 -16.06 -4.24 25.82
N SER D 360 -15.77 -5.40 25.22
CA SER D 360 -15.38 -5.49 23.83
C SER D 360 -16.14 -6.64 23.16
N LEU D 361 -16.41 -6.49 21.87
CA LEU D 361 -17.29 -7.39 21.17
C LEU D 361 -16.59 -8.68 20.73
N LYS D 362 -17.40 -9.70 20.46
CA LYS D 362 -16.98 -10.95 19.84
C LYS D 362 -17.63 -11.01 18.45
N GLU D 363 -16.81 -10.89 17.41
CA GLU D 363 -17.35 -10.91 16.05
C GLU D 363 -17.98 -12.26 15.75
N GLU D 364 -19.15 -12.21 15.11
CA GLU D 364 -19.89 -13.42 14.77
C GLU D 364 -20.56 -13.29 13.40
N TRP D 381 -19.63 -10.11 22.58
CA TRP D 381 -19.41 -9.13 23.63
C TRP D 381 -18.66 -9.85 24.75
N LYS D 382 -17.53 -9.33 25.21
CA LYS D 382 -16.78 -10.03 26.25
C LYS D 382 -15.99 -9.03 27.08
N LYS D 383 -15.83 -9.37 28.36
CA LYS D 383 -14.96 -8.62 29.25
C LYS D 383 -13.51 -8.79 28.85
N ILE D 384 -12.71 -7.75 29.06
CA ILE D 384 -11.27 -7.77 28.82
C ILE D 384 -10.50 -7.43 30.10
N GLY D 385 -10.91 -6.39 30.80
CA GLY D 385 -10.33 -6.02 32.07
C GLY D 385 -11.31 -5.21 32.90
N ILE D 386 -10.79 -4.32 33.76
CA ILE D 386 -11.65 -3.44 34.55
C ILE D 386 -10.82 -2.22 34.96
N TRP D 387 -11.51 -1.15 35.36
CA TRP D 387 -10.86 0.03 35.90
C TRP D 387 -11.38 0.28 37.30
N ASN D 388 -10.50 0.19 38.30
CA ASN D 388 -10.81 0.59 39.66
C ASN D 388 -10.35 2.02 39.87
N SER D 389 -11.24 2.85 40.41
CA SER D 389 -10.96 4.26 40.65
C SER D 389 -9.93 4.48 41.75
N ASN D 390 -9.39 3.42 42.35
CA ASN D 390 -8.42 3.53 43.42
C ASN D 390 -7.09 2.87 43.08
N SER D 391 -7.04 2.07 42.02
CA SER D 391 -5.82 1.34 41.68
C SER D 391 -5.54 1.37 40.18
N GLY D 392 -6.30 2.16 39.43
CA GLY D 392 -6.11 2.21 38.00
C GLY D 392 -6.73 1.03 37.29
N LEU D 393 -6.15 0.67 36.15
CA LEU D 393 -6.71 -0.40 35.32
C LEU D 393 -6.09 -1.74 35.68
N ASN D 394 -6.94 -2.76 35.79
CA ASN D 394 -6.53 -4.14 35.98
C ASN D 394 -6.80 -4.88 34.68
N MET D 395 -5.74 -5.49 34.13
CA MET D 395 -5.79 -6.12 32.81
C MET D 395 -5.42 -7.59 32.97
N THR D 396 -6.42 -8.47 32.90
CA THR D 396 -6.19 -9.90 33.09
C THR D 396 -6.83 -10.66 31.94
N ASP D 397 -6.02 -11.05 30.96
CA ASP D 397 -6.48 -11.87 29.84
C ASP D 397 -5.30 -12.55 29.13
N GLY D 398 -5.22 -13.87 29.23
CA GLY D 398 -4.08 -14.57 28.67
C GLY D 398 -2.96 -14.65 29.66
N ASN D 399 -1.98 -13.74 29.53
CA ASN D 399 -0.90 -13.57 30.49
C ASN D 399 -0.01 -14.82 30.57
N ARG D 400 0.61 -15.14 29.42
CA ARG D 400 1.61 -16.20 29.39
C ARG D 400 2.82 -15.89 30.24
N ASP D 401 3.09 -14.61 30.52
CA ASP D 401 4.13 -14.20 31.43
C ASP D 401 3.59 -14.13 32.86
N ARG D 402 4.39 -13.58 33.76
CA ARG D 402 4.13 -13.47 35.20
C ARG D 402 4.00 -14.84 35.85
N SER D 403 4.35 -15.91 35.14
CA SER D 403 4.27 -17.27 35.67
C SER D 403 5.26 -18.13 34.91
N ASN D 404 5.50 -19.33 35.44
CA ASN D 404 6.47 -20.25 34.87
C ASN D 404 7.85 -19.60 34.81
N ASN D 405 8.21 -18.89 35.87
CA ASN D 405 9.49 -18.19 35.93
C ASN D 405 10.64 -19.20 35.84
N ILE D 406 11.66 -18.85 35.06
CA ILE D 406 12.80 -19.74 34.91
C ILE D 406 13.54 -19.90 36.23
N THR D 407 13.99 -21.12 36.49
CA THR D 407 14.74 -21.44 37.70
C THR D 407 16.11 -21.99 37.33
N ASP D 408 17.01 -22.00 38.32
CA ASP D 408 18.34 -22.54 38.18
C ASP D 408 18.46 -23.80 39.00
N SER D 409 18.54 -24.95 38.33
CA SER D 409 18.61 -26.25 38.99
C SER D 409 20.06 -26.71 39.07
N LEU D 410 20.50 -27.03 40.29
CA LEU D 410 21.88 -27.40 40.54
C LEU D 410 21.94 -28.79 41.18
N ALA D 411 22.55 -29.72 40.45
CA ALA D 411 22.87 -31.03 41.00
C ALA D 411 24.39 -31.19 41.03
N ASN D 412 25.02 -31.05 39.86
CA ASN D 412 26.47 -30.94 39.75
C ASN D 412 26.89 -29.82 38.82
N ARG D 413 25.92 -29.07 38.27
CA ARG D 413 26.18 -27.99 37.33
C ARG D 413 26.94 -28.47 36.09
N THR D 414 26.67 -29.70 35.68
CA THR D 414 27.28 -30.26 34.47
C THR D 414 26.76 -29.49 33.27
N LEU D 415 27.68 -28.94 32.49
CA LEU D 415 27.32 -28.10 31.36
C LEU D 415 27.70 -28.78 30.04
N ILE D 416 26.92 -28.46 29.01
CA ILE D 416 27.18 -28.92 27.65
C ILE D 416 28.11 -27.89 27.01
N VAL D 417 29.38 -28.27 26.85
CA VAL D 417 30.40 -27.37 26.33
C VAL D 417 30.83 -27.91 24.98
N THR D 418 30.22 -27.39 23.92
CA THR D 418 30.61 -27.73 22.56
C THR D 418 31.84 -26.93 22.16
N THR D 419 32.71 -27.56 21.39
CA THR D 419 33.93 -26.90 20.96
C THR D 419 34.49 -27.62 19.73
N ILE D 420 35.53 -27.01 19.15
CA ILE D 420 36.26 -27.57 18.01
C ILE D 420 37.74 -27.29 18.26
N LEU D 421 38.58 -27.94 17.46
CA LEU D 421 40.02 -27.88 17.66
C LEU D 421 40.59 -26.54 17.18
N GLU D 422 41.42 -25.91 18.01
CA GLU D 422 42.20 -24.75 17.60
C GLU D 422 43.58 -24.80 18.25
N GLU D 423 44.53 -24.11 17.63
CA GLU D 423 45.90 -24.03 18.11
C GLU D 423 46.21 -22.60 18.50
N PRO D 424 46.73 -22.35 19.72
CA PRO D 424 47.00 -23.37 20.74
C PRO D 424 45.88 -23.50 21.76
N TYR D 425 44.64 -23.58 21.29
CA TYR D 425 43.49 -23.60 22.19
C TYR D 425 43.09 -25.02 22.55
N VAL D 426 42.74 -25.84 21.55
CA VAL D 426 42.24 -27.19 21.77
C VAL D 426 43.09 -28.16 20.96
N MET D 427 43.71 -29.12 21.65
CA MET D 427 44.42 -30.21 21.00
C MET D 427 44.45 -31.42 21.93
N TYR D 428 44.54 -32.59 21.31
CA TYR D 428 44.37 -33.84 22.04
C TYR D 428 45.56 -34.14 22.95
N ARG D 429 45.30 -34.88 24.02
CA ARG D 429 46.34 -35.58 24.77
C ARG D 429 45.86 -36.99 25.04
N LYS D 430 46.10 -37.90 24.09
CA LYS D 430 45.73 -39.29 24.25
C LYS D 430 46.80 -40.21 23.67
N SER D 431 47.97 -39.64 23.37
CA SER D 431 49.03 -40.38 22.72
C SER D 431 49.98 -41.07 23.69
N ASP D 432 50.00 -40.66 24.96
CA ASP D 432 50.77 -41.34 25.98
C ASP D 432 49.94 -42.40 26.71
N LYS D 433 48.66 -42.12 26.95
CA LYS D 433 47.67 -43.04 27.51
C LYS D 433 46.30 -42.52 27.11
N PRO D 434 45.32 -43.40 26.88
CA PRO D 434 43.99 -42.93 26.45
C PRO D 434 43.35 -42.04 27.51
N LEU D 435 42.77 -40.94 27.06
CA LEU D 435 42.08 -39.99 27.92
C LEU D 435 40.79 -39.55 27.24
N TYR D 436 39.81 -39.17 28.05
CA TYR D 436 38.49 -38.86 27.55
C TYR D 436 37.89 -37.72 28.36
N GLY D 437 36.76 -37.21 27.87
CA GLY D 437 36.08 -36.12 28.56
C GLY D 437 36.94 -34.88 28.60
N ASN D 438 36.99 -34.23 29.77
CA ASN D 438 37.79 -33.02 29.93
C ASN D 438 39.28 -33.31 29.76
N ASP D 439 39.70 -34.53 30.09
CA ASP D 439 41.09 -34.95 29.87
C ASP D 439 41.36 -35.30 28.42
N ARG D 440 40.33 -35.31 27.57
CA ARG D 440 40.51 -35.64 26.16
C ARG D 440 41.42 -34.63 25.46
N PHE D 441 41.49 -33.40 25.96
CA PHE D 441 42.22 -32.34 25.30
C PHE D 441 43.15 -31.65 26.28
N GLU D 442 43.85 -30.63 25.78
CA GLU D 442 44.61 -29.68 26.58
C GLU D 442 44.58 -28.33 25.87
N GLY D 443 45.29 -27.37 26.42
CA GLY D 443 45.51 -26.08 25.78
C GLY D 443 45.00 -24.93 26.63
N TYR D 444 45.10 -23.74 26.04
CA TYR D 444 44.71 -22.51 26.73
C TYR D 444 43.22 -22.52 27.05
N CYS D 445 42.39 -23.04 26.13
CA CYS D 445 40.95 -23.10 26.34
C CYS D 445 40.60 -23.99 27.52
N LEU D 446 41.20 -25.18 27.59
CA LEU D 446 40.91 -26.08 28.72
C LEU D 446 41.42 -25.50 30.02
N ASP D 447 42.55 -24.78 29.98
CA ASP D 447 43.04 -24.12 31.19
C ASP D 447 42.08 -23.05 31.66
N LEU D 448 41.52 -22.27 30.73
CA LEU D 448 40.49 -21.30 31.11
C LEU D 448 39.27 -22.00 31.71
N LEU D 449 38.88 -23.12 31.11
CA LEU D 449 37.75 -23.88 31.63
C LEU D 449 38.00 -24.35 33.06
N LYS D 450 39.20 -24.87 33.32
CA LYS D 450 39.53 -25.34 34.66
C LYS D 450 39.56 -24.19 35.66
N GLU D 451 40.16 -23.07 35.28
CA GLU D 451 40.22 -21.91 36.17
C GLU D 451 38.82 -21.39 36.48
N LEU D 452 37.95 -21.31 35.47
CA LEU D 452 36.58 -20.88 35.70
C LEU D 452 35.83 -21.88 36.57
N SER D 453 36.09 -23.17 36.38
CA SER D 453 35.46 -24.19 37.21
C SER D 453 35.85 -24.04 38.67
N ASN D 454 37.10 -23.69 38.93
CA ASN D 454 37.52 -23.46 40.32
C ASN D 454 36.76 -22.29 40.93
N ILE D 455 36.61 -21.19 40.18
CA ILE D 455 35.99 -20.00 40.74
C ILE D 455 34.49 -20.22 40.95
N LEU D 456 33.80 -20.74 39.95
CA LEU D 456 32.36 -20.88 39.98
C LEU D 456 31.88 -22.17 40.63
N GLY D 457 32.78 -23.14 40.84
CA GLY D 457 32.35 -24.43 41.32
C GLY D 457 31.42 -25.16 40.36
N PHE D 458 31.65 -25.00 39.06
CA PHE D 458 30.77 -25.56 38.03
C PHE D 458 31.52 -26.62 37.25
N LEU D 459 30.79 -27.64 36.81
CA LEU D 459 31.36 -28.73 36.03
C LEU D 459 31.13 -28.47 34.54
N TYR D 460 32.12 -28.81 33.73
CA TYR D 460 32.02 -28.65 32.29
C TYR D 460 32.40 -29.96 31.62
N ASP D 461 31.73 -30.25 30.50
CA ASP D 461 32.02 -31.45 29.73
C ASP D 461 32.32 -31.03 28.29
N VAL D 462 33.52 -31.34 27.83
CA VAL D 462 33.95 -30.98 26.48
C VAL D 462 33.38 -31.98 25.49
N LYS D 463 32.74 -31.48 24.44
CA LYS D 463 32.26 -32.34 23.37
C LYS D 463 32.40 -31.65 22.03
N LEU D 464 32.69 -32.43 21.00
CA LEU D 464 33.08 -31.94 19.69
C LEU D 464 31.93 -32.03 18.69
N VAL D 465 31.98 -31.18 17.67
CA VAL D 465 31.03 -31.21 16.55
C VAL D 465 31.83 -31.25 15.26
N PRO D 466 31.27 -31.78 14.15
CA PRO D 466 32.03 -31.84 12.89
C PRO D 466 32.53 -30.50 12.38
N ASP D 467 31.72 -29.46 12.53
CA ASP D 467 32.04 -28.14 11.99
C ASP D 467 32.50 -27.19 13.08
N GLY D 468 33.42 -26.30 12.73
CA GLY D 468 33.88 -25.27 13.63
C GLY D 468 33.53 -23.88 13.12
N LYS D 469 32.85 -23.83 11.98
CA LYS D 469 32.46 -22.57 11.36
C LYS D 469 31.29 -21.93 12.11
N TYR D 470 31.18 -20.62 11.97
CA TYR D 470 30.13 -19.84 12.61
C TYR D 470 29.02 -19.45 11.63
N GLY D 471 29.05 -19.97 10.41
CA GLY D 471 28.03 -19.67 9.43
C GLY D 471 28.24 -18.36 8.70
N ALA D 472 27.99 -18.36 7.39
CA ALA D 472 28.09 -17.15 6.59
C ALA D 472 26.75 -16.45 6.52
N GLN D 473 26.80 -15.12 6.41
CA GLN D 473 25.60 -14.29 6.42
C GLN D 473 25.31 -13.80 5.01
N ASN D 474 24.27 -14.36 4.39
CA ASN D 474 23.82 -13.90 3.09
C ASN D 474 22.82 -12.76 3.27
N ASP D 475 22.11 -12.39 2.21
CA ASP D 475 21.00 -11.47 2.33
C ASP D 475 19.87 -12.04 3.19
N LYS D 476 19.79 -13.36 3.30
CA LYS D 476 18.89 -14.04 4.21
C LYS D 476 19.70 -14.72 5.31
N GLY D 477 19.05 -14.97 6.45
CA GLY D 477 19.74 -15.49 7.61
C GLY D 477 20.27 -16.90 7.37
N GLU D 478 21.54 -17.11 7.71
CA GLU D 478 22.17 -18.43 7.65
C GLU D 478 23.23 -18.50 8.75
N TRP D 479 23.19 -19.57 9.54
CA TRP D 479 24.15 -19.77 10.60
C TRP D 479 24.51 -21.25 10.69
N ASN D 480 25.78 -21.51 10.96
CA ASN D 480 26.31 -22.87 11.07
C ASN D 480 27.15 -22.99 12.32
N GLY D 481 27.31 -24.23 12.79
CA GLY D 481 28.18 -24.48 13.92
C GLY D 481 27.65 -23.90 15.22
N MET D 482 28.48 -23.06 15.85
CA MET D 482 28.20 -22.59 17.20
C MET D 482 26.91 -21.80 17.29
N VAL D 483 26.68 -20.90 16.33
CA VAL D 483 25.65 -19.88 16.49
C VAL D 483 24.26 -20.51 16.55
N LYS D 484 23.98 -21.47 15.67
CA LYS D 484 22.66 -22.10 15.69
C LYS D 484 22.41 -22.87 16.98
N GLU D 485 23.45 -23.54 17.50
CA GLU D 485 23.31 -24.22 18.79
C GLU D 485 23.01 -23.23 19.91
N LEU D 486 23.71 -22.09 19.92
CA LEU D 486 23.47 -21.11 20.98
C LEU D 486 22.09 -20.48 20.88
N ILE D 487 21.62 -20.21 19.65
CA ILE D 487 20.27 -19.68 19.48
C ILE D 487 19.24 -20.69 19.95
N ASP D 488 19.43 -21.96 19.60
CA ASP D 488 18.51 -23.01 20.00
C ASP D 488 18.66 -23.42 21.45
N HIS D 489 19.71 -22.96 22.14
CA HIS D 489 19.96 -23.27 23.55
C HIS D 489 20.01 -24.77 23.78
N ARG D 490 20.75 -25.47 22.92
CA ARG D 490 20.99 -26.90 23.06
C ARG D 490 22.39 -27.20 23.55
N ALA D 491 23.30 -26.23 23.53
CA ALA D 491 24.60 -26.34 24.19
C ALA D 491 24.75 -25.19 25.16
N ASP D 492 25.06 -25.51 26.41
CA ASP D 492 25.12 -24.49 27.46
C ASP D 492 26.23 -23.48 27.21
N LEU D 493 27.40 -23.94 26.77
CA LEU D 493 28.52 -23.06 26.50
C LEU D 493 29.19 -23.46 25.20
N ALA D 494 29.79 -22.47 24.54
CA ALA D 494 30.64 -22.68 23.36
C ALA D 494 31.86 -21.80 23.57
N VAL D 495 32.91 -22.37 24.18
CA VAL D 495 34.08 -21.60 24.58
C VAL D 495 35.09 -21.45 23.46
N ALA D 496 34.75 -21.82 22.23
CA ALA D 496 35.60 -21.52 21.09
C ALA D 496 35.73 -20.00 20.94
N PRO D 497 36.94 -19.47 20.80
CA PRO D 497 37.12 -18.01 20.81
C PRO D 497 36.54 -17.38 19.54
N LEU D 498 35.68 -16.38 19.73
CA LEU D 498 35.04 -15.68 18.62
C LEU D 498 35.09 -14.19 18.88
N THR D 499 35.55 -13.43 17.89
CA THR D 499 35.60 -11.98 17.99
C THR D 499 34.20 -11.39 17.96
N ILE D 500 34.09 -10.15 18.41
CA ILE D 500 32.82 -9.45 18.45
C ILE D 500 32.69 -8.56 17.22
N THR D 501 31.76 -8.88 16.35
CA THR D 501 31.33 -7.97 15.30
C THR D 501 29.90 -7.50 15.58
N TYR D 502 29.51 -6.43 14.88
CA TYR D 502 28.26 -5.74 15.22
C TYR D 502 27.04 -6.63 14.96
N VAL D 503 27.11 -7.53 13.97
CA VAL D 503 25.93 -8.30 13.58
C VAL D 503 25.64 -9.47 14.52
N ARG D 504 26.65 -10.03 15.18
CA ARG D 504 26.45 -11.21 16.01
C ARG D 504 26.07 -10.87 17.46
N GLU D 505 25.94 -9.60 17.80
CA GLU D 505 25.58 -9.21 19.15
C GLU D 505 24.08 -9.32 19.43
N LYS D 506 23.26 -9.55 18.40
CA LYS D 506 21.82 -9.61 18.57
C LYS D 506 21.29 -11.03 18.77
N VAL D 507 22.13 -12.05 18.65
CA VAL D 507 21.64 -13.43 18.70
C VAL D 507 22.33 -14.18 19.83
N ILE D 508 23.52 -13.72 20.24
CA ILE D 508 24.27 -14.34 21.33
C ILE D 508 24.89 -13.24 22.18
N ASP D 509 25.25 -13.59 23.40
CA ASP D 509 25.97 -12.68 24.28
C ASP D 509 27.47 -12.97 24.25
N PHE D 510 28.25 -11.90 24.22
CA PHE D 510 29.70 -11.98 24.30
C PHE D 510 30.15 -11.52 25.68
N SER D 511 31.38 -11.87 26.02
CA SER D 511 32.05 -11.34 27.21
C SER D 511 32.84 -10.09 26.82
N LYS D 512 33.10 -9.26 27.82
CA LYS D 512 33.85 -8.03 27.59
C LYS D 512 35.25 -8.37 27.07
N PRO D 513 35.75 -7.64 26.09
CA PRO D 513 37.06 -7.96 25.52
C PRO D 513 38.19 -7.87 26.54
N PHE D 514 39.13 -8.81 26.44
CA PHE D 514 40.32 -8.75 27.29
C PHE D 514 41.62 -8.71 26.51
N MET D 515 41.64 -9.12 25.25
CA MET D 515 42.79 -8.96 24.39
C MET D 515 42.35 -8.25 23.11
N THR D 516 43.11 -7.21 22.72
CA THR D 516 42.72 -6.33 21.64
C THR D 516 43.34 -6.82 20.34
N LEU D 517 42.63 -6.63 19.23
CA LEU D 517 42.93 -7.30 17.98
C LEU D 517 42.39 -6.49 16.82
N GLY D 518 42.79 -6.91 15.62
CA GLY D 518 42.33 -6.32 14.37
C GLY D 518 42.92 -7.04 13.18
N ILE D 519 42.33 -6.85 12.00
CA ILE D 519 42.80 -7.54 10.79
C ILE D 519 44.24 -7.12 10.48
N SER D 520 45.08 -8.09 10.15
CA SER D 520 46.46 -7.83 9.77
C SER D 520 46.92 -8.93 8.81
N ILE D 521 47.97 -8.63 8.04
CA ILE D 521 48.39 -9.47 6.93
C ILE D 521 49.78 -10.03 7.22
N LEU D 522 50.03 -11.25 6.73
CA LEU D 522 51.30 -11.95 6.91
C LEU D 522 51.95 -12.12 5.53
N TYR D 523 53.28 -12.00 5.47
CA TYR D 523 54.00 -12.00 4.21
C TYR D 523 55.06 -13.09 4.20
N ARG D 524 55.06 -13.90 3.14
CA ARG D 524 56.09 -14.92 2.96
C ARG D 524 57.28 -14.33 2.20
N LYS D 525 58.50 -14.72 2.60
CA LYS D 525 59.68 -14.12 1.99
C LYS D 525 60.36 -15.10 1.04
N PRO D 526 60.95 -14.60 -0.05
CA PRO D 526 61.64 -15.50 -0.98
C PRO D 526 63.08 -15.78 -0.58
N ASN D 527 63.28 -16.18 0.67
CA ASN D 527 64.61 -16.49 1.18
C ASN D 527 64.73 -17.96 1.52
N ILE D 627 83.46 4.80 -21.22
CA ILE D 627 82.27 4.63 -22.05
C ILE D 627 81.55 3.34 -21.69
N ILE D 628 82.29 2.24 -21.63
CA ILE D 628 81.70 0.95 -21.26
C ILE D 628 81.18 1.00 -19.82
N ILE D 629 81.92 1.67 -18.93
CA ILE D 629 81.48 1.80 -17.56
C ILE D 629 80.19 2.61 -17.46
N SER D 630 80.08 3.69 -18.25
CA SER D 630 78.87 4.50 -18.21
C SER D 630 77.66 3.71 -18.71
N SER D 631 77.83 2.99 -19.82
CA SER D 631 76.72 2.19 -20.36
C SER D 631 76.32 1.08 -19.40
N TYR D 632 77.29 0.39 -18.82
CA TYR D 632 76.98 -0.69 -17.89
C TYR D 632 76.29 -0.14 -16.64
N THR D 633 76.76 1.00 -16.13
CA THR D 633 76.12 1.62 -14.98
C THR D 633 74.69 2.04 -15.30
N ALA D 634 74.47 2.64 -16.47
CA ALA D 634 73.13 3.03 -16.86
C ALA D 634 72.21 1.83 -16.97
N ASN D 635 72.68 0.76 -17.61
CA ASN D 635 71.87 -0.45 -17.75
C ASN D 635 71.55 -1.08 -16.40
N LEU D 636 72.54 -1.15 -15.50
CA LEU D 636 72.29 -1.72 -14.18
C LEU D 636 71.30 -0.89 -13.39
N ALA D 637 71.53 0.44 -13.31
CA ALA D 637 70.63 1.31 -12.58
C ALA D 637 69.25 1.32 -13.20
N ALA D 638 69.15 1.01 -14.50
CA ALA D 638 67.87 0.99 -15.17
C ALA D 638 66.88 0.03 -14.50
N PHE D 639 67.34 -1.17 -14.13
CA PHE D 639 66.48 -2.08 -13.39
C PHE D 639 66.68 -2.00 -11.88
N LEU D 640 67.76 -1.39 -11.40
CA LEU D 640 67.83 -1.06 -9.98
C LEU D 640 66.72 -0.10 -9.58
N THR D 641 66.36 0.81 -10.49
CA THR D 641 65.19 1.65 -10.27
C THR D 641 63.91 0.83 -10.26
N VAL D 642 63.80 -0.13 -11.18
CA VAL D 642 62.59 -0.93 -11.29
C VAL D 642 62.38 -1.76 -10.01
N GLU D 643 63.44 -2.38 -9.51
CA GLU D 643 63.33 -3.22 -8.33
C GLU D 643 62.97 -2.43 -7.08
N ARG D 644 63.10 -1.10 -7.09
CA ARG D 644 62.65 -0.28 -5.98
C ARG D 644 61.27 0.32 -6.21
N MET D 645 60.65 0.06 -7.36
CA MET D 645 59.24 0.39 -7.57
C MET D 645 58.33 -0.81 -7.32
N GLU D 646 58.89 -1.95 -6.92
CA GLU D 646 58.09 -3.14 -6.65
C GLU D 646 57.92 -3.32 -5.15
N SER D 647 56.66 -3.37 -4.73
CA SER D 647 56.28 -3.64 -3.36
C SER D 647 54.81 -4.04 -3.39
N PRO D 648 54.49 -5.26 -3.84
CA PRO D 648 53.08 -5.63 -4.04
C PRO D 648 52.24 -5.46 -2.79
N ILE D 649 52.82 -5.62 -1.61
CA ILE D 649 52.15 -5.24 -0.38
C ILE D 649 53.06 -4.35 0.45
N ASP D 650 52.57 -3.15 0.74
CA ASP D 650 53.15 -2.28 1.75
C ASP D 650 52.00 -1.66 2.52
N SER D 651 50.79 -2.15 2.22
CA SER D 651 49.53 -1.72 2.81
C SER D 651 48.42 -2.59 2.25
N ALA D 652 47.23 -2.54 2.86
CA ALA D 652 46.10 -3.29 2.30
C ALA D 652 45.71 -2.77 0.92
N ASP D 653 45.78 -1.45 0.72
CA ASP D 653 45.43 -0.87 -0.57
C ASP D 653 46.33 -1.43 -1.68
N ASP D 654 47.64 -1.48 -1.43
CA ASP D 654 48.55 -2.00 -2.44
C ASP D 654 48.26 -3.46 -2.75
N LEU D 655 47.92 -4.25 -1.73
CA LEU D 655 47.51 -5.63 -1.98
C LEU D 655 46.25 -5.69 -2.83
N ALA D 656 45.38 -4.68 -2.70
CA ALA D 656 44.09 -4.72 -3.38
C ALA D 656 44.22 -4.68 -4.89
N LYS D 657 45.03 -3.76 -5.43
CA LYS D 657 45.02 -3.48 -6.86
C LYS D 657 45.96 -4.37 -7.68
N GLN D 658 46.45 -5.47 -7.11
CA GLN D 658 47.14 -6.47 -7.93
C GLN D 658 46.74 -7.86 -7.45
N THR D 659 46.83 -8.81 -8.38
CA THR D 659 46.46 -10.20 -8.12
C THR D 659 47.56 -11.19 -8.47
N LYS D 660 48.74 -10.71 -8.88
CA LYS D 660 49.82 -11.61 -9.25
C LYS D 660 50.28 -12.46 -8.06
N ILE D 661 50.08 -11.96 -6.83
CA ILE D 661 50.40 -12.67 -5.62
C ILE D 661 49.09 -13.01 -4.92
N GLU D 662 48.91 -14.28 -4.57
CA GLU D 662 47.60 -14.77 -4.17
C GLU D 662 47.31 -14.52 -2.69
N TYR D 663 46.07 -14.16 -2.42
CA TYR D 663 45.61 -13.87 -1.07
C TYR D 663 44.20 -14.41 -0.90
N GLY D 664 43.84 -14.66 0.34
CA GLY D 664 42.59 -15.36 0.63
C GLY D 664 42.21 -15.22 2.09
N ALA D 665 41.25 -16.02 2.50
CA ALA D 665 40.69 -15.93 3.84
C ALA D 665 40.24 -17.31 4.31
N VAL D 666 40.15 -17.44 5.64
CA VAL D 666 39.64 -18.67 6.25
C VAL D 666 38.13 -18.73 6.06
N ARG D 667 37.64 -19.92 5.71
CA ARG D 667 36.22 -20.12 5.41
C ARG D 667 35.34 -19.72 6.59
N ASP D 668 34.27 -18.97 6.27
CA ASP D 668 33.23 -18.61 7.24
C ASP D 668 33.82 -17.84 8.44
N GLY D 669 34.40 -16.68 8.15
CA GLY D 669 34.93 -15.83 9.19
C GLY D 669 34.14 -14.54 9.37
N SER D 670 34.77 -13.53 9.96
CA SER D 670 34.16 -12.22 10.05
C SER D 670 34.68 -11.28 8.96
N THR D 671 35.80 -11.63 8.34
CA THR D 671 36.46 -10.73 7.42
C THR D 671 35.62 -10.48 6.16
N MET D 672 35.10 -11.56 5.56
CA MET D 672 34.30 -11.39 4.34
C MET D 672 33.02 -10.62 4.63
N THR D 673 32.41 -10.86 5.80
CA THR D 673 31.25 -10.08 6.21
C THR D 673 31.62 -8.60 6.35
N PHE D 674 32.80 -8.32 6.87
CA PHE D 674 33.24 -6.93 6.98
C PHE D 674 33.45 -6.31 5.60
N PHE D 675 34.07 -7.04 4.68
CA PHE D 675 34.32 -6.48 3.34
C PHE D 675 33.02 -6.22 2.60
N LYS D 676 32.09 -7.17 2.64
CA LYS D 676 30.87 -7.02 1.85
C LYS D 676 30.02 -5.85 2.31
N LYS D 677 30.12 -5.48 3.58
CA LYS D 677 29.39 -4.34 4.11
C LYS D 677 30.17 -3.03 4.02
N SER D 678 31.41 -3.09 3.55
CA SER D 678 32.26 -1.90 3.41
C SER D 678 32.18 -1.40 1.97
N LYS D 679 32.05 -0.08 1.81
CA LYS D 679 31.80 0.53 0.51
C LYS D 679 33.03 1.18 -0.10
N ILE D 680 34.19 1.04 0.53
CA ILE D 680 35.41 1.63 -0.03
C ILE D 680 36.09 0.59 -0.90
N SER D 681 36.96 1.05 -1.81
CA SER D 681 37.46 0.21 -2.90
C SER D 681 38.25 -0.98 -2.37
N THR D 682 39.09 -0.78 -1.35
CA THR D 682 40.02 -1.81 -0.94
C THR D 682 39.30 -3.06 -0.46
N TYR D 683 38.37 -2.90 0.49
CA TYR D 683 37.69 -4.06 1.06
C TYR D 683 36.77 -4.73 0.06
N GLU D 684 36.05 -3.95 -0.75
CA GLU D 684 35.15 -4.57 -1.71
C GLU D 684 35.92 -5.29 -2.81
N LYS D 685 37.10 -4.79 -3.18
CA LYS D 685 37.93 -5.51 -4.14
C LYS D 685 38.50 -6.78 -3.50
N MET D 686 38.83 -6.72 -2.22
CA MET D 686 39.21 -7.95 -1.51
C MET D 686 38.08 -8.97 -1.60
N TRP D 687 36.85 -8.54 -1.32
CA TRP D 687 35.72 -9.47 -1.35
C TRP D 687 35.46 -9.99 -2.76
N ALA D 688 35.62 -9.12 -3.76
CA ALA D 688 35.43 -9.53 -5.15
C ALA D 688 36.46 -10.58 -5.55
N PHE D 689 37.71 -10.41 -5.14
CA PHE D 689 38.71 -11.46 -5.35
C PHE D 689 38.34 -12.74 -4.60
N MET D 690 37.80 -12.59 -3.39
CA MET D 690 37.46 -13.78 -2.59
C MET D 690 36.36 -14.59 -3.26
N SER D 691 35.31 -13.92 -3.73
CA SER D 691 34.19 -14.62 -4.37
C SER D 691 34.61 -15.22 -5.70
N SER D 692 35.50 -14.56 -6.43
CA SER D 692 35.89 -15.02 -7.75
C SER D 692 36.73 -16.30 -7.66
N ARG D 693 36.91 -16.94 -8.81
CA ARG D 693 37.68 -18.17 -8.96
C ARG D 693 37.03 -19.32 -8.19
N GLN D 694 35.73 -19.20 -7.92
CA GLN D 694 34.94 -20.24 -7.25
C GLN D 694 35.58 -20.67 -5.93
N GLN D 695 36.00 -19.67 -5.14
CA GLN D 695 36.55 -19.83 -3.80
C GLN D 695 37.88 -20.59 -3.79
N SER D 696 38.55 -20.74 -4.94
CA SER D 696 39.85 -21.39 -4.98
C SER D 696 40.94 -20.53 -4.37
N ALA D 697 40.69 -19.24 -4.18
CA ALA D 697 41.59 -18.37 -3.43
C ALA D 697 41.32 -18.41 -1.93
N LEU D 698 40.25 -19.09 -1.51
CA LEU D 698 39.92 -19.28 -0.11
C LEU D 698 40.32 -20.68 0.34
N VAL D 699 40.53 -20.81 1.64
CA VAL D 699 40.85 -22.09 2.26
C VAL D 699 39.74 -22.47 3.23
N LYS D 700 39.31 -23.73 3.18
CA LYS D 700 38.30 -24.22 4.09
C LYS D 700 38.79 -24.31 5.52
N ASN D 701 40.09 -24.50 5.72
CA ASN D 701 40.68 -24.58 7.04
C ASN D 701 41.95 -23.73 7.07
N SER D 702 42.33 -23.32 8.28
CA SER D 702 43.54 -22.53 8.45
C SER D 702 44.78 -23.29 8.00
N ASP D 703 44.85 -24.60 8.30
CA ASP D 703 46.02 -25.37 7.92
C ASP D 703 46.20 -25.41 6.41
N GLU D 704 45.10 -25.35 5.65
CA GLU D 704 45.22 -25.24 4.20
C GLU D 704 45.96 -23.96 3.81
N GLY D 705 45.62 -22.85 4.47
CA GLY D 705 46.40 -21.64 4.30
C GLY D 705 47.83 -21.78 4.73
N ILE D 706 48.09 -22.58 5.78
CA ILE D 706 49.46 -22.80 6.24
C ILE D 706 50.27 -23.49 5.15
N GLN D 707 49.71 -24.53 4.53
CA GLN D 707 50.40 -25.18 3.41
C GLN D 707 50.55 -24.24 2.22
N ARG D 708 49.53 -23.41 1.95
CA ARG D 708 49.67 -22.45 0.86
C ARG D 708 50.82 -21.48 1.12
N VAL D 709 50.96 -21.01 2.36
CA VAL D 709 52.05 -20.10 2.70
C VAL D 709 53.40 -20.82 2.61
N LEU D 710 53.46 -22.06 3.11
CA LEU D 710 54.73 -22.79 3.09
C LEU D 710 55.17 -23.10 1.66
N THR D 711 54.23 -23.43 0.78
CA THR D 711 54.59 -23.79 -0.59
C THR D 711 54.94 -22.56 -1.42
N THR D 712 54.02 -21.60 -1.49
CA THR D 712 54.26 -20.39 -2.27
C THR D 712 53.89 -19.15 -1.46
N ASP D 713 53.92 -17.98 -2.10
CA ASP D 713 53.62 -16.73 -1.42
C ASP D 713 52.10 -16.54 -1.34
N TYR D 714 51.55 -16.77 -0.15
CA TYR D 714 50.13 -16.69 0.10
C TYR D 714 49.87 -15.73 1.25
N ALA D 715 48.90 -14.83 1.06
CA ALA D 715 48.51 -13.88 2.08
C ALA D 715 47.13 -14.23 2.62
N LEU D 716 46.97 -14.10 3.95
CA LEU D 716 45.70 -14.33 4.60
C LEU D 716 45.24 -13.06 5.32
N LEU D 717 43.95 -12.75 5.21
CA LEU D 717 43.34 -11.59 5.86
C LEU D 717 42.58 -12.10 7.09
N MET D 718 43.25 -12.08 8.24
CA MET D 718 42.71 -12.62 9.48
C MET D 718 43.26 -11.86 10.68
N GLU D 719 42.83 -12.30 11.86
CA GLU D 719 43.13 -11.64 13.12
C GLU D 719 44.63 -11.66 13.41
N SER D 720 45.09 -10.64 14.15
CA SER D 720 46.51 -10.44 14.36
C SER D 720 47.16 -11.57 15.14
N THR D 721 46.57 -11.95 16.30
CA THR D 721 47.24 -12.91 17.17
C THR D 721 47.61 -14.19 16.43
N SER D 722 46.79 -14.61 15.47
CA SER D 722 47.20 -15.73 14.62
C SER D 722 48.47 -15.37 13.84
N ILE D 723 48.55 -14.13 13.33
CA ILE D 723 49.70 -13.74 12.53
C ILE D 723 50.97 -13.72 13.36
N GLU D 724 50.95 -13.07 14.52
CA GLU D 724 52.18 -13.04 15.32
C GLU D 724 52.43 -14.38 16.02
N TYR D 725 51.40 -15.23 16.15
CA TYR D 725 51.64 -16.59 16.61
C TYR D 725 52.43 -17.38 15.58
N VAL D 726 52.03 -17.29 14.31
CA VAL D 726 52.78 -17.94 13.25
C VAL D 726 54.18 -17.35 13.15
N THR D 727 54.30 -16.03 13.36
CA THR D 727 55.61 -15.39 13.39
C THR D 727 56.48 -15.92 14.51
N GLN D 728 55.92 -16.08 15.71
CA GLN D 728 56.66 -16.64 16.83
C GLN D 728 56.94 -18.13 16.63
N ARG D 729 56.22 -18.79 15.74
CA ARG D 729 56.42 -20.21 15.49
C ARG D 729 57.14 -20.51 14.18
N ASN D 730 57.40 -19.49 13.35
CA ASN D 730 58.16 -19.68 12.12
C ASN D 730 58.96 -18.41 11.84
N CYS D 731 60.24 -18.57 11.51
CA CYS D 731 61.15 -17.46 11.32
C CYS D 731 61.26 -17.01 9.87
N ASN D 732 60.50 -17.61 8.95
CA ASN D 732 60.55 -17.26 7.55
C ASN D 732 59.45 -16.27 7.17
N LEU D 733 58.92 -15.54 8.14
CA LEU D 733 57.78 -14.66 7.92
C LEU D 733 57.64 -13.72 9.12
N THR D 734 56.92 -12.62 8.92
CA THR D 734 56.71 -11.65 9.99
C THR D 734 55.45 -10.84 9.71
N GLN D 735 54.97 -10.17 10.75
CA GLN D 735 53.73 -9.38 10.70
C GLN D 735 53.99 -8.10 9.94
N ILE D 736 53.12 -7.79 8.97
CA ILE D 736 53.28 -6.61 8.13
C ILE D 736 52.39 -5.49 8.66
N GLY D 737 52.99 -4.34 8.93
CA GLY D 737 52.25 -3.18 9.37
C GLY D 737 51.57 -3.33 10.72
N GLY D 738 50.53 -2.52 10.96
CA GLY D 738 49.79 -2.54 12.20
C GLY D 738 48.34 -2.93 11.97
N LEU D 739 47.57 -2.81 13.05
CA LEU D 739 46.16 -3.17 12.99
C LEU D 739 45.40 -2.26 12.05
N ILE D 740 44.68 -2.85 11.10
CA ILE D 740 43.94 -2.11 10.09
C ILE D 740 42.56 -1.71 10.58
N ASP D 741 41.98 -2.43 11.54
CA ASP D 741 40.74 -2.05 12.19
C ASP D 741 40.79 -2.50 13.63
N SER D 742 39.77 -2.14 14.40
CA SER D 742 39.63 -2.59 15.77
C SER D 742 38.25 -3.18 15.98
N LYS D 743 38.19 -4.39 16.51
CA LYS D 743 36.93 -5.06 16.83
C LYS D 743 37.12 -5.88 18.09
N GLY D 744 36.01 -6.17 18.76
CA GLY D 744 36.05 -6.71 20.11
C GLY D 744 36.48 -8.17 20.17
N TYR D 745 36.40 -8.71 21.38
CA TYR D 745 36.72 -10.10 21.66
C TYR D 745 35.79 -10.62 22.74
N GLY D 746 35.51 -11.92 22.70
CA GLY D 746 34.61 -12.48 23.70
C GLY D 746 34.51 -13.98 23.56
N VAL D 747 33.72 -14.56 24.47
CA VAL D 747 33.46 -15.99 24.53
C VAL D 747 31.97 -16.21 24.30
N GLY D 748 31.64 -17.16 23.44
CA GLY D 748 30.25 -17.40 23.10
C GLY D 748 29.45 -17.95 24.27
N THR D 749 28.32 -17.29 24.53
CA THR D 749 27.41 -17.65 25.60
C THR D 749 25.98 -17.50 25.10
N PRO D 750 25.02 -18.21 25.70
CA PRO D 750 23.63 -18.05 25.28
C PRO D 750 23.15 -16.62 25.46
N ILE D 751 22.25 -16.20 24.57
CA ILE D 751 21.70 -14.85 24.63
C ILE D 751 20.82 -14.73 25.87
N GLY D 752 21.08 -13.72 26.70
CA GLY D 752 20.35 -13.52 27.93
C GLY D 752 20.66 -14.52 29.02
N SER D 753 21.79 -15.20 28.94
CA SER D 753 22.10 -16.25 29.91
C SER D 753 22.47 -15.64 31.26
N PRO D 754 21.79 -16.01 32.35
CA PRO D 754 22.23 -15.55 33.67
C PRO D 754 23.63 -16.01 34.02
N TYR D 755 24.03 -17.21 33.56
CA TYR D 755 25.39 -17.69 33.81
C TYR D 755 26.44 -16.82 33.14
N ARG D 756 26.07 -16.11 32.07
CA ARG D 756 27.02 -15.23 31.40
C ARG D 756 27.50 -14.12 32.33
N ASP D 757 26.60 -13.56 33.13
CA ASP D 757 26.99 -12.50 34.04
C ASP D 757 28.02 -13.00 35.06
N LYS D 758 27.78 -14.19 35.62
CA LYS D 758 28.71 -14.75 36.58
C LYS D 758 30.06 -15.08 35.92
N ILE D 759 30.02 -15.59 34.68
CA ILE D 759 31.26 -15.86 33.96
C ILE D 759 32.04 -14.57 33.73
N THR D 760 31.35 -13.49 33.35
CA THR D 760 32.02 -12.21 33.16
C THR D 760 32.62 -11.70 34.46
N ILE D 761 31.89 -11.87 35.57
CA ILE D 761 32.42 -11.45 36.86
C ILE D 761 33.70 -12.21 37.19
N ALA D 762 33.69 -13.54 37.00
CA ALA D 762 34.85 -14.35 37.32
C ALA D 762 36.04 -14.01 36.42
N ILE D 763 35.80 -13.82 35.12
CA ILE D 763 36.90 -13.50 34.21
C ILE D 763 37.44 -12.10 34.51
N LEU D 764 36.59 -11.16 34.91
CA LEU D 764 37.07 -9.85 35.34
C LEU D 764 37.95 -9.99 36.58
N GLN D 765 37.52 -10.81 37.55
CA GLN D 765 38.32 -11.05 38.75
C GLN D 765 39.69 -11.60 38.39
N LEU D 766 39.73 -12.55 37.45
CA LEU D 766 41.01 -13.02 36.94
C LEU D 766 41.75 -11.90 36.22
N GLN D 767 41.01 -10.92 35.68
CA GLN D 767 41.64 -9.87 34.89
C GLN D 767 42.43 -8.89 35.75
N GLU D 768 41.88 -8.49 36.91
CA GLU D 768 42.62 -7.50 37.71
C GLU D 768 43.98 -8.03 38.16
N GLU D 769 44.02 -9.30 38.58
CA GLU D 769 45.28 -9.85 39.07
C GLU D 769 46.30 -10.08 37.96
N GLY D 770 45.88 -9.99 36.70
CA GLY D 770 46.79 -10.22 35.60
C GLY D 770 47.28 -11.65 35.48
N LYS D 771 46.46 -12.61 35.90
CA LYS D 771 46.83 -14.02 35.76
C LYS D 771 46.78 -14.48 34.30
N LEU D 772 45.78 -14.05 33.55
CA LEU D 772 45.73 -14.37 32.13
C LEU D 772 46.92 -13.79 31.39
N HIS D 773 47.46 -12.66 31.85
CA HIS D 773 48.63 -12.06 31.22
C HIS D 773 49.81 -13.03 31.23
N MET D 774 50.12 -13.61 32.38
CA MET D 774 51.23 -14.56 32.46
C MET D 774 50.83 -15.87 31.79
N MET D 775 49.56 -16.27 31.93
CA MET D 775 49.11 -17.55 31.38
C MET D 775 49.24 -17.60 29.87
N LYS D 776 48.88 -16.52 29.18
CA LYS D 776 49.06 -16.49 27.73
C LYS D 776 50.54 -16.46 27.36
N GLU D 777 51.38 -15.85 28.19
CA GLU D 777 52.82 -15.89 27.95
C GLU D 777 53.37 -17.30 28.11
N LYS D 778 52.72 -18.13 28.92
CA LYS D 778 53.10 -19.54 28.97
C LYS D 778 52.92 -20.21 27.62
N TRP D 779 51.81 -19.94 26.94
CA TRP D 779 51.60 -20.41 25.58
C TRP D 779 52.24 -19.51 24.53
N TRP D 780 52.83 -18.39 24.94
CA TRP D 780 53.54 -17.50 24.04
C TRP D 780 55.03 -17.81 23.99
N ARG D 781 55.42 -19.01 24.43
CA ARG D 781 56.82 -19.41 24.48
C ARG D 781 56.99 -20.65 23.62
N GLY D 782 57.85 -20.58 22.62
CA GLY D 782 58.02 -21.69 21.71
C GLY D 782 59.20 -21.47 20.79
N ASN D 783 59.26 -22.28 19.74
CA ASN D 783 60.38 -22.25 18.81
C ASN D 783 60.02 -21.49 17.55
N GLY D 784 60.70 -20.36 17.35
CA GLY D 784 60.57 -19.57 16.15
C GLY D 784 61.93 -19.07 15.71
N CYS D 785 62.07 -17.75 15.54
CA CYS D 785 63.39 -17.17 15.39
C CYS D 785 64.21 -17.42 16.66
N PRO D 786 65.51 -17.70 16.51
CA PRO D 786 66.35 -18.03 17.67
C PRO D 786 66.42 -16.92 18.71
#